data_5NFY
#
_entry.id   5NFY
#
_cell.length_a   185.881
_cell.length_b   189.786
_cell.length_c   196.245
_cell.angle_alpha   90.00
_cell.angle_beta   90.00
_cell.angle_gamma   90.00
#
_symmetry.space_group_name_H-M   'P 21 21 2'
#
loop_
_entity.id
_entity.type
_entity.pdbx_description
1 polymer 'Polyprotein 1ab'
2 polymer 'Polyprotein 1ab'
3 non-polymer 'ZINC ION'
4 non-polymer DI(HYDROXYETHYL)ETHER
5 water water
#
loop_
_entity_poly.entity_id
_entity_poly.type
_entity_poly.pdbx_seq_one_letter_code
_entity_poly.pdbx_strand_id
1 'polypeptide(L)'
;MHHHHHHAENVTGLFKDCSKIITGLHPTQAPTHLSVDIKFKTEGLCVDIPGIPKDMTYRRLISMMGFKMNYQVNGYPNMF
ITREEAIRHVRAWIGFDVEGCHATRDAVGTNLPLQLGFSTGVNLVAVPTGYVDTENNTEFTRVNAKPPPGDQFKHLIPLM
YKGLPWNVVRIKIVQMLSDTLKGLSDRVVFVLWAHGFELTSMKYFVKIGPERTCCLCDKRATCFSTSSDTYACWNHSVGF
DYVYNPFMIDVQQWGFTGNLQSNHDQHCQVHGNAHVASCDAIMTRCLAVHECFVKRVDWSVEYPIIGDELRVNSACRKVQ
HMVVKSALLADKFPVLHDIGNPKAIKCVPQAEVEWKFYDAQPCSDKAYKIEELFYSYAIHHDKFTDGVCLFWNCNVDRYP
ANAIVCRFDTRVLSNLNLPGCDGGSLYVNKHAFHTPAFDKSAFTNLKQLPFFYYSDSPCESHGKQVVSDIDYVPLKSATC
ITRCNLGGAVCRHHANEYRQYLDAYNMMISAGFSLWIYKQFDTYNLWNTFTRLQ
;
A,B,C,D
2 'polypeptide(L)'
;MHHHHHHAGNATEVPANSTVLSFCAFAVDPAKAYKDYLASGGQPITNCVKMLCTHTGTGQAITVTPEANMDQESFGGASC
CLYCRCHIDHPNPKGFCDLKGKYVQIPTTCANDPVGFTLRNTVCTVCGMWKGYGCSCD
;
M,N,O,P
#
loop_
_chem_comp.id
_chem_comp.type
_chem_comp.name
_chem_comp.formula
PEG non-polymer DI(HYDROXYETHYL)ETHER 'C4 H10 O3'
ZN non-polymer 'ZINC ION' 'Zn 2'
#
# COMPACT_ATOMS: atom_id res chain seq x y z
N ASN A 10 -53.09 32.76 -10.78
CA ASN A 10 -54.02 31.76 -11.32
C ASN A 10 -54.48 30.76 -10.21
N VAL A 11 -53.73 29.63 -10.10
CA VAL A 11 -53.98 28.57 -9.12
C VAL A 11 -52.68 27.80 -8.83
N THR A 12 -52.46 27.50 -7.55
CA THR A 12 -51.23 26.87 -7.12
C THR A 12 -51.21 25.35 -7.12
N GLY A 13 -50.01 24.81 -6.97
CA GLY A 13 -49.81 23.38 -6.92
C GLY A 13 -49.77 22.89 -5.49
N LEU A 14 -49.73 23.82 -4.53
CA LEU A 14 -49.69 23.38 -3.16
C LEU A 14 -51.03 22.82 -2.76
N PHE A 15 -50.98 21.68 -2.10
CA PHE A 15 -52.17 20.99 -1.65
C PHE A 15 -53.10 20.51 -2.76
N LYS A 16 -52.52 20.22 -3.92
CA LYS A 16 -53.23 19.54 -4.99
C LYS A 16 -53.89 18.19 -4.54
N ASP A 17 -55.21 18.08 -4.66
CA ASP A 17 -55.89 16.81 -4.39
C ASP A 17 -55.59 15.75 -5.47
N CYS A 18 -54.77 14.78 -5.12
CA CYS A 18 -54.33 13.77 -6.06
C CYS A 18 -55.19 12.55 -6.13
N SER A 19 -56.36 12.62 -5.49
CA SER A 19 -57.24 11.47 -5.43
C SER A 19 -57.86 11.19 -6.73
N LYS A 20 -58.06 9.90 -7.02
CA LYS A 20 -58.77 9.50 -8.25
C LYS A 20 -60.30 9.62 -8.13
N ILE A 21 -60.78 10.23 -7.07
CA ILE A 21 -62.22 10.45 -6.89
C ILE A 21 -62.71 11.35 -8.00
N ILE A 22 -63.94 11.17 -8.47
CA ILE A 22 -64.46 12.00 -9.57
C ILE A 22 -65.46 13.05 -9.18
N THR A 23 -65.68 13.23 -7.88
CA THR A 23 -66.62 14.23 -7.40
C THR A 23 -65.91 15.34 -6.62
N GLY A 24 -66.69 16.12 -5.88
CA GLY A 24 -66.14 17.21 -5.09
C GLY A 24 -66.07 16.88 -3.61
N LEU A 25 -66.28 17.88 -2.78
CA LEU A 25 -66.24 17.70 -1.33
C LEU A 25 -67.28 18.57 -0.63
N HIS A 26 -68.46 18.01 -0.40
CA HIS A 26 -69.52 18.72 0.25
C HIS A 26 -69.07 20.00 0.91
N PRO A 27 -69.67 21.11 0.51
CA PRO A 27 -69.33 22.39 1.12
C PRO A 27 -68.83 22.27 2.56
N THR A 28 -69.34 21.32 3.32
CA THR A 28 -68.84 21.17 4.68
C THR A 28 -67.53 20.41 4.80
N GLN A 29 -67.26 19.50 3.89
CA GLN A 29 -66.06 18.71 3.99
C GLN A 29 -64.94 19.27 3.15
N ALA A 30 -65.29 20.23 2.31
CA ALA A 30 -64.31 20.88 1.50
C ALA A 30 -63.49 21.82 2.36
N PRO A 31 -62.20 21.93 2.03
CA PRO A 31 -61.27 22.82 2.66
C PRO A 31 -61.25 24.13 1.94
N THR A 32 -61.53 24.10 0.63
CA THR A 32 -61.54 25.33 -0.10
C THR A 32 -62.73 25.45 -1.02
N HIS A 33 -62.98 26.68 -1.45
CA HIS A 33 -64.01 26.91 -2.44
C HIS A 33 -63.76 26.02 -3.69
N LEU A 34 -62.53 26.02 -4.20
CA LEU A 34 -62.21 25.33 -5.43
C LEU A 34 -62.33 23.83 -5.40
N SER A 35 -62.46 23.28 -4.20
CA SER A 35 -62.56 21.84 -4.02
C SER A 35 -64.02 21.40 -3.89
N VAL A 36 -64.95 22.36 -3.81
CA VAL A 36 -66.36 22.02 -3.72
C VAL A 36 -66.85 21.57 -5.06
N ASP A 37 -67.65 20.50 -5.07
CA ASP A 37 -68.24 19.96 -6.30
C ASP A 37 -69.13 20.97 -6.99
N ILE A 38 -68.90 21.20 -8.29
CA ILE A 38 -69.74 22.07 -9.11
C ILE A 38 -71.26 21.97 -8.86
N LYS A 39 -71.74 20.77 -8.45
CA LYS A 39 -73.14 20.49 -8.10
C LYS A 39 -73.69 21.36 -6.95
N PHE A 40 -72.82 22.04 -6.20
CA PHE A 40 -73.25 22.91 -5.12
C PHE A 40 -72.82 24.35 -5.41
N LYS A 41 -72.29 24.61 -6.61
CA LYS A 41 -71.80 25.95 -6.95
C LYS A 41 -72.74 26.73 -7.87
N THR A 42 -73.09 27.96 -7.44
CA THR A 42 -74.02 28.86 -8.13
C THR A 42 -73.67 30.33 -7.94
N GLU A 43 -73.62 31.10 -9.04
CA GLU A 43 -73.39 32.55 -9.00
C GLU A 43 -72.17 32.95 -8.15
N GLY A 44 -71.13 32.12 -8.12
CA GLY A 44 -69.93 32.43 -7.36
C GLY A 44 -69.94 31.94 -5.91
N LEU A 45 -71.05 31.42 -5.43
CA LEU A 45 -71.11 30.86 -4.07
C LEU A 45 -71.39 29.38 -4.06
N CYS A 46 -71.46 28.84 -2.85
CA CYS A 46 -71.78 27.44 -2.68
C CYS A 46 -73.12 27.35 -1.97
N VAL A 47 -73.86 26.28 -2.20
CA VAL A 47 -75.14 26.14 -1.53
C VAL A 47 -75.36 24.74 -1.02
N ASP A 48 -75.97 24.62 0.16
CA ASP A 48 -76.21 23.33 0.81
C ASP A 48 -77.39 22.62 0.18
N ILE A 49 -77.09 21.64 -0.64
CA ILE A 49 -78.11 20.82 -1.24
C ILE A 49 -78.22 19.53 -0.47
N PRO A 50 -79.14 19.38 0.50
CA PRO A 50 -79.32 18.20 1.37
C PRO A 50 -79.66 16.93 0.59
N GLY A 51 -80.11 17.08 -0.66
CA GLY A 51 -80.36 15.94 -1.51
C GLY A 51 -79.08 15.35 -2.06
N ILE A 52 -78.00 16.09 -1.94
CA ILE A 52 -76.67 15.63 -2.29
C ILE A 52 -75.91 15.66 -0.96
N PRO A 53 -76.05 14.61 -0.15
CA PRO A 53 -75.54 14.49 1.20
C PRO A 53 -74.00 14.46 1.22
N LYS A 54 -73.42 14.78 2.38
CA LYS A 54 -71.98 14.75 2.50
C LYS A 54 -71.51 13.31 2.49
N ASP A 55 -70.21 13.09 2.24
CA ASP A 55 -69.64 11.74 2.15
C ASP A 55 -69.44 11.17 3.54
N MET A 56 -69.84 9.94 3.78
CA MET A 56 -69.60 9.40 5.12
C MET A 56 -68.13 9.08 5.34
N THR A 57 -67.49 8.67 4.29
CA THR A 57 -66.11 8.29 4.37
C THR A 57 -65.34 8.57 3.13
N TYR A 58 -64.13 9.06 3.30
CA TYR A 58 -63.29 9.28 2.16
C TYR A 58 -61.82 9.40 2.54
N ARG A 59 -60.95 9.30 1.52
CA ARG A 59 -59.50 9.44 1.69
C ARG A 59 -58.89 10.07 0.46
N ARG A 60 -58.45 11.31 0.59
CA ARG A 60 -57.88 12.08 -0.52
C ARG A 60 -56.42 12.49 -0.34
N LEU A 61 -55.53 11.89 -1.13
CA LEU A 61 -54.12 12.25 -1.03
C LEU A 61 -53.88 13.71 -1.39
N ILE A 62 -53.24 14.43 -0.49
CA ILE A 62 -52.88 15.83 -0.67
C ILE A 62 -51.40 16.02 -0.97
N SER A 63 -51.07 16.69 -2.09
CA SER A 63 -49.69 16.98 -2.47
C SER A 63 -49.10 17.99 -1.55
N MET A 64 -47.86 17.76 -1.08
CA MET A 64 -47.18 18.76 -0.23
C MET A 64 -46.02 19.35 -1.06
N MET A 65 -46.21 19.42 -2.39
CA MET A 65 -45.22 20.02 -3.26
C MET A 65 -45.72 21.40 -3.58
N GLY A 66 -44.87 22.39 -3.47
CA GLY A 66 -45.31 23.73 -3.81
C GLY A 66 -45.17 24.69 -2.66
N PHE A 67 -44.37 24.34 -1.67
CA PHE A 67 -44.21 25.25 -0.55
C PHE A 67 -43.48 26.49 -0.99
N LYS A 68 -43.91 27.61 -0.46
CA LYS A 68 -43.29 28.89 -0.76
C LYS A 68 -43.06 29.56 0.56
N MET A 69 -41.80 29.70 0.96
CA MET A 69 -41.53 30.27 2.29
C MET A 69 -40.88 31.63 2.21
N ASN A 70 -41.77 32.58 1.95
CA ASN A 70 -41.50 33.97 1.74
C ASN A 70 -41.84 34.79 2.95
N TYR A 71 -42.29 34.14 4.00
CA TYR A 71 -42.84 34.89 5.11
C TYR A 71 -41.83 35.84 5.72
N GLN A 72 -42.35 36.95 6.22
CA GLN A 72 -41.56 37.96 6.89
C GLN A 72 -42.32 38.31 8.12
N VAL A 73 -42.24 37.42 9.08
CA VAL A 73 -43.00 37.60 10.29
C VAL A 73 -42.04 38.08 11.38
N ASN A 74 -42.46 39.10 12.09
CA ASN A 74 -41.72 39.81 13.14
C ASN A 74 -40.67 39.00 13.94
N GLY A 75 -41.08 37.92 14.61
CA GLY A 75 -40.11 37.19 15.46
C GLY A 75 -39.52 35.91 14.83
N TYR A 76 -39.84 35.65 13.58
CA TYR A 76 -39.44 34.38 12.97
C TYR A 76 -38.26 34.52 12.02
N PRO A 77 -37.26 33.64 12.13
CA PRO A 77 -36.10 33.56 11.30
C PRO A 77 -36.48 33.04 9.94
N ASN A 78 -35.76 33.50 8.96
CA ASN A 78 -36.03 33.17 7.58
C ASN A 78 -35.18 31.92 7.23
N MET A 79 -35.81 30.85 6.74
CA MET A 79 -35.13 29.58 6.44
C MET A 79 -34.13 29.68 5.30
N PHE A 80 -34.48 30.38 4.26
CA PHE A 80 -33.49 30.57 3.25
C PHE A 80 -32.60 31.73 3.61
N ILE A 81 -31.32 31.54 3.31
CA ILE A 81 -30.29 32.55 3.63
C ILE A 81 -29.53 33.03 2.40
N THR A 82 -28.81 34.15 2.57
CA THR A 82 -28.00 34.75 1.51
C THR A 82 -26.72 33.93 1.30
N ARG A 83 -26.03 34.14 0.20
CA ARG A 83 -24.77 33.40 -0.01
C ARG A 83 -23.77 33.80 1.03
N GLU A 84 -23.82 35.08 1.41
CA GLU A 84 -22.96 35.60 2.46
C GLU A 84 -23.09 34.86 3.77
N GLU A 85 -24.31 34.67 4.26
CA GLU A 85 -24.46 33.89 5.48
C GLU A 85 -24.08 32.45 5.32
N ALA A 86 -24.36 31.86 4.16
CA ALA A 86 -23.97 30.47 4.01
C ALA A 86 -22.49 30.32 4.23
N ILE A 87 -21.69 31.22 3.66
CA ILE A 87 -20.24 31.21 3.81
C ILE A 87 -19.80 31.48 5.23
N ARG A 88 -20.40 32.51 5.82
CA ARG A 88 -20.22 32.87 7.22
C ARG A 88 -20.43 31.68 8.15
N HIS A 89 -21.30 30.74 7.72
CA HIS A 89 -21.61 29.57 8.49
C HIS A 89 -21.42 28.27 7.70
N VAL A 90 -20.17 27.97 7.28
CA VAL A 90 -19.92 26.60 6.75
C VAL A 90 -19.92 25.78 8.00
N ARG A 91 -19.30 24.60 8.04
CA ARG A 91 -19.36 23.81 9.29
C ARG A 91 -20.78 23.25 9.39
N ALA A 92 -21.74 24.17 9.70
CA ALA A 92 -23.19 24.00 9.67
C ALA A 92 -23.71 23.41 8.32
N TRP A 93 -22.98 23.65 7.22
CA TRP A 93 -23.36 23.08 5.93
C TRP A 93 -23.43 21.61 5.96
N ILE A 94 -24.54 21.13 5.45
CA ILE A 94 -24.77 19.71 5.34
C ILE A 94 -25.59 19.50 4.02
N GLY A 95 -25.11 18.61 3.16
CA GLY A 95 -25.70 18.43 1.83
C GLY A 95 -26.94 17.60 1.91
N PHE A 96 -27.95 17.96 1.11
CA PHE A 96 -29.25 17.27 1.19
C PHE A 96 -29.96 17.05 -0.13
N ASP A 97 -30.16 15.76 -0.44
CA ASP A 97 -30.86 15.37 -1.67
C ASP A 97 -31.76 14.19 -1.43
N VAL A 98 -32.98 14.31 -1.89
CA VAL A 98 -33.94 13.25 -1.69
C VAL A 98 -34.42 12.68 -2.98
N GLU A 99 -34.41 11.35 -3.05
CA GLU A 99 -34.99 10.65 -4.17
C GLU A 99 -36.40 10.21 -3.78
N GLY A 100 -37.38 10.51 -4.64
CA GLY A 100 -38.74 10.17 -4.34
C GLY A 100 -39.27 9.01 -5.15
N CYS A 101 -40.57 8.83 -5.01
CA CYS A 101 -41.35 7.84 -5.70
C CYS A 101 -42.72 8.46 -6.03
N HIS A 102 -43.49 7.80 -6.88
CA HIS A 102 -44.74 8.40 -7.30
C HIS A 102 -45.92 7.76 -6.67
N ALA A 103 -46.90 8.57 -6.31
CA ALA A 103 -48.17 8.06 -5.82
C ALA A 103 -48.83 7.28 -6.98
N THR A 104 -49.56 6.16 -6.70
CA THR A 104 -50.01 5.44 -7.88
C THR A 104 -51.35 4.67 -7.93
N ARG A 105 -51.81 4.00 -6.88
CA ARG A 105 -53.07 3.22 -7.06
C ARG A 105 -54.24 4.12 -6.78
N ASP A 106 -54.55 4.26 -5.48
CA ASP A 106 -55.63 5.06 -4.98
C ASP A 106 -55.58 6.56 -5.44
N ALA A 107 -54.41 7.00 -5.91
CA ALA A 107 -54.18 8.40 -6.22
C ALA A 107 -52.99 8.53 -7.11
N VAL A 108 -52.80 9.74 -7.62
CA VAL A 108 -51.70 9.98 -8.55
C VAL A 108 -51.48 11.48 -8.75
N GLY A 109 -50.23 11.89 -8.85
CA GLY A 109 -49.98 13.31 -9.08
C GLY A 109 -49.12 14.00 -8.03
N THR A 110 -48.39 13.22 -7.22
CA THR A 110 -47.50 13.84 -6.26
C THR A 110 -46.41 12.84 -5.85
N ASN A 111 -45.29 13.40 -5.36
CA ASN A 111 -44.15 12.57 -4.97
C ASN A 111 -43.96 12.45 -3.46
N LEU A 112 -43.52 11.26 -3.10
CA LEU A 112 -43.30 10.92 -1.72
C LEU A 112 -41.81 10.63 -1.53
N PRO A 113 -41.20 10.98 -0.39
CA PRO A 113 -39.80 10.72 -0.07
C PRO A 113 -39.55 9.24 0.05
N LEU A 114 -38.45 8.79 -0.58
CA LEU A 114 -38.02 7.41 -0.52
C LEU A 114 -36.61 7.29 0.07
N GLN A 115 -35.63 7.95 -0.51
CA GLN A 115 -34.28 7.83 0.03
C GLN A 115 -33.74 9.22 0.32
N LEU A 116 -33.32 9.43 1.55
CA LEU A 116 -32.83 10.73 1.92
C LEU A 116 -31.35 10.64 2.06
N GLY A 117 -30.64 11.49 1.35
CA GLY A 117 -29.21 11.46 1.36
C GLY A 117 -28.64 12.70 1.99
N PHE A 118 -27.54 12.50 2.72
CA PHE A 118 -26.84 13.60 3.34
C PHE A 118 -25.37 13.63 2.91
N SER A 119 -24.68 14.78 3.09
CA SER A 119 -23.23 14.91 2.75
C SER A 119 -22.32 14.23 3.74
N THR A 120 -22.92 13.53 4.68
CA THR A 120 -22.26 12.58 5.50
C THR A 120 -22.31 11.37 4.59
N GLY A 121 -21.99 10.20 5.01
CA GLY A 121 -22.23 9.14 4.01
C GLY A 121 -23.70 8.59 4.02
N VAL A 122 -24.55 9.13 4.92
CA VAL A 122 -25.86 8.59 5.26
C VAL A 122 -26.98 8.63 4.23
N ASN A 123 -27.63 7.45 4.10
CA ASN A 123 -28.83 7.25 3.28
C ASN A 123 -29.96 6.58 4.08
N LEU A 124 -31.00 7.34 4.36
CA LEU A 124 -32.12 6.79 5.09
C LEU A 124 -33.27 6.42 4.17
N VAL A 125 -33.72 5.18 4.23
CA VAL A 125 -34.87 4.79 3.41
C VAL A 125 -36.16 4.90 4.19
N ALA A 126 -37.15 5.51 3.57
CA ALA A 126 -38.41 5.75 4.23
C ALA A 126 -39.54 4.99 3.59
N VAL A 127 -40.51 4.64 4.41
CA VAL A 127 -41.71 4.08 3.88
C VAL A 127 -42.41 5.23 3.15
N PRO A 128 -42.91 5.02 1.93
CA PRO A 128 -43.59 6.02 1.16
C PRO A 128 -44.85 6.37 1.91
N THR A 129 -44.80 7.44 2.67
CA THR A 129 -45.98 7.91 3.36
C THR A 129 -46.41 9.29 2.81
N GLY A 130 -47.63 9.66 3.07
CA GLY A 130 -48.14 10.91 2.56
C GLY A 130 -49.36 11.39 3.35
N TYR A 131 -49.80 12.58 2.99
CA TYR A 131 -50.87 13.24 3.70
C TYR A 131 -52.22 13.00 3.07
N VAL A 132 -53.13 12.44 3.85
CA VAL A 132 -54.44 12.07 3.37
C VAL A 132 -55.52 12.77 4.10
N ASP A 133 -56.29 13.52 3.37
CA ASP A 133 -57.34 14.25 3.99
C ASP A 133 -58.53 13.24 4.10
N THR A 134 -59.18 13.18 5.26
CA THR A 134 -60.35 12.30 5.48
C THR A 134 -61.49 13.13 5.98
N GLU A 135 -62.60 12.48 6.23
CA GLU A 135 -63.78 13.18 6.70
C GLU A 135 -63.67 13.77 8.09
N ASN A 136 -62.71 13.31 8.88
CA ASN A 136 -62.58 13.79 10.25
C ASN A 136 -61.32 14.59 10.49
N ASN A 137 -60.24 14.23 9.81
CA ASN A 137 -58.94 14.86 10.05
C ASN A 137 -58.03 14.65 8.88
N THR A 138 -56.76 15.02 9.02
CA THR A 138 -55.79 14.69 7.99
C THR A 138 -54.88 13.60 8.55
N GLU A 139 -54.75 12.51 7.84
CA GLU A 139 -53.95 11.40 8.31
C GLU A 139 -52.66 11.31 7.62
N PHE A 140 -51.67 10.87 8.35
CA PHE A 140 -50.31 10.70 7.85
C PHE A 140 -50.09 9.21 7.74
N THR A 141 -50.13 8.68 6.54
CA THR A 141 -50.06 7.23 6.45
C THR A 141 -49.34 6.68 5.23
N ARG A 142 -49.29 5.35 5.12
CA ARG A 142 -48.62 4.75 4.00
C ARG A 142 -49.45 4.98 2.76
N VAL A 143 -48.78 5.34 1.68
CA VAL A 143 -49.38 5.62 0.39
C VAL A 143 -48.82 4.66 -0.64
N ASN A 144 -49.67 4.20 -1.55
CA ASN A 144 -49.11 3.33 -2.59
C ASN A 144 -48.22 4.15 -3.50
N ALA A 145 -47.08 3.59 -3.83
CA ALA A 145 -46.19 4.33 -4.69
C ALA A 145 -45.36 3.42 -5.54
N LYS A 146 -44.66 4.01 -6.51
CA LYS A 146 -43.81 3.27 -7.41
C LYS A 146 -42.60 4.14 -7.71
N PRO A 147 -41.46 3.55 -8.05
CA PRO A 147 -40.26 4.23 -8.42
C PRO A 147 -40.52 4.82 -9.81
N PRO A 148 -39.87 5.94 -10.14
CA PRO A 148 -39.98 6.63 -11.41
C PRO A 148 -39.64 5.67 -12.54
N PRO A 149 -40.29 5.89 -13.71
CA PRO A 149 -40.39 5.06 -14.89
C PRO A 149 -39.07 4.57 -15.50
N GLY A 150 -38.05 5.42 -15.45
CA GLY A 150 -36.80 5.14 -16.13
C GLY A 150 -36.09 3.86 -15.74
N ASP A 151 -34.94 3.67 -16.37
CA ASP A 151 -34.10 2.51 -16.16
C ASP A 151 -33.06 2.81 -15.11
N GLN A 152 -32.63 4.09 -15.04
CA GLN A 152 -31.66 4.52 -14.05
C GLN A 152 -32.27 4.57 -12.67
N PHE A 153 -33.60 4.41 -12.57
CA PHE A 153 -34.29 4.41 -11.30
C PHE A 153 -34.60 3.00 -10.80
N LYS A 154 -34.16 1.96 -11.52
CA LYS A 154 -34.45 0.59 -11.08
C LYS A 154 -33.70 0.22 -9.80
N HIS A 155 -32.67 0.98 -9.43
CA HIS A 155 -32.00 0.77 -8.16
C HIS A 155 -32.92 1.13 -6.98
N LEU A 156 -34.04 1.84 -7.25
CA LEU A 156 -34.97 2.21 -6.21
C LEU A 156 -36.03 1.17 -6.00
N ILE A 157 -36.06 0.15 -6.86
CA ILE A 157 -37.10 -0.87 -6.71
C ILE A 157 -36.99 -1.64 -5.39
N PRO A 158 -35.81 -2.13 -4.98
CA PRO A 158 -35.56 -2.82 -3.73
C PRO A 158 -35.92 -1.97 -2.53
N LEU A 159 -35.80 -0.65 -2.69
CA LEU A 159 -36.02 0.28 -1.59
C LEU A 159 -37.51 0.51 -1.29
N MET A 160 -38.38 -0.02 -2.15
CA MET A 160 -39.81 0.14 -1.95
C MET A 160 -40.27 -0.85 -0.91
N TYR A 161 -39.38 -1.79 -0.60
CA TYR A 161 -39.58 -2.78 0.40
C TYR A 161 -38.63 -2.20 1.41
N LYS A 162 -37.90 -3.04 2.15
CA LYS A 162 -36.96 -2.54 3.15
C LYS A 162 -37.43 -1.16 3.59
N GLY A 163 -36.51 -0.34 4.07
CA GLY A 163 -36.84 0.99 4.52
C GLY A 163 -37.44 0.98 5.92
N LEU A 164 -37.97 2.11 6.35
CA LEU A 164 -38.56 2.22 7.68
C LEU A 164 -39.54 3.38 7.84
N PRO A 165 -40.28 3.36 8.96
CA PRO A 165 -41.27 4.30 9.50
C PRO A 165 -40.74 5.70 9.70
N TRP A 166 -41.53 6.71 9.33
CA TRP A 166 -41.13 8.11 9.58
C TRP A 166 -40.96 8.44 11.06
N ASN A 167 -41.62 7.65 11.95
CA ASN A 167 -41.45 7.68 13.41
C ASN A 167 -39.98 7.78 13.73
N VAL A 168 -39.24 6.92 13.02
CA VAL A 168 -37.85 6.63 13.09
C VAL A 168 -36.98 7.50 12.28
N VAL A 169 -37.28 7.55 11.01
CA VAL A 169 -36.44 8.30 10.13
C VAL A 169 -36.16 9.69 10.66
N ARG A 170 -37.15 10.36 11.24
CA ARG A 170 -36.85 11.68 11.73
C ARG A 170 -35.99 11.69 12.95
N ILE A 171 -36.09 10.67 13.78
CA ILE A 171 -35.21 10.66 14.94
C ILE A 171 -33.78 10.45 14.45
N LYS A 172 -33.59 9.54 13.49
CA LYS A 172 -32.29 9.22 12.93
C LYS A 172 -31.65 10.45 12.34
N ILE A 173 -32.45 11.30 11.67
CA ILE A 173 -31.95 12.53 11.09
C ILE A 173 -31.42 13.45 12.16
N VAL A 174 -32.21 13.64 13.20
CA VAL A 174 -31.82 14.49 14.32
C VAL A 174 -30.55 13.99 14.94
N GLN A 175 -30.47 12.70 15.14
CA GLN A 175 -29.29 12.11 15.71
C GLN A 175 -28.09 12.27 14.79
N MET A 176 -28.28 11.99 13.53
CA MET A 176 -27.22 12.07 12.55
C MET A 176 -26.65 13.49 12.48
N LEU A 177 -27.53 14.48 12.40
CA LEU A 177 -27.10 15.85 12.35
C LEU A 177 -26.44 16.27 13.63
N SER A 178 -26.98 15.81 14.75
CA SER A 178 -26.51 16.14 16.06
C SER A 178 -25.07 15.70 16.24
N ASP A 179 -24.79 14.44 15.97
CA ASP A 179 -23.45 13.93 16.08
C ASP A 179 -22.48 14.70 15.18
N THR A 180 -22.85 14.92 13.93
CA THR A 180 -22.03 15.65 12.99
C THR A 180 -21.72 17.09 13.37
N LEU A 181 -22.72 17.80 13.81
CA LEU A 181 -22.59 19.22 14.02
C LEU A 181 -22.35 19.68 15.41
N LYS A 182 -22.45 18.79 16.41
CA LYS A 182 -22.43 19.29 17.81
C LYS A 182 -21.20 20.01 18.27
N GLY A 183 -20.06 19.79 17.62
CA GLY A 183 -18.84 20.50 17.97
C GLY A 183 -18.39 21.46 16.89
N LEU A 184 -19.27 21.76 15.93
CA LEU A 184 -18.92 22.65 14.81
C LEU A 184 -19.76 23.91 14.77
N SER A 185 -21.08 23.73 14.81
CA SER A 185 -21.94 24.89 14.77
C SER A 185 -23.09 24.80 15.78
N ASP A 186 -23.98 25.79 15.70
CA ASP A 186 -25.16 25.97 16.55
C ASP A 186 -26.41 25.90 15.70
N ARG A 187 -26.22 25.44 14.47
CA ARG A 187 -27.26 25.39 13.48
C ARG A 187 -26.93 24.44 12.40
N VAL A 188 -27.83 24.37 11.46
CA VAL A 188 -27.70 23.53 10.33
C VAL A 188 -28.09 24.31 9.07
N VAL A 189 -27.36 24.10 7.98
CA VAL A 189 -27.64 24.74 6.70
C VAL A 189 -27.73 23.67 5.65
N PHE A 190 -28.92 23.38 5.22
CA PHE A 190 -29.01 22.35 4.25
C PHE A 190 -28.60 22.94 2.92
N VAL A 191 -27.69 22.24 2.26
CA VAL A 191 -27.16 22.68 1.00
C VAL A 191 -27.86 21.90 -0.09
N LEU A 192 -28.67 22.62 -0.87
CA LEU A 192 -29.60 22.03 -1.83
C LEU A 192 -29.28 22.37 -3.29
N TRP A 193 -29.57 21.45 -4.22
CA TRP A 193 -29.37 21.79 -5.64
C TRP A 193 -30.66 22.42 -6.23
N ALA A 194 -31.76 21.68 -6.21
CA ALA A 194 -33.04 22.19 -6.67
C ALA A 194 -33.98 22.03 -5.51
N HIS A 195 -34.18 23.11 -4.74
CA HIS A 195 -34.88 22.99 -3.44
C HIS A 195 -36.31 22.48 -3.38
N GLY A 196 -36.98 22.30 -4.50
CA GLY A 196 -38.38 21.92 -4.44
C GLY A 196 -38.70 20.70 -3.55
N PHE A 197 -38.25 19.54 -4.01
CA PHE A 197 -38.61 18.29 -3.36
C PHE A 197 -38.01 18.14 -1.98
N GLU A 198 -36.82 18.66 -1.81
CA GLU A 198 -36.17 18.56 -0.53
C GLU A 198 -36.92 19.41 0.51
N LEU A 199 -37.38 20.61 0.12
CA LEU A 199 -38.19 21.41 1.03
C LEU A 199 -39.49 20.69 1.37
N THR A 200 -40.08 20.01 0.38
CA THR A 200 -41.23 19.17 0.68
C THR A 200 -40.89 18.09 1.69
N SER A 201 -39.77 17.40 1.50
CA SER A 201 -39.33 16.37 2.45
C SER A 201 -39.16 16.93 3.86
N MET A 202 -38.67 18.15 3.99
CA MET A 202 -38.51 18.78 5.30
C MET A 202 -39.82 18.88 6.08
N LYS A 203 -40.99 18.96 5.39
CA LYS A 203 -42.28 19.00 6.10
C LYS A 203 -42.41 17.81 7.05
N TYR A 204 -41.82 16.67 6.64
CA TYR A 204 -41.83 15.41 7.35
C TYR A 204 -40.90 15.36 8.57
N PHE A 205 -40.03 16.38 8.78
CA PHE A 205 -39.16 16.36 9.96
C PHE A 205 -38.66 17.75 10.41
N VAL A 206 -39.32 18.81 9.98
CA VAL A 206 -38.97 20.17 10.42
C VAL A 206 -40.13 20.94 10.99
N LYS A 207 -39.93 21.53 12.14
CA LYS A 207 -40.96 22.43 12.69
C LYS A 207 -40.32 23.80 12.73
N ILE A 208 -41.05 24.89 12.62
CA ILE A 208 -40.38 26.19 12.71
C ILE A 208 -41.06 27.11 13.69
N GLY A 209 -40.34 28.13 14.06
CA GLY A 209 -40.91 29.10 14.97
C GLY A 209 -39.87 30.14 15.31
N PRO A 210 -40.16 31.04 16.25
CA PRO A 210 -39.26 32.06 16.72
C PRO A 210 -38.09 31.32 17.34
N GLU A 211 -36.96 31.98 17.43
CA GLU A 211 -35.83 31.32 18.04
C GLU A 211 -36.09 30.95 19.49
N ARG A 212 -35.53 29.82 19.88
CA ARG A 212 -35.69 29.27 21.22
C ARG A 212 -34.34 28.83 21.75
N THR A 213 -34.26 28.46 23.05
CA THR A 213 -32.98 27.93 23.55
C THR A 213 -33.20 26.59 24.21
N CYS A 214 -32.12 25.82 24.25
CA CYS A 214 -32.12 24.46 24.75
C CYS A 214 -32.31 24.32 26.26
N CYS A 215 -33.14 23.35 26.60
CA CYS A 215 -33.42 23.02 27.98
C CYS A 215 -32.03 22.76 28.52
N LEU A 216 -31.81 22.98 29.80
CA LEU A 216 -30.50 22.75 30.41
C LEU A 216 -29.45 23.72 29.86
N CYS A 217 -29.04 23.54 28.61
CA CYS A 217 -28.04 24.42 27.98
C CYS A 217 -28.63 25.81 27.81
N ASP A 218 -27.89 26.71 27.17
CA ASP A 218 -28.35 28.03 26.76
C ASP A 218 -28.19 28.22 25.26
N LYS A 219 -27.43 27.33 24.62
CA LYS A 219 -27.21 27.41 23.21
C LYS A 219 -28.55 27.54 22.56
N ARG A 220 -28.51 27.98 21.33
CA ARG A 220 -29.64 28.01 20.43
C ARG A 220 -30.32 26.65 20.27
N ALA A 221 -31.66 26.62 20.33
CA ALA A 221 -32.40 25.38 20.07
C ALA A 221 -32.35 25.05 18.56
N THR A 222 -31.93 23.81 18.29
CA THR A 222 -31.74 23.27 16.95
C THR A 222 -32.69 22.10 16.73
N CYS A 223 -33.24 21.56 17.84
CA CYS A 223 -34.17 20.44 17.87
C CYS A 223 -35.40 20.69 18.75
N PHE A 224 -36.47 19.96 18.44
CA PHE A 224 -37.75 20.03 19.14
C PHE A 224 -38.32 18.65 19.40
N SER A 225 -38.85 18.48 20.61
CA SER A 225 -39.51 17.25 20.97
C SER A 225 -41.00 17.46 20.97
N THR A 226 -41.68 16.65 20.19
CA THR A 226 -43.13 16.71 20.18
C THR A 226 -43.65 15.91 21.35
N SER A 227 -42.92 14.85 21.66
CA SER A 227 -43.20 13.99 22.78
C SER A 227 -43.48 14.81 24.04
N SER A 228 -42.54 15.70 24.38
CA SER A 228 -42.69 16.62 25.50
C SER A 228 -42.21 17.95 25.05
N ASP A 229 -43.15 18.89 24.79
CA ASP A 229 -42.96 20.23 24.19
C ASP A 229 -41.77 20.95 24.78
N THR A 230 -40.60 20.53 24.34
CA THR A 230 -39.29 21.05 24.79
C THR A 230 -38.30 21.20 23.66
N TYR A 231 -37.24 21.94 23.94
CA TYR A 231 -36.25 22.24 22.90
C TYR A 231 -34.78 21.83 23.27
N ALA A 232 -33.94 21.68 22.24
CA ALA A 232 -32.56 21.25 22.44
C ALA A 232 -31.54 21.78 21.43
N CYS A 233 -30.30 21.86 21.88
CA CYS A 233 -29.09 22.22 21.14
C CYS A 233 -28.61 20.98 20.43
N TRP A 234 -27.49 21.00 19.77
CA TRP A 234 -27.06 19.74 19.18
C TRP A 234 -26.48 18.70 20.20
N ASN A 235 -26.09 19.13 21.40
CA ASN A 235 -25.47 18.23 22.39
C ASN A 235 -26.46 17.57 23.38
N HIS A 236 -27.70 18.01 23.36
CA HIS A 236 -28.70 17.49 24.26
C HIS A 236 -29.87 16.84 23.57
N SER A 237 -29.93 17.02 22.24
CA SER A 237 -30.99 16.51 21.34
C SER A 237 -30.99 15.01 21.22
N VAL A 238 -31.31 14.33 22.28
CA VAL A 238 -31.27 12.90 22.23
C VAL A 238 -32.61 12.38 22.59
N GLY A 239 -33.25 11.79 21.61
CA GLY A 239 -34.60 11.38 21.78
C GLY A 239 -35.52 12.42 21.16
N PHE A 240 -34.96 13.55 20.76
CA PHE A 240 -35.71 14.57 20.08
C PHE A 240 -35.94 14.08 18.66
N ASP A 241 -37.16 14.34 18.18
CA ASP A 241 -37.60 13.88 16.87
C ASP A 241 -37.68 14.90 15.76
N TYR A 242 -37.69 16.20 16.07
CA TYR A 242 -37.70 17.15 14.97
C TYR A 242 -36.56 18.12 14.97
N VAL A 243 -36.13 18.46 13.78
CA VAL A 243 -35.18 19.53 13.53
C VAL A 243 -35.93 20.82 13.73
N TYR A 244 -35.37 21.85 14.39
CA TYR A 244 -36.22 23.00 14.67
C TYR A 244 -36.00 24.21 13.76
N ASN A 245 -34.98 25.01 13.91
CA ASN A 245 -34.96 26.02 12.84
C ASN A 245 -33.76 25.70 12.02
N PRO A 246 -33.98 25.36 10.77
CA PRO A 246 -32.89 25.05 9.92
C PRO A 246 -32.75 26.20 9.06
N PHE A 247 -31.72 26.13 8.24
CA PHE A 247 -31.40 27.13 7.26
C PHE A 247 -31.07 26.37 6.05
N MET A 248 -31.12 27.01 4.93
CA MET A 248 -30.83 26.33 3.72
C MET A 248 -30.49 27.27 2.63
N ILE A 249 -29.86 26.71 1.64
CA ILE A 249 -29.37 27.48 0.56
C ILE A 249 -29.58 26.69 -0.72
N ASP A 250 -30.08 27.34 -1.73
CA ASP A 250 -30.24 26.67 -2.98
C ASP A 250 -29.08 27.11 -3.84
N VAL A 251 -28.16 26.18 -4.09
CA VAL A 251 -26.94 26.43 -4.85
C VAL A 251 -27.19 26.72 -6.32
N GLN A 252 -28.05 25.97 -7.00
CA GLN A 252 -28.30 26.21 -8.41
C GLN A 252 -28.75 27.66 -8.69
N GLN A 253 -29.54 28.23 -7.76
CA GLN A 253 -30.04 29.61 -7.87
C GLN A 253 -28.95 30.69 -7.90
N TRP A 254 -27.71 30.33 -7.60
CA TRP A 254 -26.62 31.28 -7.67
C TRP A 254 -26.31 31.71 -9.11
N GLY A 255 -26.47 30.77 -10.06
CA GLY A 255 -26.11 31.05 -11.44
C GLY A 255 -25.26 29.92 -12.03
N PHE A 256 -25.90 28.83 -12.45
CA PHE A 256 -25.19 27.70 -13.04
C PHE A 256 -25.70 27.24 -14.40
N THR A 257 -24.77 26.67 -15.16
CA THR A 257 -24.95 26.19 -16.53
C THR A 257 -25.87 24.98 -16.61
N GLY A 258 -25.25 23.80 -16.77
CA GLY A 258 -25.97 22.54 -16.90
C GLY A 258 -26.50 21.98 -15.59
N ASN A 259 -26.45 20.65 -15.47
CA ASN A 259 -26.92 19.97 -14.27
C ASN A 259 -25.86 19.93 -13.17
N LEU A 260 -26.20 19.26 -12.06
CA LEU A 260 -25.29 19.15 -10.95
C LEU A 260 -24.04 18.38 -11.38
N GLN A 261 -24.24 17.22 -11.98
CA GLN A 261 -23.14 16.38 -12.46
C GLN A 261 -22.09 17.18 -13.21
N SER A 262 -22.55 18.04 -14.11
CA SER A 262 -21.72 18.89 -14.93
C SER A 262 -20.85 19.83 -14.13
N ASN A 263 -21.50 20.72 -13.38
CA ASN A 263 -20.78 21.76 -12.69
C ASN A 263 -19.84 21.21 -11.62
N HIS A 264 -20.26 20.12 -11.00
CA HIS A 264 -19.43 19.48 -10.02
C HIS A 264 -18.20 18.87 -10.63
N ASP A 265 -18.37 18.04 -11.66
CA ASP A 265 -17.20 17.37 -12.20
C ASP A 265 -16.21 18.34 -12.82
N GLN A 266 -16.66 19.54 -13.22
CA GLN A 266 -15.72 20.55 -13.72
C GLN A 266 -14.65 20.91 -12.68
N HIS A 267 -14.96 20.72 -11.41
CA HIS A 267 -14.04 21.12 -10.39
C HIS A 267 -13.66 20.00 -9.41
N CYS A 268 -13.88 18.74 -9.78
CA CYS A 268 -13.63 17.63 -8.84
C CYS A 268 -13.51 16.26 -9.49
N GLN A 269 -12.54 15.47 -9.07
CA GLN A 269 -12.40 14.13 -9.66
C GLN A 269 -12.45 13.00 -8.65
N VAL A 270 -12.90 13.30 -7.44
CA VAL A 270 -12.95 12.28 -6.39
C VAL A 270 -14.33 11.76 -6.09
N HIS A 271 -15.27 12.65 -5.92
CA HIS A 271 -16.62 12.25 -5.57
C HIS A 271 -17.37 11.71 -6.78
N GLY A 272 -17.17 10.41 -7.02
CA GLY A 272 -17.83 9.70 -8.10
C GLY A 272 -19.32 9.70 -7.86
N ASN A 273 -20.07 9.79 -8.94
CA ASN A 273 -21.50 9.82 -8.84
C ASN A 273 -22.20 8.52 -9.13
N ALA A 274 -22.59 7.84 -8.06
CA ALA A 274 -23.50 6.74 -8.19
C ALA A 274 -24.83 7.43 -8.36
N HIS A 275 -25.89 6.72 -8.69
CA HIS A 275 -27.12 7.46 -8.87
C HIS A 275 -27.84 7.74 -7.52
N VAL A 276 -27.25 7.23 -6.43
CA VAL A 276 -27.69 7.32 -5.04
C VAL A 276 -27.70 8.72 -4.39
N ALA A 277 -28.78 8.97 -3.64
CA ALA A 277 -29.13 10.26 -3.03
C ALA A 277 -28.01 10.96 -2.35
N SER A 278 -27.29 10.27 -1.46
CA SER A 278 -26.19 10.91 -0.77
C SER A 278 -25.11 11.43 -1.69
N CYS A 279 -24.86 10.77 -2.84
CA CYS A 279 -23.80 11.27 -3.72
C CYS A 279 -24.20 12.58 -4.28
N ASP A 280 -25.47 12.73 -4.62
CA ASP A 280 -25.90 14.02 -5.12
C ASP A 280 -25.75 15.05 -3.99
N ALA A 281 -25.96 14.62 -2.74
CA ALA A 281 -25.81 15.53 -1.58
C ALA A 281 -24.38 15.96 -1.37
N ILE A 282 -23.48 15.00 -1.47
CA ILE A 282 -22.07 15.25 -1.31
C ILE A 282 -21.56 16.21 -2.38
N MET A 283 -21.94 15.91 -3.64
CA MET A 283 -21.58 16.71 -4.81
C MET A 283 -22.10 18.11 -4.70
N THR A 284 -23.30 18.24 -4.15
CA THR A 284 -23.86 19.56 -4.05
C THR A 284 -23.01 20.40 -3.13
N ARG A 285 -22.66 19.83 -1.97
CA ARG A 285 -21.84 20.56 -1.01
C ARG A 285 -20.48 20.91 -1.60
N CYS A 286 -19.85 19.90 -2.22
CA CYS A 286 -18.54 20.01 -2.85
C CYS A 286 -18.46 21.22 -3.77
N LEU A 287 -19.43 21.32 -4.67
CA LEU A 287 -19.56 22.41 -5.60
C LEU A 287 -19.66 23.76 -4.87
N ALA A 288 -20.50 23.84 -3.84
CA ALA A 288 -20.66 25.10 -3.09
C ALA A 288 -19.37 25.56 -2.46
N VAL A 289 -18.60 24.60 -1.94
CA VAL A 289 -17.30 24.86 -1.35
C VAL A 289 -16.35 25.43 -2.38
N HIS A 290 -16.29 24.80 -3.55
CA HIS A 290 -15.45 25.28 -4.64
C HIS A 290 -15.76 26.74 -5.02
N GLU A 291 -17.05 27.08 -5.07
CA GLU A 291 -17.44 28.42 -5.44
C GLU A 291 -17.25 29.46 -4.34
N CYS A 292 -16.72 29.07 -3.20
CA CYS A 292 -16.59 30.02 -2.11
C CYS A 292 -15.23 30.01 -1.43
N PHE A 293 -14.55 28.87 -1.53
CA PHE A 293 -13.27 28.68 -0.86
C PHE A 293 -12.11 28.35 -1.81
N VAL A 294 -12.38 27.67 -2.93
CA VAL A 294 -11.35 27.48 -3.95
C VAL A 294 -11.20 28.82 -4.68
N LYS A 295 -12.35 29.47 -5.00
CA LYS A 295 -12.30 30.89 -5.41
C LYS A 295 -11.75 31.59 -4.18
N ARG A 296 -10.49 31.96 -4.28
CA ARG A 296 -9.60 32.36 -3.18
C ARG A 296 -10.10 33.11 -1.95
N VAL A 297 -9.39 32.86 -0.86
CA VAL A 297 -9.60 33.26 0.51
C VAL A 297 -10.17 34.68 0.70
N ASP A 298 -11.21 34.76 1.52
CA ASP A 298 -11.75 36.04 1.92
C ASP A 298 -11.37 36.32 3.40
N TRP A 299 -10.32 37.08 3.62
CA TRP A 299 -9.84 37.42 4.96
C TRP A 299 -10.77 38.35 5.77
N SER A 300 -11.84 38.89 5.16
CA SER A 300 -12.76 39.72 5.95
C SER A 300 -13.80 38.83 6.66
N VAL A 301 -13.90 37.57 6.25
CA VAL A 301 -14.81 36.62 6.89
C VAL A 301 -14.06 35.93 7.99
N GLU A 302 -14.54 36.10 9.22
CA GLU A 302 -13.88 35.47 10.35
C GLU A 302 -14.76 34.43 11.00
N TYR A 303 -14.15 33.34 11.45
CA TYR A 303 -14.89 32.28 12.10
C TYR A 303 -14.44 32.19 13.56
N PRO A 304 -15.37 31.89 14.47
CA PRO A 304 -15.22 31.81 15.90
C PRO A 304 -14.45 30.56 16.30
N ILE A 305 -14.00 30.55 17.55
CA ILE A 305 -13.21 29.45 18.04
C ILE A 305 -14.08 28.33 18.53
N ILE A 306 -13.93 27.17 17.93
CA ILE A 306 -14.71 26.03 18.36
C ILE A 306 -13.86 25.11 19.19
N GLY A 307 -12.56 25.32 19.21
CA GLY A 307 -11.76 24.70 20.24
C GLY A 307 -10.33 24.46 19.89
N ASP A 308 -9.45 24.83 20.80
CA ASP A 308 -8.03 24.64 20.67
C ASP A 308 -7.47 25.09 19.35
N GLU A 309 -7.61 26.37 19.10
CA GLU A 309 -7.12 27.02 17.91
C GLU A 309 -6.06 27.97 18.26
N LEU A 310 -6.23 28.60 19.41
CA LEU A 310 -5.31 29.62 19.87
C LEU A 310 -3.93 29.06 20.20
N ARG A 311 -3.91 27.81 20.64
CA ARG A 311 -2.70 27.16 21.06
C ARG A 311 -1.92 26.68 19.84
N VAL A 312 -2.67 26.29 18.82
CA VAL A 312 -2.07 25.89 17.57
C VAL A 312 -1.53 27.08 16.81
N ASN A 313 -2.26 28.17 16.82
CA ASN A 313 -1.81 29.32 16.10
C ASN A 313 -0.55 29.91 16.73
N SER A 314 -0.47 30.00 18.07
CA SER A 314 0.76 30.58 18.60
C SER A 314 1.95 29.65 18.35
N ALA A 315 1.73 28.33 18.36
CA ALA A 315 2.80 27.39 18.07
C ALA A 315 3.30 27.55 16.66
N CYS A 316 2.37 27.62 15.71
CA CYS A 316 2.65 27.79 14.32
C CYS A 316 3.56 29.03 14.13
N ARG A 317 3.21 30.18 14.75
CA ARG A 317 4.01 31.41 14.60
C ARG A 317 5.37 31.36 15.28
N LYS A 318 5.41 30.75 16.46
CA LYS A 318 6.66 30.61 17.22
C LYS A 318 7.67 29.79 16.42
N VAL A 319 7.17 28.72 15.79
CA VAL A 319 7.98 27.83 14.97
C VAL A 319 8.35 28.51 13.70
N GLN A 320 7.38 29.15 13.06
CA GLN A 320 7.65 29.87 11.82
C GLN A 320 8.78 30.85 12.00
N HIS A 321 8.72 31.61 13.08
CA HIS A 321 9.75 32.56 13.41
C HIS A 321 11.11 31.90 13.62
N MET A 322 11.18 30.91 14.50
CA MET A 322 12.45 30.23 14.75
C MET A 322 13.09 29.71 13.47
N VAL A 323 12.31 29.03 12.66
CA VAL A 323 12.86 28.37 11.50
C VAL A 323 13.36 29.37 10.49
N VAL A 324 12.57 30.40 10.17
CA VAL A 324 12.98 31.39 9.17
C VAL A 324 14.12 32.25 9.69
N LYS A 325 14.04 32.66 10.95
CA LYS A 325 15.16 33.38 11.60
C LYS A 325 16.49 32.64 11.45
N SER A 326 16.49 31.37 11.86
CA SER A 326 17.65 30.51 11.84
C SER A 326 18.21 30.24 10.44
N ALA A 327 17.36 29.95 9.46
CA ALA A 327 17.83 29.67 8.08
C ALA A 327 18.47 30.89 7.47
N LEU A 328 17.98 32.08 7.80
CA LEU A 328 18.59 33.31 7.32
C LEU A 328 19.95 33.58 7.98
N LEU A 329 20.16 33.09 9.21
CA LEU A 329 21.46 33.27 9.85
C LEU A 329 22.40 32.19 9.44
N ALA A 330 21.84 31.03 9.15
CA ALA A 330 22.60 29.85 8.79
C ALA A 330 23.21 29.96 7.43
N ASP A 331 22.39 30.20 6.44
CA ASP A 331 22.86 30.22 5.08
C ASP A 331 22.95 31.64 4.49
N LYS A 332 22.70 32.66 5.31
CA LYS A 332 22.87 34.06 4.93
C LYS A 332 22.22 34.44 3.59
N PHE A 333 20.99 34.00 3.37
CA PHE A 333 20.36 34.31 2.11
C PHE A 333 20.21 35.83 1.97
N PRO A 334 20.46 36.37 0.77
CA PRO A 334 20.39 37.79 0.41
C PRO A 334 18.98 38.26 0.19
N VAL A 335 18.14 37.32 -0.27
CA VAL A 335 16.75 37.53 -0.61
C VAL A 335 15.79 36.47 -0.03
N LEU A 336 14.66 36.91 0.50
CA LEU A 336 13.62 36.00 0.94
C LEU A 336 12.37 36.25 0.09
N HIS A 337 11.94 35.22 -0.64
CA HIS A 337 10.77 35.31 -1.50
C HIS A 337 9.53 34.76 -0.76
N ASP A 338 8.80 35.63 -0.06
CA ASP A 338 7.66 35.20 0.77
C ASP A 338 6.40 34.99 -0.06
N ILE A 339 6.27 33.76 -0.59
CA ILE A 339 5.17 33.34 -1.46
C ILE A 339 3.95 32.89 -0.66
N GLY A 340 2.85 33.62 -0.78
CA GLY A 340 1.62 33.24 -0.06
C GLY A 340 1.29 34.18 1.08
N ASN A 341 1.77 35.42 0.99
CA ASN A 341 1.52 36.40 2.03
C ASN A 341 0.73 37.57 1.43
N PRO A 342 -0.60 37.62 1.64
CA PRO A 342 -1.54 38.64 1.18
C PRO A 342 -1.37 39.94 1.93
N LYS A 343 -0.64 39.91 3.05
CA LYS A 343 -0.40 41.10 3.84
C LYS A 343 1.07 41.44 3.72
N ALA A 344 1.53 42.44 4.42
CA ALA A 344 2.94 42.78 4.29
C ALA A 344 3.63 42.53 5.58
N ILE A 345 3.24 41.44 6.25
CA ILE A 345 3.82 41.07 7.53
C ILE A 345 4.97 40.11 7.46
N LYS A 346 6.08 40.50 8.10
CA LYS A 346 7.27 39.67 8.16
C LYS A 346 7.28 38.84 9.44
N CYS A 347 7.47 37.51 9.28
CA CYS A 347 7.55 36.60 10.44
C CYS A 347 8.88 36.76 11.24
N VAL A 348 9.89 37.35 10.61
CA VAL A 348 11.13 37.81 11.26
C VAL A 348 11.35 39.25 10.81
N PRO A 349 10.67 40.19 11.45
CA PRO A 349 10.62 41.61 11.12
C PRO A 349 11.97 42.32 11.28
N GLN A 350 12.86 41.75 12.12
CA GLN A 350 14.17 42.33 12.42
C GLN A 350 15.34 41.65 11.72
N ALA A 351 15.16 41.32 10.45
CA ALA A 351 16.19 40.62 9.68
C ALA A 351 16.73 41.51 8.58
N GLU A 352 17.97 41.31 8.23
CA GLU A 352 18.62 42.19 7.28
C GLU A 352 18.33 41.85 5.79
N VAL A 353 17.95 40.62 5.53
CA VAL A 353 17.61 40.14 4.19
C VAL A 353 16.60 41.07 3.42
N GLU A 354 16.63 41.03 2.08
CA GLU A 354 15.61 41.72 1.26
C GLU A 354 14.33 40.86 1.32
N TRP A 355 13.21 41.43 1.74
CA TRP A 355 11.99 40.61 1.90
C TRP A 355 10.97 40.97 0.84
N LYS A 356 10.78 40.08 -0.12
CA LYS A 356 9.83 40.34 -1.21
C LYS A 356 8.54 39.57 -0.95
N PHE A 357 7.39 40.20 -1.20
CA PHE A 357 6.13 39.51 -0.94
C PHE A 357 5.40 39.18 -2.21
N TYR A 358 4.76 38.02 -2.23
CA TYR A 358 3.99 37.56 -3.39
C TYR A 358 2.66 36.93 -2.94
N ASP A 359 1.62 37.04 -3.78
CA ASP A 359 0.35 36.34 -3.48
C ASP A 359 -0.64 36.47 -4.64
N ALA A 360 -1.60 35.54 -4.70
CA ALA A 360 -2.66 35.58 -5.71
C ALA A 360 -3.79 36.57 -5.33
N GLN A 361 -3.82 37.00 -4.04
CA GLN A 361 -4.82 37.93 -3.48
C GLN A 361 -4.21 39.14 -2.78
N PRO A 362 -3.11 39.69 -3.35
CA PRO A 362 -2.41 40.87 -2.80
C PRO A 362 -3.41 41.84 -2.20
N CYS A 363 -3.52 41.83 -0.86
CA CYS A 363 -4.50 42.66 -0.17
C CYS A 363 -4.40 44.11 -0.72
N SER A 364 -5.55 44.68 -1.09
CA SER A 364 -5.67 46.05 -1.67
C SER A 364 -5.14 47.10 -0.72
N ASP A 365 -5.45 46.94 0.56
CA ASP A 365 -4.91 47.78 1.61
C ASP A 365 -3.46 47.39 1.73
N LYS A 366 -2.58 48.25 1.24
CA LYS A 366 -1.17 48.04 0.94
C LYS A 366 -1.07 46.97 -0.18
N ALA A 367 -1.28 47.44 -1.40
CA ALA A 367 -1.23 46.55 -2.59
C ALA A 367 0.18 46.57 -3.23
N TYR A 368 0.77 47.78 -3.12
CA TYR A 368 2.11 48.13 -3.60
C TYR A 368 3.31 47.27 -3.10
N LYS A 369 3.14 46.57 -1.97
CA LYS A 369 4.22 45.76 -1.43
C LYS A 369 4.15 44.31 -1.89
N ILE A 370 3.13 43.95 -2.67
CA ILE A 370 2.99 42.55 -3.08
C ILE A 370 2.91 42.36 -4.59
N GLU A 371 3.74 41.46 -5.11
CA GLU A 371 3.68 41.12 -6.52
C GLU A 371 2.60 40.09 -6.70
N GLU A 372 1.64 40.41 -7.52
CA GLU A 372 0.57 39.48 -7.76
C GLU A 372 1.18 38.25 -8.43
N LEU A 373 0.90 37.08 -7.88
CA LEU A 373 1.47 35.85 -8.42
C LEU A 373 0.77 34.58 -7.96
N PHE A 374 0.53 33.67 -8.91
CA PHE A 374 0.01 32.34 -8.57
C PHE A 374 1.08 31.32 -8.96
N TYR A 375 1.80 30.80 -7.96
CA TYR A 375 2.94 29.92 -8.19
C TYR A 375 2.56 28.56 -8.80
N SER A 376 3.32 28.20 -9.83
CA SER A 376 3.22 26.90 -10.46
C SER A 376 4.61 26.42 -10.72
N TYR A 377 4.86 25.13 -10.52
CA TYR A 377 6.20 24.63 -10.73
C TYR A 377 6.47 24.68 -12.20
N ALA A 378 5.52 24.19 -12.96
CA ALA A 378 5.54 24.21 -14.42
C ALA A 378 6.04 25.53 -15.00
N ILE A 379 5.69 26.65 -14.35
CA ILE A 379 6.05 27.99 -14.81
C ILE A 379 7.26 28.62 -14.12
N HIS A 380 7.27 28.57 -12.79
CA HIS A 380 8.24 29.31 -12.01
C HIS A 380 9.41 28.51 -11.46
N HIS A 381 9.52 27.24 -11.80
CA HIS A 381 10.63 26.42 -11.31
C HIS A 381 12.02 27.01 -11.47
N ASP A 382 12.24 27.86 -12.48
CA ASP A 382 13.54 28.47 -12.69
C ASP A 382 13.58 29.97 -12.36
N LYS A 383 12.47 30.53 -11.85
CA LYS A 383 12.44 31.97 -11.63
C LYS A 383 13.00 32.46 -10.29
N PHE A 384 12.85 31.69 -9.21
CA PHE A 384 13.25 32.21 -7.91
C PHE A 384 14.57 31.67 -7.38
N THR A 385 15.57 31.63 -8.27
CA THR A 385 16.92 31.12 -8.03
C THR A 385 17.69 31.83 -6.91
N ASP A 386 17.54 33.15 -6.81
CA ASP A 386 18.32 33.90 -5.83
C ASP A 386 17.71 33.81 -4.47
N GLY A 387 18.55 33.48 -3.50
CA GLY A 387 18.11 33.38 -2.11
C GLY A 387 17.21 32.15 -1.81
N VAL A 388 16.18 32.39 -0.99
CA VAL A 388 15.30 31.33 -0.50
C VAL A 388 13.83 31.72 -0.57
N CYS A 389 13.00 30.72 -0.88
CA CYS A 389 11.56 30.89 -0.97
C CYS A 389 10.85 30.38 0.29
N LEU A 390 9.83 31.12 0.74
CA LEU A 390 9.07 30.72 1.92
C LEU A 390 7.62 30.42 1.58
N PHE A 391 7.23 29.17 1.80
CA PHE A 391 5.88 28.70 1.54
C PHE A 391 5.27 28.22 2.84
N TRP A 392 4.83 29.13 3.69
CA TRP A 392 4.30 28.67 4.97
C TRP A 392 2.79 28.59 4.83
N ASN A 393 2.30 27.37 4.59
CA ASN A 393 0.88 27.11 4.34
C ASN A 393 0.42 27.88 3.10
N CYS A 394 1.16 27.63 2.03
CA CYS A 394 0.94 28.16 0.70
C CYS A 394 1.09 26.98 -0.24
N ASN A 395 0.00 26.25 -0.38
CA ASN A 395 0.04 24.93 -0.98
C ASN A 395 0.04 24.90 -2.51
N VAL A 396 1.19 24.53 -3.06
CA VAL A 396 1.39 24.48 -4.49
C VAL A 396 1.61 23.07 -4.99
N ASP A 397 2.04 23.02 -6.25
CA ASP A 397 2.47 21.90 -7.07
C ASP A 397 3.75 21.45 -6.42
N ARG A 398 4.61 20.80 -7.16
CA ARG A 398 5.95 20.56 -6.64
C ARG A 398 6.65 21.89 -6.11
N TYR A 399 7.37 21.78 -4.99
CA TYR A 399 8.08 22.93 -4.41
C TYR A 399 9.53 22.96 -4.94
N PRO A 400 10.14 24.15 -5.11
CA PRO A 400 11.49 24.41 -5.57
C PRO A 400 12.46 24.00 -4.46
N ALA A 401 13.65 23.55 -4.84
CA ALA A 401 14.63 23.07 -3.87
C ALA A 401 15.03 24.12 -2.83
N ASN A 402 15.07 25.39 -3.19
CA ASN A 402 15.52 26.42 -2.24
C ASN A 402 14.41 26.96 -1.36
N ALA A 403 13.68 26.07 -0.69
CA ALA A 403 12.51 26.48 0.03
C ALA A 403 12.35 26.00 1.45
N ILE A 404 11.63 26.82 2.23
CA ILE A 404 11.21 26.56 3.58
C ILE A 404 9.73 26.38 3.54
N VAL A 405 9.28 25.19 3.89
CA VAL A 405 7.89 24.85 3.68
C VAL A 405 7.15 24.35 4.93
N CYS A 406 5.88 24.76 5.04
CA CYS A 406 4.96 24.23 6.05
C CYS A 406 3.65 23.83 5.36
N ARG A 407 3.26 22.55 5.51
CA ARG A 407 2.07 22.08 4.82
C ARG A 407 1.17 21.26 5.72
N PHE A 408 -0.10 21.63 5.70
CA PHE A 408 -1.12 20.93 6.46
C PHE A 408 -1.49 19.59 5.84
N ASP A 409 -1.45 18.55 6.65
CA ASP A 409 -1.85 17.23 6.20
C ASP A 409 -3.36 17.13 6.30
N THR A 410 -4.03 17.14 5.15
CA THR A 410 -5.48 17.09 5.05
C THR A 410 -6.14 15.84 5.63
N ARG A 411 -5.35 14.80 5.84
CA ARG A 411 -5.84 13.54 6.35
C ARG A 411 -6.10 13.57 7.86
N VAL A 412 -5.63 14.62 8.53
CA VAL A 412 -5.79 14.73 9.97
C VAL A 412 -7.14 15.24 10.36
N LEU A 413 -7.86 14.43 11.12
CA LEU A 413 -9.19 14.78 11.53
C LEU A 413 -9.28 15.63 12.78
N SER A 414 -10.15 16.63 12.67
CA SER A 414 -10.45 17.54 13.76
C SER A 414 -11.73 18.32 13.46
N ASN A 415 -12.13 19.18 14.42
CA ASN A 415 -13.28 20.09 14.26
C ASN A 415 -12.96 21.23 13.32
N LEU A 416 -11.70 21.35 12.97
CA LEU A 416 -11.30 22.45 12.18
C LEU A 416 -11.22 22.02 10.75
N ASN A 417 -10.88 20.74 10.55
CA ASN A 417 -10.69 20.21 9.21
C ASN A 417 -11.96 19.55 8.69
N LEU A 418 -12.61 20.24 7.74
CA LEU A 418 -13.84 19.81 7.09
C LEU A 418 -13.57 19.36 5.65
N PRO A 419 -14.38 18.49 5.06
CA PRO A 419 -14.30 18.00 3.68
C PRO A 419 -14.39 19.10 2.62
N GLY A 420 -13.71 18.88 1.51
CA GLY A 420 -13.70 19.85 0.43
C GLY A 420 -13.48 19.21 -0.90
N CYS A 421 -13.04 20.01 -1.86
CA CYS A 421 -12.81 19.56 -3.22
C CYS A 421 -11.76 18.51 -3.44
N ASP A 422 -11.82 17.91 -4.61
CA ASP A 422 -10.92 16.86 -5.06
C ASP A 422 -10.67 15.81 -4.00
N GLY A 423 -9.69 16.04 -3.15
CA GLY A 423 -9.42 15.11 -2.08
C GLY A 423 -8.96 15.99 -0.95
N GLY A 424 -9.06 17.28 -1.17
CA GLY A 424 -8.57 18.21 -0.16
C GLY A 424 -9.57 18.52 0.91
N SER A 425 -9.37 19.65 1.56
CA SER A 425 -10.21 19.98 2.66
C SER A 425 -10.22 21.44 3.00
N LEU A 426 -11.23 21.81 3.75
CA LEU A 426 -11.40 23.18 4.16
C LEU A 426 -10.96 23.28 5.60
N TYR A 427 -9.76 23.78 5.83
CA TYR A 427 -9.28 23.94 7.19
C TYR A 427 -9.78 25.29 7.68
N VAL A 428 -10.70 25.27 8.64
CA VAL A 428 -11.27 26.51 9.11
C VAL A 428 -10.80 26.75 10.48
N ASN A 429 -9.74 27.52 10.61
CA ASN A 429 -9.25 27.90 11.92
C ASN A 429 -9.90 29.20 12.25
N LYS A 430 -9.16 30.26 12.13
CA LYS A 430 -9.72 31.55 12.15
C LYS A 430 -9.59 31.77 10.68
N HIS A 431 -10.62 32.24 10.01
CA HIS A 431 -10.54 32.35 8.53
C HIS A 431 -10.56 30.96 7.84
N ALA A 432 -11.10 30.87 6.65
CA ALA A 432 -11.22 29.57 6.02
C ALA A 432 -10.21 29.39 4.93
N PHE A 433 -9.52 28.26 4.99
CA PHE A 433 -8.45 28.01 4.04
C PHE A 433 -8.59 26.71 3.26
N HIS A 434 -8.91 26.79 1.98
CA HIS A 434 -9.00 25.52 1.28
C HIS A 434 -7.61 25.01 0.97
N THR A 435 -7.30 23.86 1.54
CA THR A 435 -6.02 23.16 1.40
C THR A 435 -6.14 21.91 0.48
N PRO A 436 -5.42 21.89 -0.65
CA PRO A 436 -5.29 20.76 -1.57
C PRO A 436 -4.68 19.57 -0.85
N ALA A 437 -5.08 18.36 -1.26
CA ALA A 437 -4.67 17.13 -0.56
C ALA A 437 -3.18 16.96 -0.46
N PHE A 438 -2.74 16.50 0.70
CA PHE A 438 -1.33 16.27 0.91
C PHE A 438 -0.78 15.26 -0.14
N ASP A 439 0.18 15.72 -0.96
CA ASP A 439 0.85 14.91 -2.00
C ASP A 439 2.33 14.81 -1.74
N LYS A 440 2.74 13.65 -1.26
CA LYS A 440 4.13 13.34 -0.94
C LYS A 440 5.15 13.82 -2.00
N SER A 441 4.84 13.70 -3.30
CA SER A 441 5.82 14.04 -4.35
C SER A 441 6.12 15.52 -4.51
N ALA A 442 5.37 16.40 -3.84
CA ALA A 442 5.64 17.83 -3.91
C ALA A 442 6.94 18.19 -3.15
N PHE A 443 7.41 17.29 -2.32
CA PHE A 443 8.58 17.54 -1.55
C PHE A 443 9.82 16.87 -2.07
N THR A 444 9.78 16.42 -3.33
CA THR A 444 10.93 15.75 -3.97
C THR A 444 12.22 16.49 -3.81
N ASN A 445 12.15 17.80 -3.94
CA ASN A 445 13.32 18.64 -3.91
C ASN A 445 13.74 19.06 -2.47
N LEU A 446 13.03 18.56 -1.47
CA LEU A 446 13.28 18.98 -0.10
C LEU A 446 13.59 17.86 0.87
N LYS A 447 13.97 18.30 2.06
CA LYS A 447 14.36 17.50 3.20
C LYS A 447 13.35 17.70 4.31
N GLN A 448 13.03 16.65 5.04
CA GLN A 448 12.13 16.86 6.16
C GLN A 448 12.97 17.56 7.27
N LEU A 449 12.50 18.70 7.77
CA LEU A 449 13.21 19.53 8.76
C LEU A 449 13.24 18.95 10.14
N PRO A 450 14.43 18.59 10.67
CA PRO A 450 14.67 18.01 11.99
C PRO A 450 14.50 19.08 13.07
N PHE A 451 14.20 18.64 14.29
CA PHE A 451 13.99 19.55 15.39
C PHE A 451 15.25 20.20 15.92
N PHE A 452 15.21 21.50 16.07
CA PHE A 452 16.31 22.20 16.69
C PHE A 452 15.77 23.47 17.33
N TYR A 453 16.54 24.00 18.23
CA TYR A 453 16.23 25.24 18.88
C TYR A 453 17.44 26.11 18.85
N TYR A 454 17.27 27.35 18.50
CA TYR A 454 18.40 28.26 18.41
C TYR A 454 18.13 29.59 19.07
N SER A 455 19.07 30.02 19.90
CA SER A 455 18.97 31.35 20.48
C SER A 455 20.34 31.94 20.69
N ASP A 456 20.50 33.17 20.23
CA ASP A 456 21.72 33.91 20.44
C ASP A 456 21.48 35.06 21.44
N SER A 457 20.40 34.94 22.23
CA SER A 457 20.06 35.92 23.24
C SER A 457 21.00 35.78 24.45
N PRO A 458 20.98 36.76 25.34
CA PRO A 458 21.66 36.82 26.61
C PRO A 458 21.18 35.69 27.49
N CYS A 459 22.02 35.27 28.44
CA CYS A 459 21.66 34.20 29.39
C CYS A 459 21.34 34.63 30.86
N GLU A 460 20.66 33.74 31.60
CA GLU A 460 20.36 33.93 33.03
C GLU A 460 20.65 32.61 33.79
N TYR A 472 12.25 21.28 39.21
CA TYR A 472 13.49 21.67 39.87
C TYR A 472 14.76 21.25 39.04
N VAL A 473 14.69 20.06 38.43
CA VAL A 473 15.81 19.43 37.67
C VAL A 473 15.95 19.85 36.17
N PRO A 474 17.15 20.30 35.73
CA PRO A 474 17.57 20.73 34.39
C PRO A 474 17.94 19.61 33.45
N LEU A 475 17.83 19.90 32.14
CA LEU A 475 18.13 18.94 31.06
C LEU A 475 19.07 19.41 29.98
N LYS A 476 19.85 18.43 29.54
CA LYS A 476 20.76 18.55 28.44
C LYS A 476 20.17 17.87 27.22
N SER A 477 20.44 18.47 26.06
CA SER A 477 19.97 18.07 24.74
C SER A 477 20.96 18.54 23.71
N ALA A 478 21.10 17.75 22.66
CA ALA A 478 22.01 18.11 21.58
C ALA A 478 21.34 19.03 20.57
N THR A 479 20.01 19.14 20.67
CA THR A 479 19.22 19.93 19.71
C THR A 479 19.11 21.38 20.14
N CYS A 480 19.47 21.64 21.40
CA CYS A 480 19.50 22.99 21.90
C CYS A 480 20.75 23.70 21.43
N ILE A 481 20.63 24.52 20.41
CA ILE A 481 21.77 25.24 19.88
C ILE A 481 21.82 26.56 20.53
N THR A 482 22.62 26.63 21.54
CA THR A 482 22.73 27.86 22.24
C THR A 482 24.13 28.03 22.73
N ARG A 483 24.53 29.29 22.90
CA ARG A 483 25.88 29.61 23.36
C ARG A 483 26.24 28.91 24.67
N CYS A 484 25.22 28.54 25.44
CA CYS A 484 25.43 27.86 26.71
C CYS A 484 25.02 26.39 26.62
N ASN A 485 25.79 25.61 25.86
CA ASN A 485 25.51 24.19 25.69
C ASN A 485 26.78 23.41 25.36
N LEU A 486 27.89 24.13 25.23
CA LEU A 486 29.18 23.51 24.92
C LEU A 486 29.62 22.57 26.04
N GLY A 487 28.66 22.03 26.77
CA GLY A 487 28.96 21.12 27.86
C GLY A 487 28.57 21.74 29.18
N GLY A 488 27.35 21.44 29.61
CA GLY A 488 26.83 21.92 30.89
C GLY A 488 26.55 23.39 31.03
N ALA A 489 25.33 23.80 30.74
CA ALA A 489 24.96 25.20 30.83
C ALA A 489 23.46 25.26 30.82
N VAL A 490 22.83 24.28 31.41
CA VAL A 490 21.41 24.34 31.32
C VAL A 490 20.78 25.73 31.55
N CYS A 491 21.54 26.82 31.40
CA CYS A 491 21.12 28.21 31.44
C CYS A 491 19.64 28.35 31.66
N ARG A 492 19.24 28.54 32.90
CA ARG A 492 17.84 28.51 33.28
C ARG A 492 16.88 29.20 32.34
N HIS A 493 17.23 30.40 31.90
CA HIS A 493 16.40 31.17 30.97
C HIS A 493 16.16 30.44 29.67
N HIS A 494 17.22 30.11 28.95
CA HIS A 494 17.09 29.33 27.74
C HIS A 494 16.87 27.84 27.87
N ALA A 495 16.78 27.36 29.11
CA ALA A 495 16.24 26.04 29.35
C ALA A 495 14.75 26.10 29.16
N ASN A 496 14.10 27.10 29.78
CA ASN A 496 12.66 27.28 29.67
C ASN A 496 12.24 27.51 28.27
N GLU A 497 12.89 28.49 27.66
CA GLU A 497 12.54 28.90 26.32
C GLU A 497 12.65 27.70 25.36
N TYR A 498 13.70 26.87 25.51
CA TYR A 498 13.83 25.61 24.76
C TYR A 498 12.64 24.67 25.01
N ARG A 499 12.31 24.43 26.29
CA ARG A 499 11.23 23.50 26.62
C ARG A 499 9.88 23.96 26.08
N GLN A 500 9.65 25.29 26.09
CA GLN A 500 8.43 25.88 25.55
C GLN A 500 8.37 25.71 24.05
N TYR A 501 9.46 26.03 23.36
CA TYR A 501 9.55 25.85 21.93
C TYR A 501 9.34 24.39 21.58
N LEU A 502 9.93 23.50 22.36
CA LEU A 502 9.73 22.08 22.14
C LEU A 502 8.25 21.74 22.15
N ASP A 503 7.51 22.23 23.19
CA ASP A 503 6.06 21.98 23.25
C ASP A 503 5.33 22.55 22.04
N ALA A 504 5.67 23.76 21.67
CA ALA A 504 5.05 24.39 20.53
C ALA A 504 5.31 23.59 19.25
N TYR A 505 6.53 23.14 19.09
CA TYR A 505 6.89 22.36 17.94
C TYR A 505 6.03 21.10 17.88
N ASN A 506 5.96 20.35 18.99
CA ASN A 506 5.18 19.12 19.03
C ASN A 506 3.69 19.33 18.86
N MET A 507 3.22 20.51 19.27
CA MET A 507 1.84 20.86 19.10
C MET A 507 1.52 20.81 17.66
N MET A 508 2.29 21.55 16.89
CA MET A 508 1.96 21.65 15.51
C MET A 508 2.26 20.41 14.72
N ILE A 509 3.16 19.57 15.20
CA ILE A 509 3.38 18.33 14.47
C ILE A 509 2.18 17.42 14.58
N SER A 510 1.69 17.28 15.81
CA SER A 510 0.53 16.44 16.08
C SER A 510 -0.78 17.14 15.71
N ALA A 511 -0.71 18.45 15.47
CA ALA A 511 -1.85 19.16 14.94
C ALA A 511 -2.00 18.94 13.40
N GLY A 512 -1.07 18.18 12.79
CA GLY A 512 -1.13 17.83 11.37
C GLY A 512 -0.15 18.55 10.43
N PHE A 513 0.67 19.46 10.93
CA PHE A 513 1.51 20.22 10.03
C PHE A 513 2.84 19.55 9.84
N SER A 514 3.32 19.66 8.62
CA SER A 514 4.51 19.00 8.17
C SER A 514 5.58 20.05 7.78
N LEU A 515 6.83 19.84 8.17
CA LEU A 515 7.89 20.81 7.84
C LEU A 515 9.00 20.27 6.94
N TRP A 516 9.30 21.01 5.89
CA TRP A 516 10.34 20.61 4.94
C TRP A 516 11.25 21.80 4.61
N ILE A 517 12.51 21.53 4.27
CA ILE A 517 13.45 22.62 4.07
C ILE A 517 14.51 22.23 3.07
N TYR A 518 15.13 23.22 2.43
CA TYR A 518 16.20 22.93 1.50
C TYR A 518 17.24 21.98 2.11
N LYS A 519 17.76 21.06 1.29
CA LYS A 519 18.64 20.00 1.77
C LYS A 519 19.95 20.47 2.40
N GLN A 520 20.38 21.67 2.05
CA GLN A 520 21.63 22.21 2.55
C GLN A 520 21.52 22.77 3.99
N PHE A 521 20.31 22.76 4.57
CA PHE A 521 20.14 23.27 5.93
C PHE A 521 20.97 22.41 6.83
N ASP A 522 21.78 23.07 7.63
CA ASP A 522 22.73 22.40 8.50
C ASP A 522 22.85 23.17 9.78
N THR A 523 22.62 22.49 10.92
CA THR A 523 22.69 23.14 12.23
C THR A 523 24.09 23.58 12.61
N TYR A 524 25.13 23.12 11.92
CA TYR A 524 26.46 23.62 12.20
C TYR A 524 26.67 25.03 11.72
N ASN A 525 25.79 25.52 10.87
CA ASN A 525 25.86 26.89 10.45
C ASN A 525 25.46 27.76 11.64
N LEU A 526 24.64 27.17 12.51
CA LEU A 526 24.12 27.83 13.68
C LEU A 526 25.08 27.67 14.80
N TRP A 527 25.64 26.47 14.93
CA TRP A 527 26.64 26.25 15.97
C TRP A 527 27.84 27.12 15.73
N ASN A 528 28.18 27.30 14.45
CA ASN A 528 29.31 28.10 14.04
C ASN A 528 29.22 29.55 14.51
N THR A 529 28.04 30.03 14.93
CA THR A 529 27.96 31.40 15.40
C THR A 529 28.47 31.47 16.82
N PHE A 530 28.70 30.31 17.40
CA PHE A 530 29.17 30.18 18.78
C PHE A 530 30.55 29.58 18.88
N THR A 531 31.00 28.94 17.82
CA THR A 531 32.31 28.34 17.80
C THR A 531 33.33 29.28 17.17
N ARG A 532 33.44 30.47 17.71
CA ARG A 532 34.00 31.61 17.03
C ARG A 532 34.01 32.78 18.02
N ALA B 8 50.72 6.12 9.64
CA ALA B 8 51.87 6.74 9.02
C ALA B 8 51.74 6.76 7.49
N GLU B 9 50.63 6.24 6.99
CA GLU B 9 50.37 6.20 5.57
C GLU B 9 50.21 7.60 4.99
N ASN B 10 51.31 8.33 4.91
CA ASN B 10 51.29 9.70 4.38
C ASN B 10 49.94 9.76 3.70
N VAL B 11 49.02 10.51 4.28
CA VAL B 11 47.69 10.51 3.75
C VAL B 11 47.63 11.48 2.62
N THR B 12 46.68 11.30 1.72
CA THR B 12 46.60 12.21 0.59
C THR B 12 45.63 13.34 0.82
N GLY B 13 44.49 13.00 1.43
CA GLY B 13 43.48 14.00 1.70
C GLY B 13 42.50 14.07 0.55
N LEU B 14 42.87 13.62 -0.64
CA LEU B 14 41.94 13.70 -1.69
C LEU B 14 40.75 13.24 -0.94
N PHE B 15 39.63 13.86 -1.10
CA PHE B 15 38.49 13.45 -0.35
C PHE B 15 38.63 13.73 1.14
N LYS B 16 39.42 14.75 1.46
CA LYS B 16 39.57 15.24 2.81
C LYS B 16 38.23 15.69 3.38
N ASP B 17 37.97 15.34 4.62
CA ASP B 17 36.73 15.70 5.28
C ASP B 17 36.86 17.06 5.91
N CYS B 18 36.27 18.04 5.25
CA CYS B 18 36.39 19.44 5.62
C CYS B 18 35.31 19.88 6.61
N SER B 19 34.53 18.97 7.15
CA SER B 19 33.44 19.38 8.03
C SER B 19 33.99 19.83 9.34
N LYS B 20 33.19 20.66 10.04
CA LYS B 20 33.54 21.12 11.37
C LYS B 20 33.05 20.18 12.47
N ILE B 21 32.47 19.06 12.09
CA ILE B 21 32.07 18.06 13.05
C ILE B 21 33.29 17.45 13.74
N ILE B 22 33.39 17.61 15.05
CA ILE B 22 34.48 16.97 15.74
C ILE B 22 34.18 15.51 15.53
N THR B 23 34.43 14.71 16.54
CA THR B 23 34.17 13.28 16.49
C THR B 23 34.72 12.52 15.29
N GLY B 24 34.04 11.46 14.92
CA GLY B 24 34.49 10.64 13.84
C GLY B 24 33.30 10.05 13.17
N LEU B 25 33.38 8.83 12.69
CA LEU B 25 32.24 8.31 11.99
C LEU B 25 32.00 6.87 12.33
N HIS B 26 30.75 6.50 12.47
CA HIS B 26 30.41 5.12 12.79
C HIS B 26 31.00 4.22 11.74
N PRO B 27 31.53 3.05 12.07
CA PRO B 27 32.15 2.11 11.16
C PRO B 27 31.28 1.83 9.90
N THR B 28 29.96 1.83 10.04
CA THR B 28 29.10 1.56 8.88
C THR B 28 28.87 2.72 7.94
N GLN B 29 29.18 3.93 8.41
CA GLN B 29 28.95 5.16 7.65
C GLN B 29 30.26 5.81 7.18
N ALA B 30 31.34 5.45 7.85
CA ALA B 30 32.63 5.91 7.47
C ALA B 30 32.98 5.21 6.18
N PRO B 31 33.69 5.91 5.30
CA PRO B 31 34.13 5.41 4.03
C PRO B 31 35.47 4.80 4.18
N THR B 32 36.25 5.31 5.11
CA THR B 32 37.57 4.71 5.27
C THR B 32 37.90 4.41 6.69
N HIS B 33 38.89 3.55 6.84
CA HIS B 33 39.39 3.22 8.14
C HIS B 33 39.74 4.49 8.89
N LEU B 34 40.46 5.40 8.22
CA LEU B 34 40.90 6.63 8.86
C LEU B 34 39.73 7.51 9.31
N SER B 35 38.66 7.53 8.54
CA SER B 35 37.53 8.39 8.87
C SER B 35 36.67 7.88 10.05
N VAL B 36 36.95 6.68 10.56
CA VAL B 36 36.22 6.13 11.70
C VAL B 36 36.66 6.79 13.02
N ASP B 37 35.71 7.04 13.91
CA ASP B 37 35.99 7.64 15.21
C ASP B 37 36.96 6.79 15.99
N ILE B 38 37.91 7.45 16.64
CA ILE B 38 38.88 6.76 17.51
C ILE B 38 38.20 5.87 18.59
N LYS B 39 36.96 6.22 18.97
CA LYS B 39 36.16 5.47 19.95
C LYS B 39 35.79 4.04 19.50
N PHE B 40 36.02 3.70 18.23
CA PHE B 40 35.72 2.34 17.83
C PHE B 40 37.01 1.62 17.43
N LYS B 41 38.15 2.24 17.66
CA LYS B 41 39.37 1.61 17.19
C LYS B 41 40.17 0.90 18.24
N THR B 42 40.61 -0.30 17.89
CA THR B 42 41.43 -1.10 18.77
C THR B 42 42.34 -2.01 17.95
N GLU B 43 43.58 -2.19 18.40
CA GLU B 43 44.57 -3.10 17.79
C GLU B 43 44.53 -3.15 16.24
N GLY B 44 44.47 -1.98 15.59
CA GLY B 44 44.50 -1.92 14.14
C GLY B 44 43.14 -2.13 13.45
N LEU B 45 42.14 -2.54 14.20
CA LEU B 45 40.82 -2.78 13.63
C LEU B 45 39.77 -1.85 14.18
N CYS B 46 38.56 -2.04 13.70
CA CYS B 46 37.43 -1.29 14.21
C CYS B 46 36.46 -2.27 14.78
N VAL B 47 35.72 -1.85 15.78
CA VAL B 47 34.75 -2.75 16.37
C VAL B 47 33.42 -2.08 16.60
N ASP B 48 32.33 -2.83 16.34
CA ASP B 48 30.99 -2.31 16.53
C ASP B 48 30.65 -2.18 17.97
N ILE B 49 30.56 -0.98 18.42
CA ILE B 49 30.12 -0.75 19.78
C ILE B 49 28.71 -0.28 19.65
N PRO B 50 27.72 -1.08 19.99
CA PRO B 50 26.32 -0.75 19.80
C PRO B 50 25.91 0.40 20.71
N GLY B 51 26.66 0.60 21.79
CA GLY B 51 26.37 1.69 22.69
C GLY B 51 26.80 3.04 22.15
N ILE B 52 27.61 3.04 21.08
CA ILE B 52 28.00 4.28 20.43
C ILE B 52 27.38 4.18 19.06
N PRO B 53 26.12 4.57 18.95
CA PRO B 53 25.26 4.41 17.80
C PRO B 53 25.69 5.21 16.56
N LYS B 54 25.18 4.82 15.40
CA LYS B 54 25.47 5.55 14.19
C LYS B 54 24.69 6.89 14.19
N ASP B 55 25.08 7.81 13.31
CA ASP B 55 24.48 9.14 13.29
C ASP B 55 23.22 9.17 12.46
N MET B 56 22.15 9.73 12.99
CA MET B 56 20.94 9.75 12.18
C MET B 56 21.01 10.72 11.05
N THR B 57 21.67 11.84 11.25
CA THR B 57 21.76 12.79 10.16
C THR B 57 23.02 13.65 10.24
N TYR B 58 23.64 13.89 9.08
CA TYR B 58 24.84 14.70 9.00
C TYR B 58 25.11 15.23 7.61
N ARG B 59 26.03 16.21 7.52
CA ARG B 59 26.53 16.76 6.25
C ARG B 59 28.03 17.05 6.34
N ARG B 60 28.81 16.27 5.58
CA ARG B 60 30.25 16.40 5.56
C ARG B 60 30.80 16.76 4.21
N LEU B 61 31.31 17.99 4.05
CA LEU B 61 31.93 18.40 2.78
C LEU B 61 33.24 17.66 2.54
N ILE B 62 33.34 17.07 1.36
CA ILE B 62 34.49 16.28 0.91
C ILE B 62 35.30 17.05 -0.14
N SER B 63 36.62 17.12 0.06
CA SER B 63 37.50 17.87 -0.84
C SER B 63 37.74 17.13 -2.13
N MET B 64 37.54 17.82 -3.25
CA MET B 64 37.83 17.22 -4.55
C MET B 64 39.25 17.58 -5.04
N MET B 65 40.07 18.13 -4.16
CA MET B 65 41.38 18.54 -4.55
C MET B 65 42.44 17.42 -4.50
N GLY B 66 43.28 17.38 -5.55
CA GLY B 66 44.45 16.47 -5.64
C GLY B 66 44.16 15.13 -6.29
N PHE B 67 43.47 15.16 -7.45
CA PHE B 67 43.03 13.95 -8.12
C PHE B 67 44.08 13.01 -8.68
N LYS B 68 45.16 13.53 -9.26
CA LYS B 68 46.25 12.61 -9.71
C LYS B 68 45.83 11.58 -10.83
N MET B 69 45.83 11.97 -12.10
CA MET B 69 45.58 11.00 -13.18
C MET B 69 46.81 10.42 -13.83
N ASN B 70 47.14 9.20 -13.41
CA ASN B 70 48.33 8.54 -13.90
C ASN B 70 48.12 7.05 -14.13
N TYR B 71 46.86 6.67 -14.34
CA TYR B 71 46.53 5.27 -14.59
C TYR B 71 46.89 4.85 -16.02
N GLN B 72 47.06 3.54 -16.20
CA GLN B 72 47.37 2.95 -17.50
C GLN B 72 46.40 1.82 -17.71
N VAL B 73 45.23 2.15 -18.21
CA VAL B 73 44.24 1.11 -18.39
C VAL B 73 44.01 0.91 -19.87
N ASN B 74 44.17 -0.33 -20.31
CA ASN B 74 44.19 -0.69 -21.74
C ASN B 74 43.31 0.12 -22.69
N GLY B 75 42.00 0.11 -22.51
CA GLY B 75 41.15 0.83 -23.47
C GLY B 75 40.96 2.34 -23.24
N TYR B 76 41.61 2.89 -22.22
CA TYR B 76 41.33 4.26 -21.85
C TYR B 76 42.50 5.19 -22.22
N PRO B 77 42.21 6.35 -22.80
CA PRO B 77 43.16 7.35 -23.22
C PRO B 77 43.79 8.09 -22.05
N ASN B 78 45.02 8.52 -22.23
CA ASN B 78 45.71 9.36 -21.23
C ASN B 78 45.23 10.78 -21.45
N MET B 79 44.80 11.45 -20.39
CA MET B 79 44.28 12.80 -20.60
C MET B 79 45.41 13.77 -20.76
N PHE B 80 46.46 13.55 -20.01
CA PHE B 80 47.62 14.37 -20.13
C PHE B 80 48.45 13.83 -21.27
N ILE B 81 48.63 14.67 -22.27
CA ILE B 81 49.31 14.30 -23.49
C ILE B 81 50.68 14.89 -23.51
N THR B 82 51.47 14.47 -24.50
CA THR B 82 52.84 14.94 -24.62
C THR B 82 52.89 16.27 -25.35
N ARG B 83 54.01 16.97 -25.25
CA ARG B 83 54.15 18.27 -25.92
C ARG B 83 53.98 18.13 -27.41
N GLU B 84 54.57 17.09 -27.97
CA GLU B 84 54.41 16.80 -29.37
C GLU B 84 52.97 16.73 -29.77
N GLU B 85 52.19 15.90 -29.08
CA GLU B 85 50.79 15.72 -29.43
C GLU B 85 50.07 17.00 -29.32
N ALA B 86 50.44 17.82 -28.33
CA ALA B 86 49.80 19.11 -28.18
C ALA B 86 50.00 19.91 -29.43
N ILE B 87 51.23 19.93 -29.91
CA ILE B 87 51.58 20.63 -31.11
C ILE B 87 50.90 20.09 -32.34
N ARG B 88 50.88 18.78 -32.43
CA ARG B 88 50.30 18.15 -33.59
C ARG B 88 48.80 18.45 -33.65
N HIS B 89 48.18 18.53 -32.46
CA HIS B 89 46.78 18.85 -32.35
C HIS B 89 46.53 20.29 -31.93
N VAL B 90 47.14 21.25 -32.60
CA VAL B 90 46.84 22.61 -32.24
C VAL B 90 45.35 22.74 -32.51
N ARG B 91 44.89 23.92 -32.86
CA ARG B 91 43.49 24.15 -33.21
C ARG B 91 42.33 23.47 -32.47
N ALA B 92 42.46 23.25 -31.18
CA ALA B 92 41.72 22.29 -30.39
C ALA B 92 42.56 22.44 -29.19
N TRP B 93 42.75 23.68 -28.84
CA TRP B 93 43.62 24.09 -27.78
C TRP B 93 42.92 25.21 -27.12
N ILE B 94 42.18 24.91 -26.07
CA ILE B 94 41.49 25.89 -25.30
C ILE B 94 42.26 26.08 -23.98
N GLY B 95 42.61 27.30 -23.67
CA GLY B 95 43.28 27.59 -22.42
C GLY B 95 42.23 27.58 -21.32
N PHE B 96 42.61 27.14 -20.15
CA PHE B 96 41.64 27.05 -19.06
C PHE B 96 42.22 27.39 -17.72
N ASP B 97 41.58 28.34 -17.04
CA ASP B 97 42.00 28.76 -15.71
C ASP B 97 40.78 29.01 -14.88
N VAL B 98 40.83 28.54 -13.64
CA VAL B 98 39.70 28.74 -12.78
C VAL B 98 40.08 29.48 -11.54
N GLU B 99 39.26 30.45 -11.18
CA GLU B 99 39.40 31.17 -9.95
C GLU B 99 38.41 30.57 -8.98
N GLY B 100 38.90 30.17 -7.82
CA GLY B 100 38.00 29.54 -6.87
C GLY B 100 37.62 30.44 -5.71
N CYS B 101 36.85 29.83 -4.78
CA CYS B 101 36.37 30.43 -3.55
C CYS B 101 36.52 29.37 -2.45
N HIS B 102 36.33 29.74 -1.19
CA HIS B 102 36.62 28.82 -0.10
C HIS B 102 35.38 28.32 0.66
N ALA B 103 35.38 27.05 1.11
CA ALA B 103 34.28 26.55 1.94
C ALA B 103 34.35 27.28 3.26
N THR B 104 33.20 27.55 3.95
CA THR B 104 33.37 28.36 5.19
C THR B 104 32.51 28.25 6.47
N ARG B 105 31.21 28.03 6.43
CA ARG B 105 30.49 28.13 7.72
C ARG B 105 30.41 26.76 8.37
N ASP B 106 29.76 25.81 7.67
CA ASP B 106 29.62 24.44 8.14
C ASP B 106 30.80 23.53 7.84
N ALA B 107 31.74 24.02 7.04
CA ALA B 107 32.93 23.26 6.65
C ALA B 107 34.05 24.21 6.26
N VAL B 108 35.26 23.69 6.16
CA VAL B 108 36.36 24.51 5.72
C VAL B 108 37.63 23.69 5.48
N GLY B 109 38.28 23.98 4.38
CA GLY B 109 39.55 23.36 4.07
C GLY B 109 39.64 22.96 2.62
N THR B 110 38.79 23.51 1.77
CA THR B 110 38.83 23.15 0.36
C THR B 110 38.36 24.30 -0.50
N ASN B 111 38.76 24.26 -1.77
CA ASN B 111 38.41 25.30 -2.73
C ASN B 111 37.34 24.82 -3.69
N LEU B 112 36.40 25.70 -3.98
CA LEU B 112 35.30 25.42 -4.86
C LEU B 112 35.41 26.34 -6.06
N PRO B 113 35.02 25.88 -7.26
CA PRO B 113 35.13 26.62 -8.50
C PRO B 113 34.08 27.70 -8.53
N LEU B 114 34.54 28.95 -8.72
CA LEU B 114 33.73 30.16 -8.79
C LEU B 114 33.66 30.75 -10.20
N GLN B 115 34.79 31.16 -10.77
CA GLN B 115 34.80 31.72 -12.12
C GLN B 115 35.67 30.87 -13.03
N LEU B 116 35.10 30.41 -14.14
CA LEU B 116 35.83 29.54 -15.05
C LEU B 116 36.13 30.27 -16.31
N GLY B 117 37.42 30.41 -16.59
CA GLY B 117 37.85 31.17 -17.74
C GLY B 117 38.47 30.31 -18.82
N PHE B 118 38.13 30.65 -20.04
CA PHE B 118 38.65 29.95 -21.17
C PHE B 118 39.38 30.90 -22.09
N SER B 119 40.25 30.37 -22.96
CA SER B 119 40.99 31.18 -23.95
C SER B 119 40.14 31.76 -25.08
N THR B 120 38.86 31.48 -25.07
CA THR B 120 37.95 32.21 -25.91
C THR B 120 37.70 33.41 -25.03
N GLY B 121 36.74 34.24 -25.30
CA GLY B 121 36.61 35.33 -24.32
C GLY B 121 35.83 34.94 -23.06
N VAL B 122 35.30 33.71 -23.05
CA VAL B 122 34.32 33.26 -22.05
C VAL B 122 34.75 33.15 -20.59
N ASN B 123 33.86 33.71 -19.76
CA ASN B 123 33.91 33.65 -18.31
C ASN B 123 32.59 33.18 -17.80
N LEU B 124 32.60 31.99 -17.22
CA LEU B 124 31.42 31.41 -16.61
C LEU B 124 31.51 31.47 -15.10
N VAL B 125 30.47 31.99 -14.47
CA VAL B 125 30.50 32.10 -13.02
C VAL B 125 29.47 31.21 -12.40
N ALA B 126 29.91 30.32 -11.54
CA ALA B 126 28.99 29.37 -10.94
C ALA B 126 28.73 29.56 -9.45
N VAL B 127 27.66 28.92 -9.01
CA VAL B 127 27.34 28.81 -7.63
C VAL B 127 28.38 27.92 -6.98
N PRO B 128 28.90 28.27 -5.82
CA PRO B 128 29.82 27.45 -5.10
C PRO B 128 29.09 26.16 -4.83
N THR B 129 29.49 25.09 -5.50
CA THR B 129 28.87 23.81 -5.20
C THR B 129 29.95 22.78 -4.92
N GLY B 130 29.55 21.68 -4.32
CA GLY B 130 30.53 20.68 -3.95
C GLY B 130 29.92 19.36 -3.55
N TYR B 131 30.80 18.48 -3.12
CA TYR B 131 30.39 17.14 -2.81
C TYR B 131 30.29 16.95 -1.31
N VAL B 132 29.06 16.67 -0.85
CA VAL B 132 28.75 16.53 0.55
C VAL B 132 28.20 15.19 0.92
N ASP B 133 28.86 14.50 1.84
CA ASP B 133 28.35 13.22 2.27
C ASP B 133 27.24 13.38 3.28
N THR B 134 26.23 12.53 3.18
CA THR B 134 25.13 12.49 4.12
C THR B 134 25.04 11.08 4.56
N GLU B 135 24.22 10.83 5.54
CA GLU B 135 24.01 9.49 6.05
C GLU B 135 23.55 8.47 4.98
N ASN B 136 23.07 8.96 3.82
CA ASN B 136 22.50 8.12 2.76
C ASN B 136 23.37 7.99 1.51
N ASN B 137 24.02 9.07 1.12
CA ASN B 137 24.79 9.07 -0.10
C ASN B 137 25.67 10.31 -0.24
N THR B 138 26.20 10.55 -1.43
CA THR B 138 26.93 11.77 -1.62
C THR B 138 26.08 12.71 -2.45
N GLU B 139 25.96 13.96 -1.98
CA GLU B 139 25.16 14.97 -2.64
C GLU B 139 25.99 16.06 -3.32
N PHE B 140 25.55 16.45 -4.53
CA PHE B 140 26.16 17.54 -5.28
C PHE B 140 25.32 18.80 -5.03
N THR B 141 25.71 19.63 -4.05
CA THR B 141 24.86 20.77 -3.68
C THR B 141 25.60 22.05 -3.55
N ARG B 142 24.84 23.11 -3.23
CA ARG B 142 25.44 24.38 -2.87
C ARG B 142 26.24 24.16 -1.60
N VAL B 143 27.22 25.01 -1.43
CA VAL B 143 28.06 24.98 -0.27
C VAL B 143 28.22 26.41 0.22
N ASN B 144 28.27 26.61 1.50
CA ASN B 144 28.54 27.95 1.95
C ASN B 144 29.98 28.26 1.62
N ALA B 145 30.21 29.42 1.05
CA ALA B 145 31.54 29.78 0.68
C ALA B 145 31.74 31.25 0.80
N LYS B 146 32.98 31.64 0.64
CA LYS B 146 33.42 33.02 0.69
C LYS B 146 34.58 33.17 -0.25
N PRO B 147 34.90 34.38 -0.66
CA PRO B 147 36.05 34.72 -1.46
C PRO B 147 37.28 34.67 -0.58
N PRO B 148 38.44 34.36 -1.12
CA PRO B 148 39.73 34.35 -0.47
C PRO B 148 40.03 35.76 0.10
N PRO B 149 40.72 35.83 1.23
CA PRO B 149 41.08 37.00 2.04
C PRO B 149 41.61 38.24 1.31
N GLY B 150 42.61 38.02 0.45
CA GLY B 150 43.37 39.09 -0.21
C GLY B 150 42.58 40.21 -0.91
N ASP B 151 43.23 41.38 -1.02
CA ASP B 151 42.68 42.56 -1.68
C ASP B 151 42.50 42.35 -3.19
N GLN B 152 43.39 41.57 -3.79
CA GLN B 152 43.29 41.27 -5.22
C GLN B 152 42.09 40.40 -5.55
N PHE B 153 41.47 39.80 -4.52
CA PHE B 153 40.34 38.94 -4.69
C PHE B 153 39.01 39.63 -4.41
N LYS B 154 39.03 40.94 -4.14
CA LYS B 154 37.77 41.64 -3.86
C LYS B 154 36.90 41.78 -5.10
N HIS B 155 37.50 41.57 -6.28
CA HIS B 155 36.74 41.58 -7.51
C HIS B 155 35.84 40.35 -7.62
N LEU B 156 36.08 39.33 -6.75
CA LEU B 156 35.31 38.10 -6.70
C LEU B 156 34.12 38.19 -5.79
N ILE B 157 34.03 39.25 -4.98
CA ILE B 157 32.94 39.27 -4.02
C ILE B 157 31.58 39.38 -4.68
N PRO B 158 31.34 40.30 -5.64
CA PRO B 158 30.14 40.45 -6.43
C PRO B 158 29.70 39.14 -7.06
N LEU B 159 30.72 38.36 -7.47
CA LEU B 159 30.54 37.11 -8.18
C LEU B 159 29.96 36.01 -7.34
N MET B 160 29.96 36.21 -6.01
CA MET B 160 29.41 35.23 -5.13
C MET B 160 27.90 35.17 -5.29
N TYR B 161 27.30 36.23 -5.90
CA TYR B 161 25.87 36.27 -6.14
C TYR B 161 25.57 36.09 -7.63
N LYS B 162 26.45 36.55 -8.49
CA LYS B 162 26.19 36.41 -9.91
C LYS B 162 26.24 34.93 -10.21
N GLY B 163 25.79 34.12 -9.27
CA GLY B 163 25.81 32.69 -9.43
C GLY B 163 25.09 32.11 -10.62
N LEU B 164 25.54 30.93 -11.04
CA LEU B 164 24.83 30.19 -12.05
C LEU B 164 24.95 28.72 -11.74
N PRO B 165 23.84 28.01 -11.80
CA PRO B 165 23.77 26.57 -11.51
C PRO B 165 24.65 25.72 -12.36
N TRP B 166 25.37 24.76 -11.74
CA TRP B 166 26.21 23.85 -12.52
C TRP B 166 25.48 23.00 -13.58
N ASN B 167 24.15 22.89 -13.52
CA ASN B 167 23.40 22.19 -14.57
C ASN B 167 23.77 22.87 -15.86
N VAL B 168 23.54 24.19 -15.79
CA VAL B 168 23.64 25.16 -16.83
C VAL B 168 25.04 25.35 -17.28
N VAL B 169 25.93 25.58 -16.31
CA VAL B 169 27.33 25.86 -16.57
C VAL B 169 27.96 24.75 -17.41
N ARG B 170 27.76 23.48 -17.05
CA ARG B 170 28.40 22.46 -17.86
C ARG B 170 27.75 22.36 -19.21
N ILE B 171 26.45 22.65 -19.34
CA ILE B 171 25.83 22.70 -20.67
C ILE B 171 26.43 23.83 -21.54
N LYS B 172 26.63 25.00 -20.92
CA LYS B 172 27.26 26.14 -21.59
C LYS B 172 28.73 25.85 -21.97
N ILE B 173 29.48 25.16 -21.13
CA ILE B 173 30.84 24.77 -21.48
C ILE B 173 30.87 23.87 -22.71
N VAL B 174 30.03 22.86 -22.75
CA VAL B 174 29.96 21.95 -23.89
C VAL B 174 29.56 22.64 -25.16
N GLN B 175 28.53 23.47 -25.11
CA GLN B 175 28.13 24.22 -26.28
C GLN B 175 29.23 25.17 -26.76
N MET B 176 29.83 25.92 -25.85
CA MET B 176 30.91 26.87 -26.16
C MET B 176 32.10 26.16 -26.87
N LEU B 177 32.56 25.05 -26.32
CA LEU B 177 33.65 24.31 -26.91
C LEU B 177 33.26 23.74 -28.26
N SER B 178 32.01 23.33 -28.39
CA SER B 178 31.49 22.79 -29.63
C SER B 178 31.48 23.85 -30.71
N ASP B 179 30.82 24.97 -30.43
CA ASP B 179 30.76 26.10 -31.36
C ASP B 179 32.15 26.51 -31.85
N THR B 180 33.11 26.49 -30.95
CA THR B 180 34.48 26.81 -31.31
C THR B 180 35.17 25.73 -32.13
N LEU B 181 35.09 24.49 -31.68
CA LEU B 181 35.89 23.43 -32.28
C LEU B 181 35.24 22.58 -33.38
N LYS B 182 33.93 22.71 -33.61
CA LYS B 182 33.32 21.87 -34.65
C LYS B 182 33.92 22.04 -36.03
N GLY B 183 34.48 23.22 -36.32
CA GLY B 183 35.13 23.46 -37.60
C GLY B 183 36.65 23.40 -37.54
N LEU B 184 37.21 23.05 -36.39
CA LEU B 184 38.66 23.03 -36.21
C LEU B 184 39.18 21.67 -35.81
N SER B 185 38.43 20.91 -35.02
CA SER B 185 38.97 19.63 -34.55
C SER B 185 37.96 18.48 -34.24
N ASP B 186 38.54 17.38 -33.69
CA ASP B 186 37.85 16.17 -33.28
C ASP B 186 38.02 15.95 -31.80
N ARG B 187 38.70 16.90 -31.13
CA ARG B 187 38.96 16.83 -29.71
C ARG B 187 39.11 18.22 -29.13
N VAL B 188 39.65 18.28 -27.90
CA VAL B 188 40.01 19.49 -27.20
C VAL B 188 41.14 19.18 -26.28
N VAL B 189 42.13 20.06 -26.29
CA VAL B 189 43.24 20.03 -25.37
C VAL B 189 43.10 21.26 -24.47
N PHE B 190 43.09 21.05 -23.17
CA PHE B 190 43.02 22.20 -22.31
C PHE B 190 44.46 22.56 -21.96
N VAL B 191 44.81 23.81 -22.20
CA VAL B 191 46.14 24.29 -21.94
C VAL B 191 46.14 24.94 -20.59
N LEU B 192 46.91 24.35 -19.68
CA LEU B 192 46.89 24.70 -18.27
C LEU B 192 48.21 25.28 -17.77
N TRP B 193 48.15 26.09 -16.71
CA TRP B 193 49.37 26.61 -16.11
C TRP B 193 49.69 25.89 -14.79
N ALA B 194 48.69 25.64 -14.00
CA ALA B 194 48.90 24.94 -12.75
C ALA B 194 47.75 23.97 -12.62
N HIS B 195 47.86 22.84 -13.34
CA HIS B 195 46.72 21.93 -13.57
C HIS B 195 45.91 21.40 -12.39
N GLY B 196 46.48 21.36 -11.18
CA GLY B 196 45.77 20.78 -10.05
C GLY B 196 44.32 21.23 -9.88
N PHE B 197 44.13 22.53 -9.64
CA PHE B 197 42.79 23.08 -9.40
C PHE B 197 41.85 23.00 -10.59
N GLU B 198 42.40 23.08 -11.79
CA GLU B 198 41.56 22.99 -12.95
C GLU B 198 41.12 21.57 -13.15
N LEU B 199 41.96 20.64 -12.79
CA LEU B 199 41.58 19.25 -12.87
C LEU B 199 40.42 19.01 -11.91
N THR B 200 40.53 19.57 -10.69
CA THR B 200 39.43 19.56 -9.73
C THR B 200 38.16 20.08 -10.37
N SER B 201 38.28 21.20 -11.06
CA SER B 201 37.13 21.79 -11.74
C SER B 201 36.57 20.86 -12.79
N MET B 202 37.43 20.16 -13.52
CA MET B 202 36.98 19.24 -14.58
C MET B 202 36.01 18.19 -14.07
N LYS B 203 36.21 17.70 -12.85
CA LYS B 203 35.25 16.75 -12.23
C LYS B 203 33.80 17.22 -12.37
N TYR B 204 33.60 18.53 -12.31
CA TYR B 204 32.28 19.08 -12.39
C TYR B 204 31.64 18.99 -13.80
N PHE B 205 32.44 18.89 -14.89
CA PHE B 205 31.85 18.89 -16.27
C PHE B 205 32.52 17.95 -17.26
N VAL B 206 33.39 17.09 -16.77
CA VAL B 206 34.10 16.10 -17.56
C VAL B 206 33.81 14.65 -17.18
N LYS B 207 33.69 13.82 -18.19
CA LYS B 207 33.56 12.36 -18.00
C LYS B 207 34.60 11.61 -18.82
N ILE B 208 35.04 10.47 -18.33
CA ILE B 208 36.00 9.72 -19.11
C ILE B 208 35.59 8.28 -19.33
N GLY B 209 36.27 7.65 -20.28
CA GLY B 209 36.03 6.27 -20.59
C GLY B 209 36.85 5.86 -21.81
N PRO B 210 36.62 4.68 -22.34
CA PRO B 210 37.25 4.14 -23.53
C PRO B 210 36.72 4.95 -24.72
N GLU B 211 37.47 5.02 -25.81
CA GLU B 211 36.98 5.85 -26.90
C GLU B 211 35.69 5.35 -27.46
N ARG B 212 34.81 6.29 -27.74
CA ARG B 212 33.52 5.97 -28.29
C ARG B 212 33.29 6.84 -29.50
N THR B 213 32.45 6.40 -30.44
CA THR B 213 32.13 7.24 -31.60
C THR B 213 30.79 7.85 -31.34
N CYS B 214 30.51 8.90 -32.06
CA CYS B 214 29.28 9.58 -31.87
C CYS B 214 28.16 8.77 -32.44
N CYS B 215 26.96 9.12 -32.04
CA CYS B 215 25.80 8.64 -32.73
C CYS B 215 25.50 9.75 -33.72
N LEU B 216 24.84 9.44 -34.80
CA LEU B 216 24.54 10.42 -35.85
C LEU B 216 25.77 10.88 -36.68
N CYS B 217 26.87 10.12 -36.66
CA CYS B 217 28.08 10.40 -37.51
C CYS B 217 29.08 9.27 -37.34
N ASP B 218 30.25 9.40 -37.94
CA ASP B 218 31.30 8.39 -37.76
C ASP B 218 32.47 8.98 -36.96
N LYS B 219 32.33 10.26 -36.60
CA LYS B 219 33.39 10.97 -35.91
C LYS B 219 33.53 10.62 -34.44
N ARG B 220 34.72 10.91 -33.92
CA ARG B 220 35.07 10.74 -32.53
C ARG B 220 34.15 11.50 -31.60
N ALA B 221 33.66 10.83 -30.56
CA ALA B 221 32.83 11.50 -29.57
C ALA B 221 33.68 12.36 -28.66
N THR B 222 33.18 13.57 -28.41
CA THR B 222 33.80 14.59 -27.57
C THR B 222 32.85 15.00 -26.46
N CYS B 223 31.59 14.57 -26.58
CA CYS B 223 30.56 14.90 -25.62
C CYS B 223 29.84 13.69 -25.09
N PHE B 224 29.15 13.89 -23.98
CA PHE B 224 28.35 12.86 -23.35
C PHE B 224 27.10 13.45 -22.74
N SER B 225 25.98 12.78 -23.00
CA SER B 225 24.71 13.21 -22.43
C SER B 225 24.35 12.26 -21.37
N THR B 226 24.08 12.80 -20.19
CA THR B 226 23.65 11.98 -19.08
C THR B 226 22.12 11.82 -19.15
N SER B 227 21.44 12.84 -19.69
CA SER B 227 19.98 12.80 -19.88
C SER B 227 19.55 11.50 -20.58
N SER B 228 20.24 11.18 -21.67
CA SER B 228 20.05 9.92 -22.39
C SER B 228 21.41 9.41 -22.78
N ASP B 229 21.87 8.34 -22.11
CA ASP B 229 23.22 7.77 -22.27
C ASP B 229 23.61 7.58 -23.72
N THR B 230 24.06 8.69 -24.32
CA THR B 230 24.52 8.80 -25.70
C THR B 230 25.79 9.64 -25.79
N TYR B 231 26.45 9.54 -26.93
CA TYR B 231 27.70 10.27 -27.18
C TYR B 231 27.58 11.13 -28.41
N ALA B 232 28.40 12.18 -28.47
CA ALA B 232 28.38 13.08 -29.60
C ALA B 232 29.73 13.68 -29.88
N CYS B 233 29.88 14.11 -31.12
CA CYS B 233 31.04 14.88 -31.55
C CYS B 233 30.65 16.33 -31.40
N TRP B 234 31.55 17.25 -31.72
CA TRP B 234 31.29 18.67 -31.55
C TRP B 234 30.08 19.21 -32.35
N ASN B 235 29.72 18.55 -33.45
CA ASN B 235 28.62 19.05 -34.29
C ASN B 235 27.22 18.70 -33.78
N HIS B 236 27.07 17.49 -33.27
CA HIS B 236 25.77 17.07 -32.82
C HIS B 236 25.68 16.98 -31.32
N SER B 237 26.45 17.81 -30.63
CA SER B 237 26.45 17.87 -29.17
C SER B 237 25.37 18.80 -28.66
N VAL B 238 24.28 18.96 -29.39
CA VAL B 238 23.32 19.91 -28.97
C VAL B 238 22.53 19.33 -27.84
N GLY B 239 22.56 20.03 -26.70
CA GLY B 239 21.88 19.59 -25.49
C GLY B 239 22.73 18.66 -24.61
N PHE B 240 23.96 18.39 -25.01
CA PHE B 240 24.81 17.56 -24.18
C PHE B 240 25.35 18.37 -23.01
N ASP B 241 25.74 17.67 -21.94
CA ASP B 241 26.15 18.35 -20.72
C ASP B 241 27.52 17.97 -20.21
N TYR B 242 28.11 16.90 -20.71
CA TYR B 242 29.46 16.59 -20.31
C TYR B 242 30.47 16.51 -21.43
N VAL B 243 31.70 16.84 -21.10
CA VAL B 243 32.80 16.69 -22.03
C VAL B 243 33.37 15.29 -21.92
N TYR B 244 33.16 14.47 -22.93
CA TYR B 244 33.73 13.10 -22.89
C TYR B 244 35.19 13.15 -23.30
N ASN B 245 36.01 12.35 -22.70
CA ASN B 245 37.48 12.33 -22.78
C ASN B 245 38.05 13.54 -23.45
N PRO B 246 38.89 14.19 -22.68
CA PRO B 246 39.51 15.40 -23.21
C PRO B 246 40.96 15.24 -22.94
N PHE B 247 41.73 16.19 -23.45
CA PHE B 247 43.16 16.11 -23.26
C PHE B 247 43.61 17.39 -22.66
N MET B 248 44.81 17.40 -22.14
CA MET B 248 45.31 18.59 -21.52
C MET B 248 46.79 18.54 -21.37
N ILE B 249 47.35 19.71 -21.21
CA ILE B 249 48.78 19.78 -21.07
C ILE B 249 49.11 20.88 -20.06
N ASP B 250 50.04 20.59 -19.13
CA ASP B 250 50.42 21.61 -18.19
C ASP B 250 51.73 22.28 -18.63
N VAL B 251 51.57 23.46 -19.23
CA VAL B 251 52.62 24.31 -19.78
C VAL B 251 53.75 24.58 -18.82
N GLN B 252 53.47 24.72 -17.52
CA GLN B 252 54.50 25.06 -16.54
C GLN B 252 55.56 23.97 -16.36
N GLN B 253 55.15 22.73 -16.66
CA GLN B 253 56.01 21.56 -16.60
C GLN B 253 56.99 21.50 -17.77
N TRP B 254 56.91 22.48 -18.69
CA TRP B 254 57.82 22.62 -19.80
C TRP B 254 59.13 23.26 -19.38
N GLY B 255 59.28 23.54 -18.08
CA GLY B 255 60.54 24.02 -17.58
C GLY B 255 60.55 25.50 -17.51
N PHE B 256 59.53 26.05 -16.88
CA PHE B 256 59.49 27.48 -16.74
C PHE B 256 59.94 27.98 -15.39
N THR B 257 60.49 29.19 -15.44
CA THR B 257 61.04 29.94 -14.33
C THR B 257 59.98 30.56 -13.39
N GLY B 258 59.57 31.80 -13.66
CA GLY B 258 58.65 32.54 -12.79
C GLY B 258 57.19 32.17 -12.97
N ASN B 259 56.31 33.13 -12.66
CA ASN B 259 54.87 32.91 -12.81
C ASN B 259 54.41 33.12 -14.24
N LEU B 260 53.11 32.95 -14.46
CA LEU B 260 52.51 33.08 -15.79
C LEU B 260 52.72 34.46 -16.32
N GLN B 261 52.45 35.46 -15.50
CA GLN B 261 52.59 36.87 -15.86
C GLN B 261 53.99 37.13 -16.45
N SER B 262 55.02 36.72 -15.70
CA SER B 262 56.41 36.93 -16.08
C SER B 262 56.80 36.31 -17.39
N ASN B 263 56.45 35.04 -17.58
CA ASN B 263 56.82 34.36 -18.81
C ASN B 263 55.96 34.79 -19.98
N HIS B 264 54.73 35.17 -19.72
CA HIS B 264 53.91 35.62 -20.79
C HIS B 264 54.28 36.97 -21.30
N ASP B 265 54.38 37.95 -20.40
CA ASP B 265 54.63 39.33 -20.79
C ASP B 265 55.99 39.56 -21.43
N GLN B 266 56.87 38.60 -21.25
CA GLN B 266 58.17 38.62 -21.85
C GLN B 266 58.06 38.66 -23.38
N HIS B 267 57.02 38.02 -23.94
CA HIS B 267 56.89 37.86 -25.39
C HIS B 267 55.61 38.43 -25.99
N CYS B 268 54.87 39.21 -25.21
CA CYS B 268 53.59 39.71 -25.66
C CYS B 268 53.14 40.95 -24.88
N GLN B 269 52.59 41.94 -25.57
CA GLN B 269 52.17 43.19 -24.98
C GLN B 269 50.73 43.54 -25.34
N VAL B 270 50.03 42.60 -25.99
CA VAL B 270 48.63 42.79 -26.40
C VAL B 270 47.62 42.25 -25.41
N HIS B 271 47.92 41.10 -24.86
CA HIS B 271 47.04 40.44 -23.90
C HIS B 271 47.30 40.99 -22.50
N GLY B 272 46.88 42.24 -22.28
CA GLY B 272 47.06 42.90 -21.00
C GLY B 272 46.31 42.17 -19.91
N ASN B 273 46.87 42.15 -18.71
CA ASN B 273 46.28 41.40 -17.58
C ASN B 273 45.22 42.08 -16.70
N ALA B 274 43.98 41.68 -16.92
CA ALA B 274 42.90 41.95 -15.99
C ALA B 274 43.04 40.83 -14.93
N HIS B 275 42.46 40.96 -13.74
CA HIS B 275 42.62 39.86 -12.75
C HIS B 275 41.86 38.56 -13.11
N VAL B 276 40.77 38.73 -13.87
CA VAL B 276 39.87 37.67 -14.35
C VAL B 276 40.46 36.41 -15.00
N ALA B 277 39.78 35.30 -14.70
CA ALA B 277 40.11 33.95 -15.12
C ALA B 277 40.41 33.80 -16.60
N SER B 278 39.53 34.28 -17.50
CA SER B 278 39.79 34.10 -18.93
C SER B 278 41.04 34.75 -19.36
N CYS B 279 41.34 35.89 -18.79
CA CYS B 279 42.57 36.56 -19.13
C CYS B 279 43.79 35.64 -18.89
N ASP B 280 43.85 34.97 -17.72
CA ASP B 280 44.95 34.02 -17.46
C ASP B 280 44.93 32.89 -18.51
N ALA B 281 43.73 32.45 -18.91
CA ALA B 281 43.59 31.35 -19.85
C ALA B 281 44.17 31.69 -21.18
N ILE B 282 43.88 32.90 -21.60
CA ILE B 282 44.36 33.44 -22.85
C ILE B 282 45.86 33.51 -22.83
N MET B 283 46.42 34.08 -21.77
CA MET B 283 47.87 34.20 -21.56
C MET B 283 48.58 32.84 -21.54
N THR B 284 47.93 31.83 -20.97
CA THR B 284 48.54 30.53 -20.90
C THR B 284 48.71 29.96 -22.31
N ARG B 285 47.64 30.04 -23.10
CA ARG B 285 47.67 29.54 -24.48
C ARG B 285 48.68 30.29 -25.31
N CYS B 286 48.66 31.61 -25.18
CA CYS B 286 49.56 32.53 -25.84
C CYS B 286 51.01 32.12 -25.61
N LEU B 287 51.38 31.92 -24.35
CA LEU B 287 52.71 31.44 -24.01
C LEU B 287 53.05 30.08 -24.67
N ALA B 288 52.09 29.17 -24.69
CA ALA B 288 52.26 27.88 -25.34
C ALA B 288 52.44 28.00 -26.87
N VAL B 289 51.72 28.94 -27.50
CA VAL B 289 51.86 29.22 -28.93
C VAL B 289 53.25 29.71 -29.21
N HIS B 290 53.70 30.67 -28.42
CA HIS B 290 55.04 31.23 -28.54
C HIS B 290 56.17 30.17 -28.44
N GLU B 291 56.06 29.25 -27.49
CA GLU B 291 57.07 28.20 -27.34
C GLU B 291 57.04 27.10 -28.39
N CYS B 292 56.06 27.10 -29.27
CA CYS B 292 55.97 26.04 -30.26
C CYS B 292 55.91 26.58 -31.68
N PHE B 293 55.60 27.87 -31.80
CA PHE B 293 55.47 28.51 -33.10
C PHE B 293 56.19 29.88 -33.18
N VAL B 294 57.45 29.91 -32.82
CA VAL B 294 58.29 31.09 -33.02
C VAL B 294 59.45 30.67 -33.91
N LYS B 295 59.98 29.46 -33.67
CA LYS B 295 60.91 28.84 -34.63
C LYS B 295 60.32 28.93 -36.03
N ARG B 296 61.16 29.15 -37.02
CA ARG B 296 60.66 29.14 -38.39
C ARG B 296 59.83 27.85 -38.59
N VAL B 297 58.77 27.96 -39.39
CA VAL B 297 57.85 26.85 -39.61
C VAL B 297 58.49 25.47 -39.69
N ASP B 298 57.93 24.57 -38.90
CA ASP B 298 58.35 23.19 -38.85
C ASP B 298 57.60 22.36 -39.89
N TRP B 299 58.21 22.29 -41.06
CA TRP B 299 57.68 21.61 -42.23
C TRP B 299 57.42 20.12 -42.04
N SER B 300 57.99 19.52 -40.99
CA SER B 300 57.80 18.09 -40.79
C SER B 300 56.46 17.76 -40.17
N VAL B 301 55.77 18.77 -39.61
CA VAL B 301 54.51 18.50 -38.96
C VAL B 301 53.36 18.76 -39.89
N GLU B 302 52.69 17.70 -40.30
CA GLU B 302 51.58 17.81 -41.22
C GLU B 302 50.28 18.15 -40.49
N TYR B 303 49.42 18.92 -41.10
CA TYR B 303 48.13 19.19 -40.51
C TYR B 303 47.07 18.90 -41.57
N PRO B 304 46.04 18.16 -41.23
CA PRO B 304 44.99 17.66 -42.08
C PRO B 304 44.09 18.75 -42.61
N ILE B 305 43.42 18.43 -43.70
CA ILE B 305 42.55 19.38 -44.36
C ILE B 305 41.19 19.54 -43.72
N ILE B 306 41.05 20.56 -42.90
CA ILE B 306 39.78 20.83 -42.23
C ILE B 306 38.65 20.92 -43.25
N GLY B 307 38.91 21.64 -44.35
CA GLY B 307 38.04 21.60 -45.50
C GLY B 307 37.82 22.93 -46.21
N ASP B 308 38.64 23.20 -47.21
CA ASP B 308 38.53 24.43 -47.98
C ASP B 308 39.84 25.15 -48.05
N GLU B 309 40.91 24.38 -48.10
CA GLU B 309 42.27 24.91 -48.13
C GLU B 309 42.92 24.95 -49.46
N LEU B 310 42.70 23.92 -50.25
CA LEU B 310 43.34 23.81 -51.54
C LEU B 310 42.83 24.84 -52.52
N ARG B 311 41.55 25.22 -52.38
CA ARG B 311 41.01 26.26 -53.25
C ARG B 311 41.71 27.57 -53.00
N VAL B 312 42.06 27.81 -51.74
CA VAL B 312 42.82 28.99 -51.39
C VAL B 312 44.21 28.91 -51.94
N ASN B 313 44.88 27.79 -51.74
CA ASN B 313 46.26 27.64 -52.19
C ASN B 313 46.45 27.82 -53.70
N SER B 314 45.53 27.29 -54.52
CA SER B 314 45.70 27.48 -55.95
C SER B 314 45.22 28.88 -56.36
N ALA B 315 44.20 29.41 -55.68
CA ALA B 315 43.71 30.75 -55.99
C ALA B 315 44.73 31.80 -55.69
N CYS B 316 45.42 31.60 -54.59
CA CYS B 316 46.44 32.50 -54.13
C CYS B 316 47.52 32.57 -55.26
N ARG B 317 47.95 31.41 -55.80
CA ARG B 317 48.89 31.38 -56.95
C ARG B 317 48.33 32.03 -58.21
N LYS B 318 47.05 31.76 -58.52
CA LYS B 318 46.44 32.26 -59.74
C LYS B 318 46.47 33.78 -59.70
N VAL B 319 46.17 34.35 -58.55
CA VAL B 319 46.21 35.79 -58.37
C VAL B 319 47.62 36.31 -58.42
N GLN B 320 48.55 35.63 -57.78
CA GLN B 320 49.96 36.06 -57.78
C GLN B 320 50.47 36.26 -59.17
N HIS B 321 50.25 35.24 -59.99
CA HIS B 321 50.58 35.26 -61.40
C HIS B 321 49.90 36.42 -62.13
N MET B 322 48.58 36.55 -61.96
CA MET B 322 47.83 37.65 -62.57
C MET B 322 48.39 39.01 -62.22
N VAL B 323 48.65 39.25 -60.95
CA VAL B 323 49.06 40.56 -60.51
C VAL B 323 50.46 40.88 -61.00
N VAL B 324 51.37 39.96 -60.80
CA VAL B 324 52.74 40.27 -61.16
C VAL B 324 52.88 40.44 -62.65
N LYS B 325 52.26 39.55 -63.43
CA LYS B 325 52.21 39.70 -64.88
C LYS B 325 51.77 41.12 -65.24
N SER B 326 50.62 41.49 -64.71
CA SER B 326 50.02 42.77 -64.99
C SER B 326 50.88 43.97 -64.56
N ALA B 327 51.49 43.92 -63.38
CA ALA B 327 52.33 45.04 -62.91
C ALA B 327 53.55 45.20 -63.79
N LEU B 328 54.16 44.08 -64.18
CA LEU B 328 55.29 44.12 -65.09
C LEU B 328 54.91 44.72 -66.45
N LEU B 329 53.71 44.39 -66.97
CA LEU B 329 53.31 44.94 -68.27
C LEU B 329 52.96 46.38 -68.19
N ALA B 330 52.34 46.74 -67.09
CA ALA B 330 51.81 48.07 -66.90
C ALA B 330 52.86 49.13 -66.71
N ASP B 331 53.80 48.88 -65.82
CA ASP B 331 54.79 49.90 -65.50
C ASP B 331 56.22 49.54 -65.97
N LYS B 332 56.29 48.52 -66.83
CA LYS B 332 57.48 48.12 -67.56
C LYS B 332 58.79 47.93 -66.77
N PHE B 333 58.71 47.35 -65.58
CA PHE B 333 59.91 47.24 -64.77
C PHE B 333 60.91 46.35 -65.49
N PRO B 334 62.19 46.70 -65.43
CA PRO B 334 63.30 46.00 -66.02
C PRO B 334 63.86 44.95 -65.10
N VAL B 335 63.59 45.11 -63.79
CA VAL B 335 64.09 44.23 -62.75
C VAL B 335 63.06 43.90 -61.70
N LEU B 336 63.05 42.67 -61.25
CA LEU B 336 62.13 42.31 -60.20
C LEU B 336 62.89 41.64 -59.09
N HIS B 337 62.74 42.17 -57.87
CA HIS B 337 63.44 41.65 -56.71
C HIS B 337 62.49 40.77 -55.95
N ASP B 338 62.65 39.47 -56.08
CA ASP B 338 61.69 38.55 -55.45
C ASP B 338 62.23 38.27 -54.09
N ILE B 339 61.71 39.02 -53.14
CA ILE B 339 62.16 38.95 -51.78
C ILE B 339 61.28 38.03 -50.99
N GLY B 340 61.85 36.91 -50.59
CA GLY B 340 61.11 35.90 -49.85
C GLY B 340 60.76 34.74 -50.78
N ASN B 341 61.81 34.14 -51.37
CA ASN B 341 61.72 33.02 -52.30
C ASN B 341 62.99 32.18 -52.20
N PRO B 342 62.98 31.08 -51.41
CA PRO B 342 64.09 30.16 -51.07
C PRO B 342 64.38 29.16 -52.18
N LYS B 343 63.47 29.11 -53.14
CA LYS B 343 63.56 28.27 -54.29
C LYS B 343 63.76 29.27 -55.43
N ALA B 344 63.82 28.86 -56.64
CA ALA B 344 63.96 29.90 -57.60
C ALA B 344 62.64 30.16 -58.26
N ILE B 345 61.66 29.27 -58.09
CA ILE B 345 60.37 29.40 -58.78
C ILE B 345 59.91 30.82 -59.12
N LYS B 346 59.77 31.09 -60.42
CA LYS B 346 59.25 32.40 -60.82
C LYS B 346 57.77 32.30 -60.94
N CYS B 347 57.05 33.32 -60.52
CA CYS B 347 55.61 33.23 -60.63
C CYS B 347 55.11 33.57 -62.03
N VAL B 348 55.96 34.23 -62.82
CA VAL B 348 55.69 34.47 -64.24
C VAL B 348 56.93 34.10 -65.04
N PRO B 349 57.14 32.80 -65.32
CA PRO B 349 58.31 32.18 -65.97
C PRO B 349 58.72 32.81 -67.27
N GLN B 350 57.74 33.16 -68.07
CA GLN B 350 58.05 33.75 -69.36
C GLN B 350 57.85 35.25 -69.38
N ALA B 351 58.66 35.91 -68.58
CA ALA B 351 58.69 37.36 -68.54
C ALA B 351 60.11 37.75 -68.79
N GLU B 352 60.28 38.72 -69.66
CA GLU B 352 61.61 39.11 -70.09
C GLU B 352 62.43 39.80 -69.01
N VAL B 353 61.73 40.32 -67.99
CA VAL B 353 62.32 41.01 -66.84
C VAL B 353 63.48 40.23 -66.20
N GLU B 354 64.46 40.97 -65.66
CA GLU B 354 65.59 40.37 -64.96
C GLU B 354 65.14 40.12 -63.54
N TRP B 355 64.98 38.86 -63.24
CA TRP B 355 64.39 38.40 -61.98
C TRP B 355 65.47 37.97 -60.98
N LYS B 356 65.62 38.71 -59.89
CA LYS B 356 66.63 38.38 -58.90
C LYS B 356 66.00 37.71 -57.67
N PHE B 357 66.75 36.79 -57.01
CA PHE B 357 66.19 36.12 -55.83
C PHE B 357 66.84 36.46 -54.51
N TYR B 358 66.01 36.57 -53.48
CA TYR B 358 66.48 36.86 -52.14
C TYR B 358 65.76 35.99 -51.11
N ASP B 359 66.51 35.49 -50.12
CA ASP B 359 65.91 34.79 -48.98
C ASP B 359 66.96 34.58 -47.92
N ALA B 360 66.54 34.59 -46.65
CA ALA B 360 67.48 34.36 -45.53
C ALA B 360 67.82 32.88 -45.33
N GLN B 361 66.99 32.00 -45.90
CA GLN B 361 67.16 30.54 -45.85
C GLN B 361 67.05 29.91 -47.25
N PRO B 362 67.94 30.29 -48.19
CA PRO B 362 68.00 29.83 -49.56
C PRO B 362 68.45 28.38 -49.55
N CYS B 363 67.86 27.57 -50.43
CA CYS B 363 68.15 26.13 -50.50
C CYS B 363 69.55 25.83 -51.06
N SER B 364 70.06 24.62 -50.79
CA SER B 364 71.39 24.21 -51.28
C SER B 364 71.38 24.05 -52.81
N ASP B 365 70.31 23.43 -53.32
CA ASP B 365 70.06 23.50 -54.76
C ASP B 365 69.58 24.90 -54.89
N LYS B 366 69.92 25.57 -55.95
CA LYS B 366 69.44 26.96 -56.15
C LYS B 366 70.08 28.04 -55.22
N ALA B 367 71.20 27.77 -54.59
CA ALA B 367 71.86 28.84 -53.85
C ALA B 367 72.51 29.80 -54.81
N TYR B 368 73.08 29.26 -55.87
CA TYR B 368 73.75 30.02 -56.93
C TYR B 368 72.87 31.09 -57.59
N LYS B 369 71.53 30.95 -57.45
CA LYS B 369 70.55 31.87 -58.03
C LYS B 369 70.03 32.88 -57.00
N ILE B 370 70.39 32.69 -55.71
CA ILE B 370 69.77 33.48 -54.63
C ILE B 370 70.74 34.24 -53.72
N GLU B 371 70.45 35.52 -53.42
CA GLU B 371 71.27 36.28 -52.48
C GLU B 371 70.78 35.99 -51.08
N GLU B 372 71.71 35.69 -50.18
CA GLU B 372 71.33 35.38 -48.81
C GLU B 372 71.06 36.69 -48.10
N LEU B 373 69.82 36.91 -47.69
CA LEU B 373 69.44 38.21 -47.15
C LEU B 373 68.17 38.28 -46.32
N PHE B 374 68.28 38.99 -45.17
CA PHE B 374 67.12 39.25 -44.32
C PHE B 374 66.69 40.72 -44.43
N TYR B 375 65.48 40.96 -44.95
CA TYR B 375 65.02 42.34 -45.17
C TYR B 375 64.67 43.16 -43.89
N SER B 376 65.32 44.31 -43.82
CA SER B 376 65.06 45.36 -42.85
C SER B 376 64.68 46.61 -43.61
N TYR B 377 63.58 47.24 -43.24
CA TYR B 377 63.23 48.45 -43.97
C TYR B 377 64.31 49.48 -43.73
N ALA B 378 64.71 49.59 -42.47
CA ALA B 378 65.74 50.55 -42.13
C ALA B 378 67.02 50.39 -43.00
N ILE B 379 67.45 49.16 -43.24
CA ILE B 379 68.69 48.94 -43.97
C ILE B 379 68.55 48.92 -45.48
N HIS B 380 67.50 48.23 -45.94
CA HIS B 380 67.29 47.94 -47.36
C HIS B 380 66.27 48.84 -48.06
N HIS B 381 65.66 49.78 -47.34
CA HIS B 381 64.72 50.72 -47.91
C HIS B 381 65.08 51.15 -49.31
N ASP B 382 66.22 51.81 -49.39
CA ASP B 382 66.76 52.39 -50.59
C ASP B 382 67.69 51.51 -51.39
N LYS B 383 67.75 50.21 -51.12
CA LYS B 383 68.74 49.40 -51.81
C LYS B 383 68.20 48.71 -53.04
N PHE B 384 66.92 48.94 -53.34
CA PHE B 384 66.28 48.34 -54.51
C PHE B 384 65.45 49.40 -55.23
N THR B 385 66.07 50.52 -55.60
CA THR B 385 65.35 51.66 -56.22
C THR B 385 64.98 51.41 -57.66
N ASP B 386 65.76 50.58 -58.33
CA ASP B 386 65.39 50.22 -59.68
C ASP B 386 64.32 49.15 -59.58
N GLY B 387 63.71 48.81 -60.70
CA GLY B 387 62.75 47.73 -60.71
C GLY B 387 61.61 47.87 -59.67
N VAL B 388 61.15 46.71 -59.26
CA VAL B 388 60.07 46.56 -58.31
C VAL B 388 60.35 45.38 -57.41
N CYS B 389 59.95 45.51 -56.15
CA CYS B 389 60.16 44.46 -55.19
C CYS B 389 58.90 43.63 -55.02
N LEU B 390 59.08 42.34 -54.94
CA LEU B 390 57.99 41.43 -54.73
C LEU B 390 58.08 40.83 -53.35
N PHE B 391 57.03 41.03 -52.57
CA PHE B 391 56.91 40.46 -51.25
C PHE B 391 55.62 39.70 -51.22
N TRP B 392 55.66 38.43 -51.61
CA TRP B 392 54.43 37.68 -51.60
C TRP B 392 54.56 36.75 -50.43
N ASN B 393 53.85 37.08 -49.36
CA ASN B 393 53.91 36.33 -48.13
C ASN B 393 55.36 36.27 -47.64
N CYS B 394 55.83 37.47 -47.42
CA CYS B 394 57.11 37.79 -46.88
C CYS B 394 56.82 38.97 -45.98
N ASN B 395 56.60 38.65 -44.72
CA ASN B 395 56.08 39.58 -43.74
C ASN B 395 57.21 40.35 -43.09
N VAL B 396 57.35 41.63 -43.44
CA VAL B 396 58.48 42.41 -42.94
C VAL B 396 58.08 43.73 -42.29
N ASP B 397 59.12 44.40 -41.74
CA ASP B 397 59.07 45.71 -41.09
C ASP B 397 58.03 46.63 -41.67
N ARG B 398 58.40 47.20 -42.80
CA ARG B 398 57.66 48.11 -43.61
C ARG B 398 58.03 47.86 -45.06
N TYR B 399 57.08 48.06 -45.96
CA TYR B 399 57.39 47.83 -47.36
C TYR B 399 57.81 49.15 -48.02
N PRO B 400 58.72 49.10 -49.02
CA PRO B 400 59.23 50.17 -49.88
C PRO B 400 58.13 50.58 -50.87
N ALA B 401 58.25 51.78 -51.44
CA ALA B 401 57.17 52.30 -52.31
C ALA B 401 57.04 51.66 -53.65
N ASN B 402 58.07 50.90 -54.05
CA ASN B 402 58.06 50.16 -55.31
C ASN B 402 57.84 48.70 -55.04
N ALA B 403 56.63 48.33 -54.61
CA ALA B 403 56.44 46.94 -54.27
C ALA B 403 55.05 46.38 -54.50
N ILE B 404 55.04 45.07 -54.72
CA ILE B 404 53.84 44.26 -54.88
C ILE B 404 53.78 43.37 -53.69
N VAL B 405 52.74 43.54 -52.88
CA VAL B 405 52.69 42.85 -51.61
C VAL B 405 51.42 42.05 -51.36
N CYS B 406 51.64 40.82 -50.89
CA CYS B 406 50.59 39.97 -50.38
C CYS B 406 50.92 39.73 -48.91
N ARG B 407 50.00 40.15 -48.02
CA ARG B 407 50.19 40.02 -46.58
C ARG B 407 48.99 39.39 -45.92
N PHE B 408 49.23 38.35 -45.14
CA PHE B 408 48.13 37.74 -44.44
C PHE B 408 47.63 38.70 -43.36
N ASP B 409 46.34 39.00 -43.39
CA ASP B 409 45.72 39.87 -42.40
C ASP B 409 45.28 39.05 -41.19
N THR B 410 46.12 39.02 -40.16
CA THR B 410 45.92 38.24 -38.92
C THR B 410 44.57 38.44 -38.25
N ARG B 411 43.94 39.59 -38.51
CA ARG B 411 42.69 39.94 -37.89
C ARG B 411 41.49 39.20 -38.49
N VAL B 412 41.67 38.59 -39.65
CA VAL B 412 40.54 37.99 -40.32
C VAL B 412 40.18 36.67 -39.75
N LEU B 413 38.89 36.52 -39.51
CA LEU B 413 38.33 35.36 -38.88
C LEU B 413 37.93 34.27 -39.88
N SER B 414 38.56 33.11 -39.72
CA SER B 414 38.24 31.90 -40.48
C SER B 414 38.81 30.72 -39.73
N ASN B 415 38.48 29.52 -40.20
CA ASN B 415 38.99 28.31 -39.56
C ASN B 415 40.48 28.11 -39.75
N LEU B 416 41.09 28.90 -40.62
CA LEU B 416 42.47 28.71 -40.93
C LEU B 416 43.38 29.43 -39.98
N ASN B 417 42.88 30.43 -39.25
CA ASN B 417 43.87 31.08 -38.39
C ASN B 417 43.39 31.15 -36.99
N LEU B 418 44.37 30.95 -36.13
CA LEU B 418 44.18 30.81 -34.74
C LEU B 418 44.89 31.95 -34.07
N PRO B 419 44.38 32.45 -32.99
CA PRO B 419 44.98 33.54 -32.26
C PRO B 419 46.43 33.20 -31.86
N GLY B 420 47.35 34.05 -32.27
CA GLY B 420 48.73 33.82 -32.01
C GLY B 420 49.23 34.64 -30.87
N CYS B 421 50.50 35.02 -30.97
CA CYS B 421 51.17 35.79 -29.95
C CYS B 421 50.90 37.28 -29.96
N ASP B 422 51.97 38.06 -29.86
CA ASP B 422 51.94 39.52 -29.80
C ASP B 422 50.94 40.13 -30.70
N GLY B 423 49.78 39.51 -30.76
CA GLY B 423 48.74 40.04 -31.60
C GLY B 423 48.86 39.39 -33.00
N GLY B 424 49.74 38.38 -33.10
CA GLY B 424 49.97 37.65 -34.32
C GLY B 424 48.88 36.62 -34.57
N SER B 425 49.16 35.70 -35.48
CA SER B 425 48.17 34.69 -35.82
C SER B 425 48.83 33.43 -36.33
N LEU B 426 48.34 32.30 -35.91
CA LEU B 426 48.91 31.06 -36.36
C LEU B 426 48.06 30.61 -37.52
N TYR B 427 48.59 30.70 -38.73
CA TYR B 427 47.81 30.29 -39.87
C TYR B 427 48.14 28.82 -40.13
N VAL B 428 47.12 27.97 -40.07
CA VAL B 428 47.34 26.55 -40.29
C VAL B 428 46.59 26.09 -41.52
N ASN B 429 47.37 25.75 -42.53
CA ASN B 429 46.91 25.27 -43.82
C ASN B 429 47.53 23.92 -44.04
N LYS B 430 48.78 23.89 -43.75
CA LYS B 430 49.58 22.72 -43.76
C LYS B 430 50.79 23.25 -43.09
N HIS B 431 51.46 22.46 -42.29
CA HIS B 431 52.73 22.90 -41.62
C HIS B 431 52.65 23.91 -40.37
N ALA B 432 51.77 24.94 -40.42
CA ALA B 432 51.54 25.92 -39.30
C ALA B 432 52.47 27.13 -39.36
N PHE B 433 51.93 28.26 -39.86
CA PHE B 433 52.68 29.46 -40.09
C PHE B 433 52.35 30.63 -39.14
N HIS B 434 53.20 30.91 -38.14
CA HIS B 434 52.90 32.01 -37.21
C HIS B 434 53.24 33.38 -37.76
N THR B 435 52.32 33.98 -38.52
CA THR B 435 52.60 35.31 -39.06
C THR B 435 52.37 36.39 -37.96
N PRO B 436 53.16 37.46 -37.95
CA PRO B 436 53.10 38.61 -37.05
C PRO B 436 51.91 39.53 -37.36
N ALA B 437 51.57 40.34 -36.36
CA ALA B 437 50.42 41.23 -36.35
C ALA B 437 50.27 42.10 -37.55
N PHE B 438 49.06 42.13 -38.10
CA PHE B 438 48.77 42.98 -39.26
C PHE B 438 48.86 44.46 -38.94
N ASP B 439 50.06 44.99 -39.02
CA ASP B 439 50.38 46.38 -38.78
C ASP B 439 50.16 47.26 -40.02
N LYS B 440 49.09 48.04 -40.00
CA LYS B 440 48.79 48.92 -41.12
C LYS B 440 49.90 50.01 -41.39
N SER B 441 50.79 50.28 -40.44
CA SER B 441 51.85 51.28 -40.71
C SER B 441 52.98 50.72 -41.59
N ALA B 442 52.91 49.44 -41.96
CA ALA B 442 53.89 48.87 -42.87
C ALA B 442 53.47 49.16 -44.31
N PHE B 443 52.24 49.61 -44.49
CA PHE B 443 51.76 49.88 -45.82
C PHE B 443 51.76 51.37 -46.14
N THR B 444 52.56 52.14 -45.41
CA THR B 444 52.64 53.58 -45.60
C THR B 444 52.96 53.95 -47.01
N ASN B 445 53.83 53.19 -47.61
CA ASN B 445 54.30 53.53 -48.91
C ASN B 445 53.47 52.98 -50.06
N LEU B 446 52.42 52.23 -49.75
CA LEU B 446 51.65 51.58 -50.77
C LEU B 446 50.20 51.94 -50.72
N LYS B 447 49.45 51.45 -51.69
CA LYS B 447 48.01 51.66 -51.78
C LYS B 447 47.39 50.30 -51.72
N GLN B 448 46.17 50.26 -51.27
CA GLN B 448 45.54 48.98 -51.22
C GLN B 448 45.17 48.64 -52.69
N LEU B 449 45.50 47.41 -53.13
CA LEU B 449 45.27 46.99 -54.54
C LEU B 449 43.86 46.45 -54.82
N PRO B 450 43.08 47.13 -55.69
CA PRO B 450 41.73 46.82 -56.12
C PRO B 450 41.68 45.63 -57.07
N PHE B 451 40.50 45.05 -57.16
CA PHE B 451 40.28 43.94 -58.06
C PHE B 451 40.28 44.33 -59.50
N PHE B 452 41.00 43.55 -60.31
CA PHE B 452 40.91 43.63 -61.74
C PHE B 452 41.31 42.29 -62.36
N TYR B 453 40.77 42.06 -63.55
CA TYR B 453 41.07 40.89 -64.35
C TYR B 453 41.76 41.38 -65.60
N TYR B 454 42.80 40.70 -66.04
CA TYR B 454 43.47 41.12 -67.26
C TYR B 454 43.96 39.97 -68.10
N SER B 455 43.66 40.02 -69.41
CA SER B 455 44.21 38.97 -70.28
C SER B 455 44.55 39.41 -71.70
N ASP B 456 45.73 38.96 -72.07
CA ASP B 456 46.41 39.21 -73.32
C ASP B 456 46.37 37.97 -74.14
N SER B 457 45.21 37.62 -74.63
CA SER B 457 45.10 36.38 -75.34
C SER B 457 44.03 36.44 -76.42
N PRO B 458 43.98 35.41 -77.25
CA PRO B 458 43.03 35.19 -78.32
C PRO B 458 41.67 34.93 -77.73
N CYS B 459 40.64 35.16 -78.54
CA CYS B 459 39.26 35.00 -78.09
C CYS B 459 38.46 33.92 -78.81
N GLU B 460 37.32 33.54 -78.21
CA GLU B 460 36.39 32.55 -78.71
C GLU B 460 34.95 33.01 -78.46
N TYR B 472 25.93 30.78 -68.72
CA TYR B 472 25.74 30.98 -70.15
C TYR B 472 25.12 32.34 -70.47
N VAL B 473 25.15 33.24 -69.49
CA VAL B 473 24.63 34.62 -69.67
C VAL B 473 25.77 35.65 -69.58
N PRO B 474 26.35 36.07 -70.74
CA PRO B 474 27.45 37.03 -70.93
C PRO B 474 27.33 38.28 -70.04
N LEU B 475 28.36 38.54 -69.21
CA LEU B 475 28.35 39.68 -68.27
C LEU B 475 29.40 40.75 -68.60
N LYS B 476 29.01 42.01 -68.37
CA LYS B 476 29.79 43.20 -68.65
C LYS B 476 30.29 43.86 -67.34
N SER B 477 31.59 44.26 -67.31
CA SER B 477 32.25 44.84 -66.12
C SER B 477 33.43 45.75 -66.47
N ALA B 478 33.58 46.82 -65.68
CA ALA B 478 34.68 47.80 -65.83
C ALA B 478 36.04 47.23 -65.45
N THR B 479 36.03 46.12 -64.71
CA THR B 479 37.24 45.48 -64.22
C THR B 479 37.73 44.38 -65.12
N CYS B 480 37.05 44.15 -66.27
CA CYS B 480 37.53 43.12 -67.17
C CYS B 480 38.38 43.75 -68.22
N ILE B 481 39.68 43.81 -67.93
CA ILE B 481 40.62 44.48 -68.81
C ILE B 481 41.03 43.49 -69.83
N THR B 482 40.23 43.38 -70.89
CA THR B 482 40.51 42.45 -71.96
C THR B 482 40.46 43.14 -73.33
N ARG B 483 40.84 42.42 -74.37
CA ARG B 483 40.84 42.96 -75.73
C ARG B 483 39.44 42.93 -76.33
N CYS B 484 38.58 42.10 -75.76
CA CYS B 484 37.20 41.98 -76.25
C CYS B 484 36.24 42.81 -75.40
N ASN B 485 36.80 43.74 -74.62
CA ASN B 485 35.99 44.60 -73.76
C ASN B 485 35.82 45.99 -74.38
N LEU B 486 36.62 46.28 -75.40
CA LEU B 486 36.54 47.56 -76.07
C LEU B 486 35.12 47.87 -76.45
N GLY B 487 34.41 46.93 -77.07
CA GLY B 487 33.02 47.25 -77.36
C GLY B 487 32.13 46.59 -76.34
N GLY B 488 30.89 46.31 -76.72
CA GLY B 488 29.96 45.62 -75.84
C GLY B 488 29.92 44.20 -76.34
N ALA B 489 31.07 43.53 -76.23
CA ALA B 489 31.23 42.17 -76.72
C ALA B 489 31.03 41.05 -75.71
N VAL B 490 31.36 41.27 -74.45
CA VAL B 490 31.18 40.12 -73.54
C VAL B 490 31.65 38.78 -74.14
N CYS B 491 32.96 38.65 -74.12
CA CYS B 491 33.73 37.57 -74.73
C CYS B 491 33.56 36.23 -74.03
N ARG B 492 33.11 35.26 -74.79
CA ARG B 492 32.83 33.96 -74.26
C ARG B 492 33.98 33.50 -73.41
N HIS B 493 35.01 33.08 -74.07
CA HIS B 493 36.15 32.47 -73.33
C HIS B 493 36.54 33.33 -72.15
N HIS B 494 36.66 34.61 -72.43
CA HIS B 494 37.06 35.58 -71.43
C HIS B 494 36.02 35.89 -70.36
N ALA B 495 34.73 35.81 -70.66
CA ALA B 495 33.76 36.06 -69.61
C ALA B 495 33.84 34.91 -68.64
N ASN B 496 34.07 33.74 -69.17
CA ASN B 496 34.23 32.61 -68.31
C ASN B 496 35.56 32.67 -67.54
N GLU B 497 36.66 33.01 -68.21
CA GLU B 497 37.97 33.06 -67.52
C GLU B 497 37.97 34.14 -66.42
N TYR B 498 37.31 35.29 -66.71
CA TYR B 498 37.10 36.38 -65.76
C TYR B 498 36.38 35.89 -64.55
N ARG B 499 35.26 35.22 -64.78
CA ARG B 499 34.42 34.72 -63.70
C ARG B 499 35.16 33.76 -62.78
N GLN B 500 35.90 32.80 -63.34
CA GLN B 500 36.67 31.88 -62.53
C GLN B 500 37.71 32.60 -61.71
N TYR B 501 38.42 33.54 -62.34
CA TYR B 501 39.43 34.31 -61.65
C TYR B 501 38.81 35.04 -60.48
N LEU B 502 37.71 35.76 -60.71
CA LEU B 502 37.02 36.50 -59.65
C LEU B 502 36.66 35.62 -58.47
N ASP B 503 36.18 34.42 -58.75
CA ASP B 503 35.91 33.46 -57.68
C ASP B 503 37.18 33.10 -56.93
N ALA B 504 38.28 32.89 -57.67
CA ALA B 504 39.59 32.59 -57.06
C ALA B 504 40.04 33.75 -56.21
N TYR B 505 39.80 34.96 -56.69
CA TYR B 505 40.20 36.17 -56.01
C TYR B 505 39.44 36.30 -54.71
N ASN B 506 38.12 36.20 -54.80
CA ASN B 506 37.25 36.30 -53.64
C ASN B 506 37.61 35.27 -52.57
N MET B 507 38.00 34.08 -53.02
CA MET B 507 38.45 33.05 -52.14
C MET B 507 39.69 33.44 -51.37
N MET B 508 40.72 33.96 -52.03
CA MET B 508 41.91 34.29 -51.24
C MET B 508 41.68 35.52 -50.38
N ILE B 509 40.74 36.40 -50.77
CA ILE B 509 40.49 37.57 -49.96
C ILE B 509 39.74 37.20 -48.72
N SER B 510 38.69 36.39 -48.90
CA SER B 510 37.91 35.92 -47.79
C SER B 510 38.75 35.05 -46.84
N ALA B 511 39.77 34.36 -47.35
CA ALA B 511 40.70 33.57 -46.55
C ALA B 511 41.56 34.43 -45.63
N GLY B 512 41.57 35.76 -45.85
CA GLY B 512 42.29 36.66 -44.99
C GLY B 512 43.49 37.35 -45.62
N PHE B 513 43.67 37.24 -46.90
CA PHE B 513 44.86 37.87 -47.46
C PHE B 513 44.50 39.24 -47.96
N SER B 514 45.48 40.15 -47.98
CA SER B 514 45.27 41.49 -48.54
C SER B 514 46.37 41.80 -49.53
N LEU B 515 46.04 42.60 -50.55
CA LEU B 515 47.01 42.95 -51.57
C LEU B 515 47.27 44.42 -51.62
N TRP B 516 48.54 44.75 -51.74
CA TRP B 516 48.97 46.14 -51.74
C TRP B 516 49.94 46.35 -52.86
N ILE B 517 49.96 47.53 -53.41
CA ILE B 517 50.82 47.75 -54.55
C ILE B 517 51.32 49.19 -54.60
N TYR B 518 52.44 49.41 -55.26
CA TYR B 518 52.98 50.77 -55.43
C TYR B 518 51.92 51.76 -55.87
N LYS B 519 52.05 52.96 -55.36
CA LYS B 519 51.00 53.96 -55.54
C LYS B 519 50.66 54.34 -56.98
N GLN B 520 51.67 54.30 -57.86
CA GLN B 520 51.55 54.73 -59.24
C GLN B 520 50.80 53.71 -60.09
N PHE B 521 50.46 52.53 -59.54
CA PHE B 521 49.74 51.53 -60.31
C PHE B 521 48.44 52.09 -60.79
N ASP B 522 48.15 51.89 -62.07
CA ASP B 522 46.94 52.38 -62.72
C ASP B 522 46.52 51.49 -63.89
N THR B 523 45.30 50.93 -63.83
CA THR B 523 44.75 50.07 -64.89
C THR B 523 44.76 50.69 -66.31
N TYR B 524 44.86 52.01 -66.42
CA TYR B 524 45.00 52.65 -67.72
C TYR B 524 46.17 52.03 -68.52
N ASN B 525 47.27 51.73 -67.83
CA ASN B 525 48.48 51.15 -68.44
C ASN B 525 48.31 49.66 -68.85
N LEU B 526 47.15 49.07 -68.52
CA LEU B 526 46.78 47.72 -68.94
C LEU B 526 45.88 47.81 -70.15
N TRP B 527 44.99 48.80 -70.17
CA TRP B 527 44.15 49.05 -71.34
C TRP B 527 45.01 49.45 -72.55
N ASN B 528 46.12 50.17 -72.26
CA ASN B 528 47.14 50.51 -73.27
C ASN B 528 47.71 49.34 -74.03
N THR B 529 47.64 48.13 -73.52
CA THR B 529 48.30 47.06 -74.22
C THR B 529 47.51 46.49 -75.42
N PHE B 530 46.32 47.02 -75.74
CA PHE B 530 45.55 46.41 -76.82
C PHE B 530 45.40 47.20 -78.14
N THR B 531 46.15 48.26 -78.35
CA THR B 531 45.90 49.09 -79.55
C THR B 531 46.30 48.40 -80.90
N ARG B 532 45.93 49.08 -81.99
CA ARG B 532 46.26 48.67 -83.37
C ARG B 532 46.06 49.85 -84.32
N ALA C 8 -5.20 4.63 75.91
CA ALA C 8 -5.99 3.87 74.95
C ALA C 8 -7.16 4.68 74.42
N GLU C 9 -6.86 5.60 73.51
CA GLU C 9 -7.86 6.22 72.65
C GLU C 9 -7.44 6.00 71.19
N ASN C 10 -8.33 6.30 70.25
CA ASN C 10 -7.97 6.11 68.87
C ASN C 10 -8.45 7.24 68.01
N VAL C 11 -7.84 7.37 66.86
CA VAL C 11 -8.15 8.41 65.92
C VAL C 11 -8.21 7.82 64.52
N THR C 12 -8.72 8.58 63.57
CA THR C 12 -8.84 8.03 62.23
C THR C 12 -7.75 8.38 61.28
N GLY C 13 -7.36 9.64 61.23
CA GLY C 13 -6.56 10.06 60.11
C GLY C 13 -7.40 10.80 59.11
N LEU C 14 -8.70 10.71 59.24
CA LEU C 14 -9.58 11.45 58.37
C LEU C 14 -9.52 12.87 58.87
N PHE C 15 -9.60 13.79 57.95
CA PHE C 15 -9.53 15.20 58.25
C PHE C 15 -8.34 15.53 59.12
N LYS C 16 -7.31 14.70 59.04
CA LYS C 16 -6.14 15.03 59.81
C LYS C 16 -5.68 16.45 59.48
N ASP C 17 -5.32 17.21 60.47
CA ASP C 17 -4.85 18.57 60.22
C ASP C 17 -3.40 18.55 59.84
N CYS C 18 -3.16 18.66 58.53
CA CYS C 18 -1.83 18.55 57.98
C CYS C 18 -1.02 19.85 58.00
N SER C 19 -1.52 20.89 58.68
CA SER C 19 -0.80 22.16 58.70
C SER C 19 0.46 22.04 59.55
N LYS C 20 1.37 22.96 59.33
CA LYS C 20 2.55 23.04 60.17
C LYS C 20 2.37 24.01 61.36
N ILE C 21 1.13 24.36 61.67
CA ILE C 21 0.89 25.36 62.68
C ILE C 21 1.00 24.78 64.07
N ILE C 22 2.05 25.15 64.75
CA ILE C 22 2.10 24.72 66.12
C ILE C 22 0.74 25.19 66.74
N THR C 23 0.54 24.97 68.04
CA THR C 23 -0.67 25.35 68.78
C THR C 23 -2.00 24.70 68.41
N GLY C 24 -2.99 24.91 69.26
CA GLY C 24 -4.28 24.31 69.05
C GLY C 24 -5.23 25.22 68.37
N LEU C 25 -6.51 25.06 68.65
CA LEU C 25 -7.53 25.87 68.05
C LEU C 25 -8.51 26.34 69.07
N HIS C 26 -8.77 27.62 69.08
CA HIS C 26 -9.71 28.18 69.99
C HIS C 26 -10.97 27.36 69.93
N PRO C 27 -11.62 27.06 71.04
CA PRO C 27 -12.82 26.26 71.15
C PRO C 27 -13.89 26.62 70.11
N THR C 28 -13.97 27.88 69.70
CA THR C 28 -15.01 28.23 68.75
C THR C 28 -14.66 28.05 67.29
N GLN C 29 -13.37 27.97 67.01
CA GLN C 29 -12.87 27.84 65.66
C GLN C 29 -12.53 26.40 65.36
N ALA C 30 -12.22 25.70 66.43
CA ALA C 30 -11.91 24.30 66.36
C ALA C 30 -13.15 23.55 65.94
N PRO C 31 -12.96 22.52 65.12
CA PRO C 31 -14.03 21.70 64.66
C PRO C 31 -14.25 20.54 65.59
N THR C 32 -13.23 20.10 66.29
CA THR C 32 -13.48 19.00 67.20
C THR C 32 -12.82 19.21 68.53
N HIS C 33 -13.22 18.39 69.50
CA HIS C 33 -12.62 18.42 70.81
C HIS C 33 -11.13 18.20 70.69
N LEU C 34 -10.76 17.13 69.97
CA LEU C 34 -9.34 16.81 69.84
C LEU C 34 -8.52 17.97 69.28
N SER C 35 -9.12 18.75 68.36
CA SER C 35 -8.42 19.84 67.68
C SER C 35 -8.23 21.12 68.51
N VAL C 36 -8.77 21.15 69.74
CA VAL C 36 -8.63 22.32 70.60
C VAL C 36 -7.29 22.38 71.30
N ASP C 37 -6.75 23.59 71.46
CA ASP C 37 -5.43 23.78 72.11
C ASP C 37 -5.47 23.35 73.54
N ILE C 38 -4.53 22.49 73.92
CA ILE C 38 -4.33 22.09 75.30
C ILE C 38 -4.46 23.23 76.37
N LYS C 39 -4.14 24.46 75.98
CA LYS C 39 -4.29 25.63 76.82
C LYS C 39 -5.77 25.90 77.27
N PHE C 40 -6.75 25.29 76.63
CA PHE C 40 -8.14 25.50 77.02
C PHE C 40 -8.75 24.25 77.63
N LYS C 41 -7.95 23.18 77.74
CA LYS C 41 -8.50 21.90 78.17
C LYS C 41 -8.19 21.58 79.61
N THR C 42 -9.28 21.27 80.35
CA THR C 42 -9.31 20.95 81.78
C THR C 42 -10.38 19.89 82.07
N GLU C 43 -10.11 18.98 82.99
CA GLU C 43 -11.00 17.85 83.35
C GLU C 43 -11.97 17.38 82.23
N GLY C 44 -11.40 17.03 81.07
CA GLY C 44 -12.19 16.44 80.00
C GLY C 44 -12.99 17.43 79.18
N LEU C 45 -13.02 18.69 79.60
CA LEU C 45 -13.75 19.70 78.90
C LEU C 45 -12.89 20.80 78.34
N CYS C 46 -13.55 21.76 77.72
CA CYS C 46 -12.88 22.93 77.21
C CYS C 46 -13.43 24.11 77.94
N VAL C 47 -12.64 25.14 78.12
CA VAL C 47 -13.12 26.31 78.83
C VAL C 47 -12.73 27.58 78.11
N ASP C 48 -13.65 28.55 78.08
CA ASP C 48 -13.36 29.81 77.39
C ASP C 48 -12.48 30.73 78.20
N ILE C 49 -11.27 30.89 77.74
CA ILE C 49 -10.36 31.82 78.35
C ILE C 49 -10.28 33.06 77.45
N PRO C 50 -11.02 34.13 77.72
CA PRO C 50 -11.03 35.36 76.93
C PRO C 50 -9.62 35.97 76.72
N GLY C 51 -8.68 35.68 77.61
CA GLY C 51 -7.31 36.19 77.48
C GLY C 51 -6.45 35.37 76.53
N ILE C 52 -6.98 34.28 76.05
CA ILE C 52 -6.33 33.46 75.03
C ILE C 52 -7.29 33.48 73.85
N PRO C 53 -7.34 34.62 73.16
CA PRO C 53 -8.31 34.98 72.14
C PRO C 53 -8.24 34.14 70.87
N LYS C 54 -9.38 34.05 70.20
CA LYS C 54 -9.46 33.33 68.94
C LYS C 54 -8.56 34.00 67.88
N ASP C 55 -8.17 33.21 66.86
CA ASP C 55 -7.26 33.68 65.82
C ASP C 55 -8.01 34.50 64.81
N MET C 56 -7.46 35.64 64.44
CA MET C 56 -8.14 36.49 63.48
C MET C 56 -8.21 35.81 62.13
N THR C 57 -7.14 35.12 61.78
CA THR C 57 -7.08 34.40 60.53
C THR C 57 -6.20 33.18 60.65
N TYR C 58 -6.33 32.26 59.71
CA TYR C 58 -5.51 31.08 59.72
C TYR C 58 -5.87 30.15 58.57
N ARG C 59 -4.96 29.28 58.17
CA ARG C 59 -5.23 28.32 57.10
C ARG C 59 -4.67 26.97 57.46
N ARG C 60 -5.53 25.97 57.57
CA ARG C 60 -5.15 24.62 57.94
C ARG C 60 -5.55 23.55 56.91
N LEU C 61 -4.56 22.98 56.26
CA LEU C 61 -4.86 21.96 55.28
C LEU C 61 -5.40 20.70 55.90
N ILE C 62 -6.61 20.34 55.50
CA ILE C 62 -7.30 19.13 55.94
C ILE C 62 -7.13 17.94 55.00
N SER C 63 -6.72 16.79 55.58
CA SER C 63 -6.48 15.56 54.82
C SER C 63 -7.77 14.92 54.43
N MET C 64 -7.89 14.58 53.15
CA MET C 64 -9.09 13.88 52.67
C MET C 64 -8.81 12.40 52.46
N MET C 65 -7.75 11.91 53.08
CA MET C 65 -7.43 10.50 53.00
C MET C 65 -8.17 9.84 54.17
N GLY C 66 -8.73 8.66 53.94
CA GLY C 66 -9.37 7.97 55.07
C GLY C 66 -10.87 7.89 55.00
N PHE C 67 -11.44 8.04 53.83
CA PHE C 67 -12.89 7.92 53.78
C PHE C 67 -13.26 6.49 53.93
N LYS C 68 -14.30 6.30 54.69
CA LYS C 68 -14.76 4.99 55.00
C LYS C 68 -16.25 5.03 54.75
N MET C 69 -16.73 4.36 53.71
CA MET C 69 -18.10 4.59 53.39
C MET C 69 -18.85 3.35 53.05
N ASN C 70 -19.17 2.75 54.20
CA ASN C 70 -19.88 1.53 54.49
C ASN C 70 -21.20 1.80 55.22
N TYR C 71 -21.75 2.97 54.98
CA TYR C 71 -23.02 3.35 55.56
C TYR C 71 -24.15 2.49 54.99
N GLN C 72 -25.15 2.22 55.83
CA GLN C 72 -26.35 1.53 55.41
C GLN C 72 -27.52 2.43 55.63
N VAL C 73 -27.79 3.29 54.67
CA VAL C 73 -28.91 4.20 54.82
C VAL C 73 -29.90 3.80 53.75
N ASN C 74 -31.19 3.73 54.12
CA ASN C 74 -32.26 3.14 53.27
C ASN C 74 -32.29 3.55 51.81
N GLY C 75 -32.60 4.77 51.50
CA GLY C 75 -32.74 5.10 50.08
C GLY C 75 -31.42 5.30 49.30
N TYR C 76 -30.27 4.94 49.89
CA TYR C 76 -29.01 5.23 49.26
C TYR C 76 -28.25 3.97 48.85
N PRO C 77 -27.92 3.83 47.56
CA PRO C 77 -27.23 2.72 46.96
C PRO C 77 -25.84 2.61 47.52
N ASN C 78 -25.25 1.42 47.44
CA ASN C 78 -23.91 1.20 47.96
C ASN C 78 -22.83 1.46 46.92
N MET C 79 -21.87 2.36 47.21
CA MET C 79 -20.78 2.70 46.26
C MET C 79 -20.04 1.42 45.85
N PHE C 80 -19.72 0.60 46.83
CA PHE C 80 -19.01 -0.62 46.58
C PHE C 80 -19.96 -1.77 46.38
N ILE C 81 -19.69 -2.53 45.34
CA ILE C 81 -20.54 -3.61 44.96
C ILE C 81 -19.83 -4.90 45.05
N THR C 82 -20.60 -5.97 44.91
CA THR C 82 -20.09 -7.34 44.98
C THR C 82 -19.47 -7.76 43.66
N ARG C 83 -18.67 -8.82 43.70
CA ARG C 83 -18.07 -9.36 42.48
C ARG C 83 -19.17 -9.79 41.54
N GLU C 84 -20.28 -10.33 42.09
CA GLU C 84 -21.40 -10.67 41.25
C GLU C 84 -21.89 -9.51 40.42
N GLU C 85 -22.22 -8.40 41.10
CA GLU C 85 -22.74 -7.22 40.42
C GLU C 85 -21.75 -6.65 39.45
N ALA C 86 -20.48 -6.69 39.79
CA ALA C 86 -19.49 -6.20 38.88
C ALA C 86 -19.57 -6.96 37.59
N ILE C 87 -19.69 -8.28 37.68
CA ILE C 87 -19.82 -9.15 36.53
C ILE C 87 -21.10 -8.87 35.74
N ARG C 88 -22.18 -8.76 36.46
CA ARG C 88 -23.52 -8.51 35.93
C ARG C 88 -23.54 -7.20 35.13
N HIS C 89 -22.68 -6.24 35.53
CA HIS C 89 -22.51 -4.93 34.88
C HIS C 89 -21.19 -4.69 34.17
N VAL C 90 -20.51 -5.73 33.70
CA VAL C 90 -19.20 -5.56 33.02
C VAL C 90 -19.11 -4.45 31.93
N ARG C 91 -20.23 -4.12 31.25
CA ARG C 91 -20.22 -3.06 30.23
C ARG C 91 -19.91 -1.65 30.78
N ALA C 92 -20.08 -1.46 32.11
CA ALA C 92 -19.79 -0.18 32.77
C ALA C 92 -18.39 -0.10 33.39
N TRP C 93 -17.58 -1.14 33.25
CA TRP C 93 -16.29 -1.10 33.92
C TRP C 93 -15.30 -0.14 33.33
N ILE C 94 -14.92 0.85 34.12
CA ILE C 94 -13.87 1.78 33.80
C ILE C 94 -12.78 1.61 34.85
N GLY C 95 -11.59 1.20 34.44
CA GLY C 95 -10.49 1.07 35.38
C GLY C 95 -10.06 2.47 35.79
N PHE C 96 -9.59 2.63 37.03
CA PHE C 96 -9.20 3.95 37.56
C PHE C 96 -8.02 3.92 38.55
N ASP C 97 -7.02 4.77 38.29
CA ASP C 97 -5.84 4.86 39.12
C ASP C 97 -5.37 6.28 39.18
N VAL C 98 -4.99 6.72 40.38
CA VAL C 98 -4.52 8.09 40.53
C VAL C 98 -3.11 8.20 41.05
N GLU C 99 -2.30 9.01 40.37
CA GLU C 99 -0.94 9.31 40.82
C GLU C 99 -1.05 10.57 41.68
N GLY C 100 -0.56 10.52 42.92
CA GLY C 100 -0.65 11.71 43.75
C GLY C 100 0.68 12.43 43.94
N CYS C 101 0.63 13.48 44.76
CA CYS C 101 1.77 14.28 45.12
C CYS C 101 1.62 14.75 46.58
N HIS C 102 2.72 15.07 47.23
CA HIS C 102 2.64 15.35 48.66
C HIS C 102 2.50 16.82 48.95
N ALA C 103 1.65 17.15 49.92
CA ALA C 103 1.53 18.54 50.37
C ALA C 103 2.89 18.95 50.98
N THR C 104 3.37 20.22 50.82
CA THR C 104 4.76 20.36 51.29
C THR C 104 5.39 21.64 51.83
N ARG C 105 4.77 22.79 51.79
CA ARG C 105 5.53 23.93 52.37
C ARG C 105 4.82 24.42 53.56
N ASP C 106 3.66 24.98 53.32
CA ASP C 106 2.86 25.47 54.39
C ASP C 106 2.26 24.31 55.26
N ALA C 107 2.27 23.09 54.69
CA ALA C 107 1.64 21.93 55.31
C ALA C 107 2.30 20.66 54.85
N VAL C 108 1.99 19.56 55.52
CA VAL C 108 2.60 18.26 55.24
C VAL C 108 1.83 17.11 55.87
N GLY C 109 1.70 15.99 55.14
CA GLY C 109 1.04 14.82 55.72
C GLY C 109 -0.15 14.28 54.95
N THR C 110 -0.36 14.77 53.74
CA THR C 110 -1.45 14.24 52.94
C THR C 110 -1.11 14.27 51.45
N ASN C 111 -1.84 13.46 50.69
CA ASN C 111 -1.67 13.38 49.26
C ASN C 111 -2.76 14.10 48.47
N LEU C 112 -2.31 14.74 47.43
CA LEU C 112 -3.14 15.49 46.54
C LEU C 112 -3.17 14.80 45.17
N PRO C 113 -4.30 14.76 44.47
CA PRO C 113 -4.46 14.17 43.15
C PRO C 113 -3.65 14.95 42.14
N LEU C 114 -2.82 14.24 41.35
CA LEU C 114 -2.02 14.87 40.30
C LEU C 114 -2.36 14.34 38.92
N GLN C 115 -2.28 13.03 38.75
CA GLN C 115 -2.62 12.47 37.46
C GLN C 115 -3.73 11.45 37.64
N LEU C 116 -4.79 11.58 36.85
CA LEU C 116 -5.89 10.66 36.95
C LEU C 116 -5.98 9.80 35.71
N GLY C 117 -5.87 8.49 35.90
CA GLY C 117 -5.88 7.59 34.77
C GLY C 117 -7.10 6.71 34.72
N PHE C 118 -7.59 6.51 33.51
CA PHE C 118 -8.74 5.66 33.28
C PHE C 118 -8.38 4.51 32.37
N SER C 119 -9.22 3.46 32.29
CA SER C 119 -8.91 2.33 31.40
C SER C 119 -9.20 2.64 29.94
N THR C 120 -9.76 3.82 29.70
CA THR C 120 -9.82 4.34 28.37
C THR C 120 -8.44 4.88 28.29
N GLY C 121 -7.92 5.23 27.15
CA GLY C 121 -6.52 5.71 27.22
C GLY C 121 -6.23 6.99 28.07
N VAL C 122 -7.27 7.67 28.55
CA VAL C 122 -7.17 8.99 29.14
C VAL C 122 -6.42 9.16 30.44
N ASN C 123 -5.61 10.22 30.46
CA ASN C 123 -4.96 10.69 31.67
C ASN C 123 -5.30 12.16 31.81
N LEU C 124 -5.63 12.58 33.03
CA LEU C 124 -5.90 13.98 33.30
C LEU C 124 -4.99 14.52 34.34
N VAL C 125 -4.41 15.65 34.05
CA VAL C 125 -3.52 16.26 35.01
C VAL C 125 -4.21 17.38 35.68
N ALA C 126 -4.11 17.38 36.99
CA ALA C 126 -4.78 18.37 37.82
C ALA C 126 -3.84 19.25 38.61
N VAL C 127 -4.31 20.44 38.90
CA VAL C 127 -3.60 21.30 39.81
C VAL C 127 -3.70 20.72 41.23
N PRO C 128 -2.63 20.79 41.98
CA PRO C 128 -2.62 20.30 43.31
C PRO C 128 -3.52 21.16 44.13
N THR C 129 -4.77 20.75 44.28
CA THR C 129 -5.63 21.52 45.14
C THR C 129 -6.07 20.69 46.38
N GLY C 130 -6.52 21.41 47.39
CA GLY C 130 -6.89 20.80 48.64
C GLY C 130 -7.95 21.55 49.39
N TYR C 131 -8.43 20.87 50.39
CA TYR C 131 -9.48 21.38 51.24
C TYR C 131 -8.78 21.95 52.50
N VAL C 132 -8.81 23.30 52.59
CA VAL C 132 -8.14 24.14 53.61
C VAL C 132 -9.11 24.87 54.51
N ASP C 133 -9.10 24.51 55.76
CA ASP C 133 -10.03 25.04 56.72
C ASP C 133 -9.53 26.49 57.13
N THR C 134 -10.44 27.48 57.13
CA THR C 134 -10.10 28.86 57.51
C THR C 134 -11.00 29.30 58.62
N GLU C 135 -10.84 30.53 59.02
CA GLU C 135 -11.64 31.11 60.11
C GLU C 135 -13.12 31.33 59.75
N ASN C 136 -13.46 31.29 58.47
CA ASN C 136 -14.83 31.54 58.03
C ASN C 136 -15.49 30.30 57.44
N ASN C 137 -14.69 29.45 56.81
CA ASN C 137 -15.24 28.30 56.12
C ASN C 137 -14.13 27.36 55.74
N THR C 138 -14.43 26.41 54.82
CA THR C 138 -13.40 25.55 54.24
C THR C 138 -13.25 25.98 52.80
N GLU C 139 -12.01 26.26 52.40
CA GLU C 139 -11.69 26.67 51.04
C GLU C 139 -11.14 25.55 50.24
N PHE C 140 -11.37 25.64 48.94
CA PHE C 140 -10.90 24.65 48.00
C PHE C 140 -9.96 25.39 47.10
N THR C 141 -8.65 25.32 47.43
CA THR C 141 -7.65 26.11 46.72
C THR C 141 -6.43 25.36 46.35
N ARG C 142 -5.54 26.03 45.62
CA ARG C 142 -4.28 25.43 45.25
C ARG C 142 -3.39 25.29 46.48
N VAL C 143 -2.77 24.13 46.59
CA VAL C 143 -1.88 23.77 47.67
C VAL C 143 -0.51 23.50 47.12
N ASN C 144 0.52 23.86 47.88
CA ASN C 144 1.90 23.53 47.45
C ASN C 144 2.15 22.05 47.56
N ALA C 145 2.71 21.48 46.51
CA ALA C 145 3.01 20.09 46.55
C ALA C 145 4.28 19.79 45.78
N LYS C 146 4.72 18.56 45.93
CA LYS C 146 5.89 18.02 45.28
C LYS C 146 5.59 16.58 45.00
N PRO C 147 6.24 15.98 44.03
CA PRO C 147 6.13 14.60 43.71
C PRO C 147 6.86 13.84 44.83
N PRO C 148 6.55 12.59 45.01
CA PRO C 148 7.22 11.68 45.90
C PRO C 148 8.70 11.52 45.46
N PRO C 149 9.59 11.18 46.42
CA PRO C 149 11.08 11.06 46.41
C PRO C 149 11.84 10.39 45.24
N GLY C 150 11.55 9.12 44.99
CA GLY C 150 12.30 8.26 44.05
C GLY C 150 12.62 8.75 42.62
N ASP C 151 13.39 7.93 41.92
CA ASP C 151 13.69 8.14 40.50
C ASP C 151 12.46 7.91 39.63
N GLN C 152 11.65 6.91 40.01
CA GLN C 152 10.41 6.56 39.30
C GLN C 152 9.35 7.62 39.39
N PHE C 153 9.53 8.58 40.29
CA PHE C 153 8.59 9.66 40.45
C PHE C 153 9.05 10.95 39.81
N LYS C 154 10.23 10.96 39.19
CA LYS C 154 10.64 12.19 38.54
C LYS C 154 9.84 12.44 37.29
N HIS C 155 9.14 11.41 36.79
CA HIS C 155 8.31 11.57 35.61
C HIS C 155 7.08 12.46 35.92
N LEU C 156 6.78 12.68 37.20
CA LEU C 156 5.68 13.52 37.64
C LEU C 156 6.13 14.97 37.83
N ILE C 157 7.43 15.23 37.76
CA ILE C 157 7.87 16.60 37.98
C ILE C 157 7.37 17.56 36.92
N PRO C 158 7.43 17.25 35.62
CA PRO C 158 6.92 18.03 34.51
C PRO C 158 5.46 18.40 34.71
N LEU C 159 4.69 17.46 35.27
CA LEU C 159 3.26 17.56 35.44
C LEU C 159 2.83 18.56 36.52
N MET C 160 3.76 19.04 37.34
CA MET C 160 3.39 19.96 38.41
C MET C 160 3.11 21.33 37.81
N TYR C 161 3.55 21.51 36.54
CA TYR C 161 3.41 22.77 35.82
C TYR C 161 2.39 22.66 34.68
N LYS C 162 2.30 21.50 34.08
CA LYS C 162 1.27 21.35 33.09
C LYS C 162 0.10 21.57 34.02
N GLY C 163 -0.81 20.62 34.11
CA GLY C 163 -1.91 20.76 35.04
C GLY C 163 -3.02 21.73 34.74
N LEU C 164 -4.09 21.64 35.50
CA LEU C 164 -5.37 21.99 34.97
C LEU C 164 -6.41 22.09 36.05
N PRO C 165 -6.99 23.26 36.20
CA PRO C 165 -8.06 23.56 37.18
C PRO C 165 -9.04 22.42 37.37
N TRP C 166 -9.50 22.21 38.63
CA TRP C 166 -10.48 21.14 38.91
C TRP C 166 -11.82 21.40 38.28
N ASN C 167 -12.15 22.68 38.13
CA ASN C 167 -13.32 23.15 37.39
C ASN C 167 -13.47 22.26 36.18
N VAL C 168 -12.40 22.34 35.42
CA VAL C 168 -12.19 21.73 34.16
C VAL C 168 -12.04 20.25 34.25
N VAL C 169 -11.20 19.79 35.15
CA VAL C 169 -10.94 18.38 35.19
C VAL C 169 -12.21 17.55 35.37
N ARG C 170 -13.08 17.96 36.29
CA ARG C 170 -14.28 17.18 36.53
C ARG C 170 -15.28 17.32 35.39
N ILE C 171 -15.30 18.42 34.65
CA ILE C 171 -16.20 18.40 33.49
C ILE C 171 -15.71 17.38 32.44
N LYS C 172 -14.39 17.34 32.27
CA LYS C 172 -13.75 16.41 31.38
C LYS C 172 -13.95 14.98 31.82
N ILE C 173 -13.85 14.69 33.13
CA ILE C 173 -14.10 13.31 33.58
C ILE C 173 -15.53 12.85 33.23
N VAL C 174 -16.51 13.72 33.47
CA VAL C 174 -17.90 13.42 33.16
C VAL C 174 -18.08 13.11 31.73
N GLN C 175 -17.47 13.90 30.85
CA GLN C 175 -17.73 13.61 29.46
C GLN C 175 -16.97 12.43 28.98
N MET C 176 -15.76 12.23 29.50
CA MET C 176 -14.95 11.08 29.08
C MET C 176 -15.75 9.82 29.36
N LEU C 177 -16.34 9.78 30.55
CA LEU C 177 -17.16 8.66 30.92
C LEU C 177 -18.41 8.56 30.11
N SER C 178 -19.05 9.67 29.79
CA SER C 178 -20.29 9.63 29.02
C SER C 178 -20.07 9.04 27.64
N ASP C 179 -19.18 9.66 26.88
CA ASP C 179 -18.89 9.24 25.54
C ASP C 179 -18.60 7.75 25.50
N THR C 180 -17.81 7.30 26.44
CA THR C 180 -17.47 5.92 26.58
C THR C 180 -18.66 4.98 26.96
N LEU C 181 -19.53 5.40 27.87
CA LEU C 181 -20.59 4.52 28.39
C LEU C 181 -22.01 4.79 27.95
N LYS C 182 -22.25 5.84 27.18
CA LYS C 182 -23.63 6.15 26.77
C LYS C 182 -24.24 5.13 25.83
N GLY C 183 -23.40 4.36 25.15
CA GLY C 183 -23.93 3.29 24.34
C GLY C 183 -23.77 1.94 24.99
N LEU C 184 -23.31 1.90 26.26
CA LEU C 184 -23.01 0.62 26.95
C LEU C 184 -23.74 0.35 28.25
N SER C 185 -23.98 1.38 29.06
CA SER C 185 -24.55 1.12 30.37
C SER C 185 -25.23 2.31 31.03
N ASP C 186 -26.12 2.02 31.98
CA ASP C 186 -26.86 3.04 32.72
C ASP C 186 -26.09 3.58 33.91
N ARG C 187 -24.85 3.13 34.08
CA ARG C 187 -24.02 3.52 35.20
C ARG C 187 -22.55 3.43 34.88
N VAL C 188 -21.70 3.64 35.91
CA VAL C 188 -20.25 3.44 35.81
C VAL C 188 -19.79 2.66 37.03
N VAL C 189 -18.87 1.75 36.80
CA VAL C 189 -18.28 0.97 37.85
C VAL C 189 -16.78 1.13 37.78
N PHE C 190 -16.19 1.70 38.82
CA PHE C 190 -14.78 1.93 38.80
C PHE C 190 -14.03 0.72 39.26
N VAL C 191 -13.09 0.29 38.43
CA VAL C 191 -12.34 -0.90 38.76
C VAL C 191 -11.01 -0.47 39.38
N LEU C 192 -10.86 -0.78 40.66
CA LEU C 192 -9.75 -0.28 41.46
C LEU C 192 -8.79 -1.31 41.94
N TRP C 193 -7.51 -0.95 42.03
CA TRP C 193 -6.57 -1.89 42.62
C TRP C 193 -6.51 -1.67 44.13
N ALA C 194 -5.99 -0.56 44.63
CA ALA C 194 -6.03 -0.35 46.07
C ALA C 194 -6.84 0.89 46.31
N HIS C 195 -8.14 0.72 46.60
CA HIS C 195 -9.08 1.85 46.58
C HIS C 195 -8.87 3.06 47.47
N GLY C 196 -7.94 3.03 48.39
CA GLY C 196 -7.77 4.16 49.29
C GLY C 196 -7.71 5.54 48.64
N PHE C 197 -6.70 5.73 47.83
CA PHE C 197 -6.46 7.05 47.27
C PHE C 197 -7.43 7.41 46.20
N GLU C 198 -7.88 6.41 45.46
CA GLU C 198 -8.83 6.64 44.38
C GLU C 198 -10.14 7.17 44.96
N LEU C 199 -10.55 6.63 46.08
CA LEU C 199 -11.72 7.14 46.74
C LEU C 199 -11.52 8.60 47.20
N THR C 200 -10.38 8.90 47.81
CA THR C 200 -10.06 10.28 48.12
C THR C 200 -10.23 11.15 46.89
N SER C 201 -9.66 10.71 45.78
CA SER C 201 -9.74 11.44 44.51
C SER C 201 -11.20 11.67 44.08
N MET C 202 -12.07 10.68 44.28
CA MET C 202 -13.47 10.80 43.92
C MET C 202 -14.14 11.99 44.63
N LYS C 203 -13.69 12.36 45.82
CA LYS C 203 -14.27 13.52 46.50
C LYS C 203 -14.30 14.76 45.60
N TYR C 204 -13.28 14.88 44.76
CA TYR C 204 -13.09 16.02 43.89
C TYR C 204 -14.07 16.08 42.70
N PHE C 205 -14.67 14.93 42.33
CA PHE C 205 -15.57 14.93 41.15
C PHE C 205 -16.81 14.03 41.25
N VAL C 206 -17.07 13.50 42.44
CA VAL C 206 -18.25 12.69 42.72
C VAL C 206 -19.15 13.23 43.83
N LYS C 207 -20.43 13.17 43.60
CA LYS C 207 -21.44 13.49 44.64
C LYS C 207 -22.33 12.27 44.82
N ILE C 208 -23.06 12.13 45.92
CA ILE C 208 -23.93 10.94 46.06
C ILE C 208 -25.31 11.26 46.65
N GLY C 209 -26.23 10.32 46.48
CA GLY C 209 -27.56 10.49 47.05
C GLY C 209 -28.50 9.34 46.65
N PRO C 210 -29.80 9.45 46.94
CA PRO C 210 -30.79 8.47 46.58
C PRO C 210 -30.87 8.50 45.07
N GLU C 211 -31.27 7.38 44.47
CA GLU C 211 -31.29 7.33 43.01
C GLU C 211 -32.21 8.37 42.43
N ARG C 212 -31.78 8.91 41.31
CA ARG C 212 -32.50 9.96 40.59
C ARG C 212 -32.56 9.66 39.11
N THR C 213 -33.38 10.41 38.38
CA THR C 213 -33.48 10.22 36.93
C THR C 213 -33.14 11.48 36.18
N CYS C 214 -32.75 11.24 34.95
CA CYS C 214 -32.38 12.23 33.99
C CYS C 214 -33.51 13.21 33.78
N CYS C 215 -33.10 14.43 33.53
CA CYS C 215 -34.01 15.43 33.03
C CYS C 215 -34.22 14.96 31.60
N LEU C 216 -35.33 15.17 31.02
CA LEU C 216 -35.59 14.81 29.62
C LEU C 216 -35.77 13.28 29.38
N CYS C 217 -34.78 12.42 29.62
CA CYS C 217 -34.99 10.97 29.43
C CYS C 217 -35.44 10.25 30.72
N ASP C 218 -35.80 8.97 30.61
CA ASP C 218 -36.31 8.23 31.76
C ASP C 218 -35.24 7.39 32.38
N LYS C 219 -34.05 7.53 31.88
CA LYS C 219 -32.94 6.76 32.34
C LYS C 219 -32.41 7.22 33.68
N ARG C 220 -31.65 6.35 34.25
CA ARG C 220 -30.96 6.59 35.47
C ARG C 220 -30.03 7.79 35.40
N ALA C 221 -30.10 8.66 36.41
CA ALA C 221 -29.16 9.76 36.44
C ALA C 221 -27.80 9.27 36.85
N THR C 222 -26.80 9.62 36.05
CA THR C 222 -25.40 9.25 36.26
C THR C 222 -24.54 10.46 36.57
N CYS C 223 -25.07 11.65 36.21
CA CYS C 223 -24.41 12.94 36.38
C CYS C 223 -25.24 13.99 37.11
N PHE C 224 -24.54 14.93 37.72
CA PHE C 224 -25.13 16.01 38.48
C PHE C 224 -24.47 17.36 38.21
N SER C 225 -25.30 18.36 37.97
CA SER C 225 -24.77 19.69 37.75
C SER C 225 -24.93 20.48 39.04
N THR C 226 -23.91 21.21 39.41
CA THR C 226 -24.08 22.02 40.59
C THR C 226 -24.58 23.38 40.22
N SER C 227 -24.12 23.89 39.08
CA SER C 227 -24.60 25.18 38.57
C SER C 227 -26.13 25.23 38.63
N SER C 228 -26.70 24.26 37.97
CA SER C 228 -28.11 24.08 37.85
C SER C 228 -28.53 22.82 38.47
N ASP C 229 -28.97 22.89 39.76
CA ASP C 229 -29.49 21.71 40.57
C ASP C 229 -30.32 20.61 39.81
N THR C 230 -29.73 19.98 38.74
CA THR C 230 -30.36 19.02 37.85
C THR C 230 -29.54 17.74 37.71
N TYR C 231 -30.14 16.72 37.09
CA TYR C 231 -29.50 15.41 36.92
C TYR C 231 -29.55 14.91 35.48
N ALA C 232 -28.57 14.10 35.09
CA ALA C 232 -28.54 13.59 33.72
C ALA C 232 -28.01 12.18 33.60
N CYS C 233 -28.38 11.54 32.52
CA CYS C 233 -27.91 10.22 32.13
C CYS C 233 -26.68 10.48 31.29
N TRP C 234 -26.02 9.44 30.82
CA TRP C 234 -24.82 9.68 30.02
C TRP C 234 -25.11 10.42 28.70
N ASN C 235 -26.33 10.34 28.18
CA ASN C 235 -26.65 10.95 26.90
C ASN C 235 -27.09 12.40 26.97
N HIS C 236 -27.16 13.00 28.18
CA HIS C 236 -27.52 14.42 28.26
C HIS C 236 -26.56 15.21 29.08
N SER C 237 -25.70 14.56 29.86
CA SER C 237 -24.63 15.13 30.71
C SER C 237 -23.74 16.25 30.21
N VAL C 238 -23.90 16.82 29.06
CA VAL C 238 -23.01 17.84 28.59
C VAL C 238 -23.04 19.11 29.42
N GLY C 239 -21.94 19.46 30.05
CA GLY C 239 -21.94 20.62 30.91
C GLY C 239 -22.24 20.26 32.38
N PHE C 240 -22.37 18.97 32.65
CA PHE C 240 -22.51 18.48 34.00
C PHE C 240 -21.12 18.29 34.56
N ASP C 241 -20.94 18.70 35.82
CA ASP C 241 -19.62 18.66 36.44
C ASP C 241 -19.38 17.55 37.43
N TYR C 242 -20.40 16.88 37.92
CA TYR C 242 -20.17 15.76 38.83
C TYR C 242 -20.73 14.44 38.42
N VAL C 243 -20.05 13.39 38.85
CA VAL C 243 -20.52 12.02 38.66
C VAL C 243 -21.46 11.70 39.82
N TYR C 244 -22.74 11.36 39.52
CA TYR C 244 -23.77 11.25 40.58
C TYR C 244 -23.86 9.95 41.38
N ASN C 245 -23.94 8.77 40.80
CA ASN C 245 -23.85 7.62 41.74
C ASN C 245 -23.06 6.55 41.15
N PRO C 246 -21.76 6.65 41.27
CA PRO C 246 -20.80 5.73 40.76
C PRO C 246 -20.83 4.50 41.60
N PHE C 247 -20.25 3.45 41.03
CA PHE C 247 -20.09 2.21 41.71
C PHE C 247 -18.65 1.85 41.61
N MET C 248 -18.22 0.89 42.41
CA MET C 248 -16.85 0.51 42.38
C MET C 248 -16.57 -0.82 43.08
N ILE C 249 -15.42 -1.35 42.74
CA ILE C 249 -15.02 -2.64 43.17
C ILE C 249 -13.53 -2.59 43.40
N ASP C 250 -13.07 -3.19 44.48
CA ASP C 250 -11.63 -3.23 44.73
C ASP C 250 -11.18 -4.65 44.41
N VAL C 251 -10.45 -4.78 43.32
CA VAL C 251 -10.03 -6.09 42.78
C VAL C 251 -9.05 -6.82 43.66
N GLN C 252 -8.10 -6.08 44.21
CA GLN C 252 -7.08 -6.61 45.12
C GLN C 252 -7.69 -7.44 46.23
N GLN C 253 -8.84 -6.96 46.77
CA GLN C 253 -9.57 -7.62 47.84
C GLN C 253 -10.21 -8.95 47.45
N TRP C 254 -10.02 -9.40 46.22
CA TRP C 254 -10.46 -10.72 45.82
C TRP C 254 -9.44 -11.79 46.24
N GLY C 255 -8.33 -11.36 46.84
CA GLY C 255 -7.30 -12.26 47.34
C GLY C 255 -6.25 -12.58 46.28
N PHE C 256 -5.36 -11.65 46.06
CA PHE C 256 -4.24 -11.87 45.17
C PHE C 256 -2.96 -11.85 45.98
N THR C 257 -1.92 -12.46 45.43
CA THR C 257 -0.64 -12.59 46.10
C THR C 257 0.22 -11.32 45.99
N GLY C 258 0.76 -11.09 44.80
CA GLY C 258 1.69 -9.98 44.56
C GLY C 258 1.05 -8.61 44.36
N ASN C 259 1.78 -7.75 43.65
CA ASN C 259 1.32 -6.41 43.32
C ASN C 259 0.46 -6.48 42.06
N LEU C 260 0.01 -5.32 41.58
CA LEU C 260 -0.82 -5.31 40.40
C LEU C 260 -0.10 -5.85 39.17
N GLN C 261 1.06 -5.26 38.83
CA GLN C 261 1.77 -5.68 37.61
C GLN C 261 2.09 -7.16 37.60
N SER C 262 2.40 -7.72 38.76
CA SER C 262 2.66 -9.12 38.87
C SER C 262 1.50 -9.98 38.38
N ASN C 263 0.35 -9.81 39.01
CA ASN C 263 -0.81 -10.64 38.68
C ASN C 263 -1.34 -10.37 37.28
N HIS C 264 -1.14 -9.16 36.81
CA HIS C 264 -1.54 -8.82 35.47
C HIS C 264 -0.67 -9.44 34.43
N ASP C 265 0.64 -9.24 34.53
CA ASP C 265 1.53 -9.75 33.51
C ASP C 265 1.47 -11.27 33.47
N GLN C 266 1.25 -11.89 34.63
CA GLN C 266 1.07 -13.33 34.76
C GLN C 266 0.06 -13.93 33.77
N HIS C 267 -0.96 -13.15 33.37
CA HIS C 267 -1.96 -13.64 32.45
C HIS C 267 -2.11 -12.76 31.20
N CYS C 268 -1.15 -11.84 30.93
CA CYS C 268 -1.28 -10.89 29.81
C CYS C 268 0.03 -10.24 29.36
N GLN C 269 0.24 -10.26 28.05
CA GLN C 269 1.47 -9.75 27.50
C GLN C 269 1.30 -8.48 26.65
N VAL C 270 0.06 -8.09 26.37
CA VAL C 270 -0.20 -6.94 25.50
C VAL C 270 -0.23 -5.57 26.16
N HIS C 271 -0.90 -5.47 27.29
CA HIS C 271 -0.97 -4.20 27.95
C HIS C 271 0.31 -3.98 28.71
N GLY C 272 1.07 -3.00 28.27
CA GLY C 272 2.36 -2.74 28.84
C GLY C 272 2.29 -1.99 30.14
N ASN C 273 3.44 -1.52 30.56
CA ASN C 273 3.51 -0.79 31.78
C ASN C 273 4.46 0.39 31.77
N ALA C 274 3.99 1.54 31.28
CA ALA C 274 4.71 2.78 31.44
C ALA C 274 4.47 3.12 32.92
N HIS C 275 5.16 4.08 33.50
CA HIS C 275 4.86 4.35 34.92
C HIS C 275 3.57 5.22 35.12
N VAL C 276 2.90 5.53 34.01
CA VAL C 276 1.69 6.33 33.91
C VAL C 276 0.39 5.71 34.47
N ALA C 277 -0.43 6.60 35.03
CA ALA C 277 -1.69 6.28 35.68
C ALA C 277 -2.65 5.44 34.86
N SER C 278 -2.89 5.80 33.60
CA SER C 278 -3.83 5.00 32.82
C SER C 278 -3.38 3.59 32.61
N CYS C 279 -2.06 3.34 32.53
CA CYS C 279 -1.59 1.96 32.32
C CYS C 279 -2.01 1.10 33.50
N ASP C 280 -1.89 1.64 34.73
CA ASP C 280 -2.39 0.89 35.89
C ASP C 280 -3.89 0.67 35.77
N ALA C 281 -4.60 1.71 35.36
CA ALA C 281 -6.04 1.63 35.22
C ALA C 281 -6.42 0.52 34.25
N ILE C 282 -5.72 0.50 33.14
CA ILE C 282 -5.92 -0.48 32.10
C ILE C 282 -5.60 -1.90 32.62
N MET C 283 -4.44 -2.05 33.29
CA MET C 283 -4.01 -3.35 33.77
C MET C 283 -4.98 -3.86 34.80
N THR C 284 -5.59 -2.95 35.55
CA THR C 284 -6.47 -3.39 36.60
C THR C 284 -7.72 -4.03 36.01
N ARG C 285 -8.30 -3.35 35.01
CA ARG C 285 -9.50 -3.84 34.36
C ARG C 285 -9.23 -5.17 33.69
N CYS C 286 -8.09 -5.26 33.01
CA CYS C 286 -7.65 -6.49 32.36
C CYS C 286 -7.68 -7.66 33.34
N LEU C 287 -7.05 -7.49 34.51
CA LEU C 287 -6.99 -8.53 35.52
C LEU C 287 -8.40 -8.97 35.92
N ALA C 288 -9.27 -8.01 36.19
CA ALA C 288 -10.65 -8.30 36.58
C ALA C 288 -11.41 -9.05 35.46
N VAL C 289 -11.16 -8.69 34.19
CA VAL C 289 -11.77 -9.42 33.07
C VAL C 289 -11.29 -10.86 33.04
N HIS C 290 -9.98 -11.05 33.16
CA HIS C 290 -9.40 -12.38 33.18
C HIS C 290 -9.94 -13.27 34.29
N GLU C 291 -10.11 -12.73 35.47
CA GLU C 291 -10.59 -13.53 36.57
C GLU C 291 -12.09 -13.77 36.56
N CYS C 292 -12.81 -13.28 35.55
CA CYS C 292 -14.27 -13.43 35.54
C CYS C 292 -14.83 -13.93 34.22
N PHE C 293 -14.13 -13.66 33.14
CA PHE C 293 -14.64 -14.02 31.82
C PHE C 293 -13.71 -14.97 31.06
N VAL C 294 -12.39 -14.86 31.29
CA VAL C 294 -11.45 -15.83 30.72
C VAL C 294 -11.68 -17.19 31.38
N LYS C 295 -11.96 -17.18 32.70
CA LYS C 295 -12.44 -18.40 33.34
C LYS C 295 -13.85 -18.65 32.68
N ARG C 296 -14.03 -19.83 32.11
CA ARG C 296 -15.24 -20.27 31.33
C ARG C 296 -16.62 -19.63 31.62
N VAL C 297 -17.18 -19.11 30.44
CA VAL C 297 -18.51 -18.57 30.32
C VAL C 297 -19.59 -19.10 31.27
N ASP C 298 -20.25 -18.13 31.90
CA ASP C 298 -21.35 -18.40 32.81
C ASP C 298 -22.70 -18.10 32.10
N TRP C 299 -23.44 -19.14 31.71
CA TRP C 299 -24.71 -18.92 31.03
C TRP C 299 -25.86 -18.58 31.98
N SER C 300 -25.61 -18.48 33.29
CA SER C 300 -26.71 -18.06 34.15
C SER C 300 -26.79 -16.55 34.12
N VAL C 301 -25.73 -15.90 33.61
CA VAL C 301 -25.70 -14.46 33.59
C VAL C 301 -25.98 -13.92 32.23
N GLU C 302 -27.15 -13.29 32.13
CA GLU C 302 -27.57 -12.69 30.87
C GLU C 302 -27.33 -11.19 30.89
N TYR C 303 -27.08 -10.64 29.70
CA TYR C 303 -26.88 -9.22 29.56
C TYR C 303 -27.85 -8.70 28.51
N PRO C 304 -28.43 -7.54 28.74
CA PRO C 304 -29.48 -6.90 27.99
C PRO C 304 -29.12 -6.44 26.62
N ILE C 305 -30.14 -6.06 25.89
CA ILE C 305 -29.99 -5.64 24.51
C ILE C 305 -29.69 -4.17 24.42
N ILE C 306 -28.56 -3.88 23.80
CA ILE C 306 -28.09 -2.55 23.51
C ILE C 306 -27.21 -2.81 22.30
N GLY C 307 -27.75 -3.55 21.32
CA GLY C 307 -26.93 -3.92 20.20
C GLY C 307 -27.35 -4.16 18.76
N ASP C 308 -28.56 -4.63 18.41
CA ASP C 308 -28.58 -4.79 16.96
C ASP C 308 -28.08 -6.16 17.07
N GLU C 309 -28.50 -6.75 18.16
CA GLU C 309 -28.06 -8.07 18.56
C GLU C 309 -29.04 -9.10 18.03
N LEU C 310 -30.30 -8.70 18.02
CA LEU C 310 -31.36 -9.54 17.54
C LEU C 310 -31.22 -9.93 16.08
N ARG C 311 -30.86 -8.96 15.21
CA ARG C 311 -30.75 -9.25 13.78
C ARG C 311 -29.54 -10.12 13.56
N VAL C 312 -28.51 -9.84 14.33
CA VAL C 312 -27.28 -10.58 14.30
C VAL C 312 -27.46 -12.03 14.72
N ASN C 313 -28.19 -12.25 15.80
CA ASN C 313 -28.41 -13.60 16.29
C ASN C 313 -29.28 -14.43 15.33
N SER C 314 -30.30 -13.83 14.73
CA SER C 314 -31.08 -14.64 13.81
C SER C 314 -30.29 -14.97 12.53
N ALA C 315 -29.38 -14.06 12.09
CA ALA C 315 -28.52 -14.31 10.93
C ALA C 315 -27.56 -15.42 11.22
N CYS C 316 -26.96 -15.35 12.39
CA CYS C 316 -26.03 -16.34 12.87
C CYS C 316 -26.70 -17.73 12.83
N ARG C 317 -27.91 -17.88 13.40
CA ARG C 317 -28.58 -19.20 13.39
C ARG C 317 -28.99 -19.64 11.99
N LYS C 318 -29.38 -18.67 11.13
CA LYS C 318 -29.86 -18.97 9.78
C LYS C 318 -28.74 -19.55 8.92
N VAL C 319 -27.55 -18.93 9.02
CA VAL C 319 -26.38 -19.41 8.32
C VAL C 319 -25.86 -20.71 8.92
N GLN C 320 -25.82 -20.80 10.25
CA GLN C 320 -25.39 -22.04 10.90
C GLN C 320 -26.19 -23.23 10.42
N HIS C 321 -27.52 -23.06 10.37
CA HIS C 321 -28.42 -24.09 9.88
C HIS C 321 -28.13 -24.43 8.45
N MET C 322 -28.05 -23.42 7.60
CA MET C 322 -27.75 -23.64 6.20
C MET C 322 -26.47 -24.44 5.94
N VAL C 323 -25.37 -23.99 6.49
CA VAL C 323 -24.07 -24.59 6.27
C VAL C 323 -23.93 -25.98 6.83
N VAL C 324 -24.34 -26.20 8.08
CA VAL C 324 -24.22 -27.52 8.66
C VAL C 324 -25.10 -28.51 7.91
N LYS C 325 -26.36 -28.12 7.64
CA LYS C 325 -27.29 -28.93 6.88
C LYS C 325 -26.70 -29.36 5.55
N SER C 326 -26.22 -28.37 4.79
CA SER C 326 -25.65 -28.54 3.47
C SER C 326 -24.45 -29.47 3.45
N ALA C 327 -23.55 -29.35 4.43
CA ALA C 327 -22.37 -30.23 4.47
C ALA C 327 -22.79 -31.67 4.74
N LEU C 328 -23.80 -31.86 5.60
CA LEU C 328 -24.32 -33.19 5.84
C LEU C 328 -24.93 -33.83 4.57
N LEU C 329 -25.47 -33.03 3.68
CA LEU C 329 -26.01 -33.58 2.45
C LEU C 329 -24.93 -33.74 1.37
N ALA C 330 -24.04 -32.75 1.23
CA ALA C 330 -22.99 -32.73 0.21
C ALA C 330 -21.99 -33.85 0.38
N ASP C 331 -21.49 -34.02 1.58
CA ASP C 331 -20.52 -35.05 1.86
C ASP C 331 -21.10 -35.88 2.99
N LYS C 332 -22.11 -36.67 2.67
CA LYS C 332 -22.91 -37.48 3.61
C LYS C 332 -22.08 -38.08 4.76
N PHE C 333 -22.26 -37.55 5.97
CA PHE C 333 -21.51 -38.01 7.12
C PHE C 333 -22.41 -38.86 8.01
N PRO C 334 -21.80 -39.78 8.76
CA PRO C 334 -22.46 -40.69 9.67
C PRO C 334 -22.62 -40.10 11.05
N VAL C 335 -21.71 -39.18 11.39
CA VAL C 335 -21.72 -38.56 12.71
C VAL C 335 -21.17 -37.14 12.67
N LEU C 336 -21.75 -36.30 13.52
CA LEU C 336 -21.38 -34.93 13.69
C LEU C 336 -20.97 -34.74 15.14
N HIS C 337 -19.74 -34.29 15.33
CA HIS C 337 -19.19 -34.07 16.66
C HIS C 337 -19.34 -32.60 17.03
N ASP C 338 -20.44 -32.26 17.70
CA ASP C 338 -20.76 -30.89 18.05
C ASP C 338 -19.94 -30.53 19.29
N ILE C 339 -18.88 -29.74 19.09
CA ILE C 339 -17.95 -29.40 20.17
C ILE C 339 -18.06 -27.97 20.60
N GLY C 340 -18.65 -27.75 21.78
CA GLY C 340 -18.83 -26.41 22.33
C GLY C 340 -20.32 -26.14 22.50
N ASN C 341 -21.07 -27.18 22.84
CA ASN C 341 -22.50 -27.04 22.92
C ASN C 341 -23.02 -27.69 24.19
N PRO C 342 -23.14 -26.91 25.26
CA PRO C 342 -23.54 -27.26 26.60
C PRO C 342 -25.02 -27.57 26.72
N LYS C 343 -25.77 -27.34 25.66
CA LYS C 343 -27.17 -27.63 25.68
C LYS C 343 -27.39 -28.65 24.60
N ALA C 344 -28.20 -29.67 24.82
CA ALA C 344 -28.36 -30.62 23.72
C ALA C 344 -29.32 -30.08 22.69
N ILE C 345 -28.84 -29.11 21.90
CA ILE C 345 -29.60 -28.47 20.85
C ILE C 345 -28.95 -28.63 19.50
N LYS C 346 -29.69 -29.25 18.59
CA LYS C 346 -29.20 -29.49 17.24
C LYS C 346 -29.56 -28.28 16.38
N CYS C 347 -28.61 -27.83 15.55
CA CYS C 347 -28.86 -26.74 14.63
C CYS C 347 -29.55 -27.24 13.34
N VAL C 348 -29.58 -28.57 13.18
CA VAL C 348 -30.34 -29.26 12.12
C VAL C 348 -30.96 -30.53 12.70
N PRO C 349 -31.96 -30.42 13.60
CA PRO C 349 -32.67 -31.48 14.32
C PRO C 349 -33.06 -32.65 13.41
N GLN C 350 -33.60 -32.28 12.26
CA GLN C 350 -34.10 -33.24 11.29
C GLN C 350 -33.00 -33.64 10.31
N ALA C 351 -32.10 -34.47 10.80
CA ALA C 351 -31.01 -34.96 9.96
C ALA C 351 -30.72 -36.38 10.34
N GLU C 352 -30.43 -37.20 9.33
CA GLU C 352 -30.20 -38.63 9.48
C GLU C 352 -29.01 -38.95 10.37
N VAL C 353 -27.99 -38.10 10.29
CA VAL C 353 -26.73 -38.19 11.01
C VAL C 353 -26.85 -38.45 12.55
N GLU C 354 -25.84 -39.12 13.11
CA GLU C 354 -25.71 -39.29 14.57
C GLU C 354 -25.17 -37.99 15.15
N TRP C 355 -25.82 -37.45 16.18
CA TRP C 355 -25.36 -36.15 16.65
C TRP C 355 -24.73 -36.32 18.04
N LYS C 356 -23.41 -36.14 18.16
CA LYS C 356 -22.73 -36.25 19.46
C LYS C 356 -22.45 -34.86 20.08
N PHE C 357 -22.63 -34.75 21.41
CA PHE C 357 -22.41 -33.46 22.07
C PHE C 357 -21.25 -33.45 23.06
N TYR C 358 -20.46 -32.39 22.99
CA TYR C 358 -19.32 -32.18 23.85
C TYR C 358 -19.31 -30.72 24.36
N ASP C 359 -18.81 -30.49 25.58
CA ASP C 359 -18.61 -29.13 26.13
C ASP C 359 -17.73 -29.18 27.38
N ALA C 360 -16.85 -28.20 27.55
CA ALA C 360 -16.02 -28.17 28.76
C ALA C 360 -16.86 -27.92 30.03
N GLN C 361 -18.08 -27.41 29.86
CA GLN C 361 -19.02 -27.15 30.96
C GLN C 361 -20.48 -27.47 30.55
N PRO C 362 -20.87 -28.75 30.54
CA PRO C 362 -22.19 -29.27 30.23
C PRO C 362 -23.27 -28.66 31.15
N CYS C 363 -24.40 -28.28 30.55
CA CYS C 363 -25.56 -27.77 31.28
C CYS C 363 -26.06 -28.86 32.22
N SER C 364 -26.54 -28.47 33.40
CA SER C 364 -27.14 -29.41 34.37
C SER C 364 -28.27 -30.21 33.73
N ASP C 365 -29.27 -29.49 33.22
CA ASP C 365 -30.35 -30.12 32.48
C ASP C 365 -29.73 -30.54 31.16
N LYS C 366 -30.00 -31.78 30.74
CA LYS C 366 -29.38 -32.36 29.55
C LYS C 366 -27.83 -32.56 29.73
N ALA C 367 -27.34 -32.72 30.98
CA ALA C 367 -25.90 -33.01 31.20
C ALA C 367 -25.51 -34.38 30.65
N TYR C 368 -26.37 -35.38 30.86
CA TYR C 368 -26.19 -36.77 30.44
C TYR C 368 -26.01 -36.99 28.93
N LYS C 369 -26.48 -36.05 28.12
CA LYS C 369 -26.35 -36.15 26.67
C LYS C 369 -25.01 -35.59 26.19
N ILE C 370 -24.23 -35.01 27.12
CA ILE C 370 -23.02 -34.29 26.78
C ILE C 370 -21.76 -34.81 27.49
N GLU C 371 -20.72 -35.06 26.71
CA GLU C 371 -19.48 -35.52 27.30
C GLU C 371 -18.63 -34.33 27.70
N GLU C 372 -18.20 -34.30 28.97
CA GLU C 372 -17.32 -33.23 29.39
C GLU C 372 -16.02 -33.32 28.58
N LEU C 373 -15.63 -32.19 27.99
CA LEU C 373 -14.45 -32.18 27.12
C LEU C 373 -13.84 -30.79 26.90
N PHE C 374 -12.52 -30.73 27.04
CA PHE C 374 -11.79 -29.53 26.69
C PHE C 374 -10.91 -29.87 25.51
N TYR C 375 -11.34 -29.48 24.32
CA TYR C 375 -10.61 -29.82 23.12
C TYR C 375 -9.24 -29.11 23.07
N SER C 376 -8.22 -29.89 22.75
CA SER C 376 -6.86 -29.38 22.53
C SER C 376 -6.21 -30.17 21.39
N TYR C 377 -5.70 -29.45 20.39
CA TYR C 377 -5.17 -30.06 19.15
C TYR C 377 -4.06 -31.06 19.44
N ALA C 378 -3.22 -30.69 20.39
CA ALA C 378 -2.12 -31.52 20.81
C ALA C 378 -2.59 -32.93 21.19
N ILE C 379 -3.75 -33.04 21.85
CA ILE C 379 -4.22 -34.34 22.33
C ILE C 379 -5.47 -34.86 21.62
N HIS C 380 -6.07 -34.05 20.73
CA HIS C 380 -7.24 -34.55 20.03
C HIS C 380 -7.14 -34.52 18.50
N HIS C 381 -5.99 -34.15 17.91
CA HIS C 381 -5.87 -34.12 16.43
C HIS C 381 -6.10 -35.51 15.76
N ASP C 382 -6.12 -36.58 16.57
CA ASP C 382 -6.34 -37.93 16.11
C ASP C 382 -7.52 -38.64 16.81
N LYS C 383 -8.37 -37.87 17.52
CA LYS C 383 -9.48 -38.48 18.27
C LYS C 383 -10.87 -38.31 17.66
N PHE C 384 -10.97 -37.59 16.55
CA PHE C 384 -12.29 -37.41 15.95
C PHE C 384 -12.26 -37.65 14.45
N THR C 385 -11.78 -38.83 14.03
CA THR C 385 -11.69 -39.24 12.62
C THR C 385 -13.05 -39.37 11.96
N ASP C 386 -13.95 -40.04 12.69
CA ASP C 386 -15.30 -40.33 12.24
C ASP C 386 -16.10 -39.06 12.00
N GLY C 387 -16.64 -38.95 10.79
CA GLY C 387 -17.53 -37.86 10.43
C GLY C 387 -16.89 -36.48 10.32
N VAL C 388 -17.63 -35.50 10.86
CA VAL C 388 -17.27 -34.08 10.82
C VAL C 388 -17.46 -33.44 12.19
N CYS C 389 -16.54 -32.53 12.55
CA CYS C 389 -16.63 -31.82 13.81
C CYS C 389 -17.17 -30.42 13.58
N LEU C 390 -17.89 -29.92 14.56
CA LEU C 390 -18.50 -28.61 14.47
C LEU C 390 -18.03 -27.71 15.60
N PHE C 391 -17.35 -26.64 15.22
CA PHE C 391 -16.87 -25.66 16.18
C PHE C 391 -17.52 -24.33 15.87
N TRP C 392 -18.78 -24.17 16.29
CA TRP C 392 -19.44 -22.91 16.01
C TRP C 392 -19.10 -21.98 17.19
N ASN C 393 -18.19 -21.04 16.95
CA ASN C 393 -17.71 -20.12 17.98
C ASN C 393 -17.21 -20.87 19.18
N CYS C 394 -16.47 -21.93 18.90
CA CYS C 394 -15.76 -22.69 19.89
C CYS C 394 -14.33 -22.41 19.51
N ASN C 395 -13.68 -21.62 20.33
CA ASN C 395 -12.38 -21.04 20.03
C ASN C 395 -11.27 -21.87 20.61
N VAL C 396 -10.73 -22.77 19.82
CA VAL C 396 -9.67 -23.66 20.29
C VAL C 396 -8.34 -23.36 19.60
N ASP C 397 -7.41 -24.30 19.78
CA ASP C 397 -6.06 -24.36 19.22
C ASP C 397 -6.21 -24.53 17.72
N ARG C 398 -5.20 -25.06 17.07
CA ARG C 398 -5.38 -25.39 15.67
C ARG C 398 -6.60 -26.31 15.50
N TYR C 399 -7.39 -26.03 14.46
CA TYR C 399 -8.60 -26.82 14.20
C TYR C 399 -8.25 -27.99 13.28
N PRO C 400 -8.89 -29.18 13.48
CA PRO C 400 -8.73 -30.42 12.74
C PRO C 400 -9.28 -30.24 11.32
N ALA C 401 -8.73 -31.02 10.39
CA ALA C 401 -9.05 -30.91 8.96
C ALA C 401 -10.46 -31.36 8.57
N ASN C 402 -11.17 -32.08 9.46
CA ASN C 402 -12.56 -32.49 9.17
C ASN C 402 -13.58 -31.68 9.96
N ALA C 403 -13.67 -30.38 9.74
CA ALA C 403 -14.55 -29.61 10.60
C ALA C 403 -15.13 -28.35 9.99
N ILE C 404 -16.23 -27.93 10.61
CA ILE C 404 -16.96 -26.72 10.28
C ILE C 404 -16.77 -25.72 11.39
N VAL C 405 -16.23 -24.55 11.04
CA VAL C 405 -15.83 -23.58 12.04
C VAL C 405 -16.35 -22.15 11.85
N CYS C 406 -16.84 -21.57 12.95
CA CYS C 406 -17.23 -20.18 12.94
C CYS C 406 -16.37 -19.48 13.97
N ARG C 407 -15.79 -18.36 13.57
CA ARG C 407 -14.89 -17.66 14.44
C ARG C 407 -15.01 -16.15 14.37
N PHE C 408 -15.36 -15.58 15.52
CA PHE C 408 -15.47 -14.14 15.69
C PHE C 408 -14.12 -13.40 15.69
N ASP C 409 -14.02 -12.37 14.83
CA ASP C 409 -12.83 -11.53 14.75
C ASP C 409 -12.91 -10.39 15.75
N THR C 410 -12.08 -10.47 16.79
CA THR C 410 -12.10 -9.50 17.88
C THR C 410 -11.77 -8.06 17.51
N ARG C 411 -11.14 -7.82 16.37
CA ARG C 411 -10.80 -6.45 15.97
C ARG C 411 -11.99 -5.61 15.58
N VAL C 412 -13.14 -6.24 15.35
CA VAL C 412 -14.32 -5.52 14.90
C VAL C 412 -14.90 -4.67 15.99
N LEU C 413 -15.02 -3.38 15.68
CA LEU C 413 -15.47 -2.45 16.69
C LEU C 413 -16.98 -2.22 16.63
N SER C 414 -17.59 -2.40 17.79
CA SER C 414 -19.00 -2.25 17.99
C SER C 414 -19.17 -2.10 19.46
N ASN C 415 -20.38 -1.82 19.87
CA ASN C 415 -20.59 -1.67 21.29
C ASN C 415 -20.96 -3.00 21.94
N LEU C 416 -20.82 -4.09 21.21
CA LEU C 416 -21.05 -5.41 21.78
C LEU C 416 -19.72 -5.97 22.18
N ASN C 417 -18.65 -5.35 21.70
CA ASN C 417 -17.34 -5.93 21.84
C ASN C 417 -16.47 -5.08 22.70
N LEU C 418 -16.32 -5.54 23.94
CA LEU C 418 -15.58 -4.86 24.99
C LEU C 418 -14.12 -5.35 24.99
N PRO C 419 -13.16 -4.51 25.37
CA PRO C 419 -11.76 -4.86 25.53
C PRO C 419 -11.52 -5.95 26.56
N GLY C 420 -10.82 -6.98 26.14
CA GLY C 420 -10.57 -8.10 27.02
C GLY C 420 -9.15 -8.18 27.46
N CYS C 421 -8.71 -9.40 27.67
CA CYS C 421 -7.38 -9.69 28.13
C CYS C 421 -6.39 -9.68 26.99
N ASP C 422 -5.77 -10.81 26.74
CA ASP C 422 -4.46 -10.82 26.16
C ASP C 422 -4.58 -10.33 24.75
N GLY C 423 -5.18 -9.17 24.53
CA GLY C 423 -5.23 -8.81 23.13
C GLY C 423 -6.49 -9.39 22.54
N GLY C 424 -7.23 -10.13 23.35
CA GLY C 424 -8.50 -10.65 22.93
C GLY C 424 -9.57 -9.64 23.30
N SER C 425 -10.82 -10.09 23.33
CA SER C 425 -11.89 -9.19 23.66
C SER C 425 -13.01 -9.91 24.33
N LEU C 426 -13.95 -9.15 24.86
CA LEU C 426 -15.07 -9.71 25.54
C LEU C 426 -16.32 -9.42 24.71
N TYR C 427 -16.85 -10.45 24.06
CA TYR C 427 -18.03 -10.25 23.25
C TYR C 427 -19.24 -10.44 24.15
N VAL C 428 -19.99 -9.38 24.35
CA VAL C 428 -21.16 -9.49 25.18
C VAL C 428 -22.35 -9.27 24.28
N ASN C 429 -23.16 -10.30 24.11
CA ASN C 429 -24.32 -10.18 23.25
C ASN C 429 -25.53 -10.44 24.10
N LYS C 430 -25.53 -11.62 24.58
CA LYS C 430 -26.45 -12.15 25.51
C LYS C 430 -25.45 -13.07 26.03
N HIS C 431 -25.26 -13.18 27.32
CA HIS C 431 -24.10 -13.94 27.82
C HIS C 431 -22.71 -13.38 27.32
N ALA C 432 -21.77 -13.31 28.25
CA ALA C 432 -20.44 -12.78 27.93
C ALA C 432 -19.46 -13.89 27.53
N PHE C 433 -18.85 -13.71 26.35
CA PHE C 433 -17.94 -14.68 25.79
C PHE C 433 -16.53 -14.13 25.56
N HIS C 434 -15.55 -14.56 26.37
CA HIS C 434 -14.20 -14.06 26.11
C HIS C 434 -13.61 -14.78 24.88
N THR C 435 -13.09 -14.00 23.96
CA THR C 435 -12.56 -14.52 22.70
C THR C 435 -11.11 -14.07 22.46
N PRO C 436 -10.17 -14.98 22.24
CA PRO C 436 -8.79 -14.71 21.92
C PRO C 436 -8.68 -14.16 20.52
N ALA C 437 -7.63 -13.39 20.28
CA ALA C 437 -7.46 -12.74 18.98
C ALA C 437 -7.39 -13.77 17.86
N PHE C 438 -7.87 -13.36 16.70
CA PHE C 438 -7.92 -14.24 15.55
C PHE C 438 -6.49 -14.72 15.24
N ASP C 439 -6.24 -16.03 15.34
CA ASP C 439 -4.91 -16.58 15.06
C ASP C 439 -4.96 -17.53 13.86
N LYS C 440 -4.73 -16.96 12.67
CA LYS C 440 -4.76 -17.64 11.36
C LYS C 440 -4.05 -19.02 11.30
N SER C 441 -3.05 -19.29 12.17
CA SER C 441 -2.30 -20.57 12.17
C SER C 441 -3.15 -21.76 12.63
N ALA C 442 -4.33 -21.48 13.17
CA ALA C 442 -5.25 -22.52 13.56
C ALA C 442 -6.09 -22.99 12.35
N PHE C 443 -6.04 -22.23 11.27
CA PHE C 443 -6.82 -22.52 10.10
C PHE C 443 -6.02 -23.07 8.92
N THR C 444 -4.82 -23.57 9.18
CA THR C 444 -4.00 -24.15 8.13
C THR C 444 -4.61 -25.44 7.61
N ASN C 445 -5.47 -26.06 8.42
CA ASN C 445 -6.15 -27.28 8.01
C ASN C 445 -7.50 -27.04 7.28
N LEU C 446 -7.90 -25.77 7.09
CA LEU C 446 -9.22 -25.48 6.55
C LEU C 446 -9.26 -24.43 5.44
N LYS C 447 -10.38 -24.43 4.70
CA LYS C 447 -10.75 -23.45 3.67
C LYS C 447 -11.62 -22.39 4.22
N GLN C 448 -11.44 -21.20 3.73
CA GLN C 448 -12.35 -20.15 4.08
C GLN C 448 -13.60 -20.45 3.22
N LEU C 449 -14.78 -20.57 3.85
CA LEU C 449 -16.06 -20.93 3.15
C LEU C 449 -16.71 -19.75 2.38
N PRO C 450 -16.97 -19.89 1.07
CA PRO C 450 -17.61 -18.92 0.19
C PRO C 450 -19.14 -18.99 0.26
N PHE C 451 -19.76 -17.90 -0.16
CA PHE C 451 -21.21 -17.77 -0.15
C PHE C 451 -21.96 -18.73 -1.05
N PHE C 452 -22.98 -19.37 -0.49
CA PHE C 452 -23.85 -20.15 -1.32
C PHE C 452 -25.19 -20.26 -0.63
N TYR C 453 -26.23 -20.46 -1.43
CA TYR C 453 -27.58 -20.69 -0.92
C TYR C 453 -28.04 -22.05 -1.37
N TYR C 454 -28.68 -22.80 -0.50
CA TYR C 454 -29.14 -24.11 -0.90
C TYR C 454 -30.52 -24.44 -0.35
N SER C 455 -31.38 -24.99 -1.20
CA SER C 455 -32.68 -25.43 -0.70
C SER C 455 -33.43 -26.39 -1.63
N ASP C 456 -33.82 -27.53 -1.08
CA ASP C 456 -34.68 -28.45 -1.80
C ASP C 456 -36.09 -28.31 -1.21
N SER C 457 -36.84 -27.34 -1.72
CA SER C 457 -38.22 -27.09 -1.33
C SER C 457 -39.01 -26.83 -2.60
N PRO C 458 -40.33 -26.93 -2.55
CA PRO C 458 -41.25 -26.66 -3.65
C PRO C 458 -41.28 -25.16 -3.95
N CYS C 459 -41.43 -24.78 -5.24
CA CYS C 459 -41.47 -23.36 -5.63
C CYS C 459 -42.87 -22.76 -5.83
N GLU C 460 -42.93 -21.46 -6.15
CA GLU C 460 -44.20 -20.77 -6.34
C GLU C 460 -44.21 -19.90 -7.60
N TYR C 472 -40.16 -6.51 -7.76
CA TYR C 472 -40.73 -7.49 -8.70
C TYR C 472 -39.76 -7.95 -9.84
N VAL C 473 -38.52 -7.44 -9.86
CA VAL C 473 -37.48 -7.82 -10.84
C VAL C 473 -36.63 -9.03 -10.42
N PRO C 474 -36.71 -10.18 -11.14
CA PRO C 474 -36.08 -11.46 -10.88
C PRO C 474 -34.59 -11.40 -11.12
N LEU C 475 -33.83 -12.16 -10.34
CA LEU C 475 -32.38 -12.15 -10.47
C LEU C 475 -31.79 -13.54 -10.65
N LYS C 476 -30.65 -13.57 -11.34
CA LYS C 476 -29.87 -14.80 -11.57
C LYS C 476 -28.51 -14.75 -10.85
N SER C 477 -28.06 -15.92 -10.36
CA SER C 477 -26.77 -16.08 -9.66
C SER C 477 -26.38 -17.53 -9.56
N ALA C 478 -25.12 -17.83 -9.91
CA ALA C 478 -24.58 -19.19 -9.88
C ALA C 478 -24.46 -19.77 -8.46
N THR C 479 -24.60 -18.92 -7.44
CA THR C 479 -24.56 -19.34 -6.06
C THR C 479 -25.93 -19.80 -5.56
N CYS C 480 -27.00 -19.52 -6.35
CA CYS C 480 -28.36 -19.92 -5.98
C CYS C 480 -28.60 -21.39 -6.25
N ILE C 481 -28.09 -22.25 -5.40
CA ILE C 481 -28.20 -23.65 -5.65
C ILE C 481 -29.54 -24.17 -5.24
N THR C 482 -30.48 -24.00 -6.11
CA THR C 482 -31.81 -24.46 -5.86
C THR C 482 -32.22 -25.62 -6.77
N ARG C 483 -33.15 -26.42 -6.23
CA ARG C 483 -33.82 -27.58 -6.89
C ARG C 483 -34.32 -27.22 -8.29
N CYS C 484 -34.63 -25.96 -8.49
CA CYS C 484 -35.06 -25.47 -9.77
C CYS C 484 -34.25 -24.29 -10.22
N ASN C 485 -33.09 -24.60 -10.75
CA ASN C 485 -32.28 -23.60 -11.39
C ASN C 485 -31.94 -24.18 -12.74
N LEU C 486 -32.85 -24.97 -13.28
CA LEU C 486 -32.66 -25.53 -14.60
C LEU C 486 -32.55 -24.30 -15.46
N GLY C 487 -33.70 -23.76 -15.84
CA GLY C 487 -33.74 -22.55 -16.63
C GLY C 487 -33.94 -21.36 -15.71
N GLY C 488 -34.30 -20.21 -16.25
CA GLY C 488 -34.51 -19.03 -15.42
C GLY C 488 -35.51 -19.25 -14.30
N ALA C 489 -35.03 -19.70 -13.16
CA ALA C 489 -35.87 -20.29 -12.14
C ALA C 489 -35.94 -19.33 -10.99
N VAL C 490 -36.15 -18.06 -11.34
CA VAL C 490 -36.29 -16.99 -10.39
C VAL C 490 -37.45 -17.48 -9.58
N CYS C 491 -37.38 -18.77 -9.30
CA CYS C 491 -38.43 -19.43 -8.53
C CYS C 491 -39.44 -18.68 -7.74
N ARG C 492 -39.23 -17.36 -7.56
CA ARG C 492 -40.10 -16.48 -6.76
C ARG C 492 -39.88 -16.77 -5.27
N HIS C 493 -40.36 -17.94 -4.81
CA HIS C 493 -40.17 -18.39 -3.45
C HIS C 493 -38.68 -18.47 -3.12
N HIS C 494 -37.90 -19.18 -3.95
CA HIS C 494 -36.47 -19.30 -3.68
C HIS C 494 -35.70 -18.09 -4.14
N ALA C 495 -36.33 -17.21 -4.89
CA ALA C 495 -35.66 -15.99 -5.26
C ALA C 495 -35.61 -15.12 -4.04
N ASN C 496 -36.71 -15.15 -3.32
CA ASN C 496 -36.87 -14.40 -2.10
C ASN C 496 -36.05 -15.01 -0.97
N GLU C 497 -36.17 -16.32 -0.77
CA GLU C 497 -35.42 -16.94 0.32
C GLU C 497 -33.93 -16.78 0.08
N TYR C 498 -33.48 -16.81 -1.19
CA TYR C 498 -32.09 -16.52 -1.54
C TYR C 498 -31.77 -15.12 -1.11
N ARG C 499 -32.61 -14.17 -1.55
CA ARG C 499 -32.45 -12.77 -1.24
C ARG C 499 -32.29 -12.52 0.26
N GLN C 500 -33.15 -13.15 1.07
CA GLN C 500 -33.11 -13.01 2.54
C GLN C 500 -31.87 -13.64 3.16
N TYR C 501 -31.55 -14.86 2.78
CA TYR C 501 -30.35 -15.54 3.26
C TYR C 501 -29.10 -14.72 2.97
N LEU C 502 -29.04 -14.12 1.78
CA LEU C 502 -27.94 -13.27 1.37
C LEU C 502 -27.76 -12.13 2.33
N ASP C 503 -28.86 -11.43 2.62
CA ASP C 503 -28.82 -10.30 3.53
C ASP C 503 -28.29 -10.73 4.91
N ALA C 504 -28.82 -11.84 5.41
CA ALA C 504 -28.44 -12.38 6.68
C ALA C 504 -26.96 -12.73 6.73
N TYR C 505 -26.49 -13.34 5.66
CA TYR C 505 -25.11 -13.75 5.56
C TYR C 505 -24.23 -12.52 5.62
N ASN C 506 -24.49 -11.53 4.78
CA ASN C 506 -23.69 -10.31 4.76
C ASN C 506 -23.67 -9.64 6.11
N MET C 507 -24.77 -9.73 6.85
CA MET C 507 -24.81 -9.17 8.19
C MET C 507 -23.81 -9.83 9.11
N MET C 508 -23.81 -11.16 9.19
CA MET C 508 -22.85 -11.76 10.13
C MET C 508 -21.42 -11.55 9.67
N ILE C 509 -21.20 -11.35 8.37
CA ILE C 509 -19.85 -11.12 7.90
C ILE C 509 -19.36 -9.75 8.34
N SER C 510 -20.19 -8.72 8.15
CA SER C 510 -19.81 -7.37 8.59
C SER C 510 -19.83 -7.26 10.10
N ALA C 511 -20.51 -8.19 10.78
CA ALA C 511 -20.50 -8.25 12.24
C ALA C 511 -19.20 -8.83 12.79
N GLY C 512 -18.35 -9.40 11.90
CA GLY C 512 -17.05 -9.94 12.29
C GLY C 512 -16.92 -11.45 12.28
N PHE C 513 -17.98 -12.16 11.92
CA PHE C 513 -17.86 -13.59 12.01
C PHE C 513 -17.25 -14.14 10.73
N SER C 514 -16.36 -15.09 10.93
CA SER C 514 -15.61 -15.70 9.86
C SER C 514 -15.97 -17.17 9.72
N LEU C 515 -16.16 -17.64 8.48
CA LEU C 515 -16.51 -19.05 8.26
C LEU C 515 -15.40 -19.88 7.57
N TRP C 516 -15.12 -21.05 8.15
CA TRP C 516 -14.08 -21.96 7.67
C TRP C 516 -14.64 -23.36 7.65
N ILE C 517 -14.11 -24.18 6.76
CA ILE C 517 -14.62 -25.53 6.56
C ILE C 517 -13.57 -26.46 5.98
N TYR C 518 -13.71 -27.77 6.24
CA TYR C 518 -12.80 -28.76 5.66
C TYR C 518 -12.60 -28.51 4.16
N LYS C 519 -11.35 -28.71 3.72
CA LYS C 519 -10.91 -28.38 2.38
C LYS C 519 -11.58 -29.21 1.30
N GLN C 520 -11.99 -30.40 1.71
CA GLN C 520 -12.63 -31.39 0.88
C GLN C 520 -14.03 -30.92 0.32
N PHE C 521 -14.63 -29.89 0.93
CA PHE C 521 -15.97 -29.41 0.57
C PHE C 521 -16.07 -28.86 -0.84
N ASP C 522 -17.19 -29.17 -1.49
CA ASP C 522 -17.52 -28.60 -2.79
C ASP C 522 -19.05 -28.53 -2.95
N THR C 523 -19.52 -27.60 -3.79
CA THR C 523 -20.93 -27.34 -4.02
C THR C 523 -21.54 -28.14 -5.14
N TYR C 524 -20.72 -28.68 -6.01
CA TYR C 524 -21.25 -29.56 -7.03
C TYR C 524 -21.96 -30.72 -6.32
N ASN C 525 -21.36 -31.20 -5.22
CA ASN C 525 -21.93 -32.26 -4.36
C ASN C 525 -23.38 -31.99 -3.97
N LEU C 526 -23.77 -30.71 -3.88
CA LEU C 526 -25.14 -30.28 -3.57
C LEU C 526 -26.04 -30.37 -4.80
N TRP C 527 -25.49 -30.03 -5.98
CA TRP C 527 -26.27 -30.17 -7.20
C TRP C 527 -26.61 -31.67 -7.44
N ASN C 528 -25.71 -32.57 -7.00
CA ASN C 528 -25.93 -34.04 -7.08
C ASN C 528 -27.02 -34.60 -6.12
N THR C 529 -27.68 -33.74 -5.33
CA THR C 529 -28.79 -34.19 -4.50
C THR C 529 -30.12 -34.01 -5.27
N PHE C 530 -30.02 -33.41 -6.49
CA PHE C 530 -31.20 -33.12 -7.32
C PHE C 530 -31.40 -34.14 -8.47
N THR C 531 -31.20 -35.41 -8.15
CA THR C 531 -31.47 -36.52 -9.08
C THR C 531 -32.45 -37.44 -8.30
N ARG C 532 -33.24 -38.25 -9.01
CA ARG C 532 -34.30 -39.03 -8.34
C ARG C 532 -34.43 -40.46 -8.88
N ALA D 8 -15.24 -25.28 -47.13
CA ALA D 8 -14.59 -25.94 -48.26
C ALA D 8 -13.44 -26.82 -47.80
N GLU D 9 -13.31 -26.97 -46.49
CA GLU D 9 -12.18 -27.68 -45.90
C GLU D 9 -12.67 -28.79 -44.97
N ASN D 10 -11.74 -29.54 -44.40
CA ASN D 10 -12.11 -30.60 -43.47
C ASN D 10 -11.81 -30.17 -42.06
N VAL D 11 -12.20 -30.98 -41.10
CA VAL D 11 -11.99 -30.63 -39.74
C VAL D 11 -11.65 -31.82 -38.89
N THR D 12 -11.38 -31.55 -37.62
CA THR D 12 -11.04 -32.61 -36.69
C THR D 12 -11.99 -32.56 -35.54
N GLY D 13 -11.84 -33.53 -34.66
CA GLY D 13 -12.54 -33.50 -33.40
C GLY D 13 -11.80 -32.67 -32.40
N LEU D 14 -10.54 -32.41 -32.66
CA LEU D 14 -9.74 -31.62 -31.76
C LEU D 14 -10.34 -30.27 -31.50
N PHE D 15 -10.36 -29.89 -30.24
CA PHE D 15 -10.82 -28.57 -29.87
C PHE D 15 -12.18 -28.25 -30.47
N LYS D 16 -12.96 -29.29 -30.70
CA LYS D 16 -14.32 -29.13 -31.11
C LYS D 16 -15.12 -28.36 -30.02
N ASP D 17 -15.91 -27.39 -30.44
CA ASP D 17 -16.74 -26.64 -29.52
C ASP D 17 -18.05 -27.39 -29.21
N CYS D 18 -18.12 -27.93 -27.99
CA CYS D 18 -19.25 -28.73 -27.57
C CYS D 18 -20.37 -27.98 -26.90
N SER D 19 -20.34 -26.65 -26.92
CA SER D 19 -21.39 -25.92 -26.24
C SER D 19 -22.70 -26.05 -26.99
N LYS D 20 -23.79 -25.90 -26.24
CA LYS D 20 -25.12 -25.91 -26.83
C LYS D 20 -25.51 -24.52 -27.42
N ILE D 21 -24.60 -23.59 -27.28
CA ILE D 21 -24.80 -22.26 -27.75
C ILE D 21 -25.05 -22.23 -29.23
N ILE D 22 -26.05 -21.49 -29.65
CA ILE D 22 -26.31 -21.31 -31.06
C ILE D 22 -25.54 -20.08 -31.48
N THR D 23 -25.13 -20.08 -32.71
CA THR D 23 -24.32 -18.99 -33.29
C THR D 23 -22.86 -18.93 -32.87
N GLY D 24 -22.05 -18.48 -33.82
CA GLY D 24 -20.61 -18.40 -33.68
C GLY D 24 -20.00 -17.42 -32.72
N LEU D 25 -18.69 -17.24 -32.87
CA LEU D 25 -18.01 -16.38 -31.95
C LEU D 25 -17.50 -15.16 -32.66
N HIS D 26 -17.52 -14.04 -31.97
CA HIS D 26 -17.08 -12.79 -32.53
C HIS D 26 -15.62 -12.79 -32.93
N PRO D 27 -15.34 -12.45 -34.17
CA PRO D 27 -13.94 -12.44 -34.65
C PRO D 27 -12.80 -12.28 -33.59
N THR D 28 -13.00 -11.37 -32.62
CA THR D 28 -11.91 -11.18 -31.65
C THR D 28 -11.80 -12.25 -30.57
N GLN D 29 -12.93 -12.87 -30.26
CA GLN D 29 -13.03 -13.88 -29.22
C GLN D 29 -12.92 -15.28 -29.80
N ALA D 30 -13.11 -15.37 -31.10
CA ALA D 30 -13.00 -16.62 -31.78
C ALA D 30 -11.56 -17.01 -31.87
N PRO D 31 -11.27 -18.29 -31.66
CA PRO D 31 -9.95 -18.86 -31.71
C PRO D 31 -9.59 -19.16 -33.12
N THR D 32 -10.58 -19.49 -33.94
CA THR D 32 -10.31 -19.77 -35.34
C THR D 32 -11.32 -19.18 -36.26
N HIS D 33 -10.98 -19.15 -37.54
CA HIS D 33 -11.92 -18.72 -38.56
C HIS D 33 -13.24 -19.52 -38.47
N LEU D 34 -13.15 -20.85 -38.33
CA LEU D 34 -14.34 -21.70 -38.33
C LEU D 34 -15.24 -21.51 -37.13
N SER D 35 -14.73 -20.90 -36.07
CA SER D 35 -15.50 -20.69 -34.86
C SER D 35 -16.17 -19.31 -34.89
N VAL D 36 -15.89 -18.52 -35.94
CA VAL D 36 -16.47 -17.20 -36.06
C VAL D 36 -17.84 -17.34 -36.64
N ASP D 37 -18.77 -16.58 -36.10
CA ASP D 37 -20.13 -16.65 -36.57
C ASP D 37 -20.24 -16.22 -38.03
N ILE D 38 -21.06 -16.95 -38.75
CA ILE D 38 -21.32 -16.70 -40.16
C ILE D 38 -21.74 -15.24 -40.46
N LYS D 39 -22.29 -14.54 -39.45
CA LYS D 39 -22.72 -13.14 -39.50
C LYS D 39 -21.57 -12.17 -39.67
N PHE D 40 -20.34 -12.65 -39.58
CA PHE D 40 -19.18 -11.81 -39.82
C PHE D 40 -18.39 -12.33 -41.02
N LYS D 41 -18.92 -13.35 -41.70
CA LYS D 41 -18.16 -13.96 -42.79
C LYS D 41 -18.62 -13.59 -44.18
N THR D 42 -17.64 -13.29 -45.04
CA THR D 42 -17.88 -12.90 -46.42
C THR D 42 -16.63 -12.93 -47.25
N GLU D 43 -16.76 -13.33 -48.54
CA GLU D 43 -15.63 -13.37 -49.49
C GLU D 43 -14.39 -14.09 -48.91
N GLY D 44 -14.60 -15.06 -48.03
CA GLY D 44 -13.50 -15.81 -47.42
C GLY D 44 -12.94 -15.18 -46.15
N LEU D 45 -13.30 -13.94 -45.85
CA LEU D 45 -12.77 -13.26 -44.66
C LEU D 45 -13.80 -13.00 -43.61
N CYS D 46 -13.35 -12.39 -42.52
CA CYS D 46 -14.28 -11.97 -41.50
C CYS D 46 -14.29 -10.47 -41.47
N VAL D 47 -15.32 -9.85 -40.90
CA VAL D 47 -15.34 -8.38 -40.88
C VAL D 47 -15.99 -7.90 -39.60
N ASP D 48 -15.42 -6.82 -39.02
CA ASP D 48 -15.90 -6.27 -37.75
C ASP D 48 -17.17 -5.48 -37.90
N ILE D 49 -18.20 -5.93 -37.24
CA ILE D 49 -19.46 -5.28 -37.34
C ILE D 49 -19.98 -4.92 -35.98
N PRO D 50 -19.76 -3.68 -35.51
CA PRO D 50 -20.09 -3.17 -34.18
C PRO D 50 -21.56 -3.35 -33.78
N GLY D 51 -22.44 -3.55 -34.75
CA GLY D 51 -23.86 -3.78 -34.47
C GLY D 51 -24.11 -5.17 -33.94
N ILE D 52 -23.13 -6.05 -34.13
CA ILE D 52 -23.22 -7.40 -33.63
C ILE D 52 -22.06 -7.42 -32.60
N PRO D 53 -22.34 -7.04 -31.36
CA PRO D 53 -21.38 -6.83 -30.28
C PRO D 53 -20.69 -8.11 -29.85
N LYS D 54 -19.47 -7.98 -29.29
CA LYS D 54 -18.77 -9.14 -28.78
C LYS D 54 -19.44 -9.56 -27.48
N ASP D 55 -19.31 -10.85 -27.16
CA ASP D 55 -20.00 -11.45 -26.02
C ASP D 55 -19.41 -11.02 -24.67
N MET D 56 -20.25 -10.60 -23.73
CA MET D 56 -19.72 -10.20 -22.42
C MET D 56 -19.27 -11.39 -21.58
N THR D 57 -20.00 -12.50 -21.66
CA THR D 57 -19.62 -13.65 -20.88
C THR D 57 -20.07 -14.96 -21.53
N TYR D 58 -19.24 -16.01 -21.42
CA TYR D 58 -19.67 -17.31 -21.94
C TYR D 58 -18.90 -18.52 -21.41
N ARG D 59 -19.49 -19.70 -21.66
CA ARG D 59 -18.96 -21.00 -21.26
C ARG D 59 -19.03 -22.02 -22.38
N ARG D 60 -17.91 -22.18 -23.07
CA ARG D 60 -17.80 -23.11 -24.17
C ARG D 60 -16.89 -24.27 -23.92
N LEU D 61 -17.48 -25.40 -23.55
CA LEU D 61 -16.70 -26.61 -23.35
C LEU D 61 -16.01 -27.03 -24.62
N ILE D 62 -14.70 -27.12 -24.56
CA ILE D 62 -13.86 -27.50 -25.68
C ILE D 62 -13.43 -28.98 -25.54
N SER D 63 -13.61 -29.79 -26.61
CA SER D 63 -13.26 -31.22 -26.57
C SER D 63 -11.77 -31.41 -26.78
N MET D 64 -11.17 -32.30 -25.95
CA MET D 64 -9.72 -32.61 -26.01
C MET D 64 -9.48 -34.00 -26.67
N MET D 65 -10.47 -34.49 -27.43
CA MET D 65 -10.34 -35.77 -28.12
C MET D 65 -9.77 -35.56 -29.52
N GLY D 66 -8.70 -36.26 -29.87
CA GLY D 66 -8.23 -36.19 -31.26
C GLY D 66 -6.82 -35.68 -31.39
N PHE D 67 -6.00 -36.01 -30.42
CA PHE D 67 -4.64 -35.50 -30.33
C PHE D 67 -3.50 -35.84 -31.28
N LYS D 68 -3.69 -36.46 -32.45
CA LYS D 68 -2.53 -36.81 -33.35
C LYS D 68 -1.11 -36.16 -33.01
N MET D 69 -0.24 -36.95 -32.32
CA MET D 69 1.11 -36.47 -31.90
C MET D 69 2.24 -37.11 -32.71
N ASN D 70 2.39 -36.61 -33.93
CA ASN D 70 3.35 -37.11 -34.88
C ASN D 70 4.52 -36.16 -35.15
N TYR D 71 4.92 -35.35 -34.18
CA TYR D 71 5.94 -34.37 -34.49
C TYR D 71 7.35 -34.92 -34.48
N GLN D 72 8.19 -34.38 -35.35
CA GLN D 72 9.59 -34.73 -35.42
C GLN D 72 10.44 -33.52 -35.11
N VAL D 73 10.59 -33.20 -33.84
CA VAL D 73 11.37 -32.06 -33.47
C VAL D 73 12.73 -32.53 -32.94
N ASN D 74 13.81 -31.93 -33.44
CA ASN D 74 15.17 -32.40 -33.14
C ASN D 74 15.53 -32.61 -31.65
N GLY D 75 14.93 -31.86 -30.72
CA GLY D 75 15.30 -32.06 -29.30
C GLY D 75 14.28 -32.84 -28.48
N TYR D 76 13.25 -33.36 -29.15
CA TYR D 76 12.17 -33.97 -28.43
C TYR D 76 11.98 -35.46 -28.78
N PRO D 77 11.69 -36.29 -27.79
CA PRO D 77 11.47 -37.71 -27.86
C PRO D 77 10.15 -38.00 -28.50
N ASN D 78 10.05 -39.17 -29.11
CA ASN D 78 8.77 -39.62 -29.62
C ASN D 78 7.95 -40.16 -28.42
N MET D 79 6.67 -39.78 -28.30
CA MET D 79 5.84 -40.30 -27.19
C MET D 79 5.49 -41.77 -27.45
N PHE D 80 5.28 -42.10 -28.71
CA PHE D 80 4.98 -43.45 -29.11
C PHE D 80 6.23 -44.12 -29.61
N ILE D 81 6.43 -45.35 -29.14
CA ILE D 81 7.64 -46.12 -29.42
C ILE D 81 7.39 -47.42 -30.19
N THR D 82 8.48 -47.99 -30.70
CA THR D 82 8.42 -49.19 -31.54
C THR D 82 8.18 -50.42 -30.70
N ARG D 83 7.78 -51.53 -31.34
CA ARG D 83 7.55 -52.78 -30.58
C ARG D 83 8.84 -53.17 -29.92
N GLU D 84 9.94 -53.10 -30.69
CA GLU D 84 11.26 -53.38 -30.16
C GLU D 84 11.63 -52.57 -28.94
N GLU D 85 11.55 -51.25 -29.08
CA GLU D 85 11.86 -50.31 -28.02
C GLU D 85 11.03 -50.70 -26.78
N ALA D 86 9.76 -51.06 -26.96
CA ALA D 86 8.92 -51.45 -25.84
C ALA D 86 9.41 -52.71 -25.18
N ILE D 87 9.94 -53.67 -25.97
CA ILE D 87 10.51 -54.91 -25.45
C ILE D 87 11.75 -54.67 -24.62
N ARG D 88 12.63 -53.80 -25.10
CA ARG D 88 13.84 -53.43 -24.39
C ARG D 88 13.47 -52.90 -23.00
N HIS D 89 12.35 -52.18 -22.94
CA HIS D 89 11.92 -51.58 -21.69
C HIS D 89 10.73 -52.23 -20.99
N VAL D 90 10.55 -53.54 -21.15
CA VAL D 90 9.46 -54.24 -20.47
C VAL D 90 9.33 -53.94 -18.96
N ARG D 91 10.43 -53.62 -18.28
CA ARG D 91 10.33 -53.32 -16.87
C ARG D 91 9.51 -52.05 -16.59
N ALA D 92 9.50 -51.14 -17.55
CA ALA D 92 8.74 -49.89 -17.46
C ALA D 92 7.26 -50.03 -17.87
N TRP D 93 6.84 -51.22 -18.27
CA TRP D 93 5.46 -51.33 -18.69
C TRP D 93 4.49 -51.16 -17.57
N ILE D 94 3.42 -50.47 -17.92
CA ILE D 94 2.25 -50.33 -17.10
C ILE D 94 1.02 -50.09 -18.01
N GLY D 95 0.00 -50.90 -17.80
CA GLY D 95 -1.21 -50.84 -18.58
C GLY D 95 -2.03 -49.65 -18.18
N PHE D 96 -2.73 -49.06 -19.14
CA PHE D 96 -3.54 -47.87 -18.91
C PHE D 96 -4.85 -47.82 -19.70
N ASP D 97 -5.97 -47.80 -18.98
CA ASP D 97 -7.29 -47.73 -19.59
C ASP D 97 -8.20 -46.83 -18.79
N VAL D 98 -8.94 -45.96 -19.48
CA VAL D 98 -9.85 -45.06 -18.80
C VAL D 98 -11.31 -45.32 -19.16
N GLU D 99 -12.16 -45.27 -18.14
CA GLU D 99 -13.60 -45.31 -18.32
C GLU D 99 -14.04 -43.85 -18.26
N GLY D 100 -14.81 -43.40 -19.25
CA GLY D 100 -15.20 -42.00 -19.25
C GLY D 100 -16.68 -41.77 -19.02
N CYS D 101 -17.04 -40.51 -19.14
CA CYS D 101 -18.39 -40.03 -19.00
C CYS D 101 -18.63 -38.94 -20.03
N HIS D 102 -19.89 -38.57 -20.25
CA HIS D 102 -20.24 -37.62 -21.28
C HIS D 102 -20.63 -36.25 -20.73
N ALA D 103 -20.19 -35.19 -21.41
CA ALA D 103 -20.63 -33.82 -21.06
C ALA D 103 -22.12 -33.77 -21.33
N THR D 104 -22.91 -32.98 -20.58
CA THR D 104 -24.33 -33.12 -20.88
C THR D 104 -25.30 -31.94 -20.70
N ARG D 105 -25.09 -31.09 -19.74
CA ARG D 105 -26.08 -30.05 -19.52
C ARG D 105 -25.81 -28.85 -20.40
N ASP D 106 -24.82 -28.08 -19.99
CA ASP D 106 -24.38 -26.84 -20.59
C ASP D 106 -23.78 -27.04 -21.99
N ALA D 107 -23.29 -28.26 -22.20
CA ALA D 107 -22.58 -28.63 -23.41
C ALA D 107 -22.74 -30.13 -23.67
N VAL D 108 -22.30 -30.58 -24.84
CA VAL D 108 -22.45 -31.97 -25.20
C VAL D 108 -21.63 -32.34 -26.42
N GLY D 109 -21.05 -33.54 -26.41
CA GLY D 109 -20.32 -34.08 -27.55
C GLY D 109 -18.88 -34.38 -27.24
N THR D 110 -18.60 -34.76 -25.99
CA THR D 110 -17.22 -35.05 -25.62
C THR D 110 -17.15 -35.93 -24.41
N ASN D 111 -16.06 -36.70 -24.32
CA ASN D 111 -15.83 -37.58 -23.18
C ASN D 111 -14.83 -37.01 -22.20
N LEU D 112 -15.16 -37.19 -20.93
CA LEU D 112 -14.34 -36.74 -19.84
C LEU D 112 -13.86 -37.96 -19.07
N PRO D 113 -12.65 -37.94 -18.50
CA PRO D 113 -12.05 -39.01 -17.73
C PRO D 113 -12.76 -39.11 -16.37
N LEU D 114 -13.33 -40.30 -16.12
CA LEU D 114 -14.00 -40.62 -14.86
C LEU D 114 -13.18 -41.57 -14.02
N GLN D 115 -12.89 -42.77 -14.56
CA GLN D 115 -12.12 -43.78 -13.84
C GLN D 115 -10.84 -44.15 -14.60
N LEU D 116 -9.72 -44.03 -13.91
CA LEU D 116 -8.43 -44.26 -14.55
C LEU D 116 -7.81 -45.50 -13.97
N GLY D 117 -7.72 -46.53 -14.78
CA GLY D 117 -7.17 -47.77 -14.29
C GLY D 117 -5.77 -47.99 -14.78
N PHE D 118 -4.99 -48.66 -13.94
CA PHE D 118 -3.63 -49.03 -14.26
C PHE D 118 -3.47 -50.50 -14.07
N SER D 119 -2.37 -51.08 -14.61
CA SER D 119 -2.12 -52.52 -14.47
C SER D 119 -1.52 -52.88 -13.15
N THR D 120 -1.40 -51.90 -12.26
CA THR D 120 -1.17 -52.21 -10.89
C THR D 120 -2.60 -52.46 -10.47
N GLY D 121 -2.91 -52.57 -9.22
CA GLY D 121 -4.35 -52.79 -8.97
C GLY D 121 -5.19 -51.49 -9.01
N VAL D 122 -4.51 -50.36 -9.17
CA VAL D 122 -5.08 -49.05 -8.99
C VAL D 122 -6.17 -48.58 -9.93
N ASN D 123 -7.17 -47.96 -9.28
CA ASN D 123 -8.28 -47.25 -9.90
C ASN D 123 -8.46 -45.88 -9.24
N LEU D 124 -8.05 -44.82 -9.93
CA LEU D 124 -8.30 -43.49 -9.40
C LEU D 124 -9.60 -42.99 -10.03
N VAL D 125 -10.46 -42.40 -9.21
CA VAL D 125 -11.72 -41.85 -9.72
C VAL D 125 -11.69 -40.35 -9.64
N ALA D 126 -11.80 -39.70 -10.77
CA ALA D 126 -11.69 -38.28 -10.82
C ALA D 126 -13.03 -37.63 -10.93
N VAL D 127 -13.06 -36.34 -10.58
CA VAL D 127 -14.23 -35.51 -10.83
C VAL D 127 -14.16 -35.18 -12.31
N PRO D 128 -15.27 -35.24 -13.01
CA PRO D 128 -15.37 -35.05 -14.41
C PRO D 128 -15.05 -33.62 -14.70
N THR D 129 -13.80 -33.34 -14.99
CA THR D 129 -13.46 -31.97 -15.33
C THR D 129 -13.15 -31.87 -16.80
N GLY D 130 -13.12 -30.64 -17.28
CA GLY D 130 -12.88 -30.36 -18.68
C GLY D 130 -12.32 -28.97 -18.89
N TYR D 131 -12.16 -28.62 -20.15
CA TYR D 131 -11.58 -27.34 -20.56
C TYR D 131 -12.65 -26.43 -21.14
N VAL D 132 -12.75 -25.20 -20.65
CA VAL D 132 -13.80 -24.28 -21.06
C VAL D 132 -13.32 -22.92 -21.58
N ASP D 133 -13.72 -22.52 -22.77
CA ASP D 133 -13.37 -21.17 -23.15
C ASP D 133 -14.33 -20.16 -22.51
N THR D 134 -13.75 -19.03 -22.12
CA THR D 134 -14.47 -17.92 -21.52
C THR D 134 -14.06 -16.67 -22.24
N GLU D 135 -14.67 -15.56 -21.88
CA GLU D 135 -14.33 -14.28 -22.49
C GLU D 135 -12.85 -13.82 -22.29
N ASN D 136 -12.15 -14.39 -21.30
CA ASN D 136 -10.80 -13.96 -20.90
C ASN D 136 -9.67 -14.96 -21.19
N ASN D 137 -10.01 -16.24 -21.08
CA ASN D 137 -9.02 -17.31 -21.11
C ASN D 137 -9.65 -18.66 -21.34
N THR D 138 -8.88 -19.71 -21.07
CA THR D 138 -9.42 -21.07 -21.07
C THR D 138 -9.37 -21.56 -19.63
N GLU D 139 -10.50 -21.99 -19.08
CA GLU D 139 -10.58 -22.45 -17.70
C GLU D 139 -10.53 -23.95 -17.60
N PHE D 140 -9.90 -24.45 -16.54
CA PHE D 140 -9.90 -25.88 -16.24
C PHE D 140 -10.88 -26.05 -15.09
N THR D 141 -12.00 -26.72 -15.33
CA THR D 141 -13.00 -26.80 -14.28
C THR D 141 -13.95 -27.96 -14.35
N ARG D 142 -14.73 -28.15 -13.28
CA ARG D 142 -15.66 -29.28 -13.30
C ARG D 142 -16.75 -28.96 -14.31
N VAL D 143 -17.21 -30.01 -14.96
CA VAL D 143 -18.23 -29.98 -15.97
C VAL D 143 -19.42 -30.88 -15.62
N ASN D 144 -20.64 -30.41 -15.89
CA ASN D 144 -21.81 -31.26 -15.65
C ASN D 144 -21.69 -32.45 -16.59
N ALA D 145 -21.84 -33.64 -16.05
CA ALA D 145 -21.67 -34.80 -16.88
C ALA D 145 -22.47 -35.98 -16.38
N LYS D 146 -22.59 -36.98 -17.23
CA LYS D 146 -23.36 -38.19 -16.99
C LYS D 146 -22.62 -39.42 -17.53
N PRO D 147 -22.91 -40.61 -17.02
CA PRO D 147 -22.41 -41.89 -17.48
C PRO D 147 -23.12 -42.30 -18.78
N PRO D 148 -22.47 -43.10 -19.64
CA PRO D 148 -22.95 -43.65 -20.91
C PRO D 148 -24.22 -44.49 -20.74
N PRO D 149 -25.09 -44.46 -21.76
CA PRO D 149 -26.41 -45.10 -21.89
C PRO D 149 -26.61 -46.57 -21.50
N GLY D 150 -25.69 -47.43 -21.90
CA GLY D 150 -25.89 -48.87 -21.75
C GLY D 150 -25.90 -49.42 -20.31
N ASP D 151 -26.58 -50.56 -20.16
CA ASP D 151 -26.71 -51.31 -18.90
C ASP D 151 -25.37 -51.68 -18.28
N GLN D 152 -24.41 -52.03 -19.13
CA GLN D 152 -23.06 -52.39 -18.73
C GLN D 152 -22.27 -51.27 -18.06
N PHE D 153 -22.75 -50.03 -18.17
CA PHE D 153 -22.05 -48.90 -17.58
C PHE D 153 -22.64 -48.44 -16.25
N LYS D 154 -23.59 -49.19 -15.70
CA LYS D 154 -24.20 -48.79 -14.44
C LYS D 154 -23.20 -48.72 -13.28
N HIS D 155 -22.08 -49.46 -13.39
CA HIS D 155 -21.05 -49.41 -12.35
C HIS D 155 -20.36 -48.03 -12.27
N LEU D 156 -20.58 -47.17 -13.29
CA LEU D 156 -20.00 -45.86 -13.31
C LEU D 156 -20.88 -44.84 -12.65
N ILE D 157 -22.10 -45.21 -12.32
CA ILE D 157 -23.01 -44.22 -11.79
C ILE D 157 -22.56 -43.66 -10.46
N PRO D 158 -22.30 -44.48 -9.42
CA PRO D 158 -21.88 -44.08 -8.08
C PRO D 158 -20.59 -43.28 -8.15
N LEU D 159 -19.78 -43.59 -9.15
CA LEU D 159 -18.49 -42.98 -9.32
C LEU D 159 -18.55 -41.52 -9.69
N MET D 160 -19.71 -41.07 -10.20
CA MET D 160 -19.89 -39.69 -10.60
C MET D 160 -19.81 -38.76 -9.39
N TYR D 161 -20.04 -39.37 -8.24
CA TYR D 161 -20.09 -38.76 -6.94
C TYR D 161 -18.72 -38.73 -6.30
N LYS D 162 -18.23 -39.93 -5.96
CA LYS D 162 -16.94 -40.16 -5.31
C LYS D 162 -15.84 -39.26 -5.82
N GLY D 163 -15.44 -39.52 -7.05
CA GLY D 163 -14.41 -38.74 -7.71
C GLY D 163 -13.17 -38.42 -6.91
N LEU D 164 -12.68 -37.24 -7.17
CA LEU D 164 -11.51 -36.72 -6.54
C LEU D 164 -10.90 -35.69 -7.43
N PRO D 165 -10.68 -34.53 -6.88
CA PRO D 165 -10.02 -33.44 -7.63
C PRO D 165 -8.86 -33.88 -8.47
N TRP D 166 -8.62 -33.21 -9.58
CA TRP D 166 -7.45 -33.48 -10.42
C TRP D 166 -6.14 -32.99 -9.83
N ASN D 167 -6.22 -32.15 -8.79
CA ASN D 167 -5.05 -31.71 -8.03
C ASN D 167 -4.34 -32.93 -7.52
N VAL D 168 -5.20 -33.74 -6.88
CA VAL D 168 -4.96 -34.97 -6.19
C VAL D 168 -4.64 -36.13 -7.08
N VAL D 169 -5.52 -36.36 -8.04
CA VAL D 169 -5.39 -37.51 -8.91
C VAL D 169 -4.09 -37.51 -9.63
N ARG D 170 -3.67 -36.38 -10.17
CA ARG D 170 -2.39 -36.40 -10.88
C ARG D 170 -1.19 -36.57 -9.98
N ILE D 171 -1.30 -36.14 -8.73
CA ILE D 171 -0.20 -36.41 -7.79
C ILE D 171 -0.16 -37.91 -7.48
N LYS D 172 -1.33 -38.50 -7.18
CA LYS D 172 -1.42 -39.91 -6.88
C LYS D 172 -0.89 -40.75 -8.03
N ILE D 173 -1.10 -40.32 -9.28
CA ILE D 173 -0.52 -41.00 -10.44
C ILE D 173 1.00 -40.96 -10.39
N VAL D 174 1.58 -39.81 -10.06
CA VAL D 174 3.05 -39.71 -9.99
C VAL D 174 3.63 -40.55 -8.83
N GLN D 175 2.98 -40.53 -7.67
CA GLN D 175 3.45 -41.34 -6.55
C GLN D 175 3.30 -42.84 -6.86
N MET D 176 2.17 -43.24 -7.42
CA MET D 176 1.90 -44.63 -7.79
C MET D 176 2.93 -45.11 -8.84
N LEU D 177 3.13 -44.33 -9.90
CA LEU D 177 4.09 -44.69 -10.94
C LEU D 177 5.50 -44.71 -10.40
N SER D 178 5.79 -43.81 -9.46
CA SER D 178 7.06 -43.75 -8.76
C SER D 178 7.29 -45.00 -7.89
N ASP D 179 6.41 -45.27 -6.92
CA ASP D 179 6.52 -46.46 -6.09
C ASP D 179 6.73 -47.71 -6.93
N THR D 180 5.84 -47.93 -7.90
CA THR D 180 5.92 -49.09 -8.75
C THR D 180 7.20 -49.19 -9.59
N LEU D 181 7.64 -48.10 -10.22
CA LEU D 181 8.82 -48.20 -11.08
C LEU D 181 10.13 -47.68 -10.52
N LYS D 182 10.18 -47.21 -9.26
CA LYS D 182 11.42 -46.57 -8.75
C LYS D 182 12.66 -47.43 -8.80
N GLY D 183 12.50 -48.76 -8.73
CA GLY D 183 13.62 -49.69 -8.81
C GLY D 183 13.72 -50.32 -10.19
N LEU D 184 12.56 -50.65 -10.76
CA LEU D 184 12.46 -51.31 -12.06
C LEU D 184 12.98 -50.53 -13.27
N SER D 185 12.70 -49.23 -13.39
CA SER D 185 13.19 -48.53 -14.59
C SER D 185 13.47 -47.03 -14.44
N ASP D 186 13.90 -46.41 -15.57
CA ASP D 186 14.21 -44.97 -15.66
C ASP D 186 13.15 -44.21 -16.38
N ARG D 187 12.11 -44.93 -16.80
CA ARG D 187 10.99 -44.37 -17.54
C ARG D 187 9.70 -45.07 -17.21
N VAL D 188 8.69 -44.80 -18.04
CA VAL D 188 7.39 -45.45 -17.99
C VAL D 188 6.90 -45.59 -19.41
N VAL D 189 6.29 -46.72 -19.67
CA VAL D 189 5.71 -47.06 -20.95
C VAL D 189 4.29 -47.46 -20.72
N PHE D 190 3.37 -46.62 -21.15
CA PHE D 190 1.99 -46.96 -20.96
C PHE D 190 1.56 -47.90 -22.06
N VAL D 191 0.93 -49.00 -21.67
CA VAL D 191 0.49 -49.98 -22.64
C VAL D 191 -1.00 -49.75 -22.86
N LEU D 192 -1.36 -49.40 -24.10
CA LEU D 192 -2.69 -48.96 -24.47
C LEU D 192 -3.41 -49.89 -25.40
N TRP D 193 -4.74 -49.99 -25.30
CA TRP D 193 -5.43 -50.82 -26.28
C TRP D 193 -5.78 -49.98 -27.48
N ALA D 194 -6.72 -49.07 -27.31
CA ALA D 194 -7.05 -48.13 -28.38
C ALA D 194 -6.74 -46.79 -27.79
N HIS D 195 -5.55 -46.28 -28.10
CA HIS D 195 -4.97 -45.12 -27.38
C HIS D 195 -5.69 -43.79 -27.40
N GLY D 196 -6.67 -43.62 -28.27
CA GLY D 196 -7.32 -42.31 -28.42
C GLY D 196 -7.74 -41.63 -27.11
N PHE D 197 -8.64 -42.29 -26.39
CA PHE D 197 -9.18 -41.70 -25.19
C PHE D 197 -8.17 -41.59 -24.08
N GLU D 198 -7.28 -42.55 -24.00
CA GLU D 198 -6.25 -42.54 -22.98
C GLU D 198 -5.23 -41.42 -23.21
N LEU D 199 -4.87 -41.16 -24.47
CA LEU D 199 -4.01 -40.03 -24.80
C LEU D 199 -4.70 -38.71 -24.42
N THR D 200 -6.00 -38.63 -24.64
CA THR D 200 -6.76 -37.48 -24.18
C THR D 200 -6.68 -37.36 -22.66
N SER D 201 -6.88 -38.46 -21.93
CA SER D 201 -6.78 -38.46 -20.47
C SER D 201 -5.40 -37.98 -20.01
N MET D 202 -4.35 -38.36 -20.75
CA MET D 202 -2.99 -37.95 -20.44
C MET D 202 -2.81 -36.44 -20.35
N LYS D 203 -3.61 -35.66 -21.07
CA LYS D 203 -3.52 -34.20 -20.98
C LYS D 203 -3.66 -33.72 -19.53
N TYR D 204 -4.49 -34.42 -18.76
CA TYR D 204 -4.80 -34.11 -17.36
C TYR D 204 -3.66 -34.41 -16.32
N PHE D 205 -2.55 -35.07 -16.73
CA PHE D 205 -1.47 -35.39 -15.80
C PHE D 205 -0.11 -35.58 -16.48
N VAL D 206 0.04 -35.07 -17.68
CA VAL D 206 1.27 -35.16 -18.46
C VAL D 206 1.71 -33.86 -19.08
N LYS D 207 2.98 -33.52 -18.94
CA LYS D 207 3.54 -32.38 -19.70
C LYS D 207 4.64 -33.00 -20.55
N ILE D 208 5.25 -32.30 -21.50
CA ILE D 208 6.37 -32.90 -22.24
C ILE D 208 7.43 -31.88 -22.58
N GLY D 209 8.57 -32.37 -23.05
CA GLY D 209 9.64 -31.48 -23.51
C GLY D 209 10.87 -32.28 -23.94
N PRO D 210 12.00 -31.61 -24.12
CA PRO D 210 13.29 -32.19 -24.46
C PRO D 210 13.74 -32.94 -23.22
N GLU D 211 14.63 -33.91 -23.38
CA GLU D 211 15.04 -34.74 -22.25
C GLU D 211 15.74 -33.93 -21.15
N ARG D 212 15.28 -34.10 -19.91
CA ARG D 212 15.83 -33.38 -18.75
C ARG D 212 16.40 -34.34 -17.72
N THR D 213 17.24 -33.84 -16.80
CA THR D 213 17.80 -34.70 -15.75
C THR D 213 17.19 -34.29 -14.40
N CYS D 214 17.23 -35.21 -13.44
CA CYS D 214 16.63 -35.07 -12.11
C CYS D 214 17.35 -34.16 -11.11
N CYS D 215 16.60 -33.59 -10.18
CA CYS D 215 17.16 -32.76 -9.11
C CYS D 215 17.75 -33.62 -8.04
N LEU D 216 19.04 -33.65 -7.99
CA LEU D 216 19.88 -34.40 -7.06
C LEU D 216 19.98 -35.88 -7.51
N CYS D 217 20.33 -36.11 -8.79
CA CYS D 217 20.52 -37.46 -9.40
C CYS D 217 20.82 -37.42 -10.93
N ASP D 218 21.82 -38.17 -11.44
CA ASP D 218 22.11 -38.13 -12.87
C ASP D 218 21.04 -38.90 -13.61
N LYS D 219 20.08 -39.43 -12.84
CA LYS D 219 19.00 -40.18 -13.41
C LYS D 219 18.11 -39.27 -14.21
N ARG D 220 17.57 -39.84 -15.26
CA ARG D 220 16.61 -39.23 -16.14
C ARG D 220 15.37 -38.68 -15.43
N ALA D 221 14.92 -37.49 -15.84
CA ALA D 221 13.69 -36.94 -15.27
C ALA D 221 12.49 -37.65 -15.87
N THR D 222 11.63 -38.10 -14.98
CA THR D 222 10.40 -38.81 -15.33
C THR D 222 9.22 -38.03 -14.80
N CYS D 223 9.50 -37.07 -13.90
CA CYS D 223 8.48 -36.25 -13.30
C CYS D 223 8.76 -34.77 -13.41
N PHE D 224 7.69 -34.00 -13.18
CA PHE D 224 7.72 -32.55 -13.23
C PHE D 224 6.77 -31.92 -12.18
N SER D 225 7.30 -30.91 -11.51
CA SER D 225 6.54 -30.15 -10.54
C SER D 225 6.10 -28.83 -11.17
N THR D 226 4.81 -28.50 -11.05
CA THR D 226 4.41 -27.22 -11.56
C THR D 226 4.56 -26.23 -10.42
N SER D 227 4.40 -26.75 -9.19
CA SER D 227 4.57 -26.02 -7.95
C SER D 227 5.87 -25.23 -7.93
N SER D 228 6.94 -25.91 -8.28
CA SER D 228 8.24 -25.31 -8.39
C SER D 228 8.84 -25.89 -9.64
N ASP D 229 9.33 -25.05 -10.55
CA ASP D 229 9.80 -25.52 -11.86
C ASP D 229 11.08 -26.41 -11.78
N THR D 230 10.84 -27.66 -11.34
CA THR D 230 11.86 -28.68 -11.12
C THR D 230 11.49 -30.04 -11.73
N TYR D 231 12.49 -30.88 -11.82
CA TYR D 231 12.39 -32.20 -12.43
C TYR D 231 12.85 -33.32 -11.49
N ALA D 232 12.33 -34.52 -11.68
CA ALA D 232 12.72 -35.63 -10.80
C ALA D 232 12.77 -36.97 -11.49
N CYS D 233 13.61 -37.85 -10.92
CA CYS D 233 13.67 -39.25 -11.31
C CYS D 233 12.60 -39.91 -10.47
N TRP D 234 12.35 -41.20 -10.67
CA TRP D 234 11.26 -41.80 -9.92
C TRP D 234 11.49 -41.78 -8.41
N ASN D 235 12.75 -41.81 -7.96
CA ASN D 235 13.02 -41.95 -6.53
C ASN D 235 12.70 -40.70 -5.74
N HIS D 236 13.03 -39.54 -6.29
CA HIS D 236 12.83 -38.31 -5.58
C HIS D 236 11.61 -37.48 -6.04
N SER D 237 10.69 -38.09 -6.77
CA SER D 237 9.50 -37.38 -7.25
C SER D 237 8.43 -37.43 -6.15
N VAL D 238 8.73 -36.77 -5.05
CA VAL D 238 7.83 -36.81 -3.93
C VAL D 238 6.99 -35.57 -3.90
N GLY D 239 5.66 -35.77 -4.00
CA GLY D 239 4.74 -34.65 -3.99
C GLY D 239 4.64 -33.92 -5.34
N PHE D 240 5.29 -34.44 -6.39
CA PHE D 240 5.15 -33.86 -7.74
C PHE D 240 3.77 -34.17 -8.29
N ASP D 241 3.25 -33.29 -9.15
CA ASP D 241 1.92 -33.47 -9.74
C ASP D 241 1.88 -33.89 -11.25
N TYR D 242 2.98 -33.79 -12.00
CA TYR D 242 2.94 -34.23 -13.40
C TYR D 242 4.01 -35.21 -13.80
N VAL D 243 3.66 -36.04 -14.76
CA VAL D 243 4.53 -37.00 -15.40
C VAL D 243 5.29 -36.26 -16.52
N TYR D 244 6.61 -36.47 -16.68
CA TYR D 244 7.30 -35.64 -17.69
C TYR D 244 7.44 -36.24 -19.09
N ASN D 245 8.27 -37.23 -19.36
CA ASN D 245 8.22 -37.73 -20.75
C ASN D 245 7.92 -39.20 -20.83
N PRO D 246 6.66 -39.59 -20.68
CA PRO D 246 6.19 -40.93 -20.76
C PRO D 246 6.31 -41.38 -22.18
N PHE D 247 6.41 -42.69 -22.34
CA PHE D 247 6.44 -43.31 -23.63
C PHE D 247 5.22 -44.17 -23.64
N MET D 248 4.80 -44.61 -24.80
CA MET D 248 3.62 -45.41 -24.82
C MET D 248 3.52 -46.21 -26.08
N ILE D 249 2.70 -47.23 -26.02
CA ILE D 249 2.57 -48.13 -27.12
C ILE D 249 1.14 -48.56 -27.27
N ASP D 250 0.63 -48.52 -28.49
CA ASP D 250 -0.72 -48.97 -28.76
C ASP D 250 -0.68 -50.39 -29.30
N VAL D 251 -1.10 -51.33 -28.45
CA VAL D 251 -1.05 -52.76 -28.72
C VAL D 251 -1.89 -53.17 -29.88
N GLN D 252 -3.09 -52.61 -30.00
CA GLN D 252 -4.00 -52.92 -31.09
C GLN D 252 -3.36 -52.79 -32.48
N GLN D 253 -2.44 -51.80 -32.61
CA GLN D 253 -1.74 -51.52 -33.87
C GLN D 253 -0.73 -52.57 -34.31
N TRP D 254 -0.61 -53.65 -33.52
CA TRP D 254 0.21 -54.80 -33.87
C TRP D 254 -0.53 -55.78 -34.80
N GLY D 255 -1.78 -55.44 -35.18
CA GLY D 255 -2.53 -56.23 -36.14
C GLY D 255 -3.32 -57.32 -35.44
N PHE D 256 -4.43 -56.92 -34.86
CA PHE D 256 -5.28 -57.87 -34.20
C PHE D 256 -6.63 -58.04 -34.86
N THR D 257 -7.22 -59.20 -34.59
CA THR D 257 -8.51 -59.60 -35.10
C THR D 257 -9.68 -58.87 -34.42
N GLY D 258 -10.17 -59.45 -33.32
CA GLY D 258 -11.33 -58.90 -32.60
C GLY D 258 -10.98 -57.76 -31.64
N ASN D 259 -11.77 -57.67 -30.56
CA ASN D 259 -11.55 -56.67 -29.50
C ASN D 259 -10.53 -57.16 -28.46
N LEU D 260 -10.30 -56.34 -27.43
CA LEU D 260 -9.32 -56.68 -26.39
C LEU D 260 -9.65 -57.99 -25.70
N GLN D 261 -10.88 -58.14 -25.21
CA GLN D 261 -11.21 -59.33 -24.46
C GLN D 261 -11.12 -60.61 -25.30
N SER D 262 -11.52 -60.55 -26.57
CA SER D 262 -11.45 -61.71 -27.46
C SER D 262 -10.01 -62.20 -27.62
N ASN D 263 -9.08 -61.27 -27.77
CA ASN D 263 -7.69 -61.63 -27.98
C ASN D 263 -6.95 -61.95 -26.69
N HIS D 264 -7.38 -61.35 -25.59
CA HIS D 264 -6.80 -61.65 -24.30
C HIS D 264 -7.19 -62.98 -23.75
N ASP D 265 -8.50 -63.27 -23.72
CA ASP D 265 -8.97 -64.51 -23.14
C ASP D 265 -8.48 -65.72 -23.92
N GLN D 266 -8.12 -65.50 -25.18
CA GLN D 266 -7.53 -66.51 -26.02
C GLN D 266 -6.26 -67.11 -25.41
N HIS D 267 -5.53 -66.32 -24.64
CA HIS D 267 -4.26 -66.75 -24.09
C HIS D 267 -4.19 -66.58 -22.56
N CYS D 268 -5.33 -66.53 -21.85
CA CYS D 268 -5.29 -66.22 -20.41
C CYS D 268 -6.59 -66.50 -19.68
N GLN D 269 -6.52 -67.33 -18.65
CA GLN D 269 -7.69 -67.69 -17.87
C GLN D 269 -7.64 -67.19 -16.46
N VAL D 270 -6.72 -66.28 -16.17
CA VAL D 270 -6.54 -65.81 -14.78
C VAL D 270 -7.06 -64.42 -14.54
N HIS D 271 -6.85 -63.54 -15.50
CA HIS D 271 -7.30 -62.18 -15.32
C HIS D 271 -8.74 -62.03 -15.77
N GLY D 272 -9.64 -62.43 -14.87
CA GLY D 272 -11.08 -62.36 -15.15
C GLY D 272 -11.49 -60.91 -15.43
N ASN D 273 -12.37 -60.75 -16.38
CA ASN D 273 -12.81 -59.43 -16.81
C ASN D 273 -14.06 -58.90 -16.14
N ALA D 274 -13.97 -57.64 -15.76
CA ALA D 274 -15.07 -56.82 -15.31
C ALA D 274 -15.09 -55.64 -16.29
N HIS D 275 -16.06 -54.74 -16.21
CA HIS D 275 -15.99 -53.58 -17.12
C HIS D 275 -15.10 -52.45 -16.55
N VAL D 276 -14.50 -52.74 -15.38
CA VAL D 276 -13.62 -51.88 -14.61
C VAL D 276 -12.31 -51.54 -15.31
N ALA D 277 -11.96 -50.25 -15.26
CA ALA D 277 -10.79 -49.67 -15.92
C ALA D 277 -9.53 -50.47 -15.71
N SER D 278 -9.20 -50.74 -14.45
CA SER D 278 -8.02 -51.53 -14.14
C SER D 278 -8.02 -52.92 -14.73
N CYS D 279 -9.16 -53.56 -14.93
CA CYS D 279 -9.11 -54.91 -15.48
C CYS D 279 -8.67 -54.83 -16.90
N ASP D 280 -9.18 -53.84 -17.61
CA ASP D 280 -8.78 -53.65 -19.00
C ASP D 280 -7.31 -53.29 -19.08
N ALA D 281 -6.84 -52.46 -18.15
CA ALA D 281 -5.43 -52.06 -18.12
C ALA D 281 -4.54 -53.28 -17.96
N ILE D 282 -4.92 -54.16 -17.05
CA ILE D 282 -4.24 -55.41 -16.81
C ILE D 282 -4.22 -56.31 -18.01
N MET D 283 -5.40 -56.51 -18.60
CA MET D 283 -5.56 -57.33 -19.79
C MET D 283 -4.77 -56.83 -20.97
N THR D 284 -4.64 -55.52 -21.10
CA THR D 284 -3.91 -55.03 -22.21
C THR D 284 -2.45 -55.40 -22.05
N ARG D 285 -1.92 -55.20 -20.84
CA ARG D 285 -0.53 -55.55 -20.55
C ARG D 285 -0.29 -57.04 -20.71
N CYS D 286 -1.17 -57.85 -20.12
CA CYS D 286 -1.08 -59.31 -20.23
C CYS D 286 -0.95 -59.73 -21.69
N LEU D 287 -1.82 -59.22 -22.54
CA LEU D 287 -1.77 -59.52 -23.94
C LEU D 287 -0.42 -59.12 -24.54
N ALA D 288 0.05 -57.91 -24.22
CA ALA D 288 1.31 -57.42 -24.73
C ALA D 288 2.48 -58.33 -24.36
N VAL D 289 2.44 -58.89 -23.13
CA VAL D 289 3.47 -59.80 -22.65
C VAL D 289 3.40 -61.10 -23.39
N HIS D 290 2.20 -61.65 -23.52
CA HIS D 290 2.03 -62.87 -24.28
C HIS D 290 2.65 -62.75 -25.68
N GLU D 291 2.40 -61.61 -26.33
CA GLU D 291 2.90 -61.39 -27.68
C GLU D 291 4.35 -61.07 -27.82
N CYS D 292 5.12 -61.18 -26.76
CA CYS D 292 6.52 -60.84 -26.88
C CYS D 292 7.44 -61.77 -26.09
N PHE D 293 6.97 -62.27 -24.97
CA PHE D 293 7.82 -63.14 -24.19
C PHE D 293 7.31 -64.55 -23.98
N VAL D 294 6.06 -64.82 -24.29
CA VAL D 294 5.61 -66.19 -24.18
C VAL D 294 6.29 -66.97 -25.29
N LYS D 295 6.54 -66.31 -26.40
CA LYS D 295 7.26 -66.91 -27.49
C LYS D 295 8.63 -67.16 -26.89
N ARG D 296 9.12 -68.39 -27.00
CA ARG D 296 10.39 -68.81 -26.43
C ARG D 296 11.56 -67.84 -26.50
N VAL D 297 12.24 -67.77 -25.36
CA VAL D 297 13.40 -66.93 -25.08
C VAL D 297 14.17 -66.30 -26.21
N ASP D 298 14.09 -64.99 -26.30
CA ASP D 298 14.86 -64.28 -27.29
C ASP D 298 16.12 -63.78 -26.64
N TRP D 299 17.14 -64.62 -26.64
CA TRP D 299 18.42 -64.35 -26.03
C TRP D 299 19.15 -63.10 -26.53
N SER D 300 18.78 -62.60 -27.72
CA SER D 300 19.47 -61.44 -28.25
C SER D 300 19.10 -60.18 -27.48
N VAL D 301 17.98 -60.21 -26.75
CA VAL D 301 17.57 -59.03 -26.02
C VAL D 301 18.18 -59.07 -24.66
N GLU D 302 18.95 -58.05 -24.36
CA GLU D 302 19.72 -58.02 -23.14
C GLU D 302 19.25 -56.93 -22.21
N TYR D 303 19.22 -57.25 -20.92
CA TYR D 303 18.73 -56.29 -19.94
C TYR D 303 19.78 -55.93 -18.89
N PRO D 304 19.75 -54.69 -18.41
CA PRO D 304 20.63 -54.07 -17.43
C PRO D 304 20.43 -54.62 -16.05
N ILE D 305 21.44 -54.47 -15.22
CA ILE D 305 21.35 -55.04 -13.88
C ILE D 305 20.74 -54.10 -12.89
N ILE D 306 19.53 -54.38 -12.48
CA ILE D 306 18.88 -53.51 -11.52
C ILE D 306 18.88 -54.10 -10.15
N GLY D 307 19.86 -54.93 -9.86
CA GLY D 307 20.25 -55.12 -8.48
C GLY D 307 20.15 -56.51 -7.92
N ASP D 308 21.26 -57.00 -7.40
CA ASP D 308 21.31 -58.35 -6.77
C ASP D 308 21.19 -59.50 -7.74
N GLU D 309 21.44 -59.27 -9.00
CA GLU D 309 21.26 -60.30 -9.99
C GLU D 309 22.44 -61.25 -10.02
N LEU D 310 23.65 -60.68 -9.93
CA LEU D 310 24.88 -61.43 -10.00
C LEU D 310 25.08 -62.43 -8.86
N ARG D 311 24.64 -62.09 -7.64
CA ARG D 311 24.73 -63.05 -6.53
C ARG D 311 23.57 -64.04 -6.50
N VAL D 312 22.63 -63.92 -7.42
CA VAL D 312 21.58 -64.90 -7.51
C VAL D 312 21.98 -65.91 -8.55
N ASN D 313 22.57 -65.43 -9.63
CA ASN D 313 23.03 -66.32 -10.66
C ASN D 313 24.05 -67.30 -10.12
N SER D 314 25.08 -66.79 -9.39
CA SER D 314 26.08 -67.70 -8.84
C SER D 314 25.54 -68.56 -7.69
N ALA D 315 24.54 -68.05 -6.97
CA ALA D 315 23.95 -68.83 -5.89
C ALA D 315 23.25 -70.05 -6.45
N CYS D 316 22.55 -69.86 -7.57
CA CYS D 316 21.88 -70.97 -8.22
C CYS D 316 22.89 -72.00 -8.64
N ARG D 317 23.99 -71.55 -9.26
CA ARG D 317 25.02 -72.47 -9.73
C ARG D 317 25.53 -73.37 -8.63
N LYS D 318 25.83 -72.80 -7.45
CA LYS D 318 26.28 -73.61 -6.32
C LYS D 318 25.24 -74.51 -5.74
N VAL D 319 24.02 -74.05 -5.63
CA VAL D 319 23.02 -74.95 -5.05
C VAL D 319 22.82 -76.14 -5.99
N GLN D 320 22.83 -75.86 -7.30
CA GLN D 320 22.70 -76.91 -8.30
C GLN D 320 23.77 -77.96 -8.13
N HIS D 321 25.02 -77.53 -8.04
CA HIS D 321 26.12 -78.44 -7.84
C HIS D 321 25.92 -79.26 -6.58
N MET D 322 25.65 -78.60 -5.48
CA MET D 322 25.46 -79.30 -4.21
C MET D 322 24.36 -80.34 -4.26
N VAL D 323 23.23 -79.98 -4.81
CA VAL D 323 22.11 -80.87 -4.80
C VAL D 323 22.28 -82.03 -5.72
N VAL D 324 22.71 -81.76 -6.94
CA VAL D 324 22.86 -82.84 -7.90
C VAL D 324 23.96 -83.81 -7.47
N LYS D 325 25.09 -83.27 -7.01
CA LYS D 325 26.17 -84.08 -6.48
C LYS D 325 25.67 -84.99 -5.37
N SER D 326 25.05 -84.39 -4.35
CA SER D 326 24.57 -85.08 -3.17
C SER D 326 23.58 -86.18 -3.48
N ALA D 327 22.65 -85.92 -4.40
CA ALA D 327 21.67 -86.93 -4.77
C ALA D 327 22.34 -88.08 -5.44
N LEU D 328 23.26 -87.78 -6.36
CA LEU D 328 24.00 -88.83 -7.01
C LEU D 328 24.79 -89.69 -6.02
N LEU D 329 25.33 -89.11 -4.96
CA LEU D 329 26.11 -89.93 -4.05
C LEU D 329 25.25 -90.68 -3.08
N ALA D 330 24.10 -90.12 -2.76
CA ALA D 330 23.26 -90.72 -1.73
C ALA D 330 22.43 -91.87 -2.22
N ASP D 331 21.84 -91.71 -3.40
CA ASP D 331 20.97 -92.73 -3.92
C ASP D 331 21.57 -93.49 -5.11
N LYS D 332 22.77 -93.08 -5.52
CA LYS D 332 23.58 -93.84 -6.45
C LYS D 332 22.90 -94.15 -7.74
N PHE D 333 22.39 -93.14 -8.40
CA PHE D 333 21.70 -93.36 -9.64
C PHE D 333 22.76 -93.67 -10.67
N PRO D 334 22.47 -94.57 -11.59
CA PRO D 334 23.37 -95.05 -12.64
C PRO D 334 23.30 -94.19 -13.87
N VAL D 335 22.13 -93.54 -14.04
CA VAL D 335 21.84 -92.64 -15.16
C VAL D 335 21.13 -91.36 -14.70
N LEU D 336 21.55 -90.22 -15.28
CA LEU D 336 20.94 -88.94 -14.99
C LEU D 336 20.42 -88.34 -16.28
N HIS D 337 19.11 -88.13 -16.33
CA HIS D 337 18.43 -87.60 -17.49
C HIS D 337 18.27 -86.11 -17.30
N ASP D 338 19.10 -85.33 -18.00
CA ASP D 338 19.11 -83.88 -17.84
C ASP D 338 18.19 -83.25 -18.85
N ILE D 339 16.98 -82.97 -18.39
CA ILE D 339 15.91 -82.43 -19.21
C ILE D 339 15.86 -80.92 -19.13
N GLY D 340 15.92 -80.31 -20.28
CA GLY D 340 15.91 -78.86 -20.33
C GLY D 340 17.32 -78.31 -20.28
N ASN D 341 18.20 -78.91 -21.09
CA ASN D 341 19.57 -78.45 -21.20
C ASN D 341 19.95 -78.45 -22.71
N PRO D 342 19.87 -77.28 -23.36
CA PRO D 342 20.11 -77.01 -24.78
C PRO D 342 21.58 -76.82 -25.09
N LYS D 343 22.38 -76.87 -24.04
CA LYS D 343 23.82 -76.82 -24.13
C LYS D 343 24.19 -78.17 -23.54
N ALA D 344 25.41 -78.59 -23.62
CA ALA D 344 25.67 -79.91 -23.07
C ALA D 344 26.58 -79.78 -21.92
N ILE D 345 26.06 -79.17 -20.88
CA ILE D 345 26.86 -78.87 -19.72
C ILE D 345 26.48 -79.61 -18.47
N LYS D 346 27.40 -80.44 -18.00
CA LYS D 346 27.13 -81.15 -16.76
C LYS D 346 27.38 -80.22 -15.58
N CYS D 347 26.40 -80.17 -14.70
CA CYS D 347 26.51 -79.36 -13.48
C CYS D 347 27.37 -80.00 -12.33
N VAL D 348 27.76 -81.29 -12.52
CA VAL D 348 28.63 -82.09 -11.65
C VAL D 348 29.47 -82.89 -12.59
N PRO D 349 30.34 -82.19 -13.32
CA PRO D 349 31.12 -82.66 -14.46
C PRO D 349 32.03 -83.88 -14.20
N GLN D 350 32.47 -84.11 -12.96
CA GLN D 350 33.30 -85.28 -12.74
C GLN D 350 32.59 -86.47 -12.10
N ALA D 351 31.26 -86.51 -12.22
CA ALA D 351 30.52 -87.65 -11.70
C ALA D 351 30.72 -88.85 -12.62
N GLU D 352 30.63 -90.03 -12.02
CA GLU D 352 30.79 -91.32 -12.70
C GLU D 352 29.58 -91.61 -13.61
N VAL D 353 28.43 -91.13 -13.17
CA VAL D 353 27.12 -91.36 -13.81
C VAL D 353 27.08 -91.09 -15.30
N GLU D 354 26.22 -91.88 -15.98
CA GLU D 354 25.91 -91.72 -17.39
C GLU D 354 24.93 -90.58 -17.48
N TRP D 355 25.33 -89.52 -18.17
CA TRP D 355 24.54 -88.30 -18.19
C TRP D 355 23.99 -88.01 -19.57
N LYS D 356 22.68 -88.16 -19.73
CA LYS D 356 22.05 -87.93 -21.00
C LYS D 356 21.41 -86.55 -21.02
N PHE D 357 21.44 -85.88 -22.18
CA PHE D 357 20.87 -84.53 -22.29
C PHE D 357 19.62 -84.53 -23.15
N TYR D 358 18.63 -83.71 -22.79
CA TYR D 358 17.39 -83.58 -23.57
C TYR D 358 16.93 -82.10 -23.68
N ASP D 359 16.41 -81.69 -24.84
CA ASP D 359 15.84 -80.34 -24.97
C ASP D 359 15.04 -80.15 -26.26
N ALA D 360 13.99 -79.32 -26.21
CA ALA D 360 13.13 -79.00 -27.36
C ALA D 360 13.87 -78.26 -28.48
N GLN D 361 14.69 -77.28 -28.07
CA GLN D 361 15.52 -76.48 -28.96
C GLN D 361 16.99 -76.67 -28.62
N PRO D 362 17.62 -77.78 -29.02
CA PRO D 362 19.01 -78.08 -28.77
C PRO D 362 19.84 -77.22 -29.70
N CYS D 363 20.94 -76.69 -29.18
CA CYS D 363 21.82 -75.83 -29.95
C CYS D 363 22.54 -76.59 -31.10
N SER D 364 22.83 -75.89 -32.22
CA SER D 364 23.53 -76.48 -33.39
C SER D 364 24.89 -77.05 -33.00
N ASP D 365 25.60 -76.31 -32.16
CA ASP D 365 26.83 -76.80 -31.55
C ASP D 365 26.37 -77.73 -30.46
N LYS D 366 27.04 -78.82 -30.22
CA LYS D 366 26.59 -79.74 -29.16
C LYS D 366 25.19 -80.35 -29.47
N ALA D 367 24.90 -80.56 -30.75
CA ALA D 367 23.64 -81.16 -31.18
C ALA D 367 23.69 -82.65 -31.00
N TYR D 368 24.77 -83.25 -31.45
CA TYR D 368 25.06 -84.68 -31.32
C TYR D 368 25.01 -85.21 -29.88
N LYS D 369 25.10 -84.32 -28.88
CA LYS D 369 25.02 -84.72 -27.48
C LYS D 369 23.61 -84.65 -26.90
N ILE D 370 22.67 -84.02 -27.62
CA ILE D 370 21.36 -83.76 -27.03
C ILE D 370 20.22 -84.36 -27.83
N GLU D 371 19.34 -85.11 -27.16
CA GLU D 371 18.15 -85.65 -27.80
C GLU D 371 17.10 -84.55 -27.86
N GLU D 372 16.48 -84.37 -29.03
CA GLU D 372 15.44 -83.36 -29.19
C GLU D 372 14.17 -83.88 -28.58
N LEU D 373 13.63 -83.17 -27.60
CA LEU D 373 12.44 -83.68 -26.88
C LEU D 373 11.69 -82.64 -26.04
N PHE D 374 10.36 -82.61 -26.18
CA PHE D 374 9.52 -81.70 -25.39
C PHE D 374 8.79 -82.49 -24.28
N TYR D 375 9.18 -82.26 -23.02
CA TYR D 375 8.63 -83.09 -21.96
C TYR D 375 7.20 -82.77 -21.60
N SER D 376 6.42 -83.84 -21.52
CA SER D 376 5.02 -83.84 -21.10
C SER D 376 4.76 -85.03 -20.18
N TYR D 377 4.13 -84.81 -19.01
CA TYR D 377 3.96 -85.89 -18.04
C TYR D 377 3.13 -87.01 -18.64
N ALA D 378 2.09 -86.60 -19.33
CA ALA D 378 1.16 -87.48 -20.01
C ALA D 378 1.81 -88.49 -20.94
N ILE D 379 2.96 -88.13 -21.49
CA ILE D 379 3.61 -88.88 -22.52
C ILE D 379 4.84 -89.59 -22.01
N HIS D 380 5.59 -88.88 -21.18
CA HIS D 380 6.88 -89.35 -20.75
C HIS D 380 7.02 -89.82 -19.31
N HIS D 381 5.93 -89.99 -18.55
CA HIS D 381 6.14 -90.47 -17.19
C HIS D 381 6.65 -91.91 -17.08
N ASP D 382 6.70 -92.64 -18.19
CA ASP D 382 7.22 -93.98 -18.21
C ASP D 382 8.59 -94.04 -18.79
N LYS D 383 8.81 -93.22 -19.80
CA LYS D 383 10.00 -93.32 -20.63
C LYS D 383 11.34 -93.13 -19.91
N PHE D 384 11.34 -92.47 -18.76
CA PHE D 384 12.59 -92.25 -18.03
C PHE D 384 12.55 -92.92 -16.66
N THR D 385 12.22 -94.22 -16.67
CA THR D 385 12.08 -95.06 -15.48
C THR D 385 13.30 -95.27 -14.64
N ASP D 386 14.41 -95.53 -15.29
CA ASP D 386 15.68 -95.78 -14.60
C ASP D 386 16.28 -94.46 -14.18
N GLY D 387 17.34 -94.52 -13.39
CA GLY D 387 18.05 -93.31 -13.02
C GLY D 387 17.18 -92.22 -12.34
N VAL D 388 17.56 -90.98 -12.60
CA VAL D 388 16.89 -89.80 -12.06
C VAL D 388 16.81 -88.66 -13.08
N CYS D 389 15.72 -87.93 -13.05
CA CYS D 389 15.60 -86.84 -13.96
C CYS D 389 15.90 -85.49 -13.30
N LEU D 390 16.63 -84.68 -14.02
CA LEU D 390 16.98 -83.37 -13.56
C LEU D 390 16.22 -82.33 -14.38
N PHE D 391 15.40 -81.58 -13.70
CA PHE D 391 14.63 -80.51 -14.28
C PHE D 391 15.06 -79.25 -13.62
N TRP D 392 16.18 -78.69 -14.05
CA TRP D 392 16.59 -77.47 -13.37
C TRP D 392 16.12 -76.36 -14.26
N ASN D 393 15.08 -75.66 -13.82
CA ASN D 393 14.50 -74.57 -14.57
C ASN D 393 14.12 -75.05 -15.96
N CYS D 394 13.32 -76.09 -15.93
CA CYS D 394 12.68 -76.75 -17.04
C CYS D 394 11.31 -76.96 -16.53
N ASN D 395 10.50 -75.94 -16.74
CA ASN D 395 9.18 -75.82 -16.16
C ASN D 395 8.18 -76.58 -17.01
N VAL D 396 7.66 -77.67 -16.47
CA VAL D 396 6.76 -78.56 -17.19
C VAL D 396 5.53 -78.91 -16.43
N ASP D 397 4.67 -79.69 -17.09
CA ASP D 397 3.42 -80.26 -16.60
C ASP D 397 3.38 -80.60 -15.15
N ARG D 398 3.93 -81.80 -14.86
CA ARG D 398 4.06 -82.47 -13.58
C ARG D 398 5.38 -83.18 -13.64
N TYR D 399 6.03 -83.27 -12.50
CA TYR D 399 7.29 -83.91 -12.52
C TYR D 399 7.10 -85.33 -12.02
N PRO D 400 7.89 -86.27 -12.53
CA PRO D 400 7.95 -87.69 -12.22
C PRO D 400 8.55 -87.90 -10.85
N ALA D 401 8.18 -89.00 -10.23
CA ALA D 401 8.63 -89.26 -8.87
C ALA D 401 10.14 -89.31 -8.74
N ASN D 402 10.82 -89.86 -9.74
CA ASN D 402 12.28 -89.99 -9.71
C ASN D 402 12.98 -88.71 -10.18
N ALA D 403 12.83 -87.59 -9.44
CA ALA D 403 13.40 -86.38 -10.00
C ALA D 403 13.87 -85.30 -9.02
N ILE D 404 14.81 -84.52 -9.55
CA ILE D 404 15.43 -83.35 -8.92
C ILE D 404 14.94 -82.14 -9.66
N VAL D 405 14.25 -81.26 -8.93
CA VAL D 405 13.60 -80.14 -9.55
C VAL D 405 13.83 -78.78 -8.93
N CYS D 406 14.18 -77.82 -9.80
CA CYS D 406 14.23 -76.40 -9.42
C CYS D 406 13.21 -75.65 -10.25
N ARG D 407 12.21 -75.05 -9.58
CA ARG D 407 11.19 -74.29 -10.32
C ARG D 407 11.01 -72.92 -9.70
N PHE D 408 11.02 -71.89 -10.55
CA PHE D 408 10.80 -70.54 -10.10
C PHE D 408 9.34 -70.34 -9.66
N ASP D 409 9.16 -69.82 -8.46
CA ASP D 409 7.84 -69.52 -7.95
C ASP D 409 7.41 -68.13 -8.45
N THR D 410 6.48 -68.12 -9.40
CA THR D 410 5.95 -66.92 -10.06
C THR D 410 5.29 -65.95 -9.11
N ARG D 411 4.89 -66.44 -7.94
CA ARG D 411 4.16 -65.67 -6.99
C ARG D 411 5.02 -64.78 -6.10
N VAL D 412 6.34 -64.96 -6.10
CA VAL D 412 7.10 -64.18 -5.14
C VAL D 412 7.31 -62.80 -5.63
N LEU D 413 7.49 -61.89 -4.68
CA LEU D 413 7.68 -60.51 -5.01
C LEU D 413 9.14 -60.14 -4.96
N SER D 414 9.58 -59.48 -6.02
CA SER D 414 10.94 -58.99 -6.16
C SER D 414 10.94 -57.93 -7.25
N ASN D 415 12.09 -57.30 -7.48
CA ASN D 415 12.20 -56.34 -8.55
C ASN D 415 12.74 -57.01 -9.81
N LEU D 416 12.71 -58.34 -9.82
CA LEU D 416 13.17 -59.10 -10.95
C LEU D 416 12.01 -59.62 -11.70
N ASN D 417 11.00 -60.15 -10.99
CA ASN D 417 9.87 -60.68 -11.77
C ASN D 417 8.70 -59.73 -11.84
N LEU D 418 8.13 -59.71 -13.02
CA LEU D 418 7.03 -58.90 -13.42
C LEU D 418 5.88 -59.87 -13.71
N PRO D 419 4.62 -59.48 -13.56
CA PRO D 419 3.47 -60.35 -13.84
C PRO D 419 3.35 -60.73 -15.33
N GLY D 420 3.11 -61.99 -15.58
CA GLY D 420 3.05 -62.46 -16.93
C GLY D 420 1.67 -62.79 -17.36
N CYS D 421 1.54 -63.88 -18.09
CA CYS D 421 0.29 -64.33 -18.62
C CYS D 421 -0.52 -65.14 -17.64
N ASP D 422 -0.87 -66.35 -18.06
CA ASP D 422 -1.85 -67.20 -17.43
C ASP D 422 -1.45 -67.31 -16.02
N GLY D 423 -1.39 -66.15 -15.36
CA GLY D 423 -0.92 -66.18 -13.96
C GLY D 423 0.58 -66.55 -13.78
N GLY D 424 1.35 -66.49 -14.86
CA GLY D 424 2.76 -66.77 -14.80
C GLY D 424 3.51 -65.52 -14.45
N SER D 425 4.78 -65.51 -14.79
CA SER D 425 5.64 -64.44 -14.39
C SER D 425 6.72 -64.23 -15.40
N LEU D 426 7.15 -63.01 -15.53
CA LEU D 426 8.24 -62.69 -16.42
C LEU D 426 9.44 -62.35 -15.57
N TYR D 427 10.35 -63.30 -15.37
CA TYR D 427 11.52 -63.08 -14.55
C TYR D 427 12.58 -62.42 -15.44
N VAL D 428 12.98 -61.20 -15.09
CA VAL D 428 13.98 -60.52 -15.89
C VAL D 428 15.17 -60.27 -14.98
N ASN D 429 16.23 -61.03 -15.27
CA ASN D 429 17.54 -61.04 -14.63
C ASN D 429 18.52 -60.50 -15.64
N LYS D 430 18.55 -61.16 -16.75
CA LYS D 430 19.34 -60.79 -17.87
C LYS D 430 18.81 -61.72 -18.90
N HIS D 431 18.30 -61.20 -20.01
CA HIS D 431 17.55 -62.03 -20.97
C HIS D 431 16.19 -62.47 -20.37
N ALA D 432 15.13 -61.72 -20.55
CA ALA D 432 13.78 -61.93 -20.01
C ALA D 432 13.19 -63.38 -20.21
N PHE D 433 12.89 -64.02 -19.06
CA PHE D 433 12.39 -65.40 -19.03
C PHE D 433 10.94 -65.57 -18.61
N HIS D 434 10.04 -65.81 -19.56
CA HIS D 434 8.68 -66.03 -19.09
C HIS D 434 8.59 -67.44 -18.55
N THR D 435 8.03 -67.59 -17.34
CA THR D 435 7.85 -68.93 -16.80
C THR D 435 6.34 -69.12 -16.50
N PRO D 436 5.82 -70.34 -16.61
CA PRO D 436 4.45 -70.69 -16.33
C PRO D 436 4.15 -70.62 -14.85
N ALA D 437 2.87 -70.41 -14.54
CA ALA D 437 2.41 -70.25 -13.17
C ALA D 437 2.85 -71.34 -12.31
N PHE D 438 3.22 -70.98 -11.11
CA PHE D 438 3.59 -71.96 -10.13
C PHE D 438 2.36 -72.83 -9.86
N ASP D 439 2.55 -74.13 -9.79
CA ASP D 439 1.42 -75.04 -9.63
C ASP D 439 1.73 -76.17 -8.68
N LYS D 440 1.14 -76.14 -7.48
CA LYS D 440 1.44 -77.20 -6.50
C LYS D 440 1.01 -78.60 -6.93
N SER D 441 0.13 -78.72 -7.94
CA SER D 441 -0.27 -80.05 -8.43
C SER D 441 0.81 -80.68 -9.33
N ALA D 442 1.88 -79.91 -9.63
CA ALA D 442 3.02 -80.36 -10.41
C ALA D 442 3.98 -81.20 -9.56
N PHE D 443 3.88 -81.02 -8.25
CA PHE D 443 4.84 -81.63 -7.39
C PHE D 443 4.23 -82.71 -6.54
N THR D 444 3.16 -83.32 -7.01
CA THR D 444 2.50 -84.32 -6.18
C THR D 444 3.38 -85.53 -5.99
N ASN D 445 4.30 -85.76 -6.92
CA ASN D 445 5.19 -86.91 -6.83
C ASN D 445 6.47 -86.62 -6.12
N LEU D 446 6.64 -85.39 -5.69
CA LEU D 446 7.87 -84.99 -5.09
C LEU D 446 7.70 -84.49 -3.67
N LYS D 447 8.84 -84.21 -3.08
CA LYS D 447 9.00 -83.71 -1.74
C LYS D 447 9.63 -82.34 -1.79
N GLN D 448 9.22 -81.48 -0.90
CA GLN D 448 9.87 -80.18 -0.88
C GLN D 448 11.28 -80.42 -0.27
N LEU D 449 12.34 -79.96 -0.96
CA LEU D 449 13.73 -80.26 -0.50
C LEU D 449 14.27 -79.34 0.57
N PRO D 450 14.62 -79.87 1.76
CA PRO D 450 15.21 -79.18 2.89
C PRO D 450 16.66 -78.79 2.67
N PHE D 451 17.08 -77.77 3.40
CA PHE D 451 18.45 -77.32 3.37
C PHE D 451 19.42 -78.31 3.99
N PHE D 452 20.53 -78.50 3.29
CA PHE D 452 21.62 -79.27 3.85
C PHE D 452 22.92 -78.84 3.16
N TYR D 453 24.00 -78.93 3.90
CA TYR D 453 25.31 -78.67 3.38
C TYR D 453 26.05 -79.96 3.38
N TYR D 454 26.72 -80.28 2.30
CA TYR D 454 27.48 -81.50 2.25
C TYR D 454 28.83 -81.30 1.68
N SER D 455 29.85 -81.83 2.38
CA SER D 455 31.21 -81.74 1.86
C SER D 455 32.03 -82.99 2.12
N ASP D 456 32.62 -83.45 1.03
CA ASP D 456 33.46 -84.62 0.95
C ASP D 456 34.87 -84.14 0.64
N SER D 457 35.47 -83.45 1.61
CA SER D 457 36.77 -82.85 1.42
C SER D 457 37.53 -82.75 2.73
N PRO D 458 38.86 -82.55 2.65
CA PRO D 458 39.81 -82.44 3.73
C PRO D 458 39.58 -81.21 4.54
N CYS D 459 40.00 -81.24 5.79
CA CYS D 459 39.79 -80.11 6.65
C CYS D 459 41.07 -79.39 7.06
N GLU D 460 40.91 -78.16 7.55
CA GLU D 460 42.04 -77.37 7.99
C GLU D 460 41.75 -76.72 9.33
N TYR D 472 34.21 -64.16 12.53
CA TYR D 472 35.19 -65.24 12.57
C TYR D 472 35.00 -66.17 13.79
N VAL D 473 33.75 -66.63 14.00
CA VAL D 473 33.38 -67.54 15.11
C VAL D 473 32.89 -68.93 14.60
N PRO D 474 33.57 -70.04 14.98
CA PRO D 474 33.22 -71.44 14.65
C PRO D 474 31.80 -71.83 15.15
N LEU D 475 30.93 -72.19 14.16
CA LEU D 475 29.49 -72.48 14.32
C LEU D 475 29.14 -74.00 14.28
N LYS D 476 28.12 -74.40 15.04
CA LYS D 476 27.68 -75.81 15.12
C LYS D 476 26.16 -76.00 14.78
N SER D 477 25.88 -76.91 13.80
CA SER D 477 24.52 -77.19 13.22
C SER D 477 24.28 -78.63 12.68
N ALA D 478 23.02 -79.09 12.81
CA ALA D 478 22.59 -80.43 12.35
C ALA D 478 22.48 -80.57 10.84
N THR D 479 22.46 -79.45 10.12
CA THR D 479 22.34 -79.46 8.66
C THR D 479 23.69 -79.46 8.00
N CYS D 480 24.76 -79.50 8.80
CA CYS D 480 26.07 -79.49 8.23
C CYS D 480 26.60 -80.90 8.12
N ILE D 481 26.40 -81.50 6.96
CA ILE D 481 26.82 -82.87 6.77
C ILE D 481 28.22 -82.88 6.30
N THR D 482 29.07 -82.94 7.27
CA THR D 482 30.45 -82.91 7.04
C THR D 482 31.16 -83.92 7.86
N ARG D 483 32.28 -84.36 7.32
CA ARG D 483 33.17 -85.35 7.96
C ARG D 483 33.48 -84.95 9.39
N CYS D 484 33.42 -83.64 9.69
CA CYS D 484 33.76 -83.04 10.95
C CYS D 484 32.61 -82.51 11.71
N ASN D 485 31.70 -83.35 12.12
CA ASN D 485 30.61 -82.91 12.96
C ASN D 485 30.35 -84.03 13.95
N LEU D 486 31.42 -84.82 14.17
CA LEU D 486 31.46 -85.92 15.14
C LEU D 486 31.24 -85.37 16.53
N GLY D 487 32.00 -84.35 16.91
CA GLY D 487 31.84 -83.76 18.22
C GLY D 487 31.36 -82.33 18.08
N GLY D 488 31.97 -81.44 18.86
CA GLY D 488 31.66 -80.02 18.80
C GLY D 488 32.91 -79.36 18.24
N ALA D 489 33.46 -80.01 17.21
CA ALA D 489 34.68 -79.58 16.56
C ALA D 489 34.59 -78.29 15.75
N VAL D 490 33.42 -77.94 15.23
CA VAL D 490 33.42 -76.71 14.46
C VAL D 490 34.70 -76.55 13.64
N CYS D 491 34.71 -77.20 12.47
CA CYS D 491 35.85 -77.15 11.60
C CYS D 491 35.86 -75.87 10.86
N ARG D 492 36.57 -74.89 11.40
CA ARG D 492 36.61 -73.55 10.79
C ARG D 492 36.55 -73.55 9.23
N HIS D 493 37.29 -74.43 8.53
CA HIS D 493 37.17 -74.45 7.06
C HIS D 493 35.75 -74.71 6.58
N HIS D 494 35.17 -75.79 7.05
CA HIS D 494 33.84 -76.17 6.64
C HIS D 494 32.78 -75.31 7.32
N ALA D 495 33.05 -74.80 8.53
CA ALA D 495 32.08 -73.92 9.19
C ALA D 495 31.92 -72.65 8.38
N ASN D 496 33.02 -72.20 7.76
CA ASN D 496 33.00 -71.02 6.92
C ASN D 496 32.35 -71.33 5.56
N GLU D 497 32.80 -72.38 4.88
CA GLU D 497 32.21 -72.74 3.59
C GLU D 497 30.69 -73.02 3.70
N TYR D 498 30.28 -73.74 4.76
CA TYR D 498 28.86 -73.97 5.11
C TYR D 498 28.09 -72.68 5.21
N ARG D 499 28.63 -71.74 5.97
CA ARG D 499 27.99 -70.46 6.15
C ARG D 499 27.79 -69.78 4.81
N GLN D 500 28.84 -69.80 3.97
CA GLN D 500 28.77 -69.17 2.66
C GLN D 500 27.71 -69.79 1.79
N TYR D 501 27.59 -71.12 1.85
CA TYR D 501 26.55 -71.83 1.13
C TYR D 501 25.19 -71.45 1.67
N LEU D 502 25.01 -71.45 3.00
CA LEU D 502 23.74 -71.05 3.60
C LEU D 502 23.33 -69.68 3.10
N ASP D 503 24.30 -68.77 3.00
CA ASP D 503 24.02 -67.46 2.46
C ASP D 503 23.58 -67.52 0.99
N ALA D 504 24.32 -68.24 0.13
CA ALA D 504 23.95 -68.38 -1.28
C ALA D 504 22.59 -69.05 -1.44
N TYR D 505 22.34 -70.05 -0.63
CA TYR D 505 21.09 -70.77 -0.67
C TYR D 505 19.97 -69.83 -0.37
N ASN D 506 20.08 -69.13 0.75
CA ASN D 506 19.04 -68.21 1.17
C ASN D 506 18.82 -67.10 0.17
N MET D 507 19.87 -66.68 -0.53
CA MET D 507 19.75 -65.68 -1.58
C MET D 507 18.83 -66.16 -2.67
N MET D 508 19.17 -67.32 -3.23
CA MET D 508 18.39 -67.96 -4.26
C MET D 508 16.96 -68.21 -3.82
N ILE D 509 16.78 -68.66 -2.58
CA ILE D 509 15.44 -68.91 -2.08
C ILE D 509 14.65 -67.62 -1.94
N SER D 510 15.26 -66.55 -1.45
CA SER D 510 14.52 -65.29 -1.32
C SER D 510 14.14 -64.73 -2.68
N ALA D 511 14.98 -65.00 -3.69
CA ALA D 511 14.72 -64.56 -5.07
C ALA D 511 13.49 -65.25 -5.66
N GLY D 512 13.03 -66.35 -5.03
CA GLY D 512 11.86 -67.04 -5.53
C GLY D 512 12.04 -68.46 -6.03
N PHE D 513 13.22 -69.05 -5.91
CA PHE D 513 13.36 -70.40 -6.43
C PHE D 513 12.95 -71.41 -5.41
N SER D 514 12.32 -72.50 -5.86
CA SER D 514 11.95 -73.54 -4.93
C SER D 514 12.55 -74.86 -5.41
N LEU D 515 12.90 -75.70 -4.44
CA LEU D 515 13.53 -76.96 -4.76
C LEU D 515 12.67 -78.11 -4.32
N TRP D 516 12.60 -79.12 -5.19
CA TRP D 516 11.80 -80.31 -4.95
C TRP D 516 12.61 -81.54 -5.29
N ILE D 517 12.32 -82.66 -4.62
CA ILE D 517 13.14 -83.85 -4.86
C ILE D 517 12.35 -85.12 -4.58
N TYR D 518 12.76 -86.22 -5.17
CA TYR D 518 12.11 -87.50 -4.89
C TYR D 518 11.98 -87.80 -3.40
N LYS D 519 10.87 -88.40 -3.02
CA LYS D 519 10.51 -88.65 -1.63
C LYS D 519 11.45 -89.56 -0.82
N GLN D 520 12.32 -90.32 -1.49
CA GLN D 520 13.22 -91.24 -0.81
C GLN D 520 14.50 -90.57 -0.38
N PHE D 521 14.66 -89.31 -0.74
CA PHE D 521 15.86 -88.61 -0.37
C PHE D 521 15.94 -88.57 1.10
N ASP D 522 17.12 -88.86 1.62
CA ASP D 522 17.33 -88.79 3.05
C ASP D 522 18.78 -88.48 3.27
N THR D 523 19.04 -87.49 4.14
CA THR D 523 20.40 -87.07 4.46
C THR D 523 21.20 -88.16 5.18
N TYR D 524 20.51 -89.15 5.76
CA TYR D 524 21.13 -90.31 6.37
C TYR D 524 22.13 -90.95 5.40
N ASN D 525 21.79 -90.96 4.10
CA ASN D 525 22.64 -91.57 3.07
C ASN D 525 23.84 -90.70 2.68
N LEU D 526 23.85 -89.42 3.11
CA LEU D 526 24.99 -88.51 2.94
C LEU D 526 25.97 -88.73 4.09
N TRP D 527 25.42 -88.95 5.29
CA TRP D 527 26.22 -89.25 6.47
C TRP D 527 27.00 -90.56 6.33
N ASN D 528 26.39 -91.58 5.66
CA ASN D 528 27.05 -92.87 5.40
C ASN D 528 28.33 -92.80 4.60
N THR D 529 28.63 -91.67 3.98
CA THR D 529 29.82 -91.55 3.18
C THR D 529 31.08 -91.17 4.01
N PHE D 530 30.90 -90.96 5.31
CA PHE D 530 32.04 -90.56 6.11
C PHE D 530 32.54 -91.65 7.02
N THR D 531 31.84 -92.77 7.06
CA THR D 531 32.23 -93.83 7.96
C THR D 531 33.58 -94.43 7.51
N ARG D 532 34.23 -95.21 8.38
CA ARG D 532 35.54 -95.75 8.05
C ARG D 532 35.97 -96.83 9.05
N HIS E 7 -49.19 16.58 -15.32
CA HIS E 7 -49.45 16.11 -13.96
C HIS E 7 -50.94 16.13 -13.67
N ALA E 8 -51.39 15.17 -12.89
CA ALA E 8 -52.82 15.03 -12.65
C ALA E 8 -53.21 15.75 -11.38
N GLY E 9 -54.41 15.50 -10.91
CA GLY E 9 -54.88 16.16 -9.70
C GLY E 9 -55.80 17.27 -10.12
N ASN E 10 -56.68 17.70 -9.23
CA ASN E 10 -57.63 18.75 -9.57
C ASN E 10 -57.49 20.15 -8.86
N ALA E 11 -56.29 20.38 -8.29
CA ALA E 11 -55.89 21.60 -7.56
C ALA E 11 -56.79 21.89 -6.37
N THR E 12 -56.43 22.88 -5.60
CA THR E 12 -57.15 23.17 -4.37
C THR E 12 -57.10 24.63 -3.95
N GLU E 13 -55.90 25.22 -4.07
CA GLU E 13 -55.62 26.57 -3.56
C GLU E 13 -55.20 27.69 -4.53
N VAL E 14 -55.26 28.90 -3.98
CA VAL E 14 -54.92 30.10 -4.72
C VAL E 14 -53.68 30.75 -4.17
N PRO E 15 -52.64 30.98 -5.02
CA PRO E 15 -51.43 31.79 -4.76
C PRO E 15 -51.87 33.07 -4.12
N ALA E 16 -52.04 33.00 -2.85
CA ALA E 16 -52.40 34.07 -1.97
C ALA E 16 -52.20 33.55 -0.63
N ASN E 17 -52.71 32.37 -0.54
CA ASN E 17 -52.66 31.53 0.61
C ASN E 17 -51.41 30.68 0.60
N SER E 18 -50.73 30.64 -0.54
CA SER E 18 -49.57 29.78 -0.70
C SER E 18 -48.53 30.03 0.40
N THR E 19 -48.19 31.32 0.65
CA THR E 19 -47.22 31.68 1.71
C THR E 19 -47.74 31.43 3.08
N VAL E 20 -48.93 31.95 3.34
CA VAL E 20 -49.54 31.94 4.66
C VAL E 20 -49.57 30.53 5.20
N LEU E 21 -49.99 29.62 4.31
CA LEU E 21 -50.16 28.23 4.64
C LEU E 21 -48.86 27.52 4.83
N SER E 22 -47.87 27.78 3.94
CA SER E 22 -46.56 27.12 4.12
C SER E 22 -46.04 27.37 5.53
N PHE E 23 -46.13 28.62 5.96
CA PHE E 23 -45.71 29.02 7.28
C PHE E 23 -46.45 28.30 8.42
N CYS E 24 -47.76 28.17 8.34
CA CYS E 24 -48.47 27.50 9.42
C CYS E 24 -48.36 25.96 9.37
N ALA E 25 -48.12 25.42 8.17
CA ALA E 25 -47.92 23.99 8.03
C ALA E 25 -46.67 23.54 8.80
N PHE E 26 -45.59 24.29 8.59
CA PHE E 26 -44.31 24.03 9.25
C PHE E 26 -44.24 24.48 10.72
N ALA E 27 -45.10 25.39 11.16
CA ALA E 27 -45.04 25.85 12.56
C ALA E 27 -45.31 24.83 13.63
N VAL E 28 -44.60 25.03 14.75
CA VAL E 28 -44.78 24.29 16.00
C VAL E 28 -46.12 24.57 16.62
N ASP E 29 -46.54 25.83 16.53
CA ASP E 29 -47.81 26.32 17.04
C ASP E 29 -48.44 27.16 15.96
N PRO E 30 -49.30 26.55 15.12
CA PRO E 30 -49.94 27.11 13.93
C PRO E 30 -50.84 28.23 14.26
N ALA E 31 -51.53 28.09 15.39
CA ALA E 31 -52.42 29.13 15.87
C ALA E 31 -51.66 30.41 16.08
N LYS E 32 -50.58 30.31 16.87
CA LYS E 32 -49.70 31.44 17.16
C LYS E 32 -49.14 32.02 15.88
N ALA E 33 -48.69 31.13 15.01
CA ALA E 33 -48.10 31.52 13.74
C ALA E 33 -49.00 32.35 12.91
N TYR E 34 -50.24 31.90 12.78
CA TYR E 34 -51.22 32.58 11.97
C TYR E 34 -51.47 33.97 12.53
N LYS E 35 -51.70 34.03 13.84
CA LYS E 35 -52.00 35.29 14.50
C LYS E 35 -50.87 36.29 14.32
N ASP E 36 -49.64 35.79 14.44
CA ASP E 36 -48.45 36.60 14.28
C ASP E 36 -48.30 37.05 12.86
N TYR E 37 -48.59 36.15 11.94
CA TYR E 37 -48.53 36.41 10.52
C TYR E 37 -49.37 37.59 10.12
N LEU E 38 -50.58 37.66 10.70
CA LEU E 38 -51.52 38.72 10.41
C LEU E 38 -51.07 40.04 11.01
N ALA E 39 -50.54 39.98 12.25
CA ALA E 39 -49.97 41.15 12.93
C ALA E 39 -48.79 41.73 12.14
N SER E 40 -48.12 40.86 11.39
CA SER E 40 -47.01 41.22 10.52
C SER E 40 -47.47 41.71 9.14
N GLY E 41 -48.78 41.95 8.99
CA GLY E 41 -49.33 42.52 7.77
C GLY E 41 -49.74 41.52 6.72
N GLY E 42 -49.74 40.24 7.04
CA GLY E 42 -50.13 39.29 6.04
C GLY E 42 -51.63 39.28 5.88
N GLN E 43 -52.11 38.97 4.67
CA GLN E 43 -53.54 38.90 4.39
C GLN E 43 -54.06 37.53 4.80
N PRO E 44 -55.26 37.47 5.42
CA PRO E 44 -55.91 36.30 5.99
C PRO E 44 -56.29 35.34 4.92
N ILE E 45 -56.39 34.09 5.33
CA ILE E 45 -56.68 33.02 4.42
C ILE E 45 -57.99 33.25 3.75
N THR E 46 -57.94 33.17 2.43
CA THR E 46 -59.11 33.34 1.61
C THR E 46 -59.48 32.01 0.93
N ASN E 47 -60.33 32.07 -0.11
CA ASN E 47 -60.78 30.90 -0.89
C ASN E 47 -61.58 29.93 -0.03
N CYS E 48 -62.44 30.47 0.83
CA CYS E 48 -63.26 29.68 1.73
C CYS E 48 -64.57 29.28 1.08
N VAL E 49 -65.36 28.46 1.76
CA VAL E 49 -66.66 28.06 1.22
C VAL E 49 -67.74 28.98 1.80
N LYS E 50 -68.12 30.01 1.03
CA LYS E 50 -69.13 30.98 1.47
C LYS E 50 -70.48 30.54 0.94
N MET E 51 -71.45 30.48 1.83
CA MET E 51 -72.75 29.95 1.47
C MET E 51 -73.82 30.94 1.03
N LEU E 52 -74.53 30.54 -0.03
CA LEU E 52 -75.73 31.23 -0.48
C LEU E 52 -76.82 30.75 0.46
N CYS E 53 -77.37 31.70 1.18
CA CYS E 53 -78.22 31.40 2.31
C CYS E 53 -79.44 32.33 2.39
N THR E 54 -80.56 31.85 2.96
CA THR E 54 -81.74 32.72 3.11
C THR E 54 -81.53 33.84 4.14
N HIS E 55 -80.58 33.64 5.06
CA HIS E 55 -80.22 34.56 6.15
C HIS E 55 -81.37 34.76 7.14
N THR E 56 -82.01 33.63 7.47
CA THR E 56 -83.13 33.60 8.38
C THR E 56 -82.98 32.54 9.46
N GLY E 57 -81.79 31.97 9.59
CA GLY E 57 -81.63 30.82 10.48
C GLY E 57 -81.26 31.20 11.88
N THR E 58 -81.15 30.19 12.74
CA THR E 58 -80.80 30.38 14.15
C THR E 58 -79.40 30.93 14.27
N GLY E 59 -79.19 31.80 15.25
CA GLY E 59 -77.88 32.42 15.42
C GLY E 59 -76.71 31.46 15.76
N GLN E 60 -77.01 30.19 16.11
CA GLN E 60 -75.99 29.21 16.50
C GLN E 60 -74.76 29.09 15.57
N ALA E 61 -73.58 29.00 16.22
CA ALA E 61 -72.26 28.95 15.58
C ALA E 61 -72.01 27.72 14.70
N ILE E 62 -72.14 26.54 15.30
CA ILE E 62 -71.87 25.32 14.57
C ILE E 62 -73.16 24.57 14.36
N THR E 63 -73.60 24.53 13.11
CA THR E 63 -74.91 23.96 12.80
C THR E 63 -74.83 22.90 11.70
N VAL E 64 -75.88 22.10 11.60
CA VAL E 64 -75.91 20.99 10.62
C VAL E 64 -76.04 21.49 9.17
N THR E 65 -76.83 22.56 9.00
CA THR E 65 -77.06 23.25 7.72
C THR E 65 -76.88 24.77 7.95
N PRO E 66 -76.75 25.59 6.91
CA PRO E 66 -76.58 27.04 6.97
C PRO E 66 -77.70 27.70 7.80
N GLU E 67 -77.31 28.57 8.74
CA GLU E 67 -78.23 29.25 9.66
C GLU E 67 -77.82 30.71 9.90
N ALA E 68 -77.55 31.44 8.84
CA ALA E 68 -77.11 32.82 9.03
C ALA E 68 -78.25 33.79 9.39
N ASN E 69 -77.85 34.94 9.92
CA ASN E 69 -78.72 36.07 10.23
C ASN E 69 -78.49 37.07 9.11
N MET E 70 -79.07 38.26 9.24
CA MET E 70 -78.69 39.35 8.33
C MET E 70 -77.30 39.86 8.78
N ASP E 71 -77.04 39.67 10.08
CA ASP E 71 -75.82 39.99 10.79
C ASP E 71 -74.60 39.07 10.51
N GLN E 72 -74.86 37.87 9.99
CA GLN E 72 -73.84 36.83 9.79
C GLN E 72 -73.70 36.39 8.34
N GLU E 73 -72.72 35.54 8.11
CA GLU E 73 -72.54 34.85 6.86
C GLU E 73 -72.37 33.37 7.23
N SER E 74 -72.68 32.50 6.32
CA SER E 74 -72.55 31.08 6.63
C SER E 74 -71.43 30.48 5.78
N PHE E 75 -70.54 29.70 6.42
CA PHE E 75 -69.40 29.09 5.76
C PHE E 75 -69.29 27.60 5.95
N GLY E 76 -68.68 26.96 4.96
CA GLY E 76 -68.44 25.50 4.97
C GLY E 76 -67.31 25.17 5.94
N GLY E 77 -67.69 24.82 7.17
CA GLY E 77 -66.82 24.62 8.34
C GLY E 77 -65.37 24.21 8.09
N ALA E 78 -65.12 23.09 7.43
CA ALA E 78 -63.73 22.70 7.19
C ALA E 78 -62.90 23.83 6.59
N SER E 79 -63.47 24.64 5.72
CA SER E 79 -62.70 25.74 5.13
C SER E 79 -62.35 26.86 6.14
N CYS E 80 -63.05 26.88 7.26
CA CYS E 80 -62.80 27.86 8.31
C CYS E 80 -61.93 27.29 9.39
N CYS E 81 -61.34 26.12 9.13
CA CYS E 81 -60.51 25.50 10.13
C CYS E 81 -59.08 25.46 9.68
N LEU E 82 -58.26 26.27 10.34
CA LEU E 82 -56.82 26.37 10.11
C LEU E 82 -56.13 25.03 9.90
N TYR E 83 -56.46 24.08 10.76
CA TYR E 83 -55.82 22.78 10.73
C TYR E 83 -56.27 21.96 9.50
N CYS E 84 -57.47 22.23 9.03
CA CYS E 84 -57.90 21.54 7.82
C CYS E 84 -57.29 22.18 6.61
N ARG E 85 -57.09 23.49 6.70
CA ARG E 85 -56.54 24.24 5.58
C ARG E 85 -55.08 23.98 5.38
N CYS E 86 -54.39 23.66 6.48
CA CYS E 86 -52.97 23.36 6.45
C CYS E 86 -52.68 21.86 6.29
N HIS E 87 -53.71 21.03 6.51
CA HIS E 87 -53.57 19.58 6.39
C HIS E 87 -52.56 19.07 7.41
N ILE E 88 -52.81 19.48 8.63
CA ILE E 88 -52.00 19.16 9.80
C ILE E 88 -52.83 18.52 10.89
N ASP E 89 -52.23 18.37 12.05
CA ASP E 89 -52.94 17.74 13.12
C ASP E 89 -53.77 18.73 13.88
N HIS E 90 -54.86 18.23 14.45
CA HIS E 90 -55.74 19.02 15.26
C HIS E 90 -55.36 18.83 16.71
N PRO E 91 -55.57 19.87 17.51
CA PRO E 91 -55.28 19.93 18.93
C PRO E 91 -56.28 19.14 19.74
N ASN E 92 -57.36 18.70 19.11
CA ASN E 92 -58.34 17.88 19.81
C ASN E 92 -57.56 16.65 20.15
N PRO E 93 -57.59 16.25 21.40
CA PRO E 93 -56.69 15.16 21.75
C PRO E 93 -57.09 13.93 20.95
N LYS E 94 -58.40 13.78 20.72
CA LYS E 94 -58.89 12.65 19.98
C LYS E 94 -58.63 12.92 18.54
N GLY E 95 -58.84 14.16 18.14
CA GLY E 95 -58.23 14.65 16.94
C GLY E 95 -59.20 14.81 15.80
N PHE E 96 -60.49 14.68 16.08
CA PHE E 96 -61.51 14.84 15.06
C PHE E 96 -61.94 16.30 15.05
N CYS E 97 -61.89 16.93 13.88
CA CYS E 97 -62.25 18.32 13.79
C CYS E 97 -63.67 18.55 14.21
N ASP E 98 -63.90 19.60 14.97
CA ASP E 98 -65.23 19.96 15.41
C ASP E 98 -66.00 20.71 14.34
N LEU E 99 -65.30 21.23 13.33
CA LEU E 99 -65.92 22.00 12.25
C LEU E 99 -65.99 21.32 10.91
N LYS E 100 -65.65 20.05 10.81
CA LYS E 100 -65.67 19.45 9.50
C LYS E 100 -66.91 18.64 9.37
N GLY E 101 -67.64 18.88 8.28
CA GLY E 101 -68.91 18.20 8.10
C GLY E 101 -70.09 19.04 8.62
N LYS E 102 -69.82 20.28 9.06
CA LYS E 102 -70.84 21.22 9.56
C LYS E 102 -70.70 22.62 8.93
N TYR E 103 -71.63 23.52 9.25
CA TYR E 103 -71.55 24.90 8.74
C TYR E 103 -71.24 25.83 9.88
N VAL E 104 -70.51 26.90 9.57
CA VAL E 104 -70.07 27.85 10.57
C VAL E 104 -70.59 29.23 10.33
N GLN E 105 -71.20 29.79 11.37
CA GLN E 105 -71.82 31.09 11.29
C GLN E 105 -70.84 32.18 11.77
N ILE E 106 -70.51 33.12 10.88
CA ILE E 106 -69.54 34.15 11.22
C ILE E 106 -70.05 35.55 10.92
N PRO E 107 -70.14 36.44 11.93
CA PRO E 107 -70.53 37.85 11.88
C PRO E 107 -69.96 38.51 10.66
N THR E 108 -70.82 39.15 9.86
CA THR E 108 -70.44 39.81 8.58
C THR E 108 -69.29 40.79 8.78
N THR E 109 -69.29 41.42 9.97
CA THR E 109 -68.27 42.37 10.39
C THR E 109 -66.90 41.71 10.65
N CYS E 110 -66.89 40.41 10.95
CA CYS E 110 -65.68 39.65 11.20
C CYS E 110 -65.40 38.60 10.12
N ALA E 111 -66.33 38.42 9.18
CA ALA E 111 -66.23 37.46 8.07
C ALA E 111 -65.16 37.83 7.01
N ASN E 112 -64.37 38.87 7.29
CA ASN E 112 -63.22 39.25 6.50
C ASN E 112 -62.14 38.17 6.62
N ASP E 113 -62.05 37.57 7.83
CA ASP E 113 -61.10 36.51 8.25
C ASP E 113 -61.78 35.36 8.99
N PRO E 114 -62.41 34.43 8.24
CA PRO E 114 -63.16 33.28 8.70
C PRO E 114 -62.32 32.38 9.61
N VAL E 115 -61.13 32.06 9.10
CA VAL E 115 -60.25 31.12 9.76
C VAL E 115 -59.79 31.65 11.09
N GLY E 116 -59.37 32.91 11.09
CA GLY E 116 -58.91 33.51 12.31
C GLY E 116 -60.04 33.62 13.27
N PHE E 117 -61.21 34.00 12.77
CA PHE E 117 -62.35 34.16 13.62
C PHE E 117 -62.61 32.90 14.46
N THR E 118 -62.55 31.71 13.82
CA THR E 118 -62.81 30.46 14.56
C THR E 118 -61.69 30.08 15.55
N LEU E 119 -60.44 30.49 15.27
CA LEU E 119 -59.33 30.27 16.22
C LEU E 119 -59.48 31.11 17.46
N ARG E 120 -59.69 32.39 17.20
CA ARG E 120 -59.80 33.42 18.21
C ARG E 120 -61.00 33.25 19.14
N ASN E 121 -62.15 32.86 18.59
CA ASN E 121 -63.34 32.74 19.40
C ASN E 121 -63.68 31.35 19.88
N THR E 122 -64.67 31.30 20.78
CA THR E 122 -65.14 30.05 21.38
C THR E 122 -66.68 29.98 21.48
N VAL E 123 -67.21 28.76 21.43
CA VAL E 123 -68.65 28.48 21.45
C VAL E 123 -69.18 28.13 22.82
N CYS E 124 -70.31 28.74 23.18
CA CYS E 124 -70.97 28.50 24.46
C CYS E 124 -71.61 27.11 24.48
N THR E 125 -71.26 26.31 25.49
CA THR E 125 -71.85 24.96 25.59
C THR E 125 -73.36 24.97 25.84
N VAL E 126 -73.91 26.08 26.34
CA VAL E 126 -75.33 26.16 26.64
C VAL E 126 -76.20 26.56 25.43
N CYS E 127 -75.96 27.76 24.85
CA CYS E 127 -76.78 28.18 23.71
C CYS E 127 -76.25 27.78 22.33
N GLY E 128 -74.98 27.39 22.24
CA GLY E 128 -74.44 26.98 20.94
C GLY E 128 -74.06 28.18 20.05
N MET E 129 -74.01 29.37 20.65
CA MET E 129 -73.65 30.61 19.96
C MET E 129 -72.28 31.07 20.47
N TRP E 130 -71.61 31.87 19.64
CA TRP E 130 -70.27 32.33 19.98
C TRP E 130 -70.29 33.22 21.21
N LYS E 131 -69.38 33.01 22.15
CA LYS E 131 -69.35 33.94 23.26
C LYS E 131 -68.89 35.26 22.70
N GLY E 132 -69.62 36.31 23.05
CA GLY E 132 -69.30 37.65 22.62
C GLY E 132 -69.95 37.96 21.30
N TYR E 133 -70.31 36.94 20.56
CA TYR E 133 -70.92 37.23 19.29
C TYR E 133 -72.27 36.56 19.18
N GLY E 134 -73.08 36.78 20.19
CA GLY E 134 -74.48 36.46 20.10
C GLY E 134 -74.88 35.64 21.29
N CYS E 135 -74.24 35.89 22.41
CA CYS E 135 -74.61 35.13 23.60
C CYS E 135 -75.51 35.91 24.56
N SER E 136 -76.63 35.28 24.93
CA SER E 136 -77.60 35.87 25.85
C SER E 136 -77.38 35.55 27.34
N CYS E 137 -76.39 34.71 27.69
CA CYS E 137 -76.11 34.42 29.10
C CYS E 137 -75.44 35.59 29.83
N ASP E 138 -75.50 35.53 31.16
CA ASP E 138 -74.93 36.54 32.04
C ASP E 138 -75.54 37.92 31.76
N HIS F 6 42.67 25.29 2.35
CA HIS F 6 44.10 25.36 2.67
C HIS F 6 44.65 24.15 3.47
N HIS F 7 44.94 24.30 4.78
CA HIS F 7 45.45 23.16 5.58
C HIS F 7 44.64 22.91 6.89
N ALA F 8 43.33 22.94 6.72
CA ALA F 8 42.32 22.60 7.69
C ALA F 8 41.75 21.24 7.30
N GLY F 9 40.73 20.76 7.99
CA GLY F 9 40.10 19.48 7.62
C GLY F 9 40.88 18.23 8.08
N ASN F 10 40.28 17.06 7.86
CA ASN F 10 40.89 15.77 8.25
C ASN F 10 40.88 14.72 7.12
N ALA F 11 41.97 13.96 7.01
CA ALA F 11 42.14 12.98 5.96
C ALA F 11 41.16 11.82 5.99
N THR F 12 40.84 11.38 4.79
CA THR F 12 39.98 10.25 4.53
C THR F 12 40.82 9.14 3.90
N GLU F 13 41.57 9.50 2.88
CA GLU F 13 42.34 8.52 2.14
C GLU F 13 43.80 8.57 2.26
N VAL F 14 44.33 7.44 1.80
CA VAL F 14 45.73 7.13 1.73
C VAL F 14 46.12 7.13 0.26
N PRO F 15 47.39 7.45 -0.05
CA PRO F 15 47.97 7.64 -1.36
C PRO F 15 47.91 6.42 -2.25
N ALA F 16 47.96 5.24 -1.65
CA ALA F 16 47.87 4.00 -2.40
C ALA F 16 46.60 3.96 -3.25
N ASN F 17 45.58 4.64 -2.78
CA ASN F 17 44.33 4.65 -3.45
C ASN F 17 44.05 5.85 -4.36
N SER F 18 44.90 6.89 -4.36
CA SER F 18 44.46 8.10 -5.08
C SER F 18 44.35 7.88 -6.60
N THR F 19 45.22 7.04 -7.18
CA THR F 19 45.15 6.77 -8.63
C THR F 19 43.83 6.12 -9.05
N VAL F 20 43.45 5.14 -8.27
CA VAL F 20 42.33 4.32 -8.62
C VAL F 20 41.07 5.12 -8.50
N LEU F 21 40.99 5.85 -7.39
CA LEU F 21 39.81 6.61 -7.04
C LEU F 21 39.48 7.68 -7.99
N SER F 22 40.51 8.42 -8.40
CA SER F 22 40.26 9.49 -9.35
C SER F 22 39.81 8.90 -10.71
N PHE F 23 40.32 7.72 -11.08
CA PHE F 23 39.91 7.08 -12.31
C PHE F 23 38.39 6.79 -12.29
N CYS F 24 37.92 6.20 -11.21
CA CYS F 24 36.50 5.85 -11.14
C CYS F 24 35.62 7.06 -10.89
N ALA F 25 36.21 8.13 -10.35
CA ALA F 25 35.49 9.37 -10.07
C ALA F 25 34.97 10.02 -11.32
N PHE F 26 35.87 10.15 -12.28
CA PHE F 26 35.55 10.75 -13.56
C PHE F 26 34.86 9.78 -14.51
N ALA F 27 35.09 8.48 -14.34
CA ALA F 27 34.51 7.50 -15.24
C ALA F 27 33.00 7.61 -15.45
N VAL F 28 32.57 7.41 -16.71
CA VAL F 28 31.14 7.32 -17.08
C VAL F 28 30.50 6.07 -16.51
N ASP F 29 31.25 4.95 -16.55
CA ASP F 29 30.85 3.68 -15.93
C ASP F 29 31.92 3.27 -14.91
N PRO F 30 31.82 3.83 -13.68
CA PRO F 30 32.71 3.67 -12.52
C PRO F 30 33.05 2.24 -12.30
N ALA F 31 31.99 1.42 -12.34
CA ALA F 31 32.08 0.02 -12.06
C ALA F 31 33.00 -0.69 -13.03
N LYS F 32 32.74 -0.45 -14.34
CA LYS F 32 33.56 -1.01 -15.41
C LYS F 32 34.97 -0.59 -15.26
N ALA F 33 35.14 0.68 -14.99
CA ALA F 33 36.45 1.25 -14.84
C ALA F 33 37.22 0.56 -13.71
N TYR F 34 36.54 0.28 -12.59
CA TYR F 34 37.24 -0.35 -11.48
C TYR F 34 37.69 -1.71 -11.90
N LYS F 35 36.76 -2.44 -12.50
CA LYS F 35 37.00 -3.78 -13.01
C LYS F 35 38.22 -3.79 -13.91
N ASP F 36 38.23 -2.85 -14.85
CA ASP F 36 39.27 -2.72 -15.83
C ASP F 36 40.59 -2.31 -15.21
N TYR F 37 40.53 -1.47 -14.17
CA TYR F 37 41.73 -1.04 -13.48
C TYR F 37 42.45 -2.24 -12.88
N LEU F 38 41.67 -3.11 -12.23
CA LEU F 38 42.18 -4.31 -11.62
C LEU F 38 42.77 -5.19 -12.66
N ALA F 39 42.01 -5.34 -13.74
CA ALA F 39 42.39 -6.16 -14.89
C ALA F 39 43.73 -5.74 -15.49
N SER F 40 44.00 -4.44 -15.55
CA SER F 40 45.28 -3.95 -16.09
C SER F 40 46.45 -4.06 -15.11
N GLY F 41 46.27 -4.78 -14.01
CA GLY F 41 47.35 -5.00 -13.04
C GLY F 41 47.27 -4.06 -11.85
N GLY F 42 46.21 -3.27 -11.77
CA GLY F 42 46.15 -2.35 -10.68
C GLY F 42 45.76 -3.03 -9.40
N GLN F 43 46.25 -2.48 -8.28
CA GLN F 43 45.95 -2.95 -6.92
C GLN F 43 44.61 -2.40 -6.48
N PRO F 44 43.79 -3.23 -5.84
CA PRO F 44 42.45 -2.95 -5.38
C PRO F 44 42.47 -1.92 -4.26
N ILE F 45 41.30 -1.35 -4.02
CA ILE F 45 41.15 -0.33 -3.03
C ILE F 45 41.37 -0.87 -1.65
N THR F 46 42.24 -0.19 -0.89
CA THR F 46 42.52 -0.51 0.50
C THR F 46 41.91 0.55 1.44
N ASN F 47 42.30 0.53 2.73
CA ASN F 47 41.83 1.51 3.71
C ASN F 47 40.34 1.30 4.00
N CYS F 48 39.98 0.04 4.23
CA CYS F 48 38.58 -0.29 4.50
C CYS F 48 38.36 -0.52 5.98
N VAL F 49 37.11 -0.46 6.39
CA VAL F 49 36.80 -0.63 7.80
C VAL F 49 36.68 -2.12 8.13
N LYS F 50 37.81 -2.75 8.47
CA LYS F 50 37.81 -4.17 8.82
C LYS F 50 37.45 -4.30 10.28
N MET F 51 36.51 -5.21 10.56
CA MET F 51 36.01 -5.33 11.91
C MET F 51 36.62 -6.46 12.78
N LEU F 52 36.88 -6.11 14.05
CA LEU F 52 37.25 -7.07 15.10
C LEU F 52 35.95 -7.71 15.54
N CYS F 53 35.91 -9.02 15.37
CA CYS F 53 34.68 -9.77 15.43
C CYS F 53 34.88 -11.15 16.06
N THR F 54 33.84 -11.72 16.68
CA THR F 54 33.98 -13.09 17.25
C THR F 54 33.90 -14.21 16.20
N HIS F 55 33.34 -13.91 15.02
CA HIS F 55 33.13 -14.87 13.91
C HIS F 55 32.18 -16.00 14.32
N THR F 56 31.07 -15.62 14.94
CA THR F 56 30.09 -16.56 15.45
C THR F 56 28.67 -16.21 15.03
N GLY F 57 28.54 -15.43 13.98
CA GLY F 57 27.21 -14.96 13.60
C GLY F 57 26.64 -15.79 12.49
N THR F 58 25.61 -15.22 11.86
CA THR F 58 25.04 -15.78 10.67
C THR F 58 26.11 -15.55 9.62
N GLY F 59 25.92 -16.02 8.42
CA GLY F 59 26.86 -15.67 7.37
C GLY F 59 26.22 -14.67 6.42
N GLN F 60 25.07 -14.06 6.81
CA GLN F 60 24.31 -13.16 5.94
C GLN F 60 25.17 -12.02 5.38
N ALA F 61 24.81 -11.51 4.21
CA ALA F 61 25.63 -10.51 3.53
C ALA F 61 25.56 -9.13 4.16
N ILE F 62 24.34 -8.62 4.27
CA ILE F 62 24.15 -7.29 4.81
C ILE F 62 23.38 -7.34 6.09
N THR F 63 24.05 -7.03 7.18
CA THR F 63 23.51 -7.16 8.51
C THR F 63 23.69 -5.90 9.32
N VAL F 64 22.95 -5.78 10.42
CA VAL F 64 23.04 -4.57 11.23
C VAL F 64 24.30 -4.52 12.07
N THR F 65 24.72 -5.67 12.57
CA THR F 65 25.97 -5.74 13.34
C THR F 65 26.80 -6.83 12.73
N PRO F 66 28.11 -6.87 12.99
CA PRO F 66 29.05 -7.84 12.48
C PRO F 66 28.52 -9.22 12.76
N GLU F 67 28.16 -9.88 11.68
CA GLU F 67 27.64 -11.23 11.68
C GLU F 67 28.53 -12.05 10.81
N ALA F 68 29.65 -12.49 11.34
CA ALA F 68 30.55 -13.18 10.47
C ALA F 68 30.62 -14.63 10.73
N ASN F 69 30.82 -15.32 9.64
CA ASN F 69 31.08 -16.73 9.60
C ASN F 69 32.55 -16.92 10.02
N MET F 70 33.02 -18.15 10.09
CA MET F 70 34.44 -18.38 10.32
C MET F 70 35.20 -18.25 9.02
N ASP F 71 34.48 -18.32 7.92
CA ASP F 71 35.06 -18.20 6.60
C ASP F 71 34.96 -16.79 6.00
N GLN F 72 34.46 -15.84 6.81
CA GLN F 72 34.22 -14.48 6.38
C GLN F 72 34.88 -13.42 7.29
N GLU F 73 35.20 -12.26 6.71
CA GLU F 73 35.65 -11.09 7.48
C GLU F 73 34.49 -10.10 7.46
N SER F 74 34.46 -9.22 8.42
CA SER F 74 33.33 -8.33 8.45
C SER F 74 33.82 -6.89 8.19
N PHE F 75 33.08 -6.14 7.37
CA PHE F 75 33.48 -4.78 7.04
C PHE F 75 32.38 -3.74 7.21
N GLY F 76 32.79 -2.52 7.47
CA GLY F 76 31.89 -1.40 7.64
C GLY F 76 31.35 -1.00 6.29
N GLY F 77 30.15 -1.47 6.00
CA GLY F 77 29.47 -1.37 4.70
C GLY F 77 29.81 -0.23 3.76
N ALA F 78 29.63 1.00 4.15
CA ALA F 78 29.95 2.09 3.24
C ALA F 78 31.39 2.02 2.71
N SER F 79 32.34 1.46 3.47
CA SER F 79 33.73 1.39 3.00
C SER F 79 33.99 0.31 1.93
N CYS F 80 32.99 -0.53 1.67
CA CYS F 80 33.09 -1.56 0.63
C CYS F 80 32.33 -1.14 -0.59
N CYS F 81 31.67 0.02 -0.53
CA CYS F 81 30.86 0.44 -1.65
C CYS F 81 31.64 1.40 -2.50
N LEU F 82 31.90 1.00 -3.75
CA LEU F 82 32.69 1.80 -4.68
C LEU F 82 32.15 3.22 -4.78
N TYR F 83 30.84 3.33 -4.89
CA TYR F 83 30.20 4.60 -5.07
C TYR F 83 30.36 5.50 -3.81
N CYS F 84 30.51 4.90 -2.64
CA CYS F 84 30.75 5.71 -1.46
C CYS F 84 32.20 6.09 -1.34
N ARG F 85 33.11 5.23 -1.79
CA ARG F 85 34.52 5.53 -1.67
C ARG F 85 34.96 6.64 -2.61
N CYS F 86 34.26 6.78 -3.73
CA CYS F 86 34.56 7.81 -4.73
C CYS F 86 33.71 9.04 -4.58
N HIS F 87 32.69 8.98 -3.71
CA HIS F 87 31.82 10.12 -3.43
C HIS F 87 31.10 10.52 -4.68
N ILE F 88 30.52 9.53 -5.32
CA ILE F 88 29.79 9.71 -6.56
C ILE F 88 28.35 9.19 -6.44
N ASP F 89 27.61 9.28 -7.51
CA ASP F 89 26.24 8.84 -7.49
C ASP F 89 26.14 7.35 -7.42
N HIS F 90 24.98 6.89 -6.96
CA HIS F 90 24.71 5.49 -6.88
C HIS F 90 23.78 5.13 -8.02
N PRO F 91 23.87 3.91 -8.55
CA PRO F 91 23.12 3.35 -9.68
C PRO F 91 21.62 3.14 -9.41
N ASN F 92 21.17 3.26 -8.18
CA ASN F 92 19.74 3.15 -7.93
C ASN F 92 19.18 4.50 -8.34
N PRO F 93 18.06 4.50 -9.06
CA PRO F 93 17.45 5.74 -9.55
C PRO F 93 17.27 6.69 -8.39
N LYS F 94 16.51 6.23 -7.40
CA LYS F 94 16.27 7.02 -6.20
C LYS F 94 17.61 7.55 -5.72
N GLY F 95 18.61 6.69 -5.76
CA GLY F 95 19.95 7.07 -5.37
C GLY F 95 20.40 6.61 -3.99
N PHE F 96 19.85 5.52 -3.48
CA PHE F 96 20.28 5.07 -2.17
C PHE F 96 21.27 3.95 -2.23
N CYS F 97 21.94 3.77 -1.11
CA CYS F 97 22.96 2.78 -0.97
C CYS F 97 22.60 1.63 -0.06
N ASP F 98 22.79 0.42 -0.55
CA ASP F 98 22.46 -0.75 0.22
C ASP F 98 23.48 -1.12 1.30
N LEU F 99 24.70 -0.63 1.18
CA LEU F 99 25.70 -0.99 2.17
C LEU F 99 25.95 0.08 3.24
N LYS F 100 25.46 1.28 3.04
CA LYS F 100 25.76 2.30 4.03
C LYS F 100 24.81 2.18 5.18
N GLY F 101 25.40 2.21 6.38
CA GLY F 101 24.65 2.08 7.61
C GLY F 101 24.60 0.62 8.11
N LYS F 102 25.20 -0.31 7.34
CA LYS F 102 25.17 -1.73 7.67
C LYS F 102 26.57 -2.32 7.60
N TYR F 103 26.71 -3.56 8.01
CA TYR F 103 27.99 -4.28 7.90
C TYR F 103 27.94 -5.28 6.78
N VAL F 104 29.09 -5.56 6.19
CA VAL F 104 29.17 -6.46 5.07
C VAL F 104 30.06 -7.61 5.36
N GLN F 105 29.53 -8.79 5.09
CA GLN F 105 30.24 -10.01 5.36
C GLN F 105 30.90 -10.49 4.07
N ILE F 106 32.22 -10.65 4.11
CA ILE F 106 32.97 -11.03 2.90
C ILE F 106 33.94 -12.17 3.09
N PRO F 107 33.83 -13.23 2.29
CA PRO F 107 34.70 -14.41 2.22
C PRO F 107 36.17 -14.03 2.39
N THR F 108 36.83 -14.65 3.37
CA THR F 108 38.24 -14.39 3.70
C THR F 108 39.16 -14.52 2.47
N THR F 109 38.81 -15.41 1.56
CA THR F 109 39.54 -15.62 0.30
C THR F 109 39.44 -14.40 -0.66
N CYS F 110 38.38 -13.62 -0.52
CA CYS F 110 38.11 -12.47 -1.38
C CYS F 110 38.30 -11.15 -0.68
N ALA F 111 38.55 -11.20 0.64
CA ALA F 111 38.74 -10.01 1.47
C ALA F 111 39.88 -9.12 0.99
N ASN F 112 40.70 -9.62 0.08
CA ASN F 112 41.78 -8.87 -0.57
C ASN F 112 41.25 -7.61 -1.27
N ASP F 113 40.02 -7.71 -1.78
CA ASP F 113 39.29 -6.71 -2.57
C ASP F 113 37.79 -6.69 -2.28
N PRO F 114 37.41 -6.23 -1.09
CA PRO F 114 36.07 -6.15 -0.61
C PRO F 114 35.22 -5.20 -1.45
N VAL F 115 35.84 -4.20 -2.08
CA VAL F 115 35.04 -3.27 -2.84
C VAL F 115 34.56 -3.93 -4.10
N GLY F 116 35.50 -4.60 -4.80
CA GLY F 116 35.18 -5.31 -6.01
C GLY F 116 34.18 -6.38 -5.75
N PHE F 117 34.38 -7.08 -4.64
CA PHE F 117 33.52 -8.16 -4.27
C PHE F 117 32.04 -7.77 -4.29
N THR F 118 31.69 -6.61 -3.70
CA THR F 118 30.28 -6.20 -3.63
C THR F 118 29.67 -5.67 -4.95
N LEU F 119 30.52 -5.39 -5.95
CA LEU F 119 30.09 -5.00 -7.29
C LEU F 119 29.72 -6.23 -8.05
N ARG F 120 30.66 -7.16 -8.01
CA ARG F 120 30.60 -8.45 -8.69
C ARG F 120 29.46 -9.35 -8.20
N ASN F 121 29.24 -9.40 -6.89
CA ASN F 121 28.23 -10.29 -6.35
C ASN F 121 26.89 -9.68 -6.07
N THR F 122 25.93 -10.57 -5.84
CA THR F 122 24.54 -10.21 -5.58
C THR F 122 23.99 -10.92 -4.34
N VAL F 123 23.17 -10.19 -3.57
CA VAL F 123 22.52 -10.69 -2.36
C VAL F 123 21.19 -11.38 -2.66
N CYS F 124 21.00 -12.58 -2.11
CA CYS F 124 19.76 -13.33 -2.27
C CYS F 124 18.60 -12.71 -1.45
N THR F 125 17.42 -12.55 -2.08
CA THR F 125 16.24 -11.97 -1.39
C THR F 125 15.47 -12.99 -0.54
N VAL F 126 16.04 -14.18 -0.35
CA VAL F 126 15.43 -15.25 0.43
C VAL F 126 16.21 -15.55 1.72
N CYS F 127 17.46 -15.99 1.57
CA CYS F 127 18.29 -16.34 2.73
C CYS F 127 19.09 -15.16 3.26
N GLY F 128 19.18 -14.08 2.46
CA GLY F 128 19.90 -12.88 2.83
C GLY F 128 21.41 -13.06 2.69
N MET F 129 21.84 -14.18 2.08
CA MET F 129 23.23 -14.49 1.91
C MET F 129 23.71 -14.27 0.46
N TRP F 130 25.02 -14.32 0.28
CA TRP F 130 25.56 -14.06 -1.05
C TRP F 130 25.27 -15.19 -2.00
N LYS F 131 24.74 -14.87 -3.16
CA LYS F 131 24.47 -15.89 -4.13
C LYS F 131 25.83 -16.37 -4.51
N GLY F 132 26.07 -17.68 -4.43
CA GLY F 132 27.36 -18.20 -4.80
C GLY F 132 28.26 -18.43 -3.62
N TYR F 133 27.90 -17.84 -2.50
CA TYR F 133 28.65 -18.01 -1.27
C TYR F 133 27.59 -18.19 -0.20
N GLY F 134 26.88 -19.31 -0.27
CA GLY F 134 25.82 -19.64 0.66
C GLY F 134 24.56 -20.04 -0.07
N CYS F 135 23.85 -19.04 -0.55
CA CYS F 135 22.58 -19.20 -1.26
C CYS F 135 22.03 -20.61 -1.08
N SER F 136 21.74 -20.98 0.16
CA SER F 136 21.21 -22.31 0.48
C SER F 136 20.32 -22.89 -0.63
N CYS F 137 19.76 -22.02 -1.48
CA CYS F 137 18.88 -22.42 -2.57
C CYS F 137 19.70 -23.02 -3.71
N ASP F 138 19.05 -23.89 -4.49
CA ASP F 138 19.67 -24.52 -5.66
C ASP F 138 20.77 -25.50 -5.25
N HIS G 6 -21.02 -39.56 -31.59
CA HIS G 6 -20.61 -38.18 -31.33
C HIS G 6 -20.69 -37.31 -32.58
N HIS G 7 -21.92 -37.05 -33.01
CA HIS G 7 -22.15 -36.20 -34.18
C HIS G 7 -22.55 -34.80 -33.73
N ALA G 8 -22.29 -34.49 -32.48
CA ALA G 8 -22.75 -33.26 -31.89
C ALA G 8 -21.57 -32.36 -31.69
N GLY G 9 -21.82 -31.07 -31.63
CA GLY G 9 -20.76 -30.13 -31.44
C GLY G 9 -20.43 -29.44 -32.73
N ASN G 10 -19.56 -28.46 -32.65
CA ASN G 10 -19.16 -27.68 -33.80
C ASN G 10 -17.65 -27.61 -33.93
N ALA G 11 -17.15 -27.99 -35.08
CA ALA G 11 -15.71 -27.98 -35.36
C ALA G 11 -15.06 -26.59 -35.22
N THR G 12 -13.77 -26.62 -34.84
CA THR G 12 -12.96 -25.43 -34.63
C THR G 12 -11.73 -25.39 -35.52
N GLU G 13 -10.97 -26.48 -35.48
CA GLU G 13 -9.71 -26.56 -36.21
C GLU G 13 -9.72 -27.43 -37.43
N VAL G 14 -8.63 -27.31 -38.14
CA VAL G 14 -8.41 -28.07 -39.34
C VAL G 14 -7.29 -29.06 -39.12
N PRO G 15 -7.27 -30.20 -39.84
CA PRO G 15 -6.32 -31.30 -39.81
C PRO G 15 -4.91 -30.77 -39.83
N ALA G 16 -4.72 -29.75 -40.67
CA ALA G 16 -3.46 -29.08 -40.87
C ALA G 16 -2.83 -28.60 -39.56
N ASN G 17 -3.65 -28.26 -38.57
CA ASN G 17 -3.13 -27.79 -37.30
C ASN G 17 -3.16 -28.82 -36.18
N SER G 18 -3.57 -30.06 -36.46
CA SER G 18 -3.74 -30.98 -35.35
C SER G 18 -2.39 -31.42 -34.75
N THR G 19 -1.36 -31.62 -35.59
CA THR G 19 -0.06 -32.03 -35.06
C THR G 19 0.53 -30.98 -34.17
N VAL G 20 0.59 -29.74 -34.69
CA VAL G 20 1.22 -28.62 -33.99
C VAL G 20 0.58 -28.32 -32.67
N LEU G 21 -0.75 -28.20 -32.69
CA LEU G 21 -1.49 -27.86 -31.51
C LEU G 21 -1.42 -28.91 -30.46
N SER G 22 -1.36 -30.18 -30.88
CA SER G 22 -1.24 -31.27 -29.93
C SER G 22 0.07 -31.18 -29.13
N PHE G 23 1.14 -30.91 -29.88
CA PHE G 23 2.48 -30.79 -29.34
C PHE G 23 2.60 -29.68 -28.31
N CYS G 24 2.16 -28.49 -28.67
CA CYS G 24 2.24 -27.35 -27.76
C CYS G 24 1.24 -27.48 -26.60
N ALA G 25 0.16 -28.25 -26.80
CA ALA G 25 -0.85 -28.43 -25.75
C ALA G 25 -0.28 -29.14 -24.58
N PHE G 26 0.50 -30.16 -24.86
CA PHE G 26 1.12 -30.93 -23.79
C PHE G 26 2.39 -30.27 -23.20
N ALA G 27 3.24 -29.68 -24.06
CA ALA G 27 4.55 -29.13 -23.65
C ALA G 27 4.53 -28.21 -22.42
N VAL G 28 5.61 -28.35 -21.61
CA VAL G 28 5.87 -27.51 -20.43
C VAL G 28 6.12 -26.06 -20.86
N ASP G 29 6.87 -25.87 -21.96
CA ASP G 29 7.12 -24.54 -22.54
C ASP G 29 6.56 -24.41 -23.98
N PRO G 30 5.28 -24.00 -24.12
CA PRO G 30 4.50 -23.81 -25.34
C PRO G 30 5.24 -23.02 -26.42
N ALA G 31 5.85 -21.90 -26.02
CA ALA G 31 6.54 -21.00 -26.95
C ALA G 31 7.76 -21.64 -27.54
N LYS G 32 8.58 -22.25 -26.66
CA LYS G 32 9.80 -22.89 -27.12
C LYS G 32 9.39 -24.01 -28.04
N ALA G 33 8.36 -24.75 -27.62
CA ALA G 33 7.85 -25.85 -28.40
C ALA G 33 7.43 -25.37 -29.78
N TYR G 34 6.69 -24.26 -29.85
CA TYR G 34 6.20 -23.79 -31.13
C TYR G 34 7.35 -23.34 -32.00
N LYS G 35 8.27 -22.59 -31.41
CA LYS G 35 9.41 -22.09 -32.16
C LYS G 35 10.23 -23.24 -32.72
N ASP G 36 10.43 -24.27 -31.91
CA ASP G 36 11.19 -25.43 -32.30
C ASP G 36 10.46 -26.18 -33.40
N TYR G 37 9.11 -26.21 -33.29
CA TYR G 37 8.29 -26.87 -34.30
C TYR G 37 8.57 -26.24 -35.67
N LEU G 38 8.60 -24.92 -35.67
CA LEU G 38 8.85 -24.16 -36.86
C LEU G 38 10.26 -24.37 -37.36
N ALA G 39 11.21 -24.34 -36.40
CA ALA G 39 12.64 -24.48 -36.63
C ALA G 39 12.98 -25.77 -37.33
N SER G 40 12.28 -26.85 -36.97
CA SER G 40 12.52 -28.13 -37.60
C SER G 40 11.71 -28.35 -38.92
N GLY G 41 11.36 -27.26 -39.61
CA GLY G 41 10.72 -27.35 -40.92
C GLY G 41 9.22 -27.53 -40.87
N GLY G 42 8.62 -27.32 -39.70
CA GLY G 42 7.19 -27.51 -39.56
C GLY G 42 6.41 -26.25 -39.93
N GLN G 43 5.24 -26.46 -40.60
CA GLN G 43 4.32 -25.37 -41.02
C GLN G 43 3.64 -24.74 -39.83
N PRO G 44 3.47 -23.43 -39.85
CA PRO G 44 2.87 -22.57 -38.83
C PRO G 44 1.38 -22.75 -38.78
N ILE G 45 0.82 -22.30 -37.69
CA ILE G 45 -0.60 -22.38 -37.51
C ILE G 45 -1.36 -21.61 -38.57
N THR G 46 -2.32 -22.28 -39.20
CA THR G 46 -3.20 -21.68 -40.21
C THR G 46 -4.61 -21.48 -39.60
N ASN G 47 -5.64 -21.20 -40.42
CA ASN G 47 -7.04 -21.05 -39.95
C ASN G 47 -7.24 -19.91 -38.91
N CYS G 48 -6.67 -18.74 -39.19
CA CYS G 48 -6.79 -17.57 -38.32
C CYS G 48 -7.87 -16.61 -38.80
N VAL G 49 -8.36 -15.78 -37.88
CA VAL G 49 -9.43 -14.84 -38.18
C VAL G 49 -8.89 -13.62 -38.96
N LYS G 50 -8.72 -13.78 -40.25
CA LYS G 50 -8.22 -12.67 -41.08
C LYS G 50 -9.37 -11.76 -41.42
N MET G 51 -9.16 -10.46 -41.26
CA MET G 51 -10.22 -9.50 -41.48
C MET G 51 -10.22 -8.79 -42.84
N LEU G 52 -11.42 -8.52 -43.33
CA LEU G 52 -11.67 -7.67 -44.48
C LEU G 52 -11.63 -6.26 -43.93
N CYS G 53 -10.72 -5.49 -44.47
CA CYS G 53 -10.43 -4.21 -43.88
C CYS G 53 -10.19 -3.16 -44.94
N THR G 54 -10.43 -1.92 -44.56
CA THR G 54 -10.23 -0.80 -45.44
C THR G 54 -8.72 -0.49 -45.63
N HIS G 55 -7.90 -0.89 -44.62
CA HIS G 55 -6.45 -0.66 -44.54
C HIS G 55 -6.18 0.85 -44.52
N THR G 56 -7.01 1.55 -43.75
CA THR G 56 -6.97 3.00 -43.65
C THR G 56 -7.18 3.45 -42.21
N GLY G 57 -6.51 2.79 -41.27
CA GLY G 57 -6.62 3.15 -39.85
C GLY G 57 -5.25 3.43 -39.24
N THR G 58 -5.14 3.20 -37.93
CA THR G 58 -3.86 3.40 -37.23
C THR G 58 -2.97 2.17 -37.50
N GLY G 59 -1.71 2.23 -37.09
CA GLY G 59 -0.82 1.07 -37.23
C GLY G 59 -0.64 0.38 -35.89
N GLN G 60 -1.33 0.91 -34.87
CA GLN G 60 -1.34 0.45 -33.50
C GLN G 60 -1.66 -1.06 -33.43
N ALA G 61 -0.78 -1.82 -32.74
CA ALA G 61 -0.84 -3.29 -32.69
C ALA G 61 -2.11 -3.86 -32.07
N ILE G 62 -2.54 -3.31 -30.93
CA ILE G 62 -3.73 -3.82 -30.26
C ILE G 62 -4.80 -2.76 -30.12
N THR G 63 -5.91 -2.98 -30.85
CA THR G 63 -7.04 -2.03 -30.94
C THR G 63 -8.40 -2.75 -30.75
N VAL G 64 -9.51 -2.01 -30.57
CA VAL G 64 -10.85 -2.69 -30.42
C VAL G 64 -11.57 -2.88 -31.75
N THR G 65 -11.10 -2.19 -32.77
CA THR G 65 -11.60 -2.31 -34.13
C THR G 65 -10.41 -2.49 -35.03
N PRO G 66 -10.54 -3.15 -36.18
CA PRO G 66 -9.48 -3.47 -37.13
C PRO G 66 -8.83 -2.25 -37.79
N GLU G 67 -8.00 -1.56 -37.00
CA GLU G 67 -7.21 -0.40 -37.44
C GLU G 67 -5.99 -0.94 -38.17
N ALA G 68 -5.80 -0.67 -39.46
CA ALA G 68 -4.65 -1.25 -40.14
C ALA G 68 -4.08 -0.40 -41.23
N ASN G 69 -2.78 -0.54 -41.43
CA ASN G 69 -2.07 0.18 -42.47
C ASN G 69 -2.09 -0.60 -43.75
N MET G 70 -1.67 0.04 -44.84
CA MET G 70 -1.52 -0.67 -46.11
C MET G 70 -0.41 -1.74 -46.05
N ASP G 71 0.53 -1.59 -45.12
CA ASP G 71 1.59 -2.56 -44.93
C ASP G 71 1.28 -3.65 -43.90
N GLN G 72 0.06 -3.65 -43.36
CA GLN G 72 -0.34 -4.61 -42.33
C GLN G 72 -1.65 -5.33 -42.69
N GLU G 73 -1.85 -6.54 -42.17
CA GLU G 73 -3.13 -7.24 -42.30
C GLU G 73 -3.76 -7.17 -40.91
N SER G 74 -5.04 -7.44 -40.78
CA SER G 74 -5.62 -7.38 -39.46
C SER G 74 -6.22 -8.72 -39.08
N PHE G 75 -6.00 -9.14 -37.81
CA PHE G 75 -6.48 -10.44 -37.33
C PHE G 75 -7.25 -10.38 -36.01
N GLY G 76 -8.22 -11.28 -35.87
CA GLY G 76 -9.00 -11.40 -34.64
C GLY G 76 -8.12 -11.93 -33.54
N GLY G 77 -7.81 -11.06 -32.57
CA GLY G 77 -6.88 -11.30 -31.46
C GLY G 77 -6.66 -12.72 -30.96
N ALA G 78 -7.70 -13.34 -30.41
CA ALA G 78 -7.57 -14.67 -29.84
C ALA G 78 -7.14 -15.76 -30.85
N SER G 79 -7.15 -15.49 -32.16
CA SER G 79 -6.68 -16.50 -33.11
C SER G 79 -5.18 -16.37 -33.40
N CYS G 80 -4.54 -15.39 -32.77
CA CYS G 80 -3.10 -15.17 -32.89
C CYS G 80 -2.46 -15.55 -31.54
N CYS G 81 -3.26 -15.44 -30.49
CA CYS G 81 -2.86 -15.83 -29.17
C CYS G 81 -2.71 -17.33 -29.01
N LEU G 82 -1.48 -17.82 -29.16
CA LEU G 82 -1.10 -19.25 -28.99
C LEU G 82 -1.79 -19.97 -27.83
N TYR G 83 -1.79 -19.37 -26.66
CA TYR G 83 -2.32 -19.99 -25.46
C TYR G 83 -3.86 -20.14 -25.51
N CYS G 84 -4.51 -19.28 -26.31
CA CYS G 84 -5.97 -19.29 -26.49
C CYS G 84 -6.31 -20.27 -27.60
N ARG G 85 -5.38 -20.34 -28.53
CA ARG G 85 -5.44 -21.19 -29.68
C ARG G 85 -5.27 -22.68 -29.26
N CYS G 86 -4.41 -22.92 -28.23
CA CYS G 86 -4.14 -24.25 -27.65
C CYS G 86 -5.02 -24.60 -26.46
N HIS G 87 -5.81 -23.65 -25.99
CA HIS G 87 -6.75 -23.88 -24.89
C HIS G 87 -6.04 -24.30 -23.61
N ILE G 88 -5.00 -23.53 -23.30
CA ILE G 88 -4.13 -23.71 -22.16
C ILE G 88 -4.10 -22.43 -21.30
N ASP G 89 -3.21 -22.41 -20.32
CA ASP G 89 -3.03 -21.26 -19.46
C ASP G 89 -2.19 -20.18 -20.11
N HIS G 90 -2.13 -19.02 -19.46
CA HIS G 90 -1.41 -17.90 -20.04
C HIS G 90 -0.23 -17.51 -19.15
N PRO G 91 0.82 -16.98 -19.77
CA PRO G 91 2.03 -16.55 -19.09
C PRO G 91 1.72 -15.60 -17.95
N ASN G 92 0.97 -14.54 -18.22
CA ASN G 92 0.65 -13.60 -17.17
C ASN G 92 -0.04 -14.29 -16.02
N PRO G 93 0.55 -14.18 -14.84
CA PRO G 93 0.11 -14.75 -13.56
C PRO G 93 -1.40 -14.79 -13.36
N LYS G 94 -2.07 -13.65 -13.59
CA LYS G 94 -3.53 -13.56 -13.45
C LYS G 94 -4.27 -14.33 -14.51
N GLY G 95 -3.65 -14.48 -15.68
CA GLY G 95 -4.25 -15.20 -16.77
C GLY G 95 -4.56 -14.13 -17.78
N PHE G 96 -5.85 -13.81 -17.87
CA PHE G 96 -6.43 -12.79 -18.73
C PHE G 96 -5.66 -12.33 -19.95
N CYS G 97 -5.86 -13.08 -21.01
CA CYS G 97 -5.23 -12.87 -22.29
C CYS G 97 -5.28 -11.41 -22.75
N ASP G 98 -4.15 -10.94 -23.28
CA ASP G 98 -4.03 -9.57 -23.74
C ASP G 98 -4.47 -9.36 -25.19
N LEU G 99 -4.82 -10.44 -25.89
CA LEU G 99 -5.29 -10.28 -27.26
C LEU G 99 -6.77 -10.67 -27.44
N LYS G 100 -7.32 -11.41 -26.51
CA LYS G 100 -8.70 -11.83 -26.67
C LYS G 100 -9.64 -10.69 -26.45
N GLY G 101 -10.54 -10.48 -27.41
CA GLY G 101 -11.50 -9.38 -27.32
C GLY G 101 -11.06 -8.15 -28.12
N LYS G 102 -9.89 -8.20 -28.76
CA LYS G 102 -9.37 -7.09 -29.57
C LYS G 102 -8.82 -7.58 -30.91
N TYR G 103 -8.26 -6.67 -31.70
CA TYR G 103 -7.68 -7.02 -33.00
C TYR G 103 -6.18 -6.78 -33.02
N VAL G 104 -5.48 -7.63 -33.76
CA VAL G 104 -4.02 -7.61 -33.86
C VAL G 104 -3.53 -7.26 -35.24
N GLN G 105 -2.64 -6.28 -35.30
CA GLN G 105 -2.15 -5.85 -36.59
C GLN G 105 -0.85 -6.55 -36.94
N ILE G 106 -0.77 -7.14 -38.12
CA ILE G 106 0.43 -7.90 -38.45
C ILE G 106 0.95 -7.63 -39.85
N PRO G 107 2.16 -7.09 -39.99
CA PRO G 107 2.89 -6.78 -41.22
C PRO G 107 2.70 -7.85 -42.29
N THR G 108 2.24 -7.44 -43.47
CA THR G 108 1.95 -8.34 -44.61
C THR G 108 3.03 -9.45 -44.84
N THR G 109 4.32 -9.12 -44.63
CA THR G 109 5.43 -10.09 -44.73
C THR G 109 5.38 -11.17 -43.64
N CYS G 110 5.01 -10.74 -42.43
CA CYS G 110 4.96 -11.57 -41.23
C CYS G 110 3.65 -12.35 -41.07
N ALA G 111 2.62 -11.97 -41.84
CA ALA G 111 1.28 -12.56 -41.83
C ALA G 111 1.22 -14.07 -42.17
N ASN G 112 2.34 -14.65 -42.63
CA ASN G 112 2.41 -16.09 -42.88
C ASN G 112 2.34 -16.88 -41.55
N ASP G 113 2.76 -16.22 -40.45
CA ASP G 113 2.80 -16.80 -39.10
C ASP G 113 2.34 -15.82 -37.98
N PRO G 114 1.10 -15.38 -38.03
CA PRO G 114 0.42 -14.53 -37.08
C PRO G 114 0.64 -14.87 -35.63
N VAL G 115 0.74 -16.18 -35.35
CA VAL G 115 0.85 -16.62 -33.97
C VAL G 115 2.25 -16.39 -33.44
N GLY G 116 3.25 -16.86 -34.22
CA GLY G 116 4.65 -16.72 -33.87
C GLY G 116 5.04 -15.27 -33.79
N PHE G 117 4.39 -14.44 -34.60
CA PHE G 117 4.64 -13.03 -34.60
C PHE G 117 4.26 -12.40 -33.22
N THR G 118 3.10 -12.77 -32.66
CA THR G 118 2.69 -12.23 -31.34
C THR G 118 3.53 -12.75 -30.18
N LEU G 119 4.23 -13.88 -30.38
CA LEU G 119 5.16 -14.39 -29.36
C LEU G 119 6.51 -13.65 -29.40
N ARG G 120 7.14 -13.65 -30.59
CA ARG G 120 8.47 -13.08 -30.84
C ARG G 120 8.58 -11.56 -30.70
N ASN G 121 7.55 -10.82 -31.12
CA ASN G 121 7.58 -9.38 -31.03
C ASN G 121 6.81 -8.91 -29.79
N THR G 122 7.08 -7.68 -29.35
CA THR G 122 6.34 -7.11 -28.21
C THR G 122 5.86 -5.69 -28.55
N VAL G 123 4.79 -5.26 -27.86
CA VAL G 123 4.13 -3.99 -28.14
C VAL G 123 4.47 -2.85 -27.17
N CYS G 124 5.15 -1.83 -27.69
CA CYS G 124 5.54 -0.68 -26.88
C CYS G 124 4.34 -0.06 -26.18
N THR G 125 4.58 0.61 -25.06
CA THR G 125 3.52 1.25 -24.31
C THR G 125 3.44 2.74 -24.61
N VAL G 126 4.35 3.21 -25.46
CA VAL G 126 4.39 4.62 -25.84
C VAL G 126 3.56 4.89 -27.10
N CYS G 127 3.96 4.25 -28.20
CA CYS G 127 3.26 4.41 -29.47
C CYS G 127 2.09 3.43 -29.58
N GLY G 128 2.24 2.26 -28.97
CA GLY G 128 1.21 1.25 -28.99
C GLY G 128 1.30 0.37 -30.23
N MET G 129 2.50 0.23 -30.77
CA MET G 129 2.73 -0.59 -31.95
C MET G 129 3.77 -1.67 -31.68
N TRP G 130 4.15 -2.32 -32.76
CA TRP G 130 5.11 -3.39 -32.70
C TRP G 130 6.47 -2.81 -32.47
N LYS G 131 6.89 -2.82 -31.21
CA LYS G 131 8.20 -2.33 -30.83
C LYS G 131 9.20 -3.11 -31.63
N GLY G 132 9.70 -2.49 -32.69
CA GLY G 132 10.66 -3.14 -33.55
C GLY G 132 10.11 -3.14 -34.96
N TYR G 133 8.81 -3.33 -35.06
CA TYR G 133 8.20 -3.33 -36.37
C TYR G 133 7.43 -2.05 -36.58
N GLY G 134 8.14 -1.04 -37.07
CA GLY G 134 7.56 0.25 -37.31
C GLY G 134 7.39 1.11 -36.08
N CYS G 135 8.46 1.42 -35.39
CA CYS G 135 8.33 2.28 -34.23
C CYS G 135 9.41 3.33 -34.42
N SER G 136 9.00 4.55 -34.75
CA SER G 136 9.92 5.64 -35.11
C SER G 136 10.79 6.18 -33.95
N CYS G 137 10.50 5.77 -32.72
CA CYS G 137 11.31 6.19 -31.57
C CYS G 137 12.72 5.60 -31.63
N ASP G 138 13.58 6.08 -30.74
CA ASP G 138 14.94 5.56 -30.61
C ASP G 138 15.72 5.70 -31.93
N HIS H 6 1.45 7.69 56.46
CA HIS H 6 1.90 9.05 56.64
C HIS H 6 1.89 9.39 58.12
N HIS H 7 3.06 9.53 58.70
CA HIS H 7 3.14 9.83 60.13
C HIS H 7 2.76 11.25 60.47
N ALA H 8 3.13 12.19 59.60
CA ALA H 8 3.14 13.60 59.97
C ALA H 8 1.74 14.14 60.05
N GLY H 9 1.55 15.21 60.82
CA GLY H 9 0.24 15.81 60.96
C GLY H 9 -0.40 15.51 62.29
N ASN H 10 -1.54 16.11 62.55
CA ASN H 10 -2.28 15.91 63.81
C ASN H 10 -3.77 15.54 63.62
N ALA H 11 -4.22 14.50 64.30
CA ALA H 11 -5.62 14.06 64.20
C ALA H 11 -6.62 15.09 64.71
N THR H 12 -7.81 15.04 64.15
CA THR H 12 -8.91 15.89 64.56
C THR H 12 -10.12 15.01 64.93
N GLU H 13 -10.22 13.84 64.30
CA GLU H 13 -11.35 12.96 64.51
C GLU H 13 -11.05 11.59 65.03
N VAL H 14 -12.15 10.95 65.41
CA VAL H 14 -12.14 9.61 65.95
C VAL H 14 -13.05 8.75 65.10
N PRO H 15 -12.76 7.43 65.01
CA PRO H 15 -13.37 6.38 64.21
C PRO H 15 -14.88 6.41 64.21
N ALA H 16 -15.45 6.62 65.38
CA ALA H 16 -16.90 6.71 65.57
C ALA H 16 -17.61 7.53 64.49
N ASN H 17 -16.95 8.60 64.07
CA ASN H 17 -17.51 9.52 63.13
C ASN H 17 -17.10 9.33 61.67
N SER H 18 -16.08 8.50 61.39
CA SER H 18 -15.59 8.45 60.00
C SER H 18 -16.63 7.99 58.96
N THR H 19 -17.53 7.10 59.35
CA THR H 19 -18.56 6.66 58.40
C THR H 19 -19.55 7.74 58.09
N VAL H 20 -19.99 8.42 59.13
CA VAL H 20 -21.08 9.38 59.06
C VAL H 20 -20.64 10.54 58.21
N LEU H 21 -19.41 10.99 58.52
CA LEU H 21 -18.76 12.12 57.91
C LEU H 21 -18.43 11.86 56.48
N SER H 22 -17.99 10.63 56.18
CA SER H 22 -17.75 10.28 54.80
C SER H 22 -19.04 10.44 53.97
N PHE H 23 -20.14 9.92 54.52
CA PHE H 23 -21.41 9.96 53.85
C PHE H 23 -21.82 11.38 53.54
N CYS H 24 -21.79 12.27 54.53
CA CYS H 24 -22.26 13.64 54.28
C CYS H 24 -21.25 14.48 53.48
N ALA H 25 -19.97 14.08 53.53
CA ALA H 25 -18.97 14.78 52.75
C ALA H 25 -19.27 14.64 51.24
N PHE H 26 -19.55 13.41 50.82
CA PHE H 26 -19.88 13.11 49.43
C PHE H 26 -21.31 13.46 49.02
N ALA H 27 -22.21 13.59 49.99
CA ALA H 27 -23.61 13.85 49.68
C ALA H 27 -23.85 15.14 48.94
N VAL H 28 -24.77 15.07 47.95
CA VAL H 28 -25.24 16.24 47.20
C VAL H 28 -25.92 17.19 48.10
N ASP H 29 -26.72 16.61 49.01
CA ASP H 29 -27.47 17.30 50.08
C ASP H 29 -27.16 16.62 51.42
N PRO H 30 -26.09 17.06 52.12
CA PRO H 30 -25.57 16.52 53.35
C PRO H 30 -26.50 16.70 54.52
N ALA H 31 -27.33 17.74 54.47
CA ALA H 31 -28.25 17.98 55.53
C ALA H 31 -29.25 16.84 55.57
N LYS H 32 -29.73 16.47 54.38
CA LYS H 32 -30.67 15.35 54.20
C LYS H 32 -29.98 14.07 54.56
N ALA H 33 -28.77 13.94 54.10
CA ALA H 33 -28.03 12.76 54.38
C ALA H 33 -27.91 12.55 55.87
N TYR H 34 -27.66 13.62 56.62
CA TYR H 34 -27.47 13.43 58.03
C TYR H 34 -28.77 13.00 58.68
N LYS H 35 -29.86 13.67 58.34
CA LYS H 35 -31.18 13.37 58.92
C LYS H 35 -31.53 11.89 58.66
N ASP H 36 -31.29 11.46 57.42
CA ASP H 36 -31.52 10.10 56.96
C ASP H 36 -30.61 9.10 57.59
N TYR H 37 -29.36 9.50 57.81
CA TYR H 37 -28.36 8.63 58.40
C TYR H 37 -28.77 8.17 59.76
N LEU H 38 -29.21 9.15 60.55
CA LEU H 38 -29.64 8.96 61.92
C LEU H 38 -30.89 8.15 61.98
N ALA H 39 -31.85 8.56 61.13
CA ALA H 39 -33.15 7.92 61.00
C ALA H 39 -33.00 6.45 60.65
N SER H 40 -32.00 6.13 59.83
CA SER H 40 -31.70 4.75 59.47
C SER H 40 -30.78 4.04 60.50
N GLY H 41 -30.78 4.52 61.75
CA GLY H 41 -30.09 3.82 62.83
C GLY H 41 -28.71 4.30 63.20
N GLY H 42 -28.20 5.29 62.50
CA GLY H 42 -26.85 5.71 62.80
C GLY H 42 -26.74 6.51 64.08
N GLN H 43 -25.56 6.44 64.70
CA GLN H 43 -25.27 7.26 65.90
C GLN H 43 -24.74 8.62 65.43
N PRO H 44 -25.18 9.71 66.08
CA PRO H 44 -24.89 11.10 65.80
C PRO H 44 -23.45 11.42 66.10
N ILE H 45 -23.01 12.51 65.49
CA ILE H 45 -21.63 12.95 65.53
C ILE H 45 -21.17 13.33 66.93
N THR H 46 -20.19 12.57 67.42
CA THR H 46 -19.53 12.80 68.70
C THR H 46 -18.29 13.72 68.57
N ASN H 47 -17.47 13.80 69.64
CA ASN H 47 -16.22 14.57 69.65
C ASN H 47 -16.42 16.05 69.47
N CYS H 48 -17.46 16.60 70.11
CA CYS H 48 -17.71 18.04 69.99
C CYS H 48 -17.00 18.82 71.08
N VAL H 49 -16.99 20.14 70.96
CA VAL H 49 -16.35 20.96 71.98
C VAL H 49 -17.36 21.34 73.06
N LYS H 50 -17.32 20.62 74.17
CA LYS H 50 -18.26 20.87 75.26
C LYS H 50 -17.57 21.73 76.30
N MET H 51 -18.27 22.77 76.73
CA MET H 51 -17.67 23.71 77.64
C MET H 51 -17.95 23.50 79.12
N LEU H 52 -16.91 23.72 79.91
CA LEU H 52 -17.02 23.86 81.36
C LEU H 52 -17.58 25.27 81.57
N CYS H 53 -18.70 25.35 82.23
CA CYS H 53 -19.45 26.59 82.24
C CYS H 53 -20.14 26.83 83.57
N THR H 54 -20.28 28.10 83.98
CA THR H 54 -21.02 28.33 85.22
C THR H 54 -22.50 28.00 85.10
N HIS H 55 -23.02 28.06 83.86
CA HIS H 55 -24.43 27.82 83.53
C HIS H 55 -25.29 28.87 84.20
N THR H 56 -24.82 30.12 84.14
CA THR H 56 -25.51 31.25 84.75
C THR H 56 -25.74 32.39 83.75
N GLY H 57 -25.71 32.10 82.45
CA GLY H 57 -25.80 33.22 81.51
C GLY H 57 -27.07 33.20 80.73
N THR H 58 -27.21 34.15 79.79
CA THR H 58 -28.42 34.22 79.00
C THR H 58 -28.60 32.99 78.16
N GLY H 59 -29.82 32.49 78.04
CA GLY H 59 -30.02 31.27 77.22
C GLY H 59 -29.88 31.48 75.70
N GLN H 60 -29.67 32.75 75.30
CA GLN H 60 -29.46 33.19 73.93
C GLN H 60 -28.54 32.22 73.18
N ALA H 61 -29.06 31.72 72.06
CA ALA H 61 -28.50 30.64 71.25
C ALA H 61 -27.07 30.79 70.77
N ILE H 62 -26.83 31.84 70.01
CA ILE H 62 -25.52 32.03 69.43
C ILE H 62 -24.87 33.25 70.01
N THR H 63 -23.78 33.01 70.71
CA THR H 63 -23.15 34.03 71.50
C THR H 63 -21.64 34.01 71.57
N VAL H 64 -21.07 35.18 71.89
CA VAL H 64 -19.63 35.46 71.95
C VAL H 64 -18.83 34.61 73.00
N THR H 65 -19.42 34.39 74.16
CA THR H 65 -18.83 33.56 75.23
C THR H 65 -19.89 32.57 75.63
N PRO H 66 -19.55 31.56 76.47
CA PRO H 66 -20.53 30.56 76.86
C PRO H 66 -21.52 31.27 77.76
N GLU H 67 -22.78 30.98 77.47
CA GLU H 67 -23.92 31.58 78.16
C GLU H 67 -25.01 30.50 78.36
N ALA H 68 -24.87 29.62 79.33
CA ALA H 68 -25.85 28.57 79.44
C ALA H 68 -26.78 28.73 80.61
N ASN H 69 -27.88 27.99 80.53
CA ASN H 69 -28.86 27.84 81.60
C ASN H 69 -28.49 26.61 82.36
N MET H 70 -29.16 26.34 83.48
CA MET H 70 -28.98 25.01 84.10
C MET H 70 -29.56 23.91 83.18
N ASP H 71 -30.48 24.33 82.30
CA ASP H 71 -31.17 23.53 81.31
C ASP H 71 -30.39 23.28 79.98
N GLN H 72 -29.24 23.95 79.80
CA GLN H 72 -28.49 23.89 78.53
C GLN H 72 -27.01 23.47 78.74
N GLU H 73 -26.37 23.08 77.65
CA GLU H 73 -24.94 22.86 77.66
C GLU H 73 -24.35 23.83 76.64
N SER H 74 -23.14 24.24 76.86
CA SER H 74 -22.59 25.20 75.93
C SER H 74 -21.52 24.50 75.07
N PHE H 75 -21.53 24.79 73.76
CA PHE H 75 -20.61 24.16 72.80
C PHE H 75 -19.85 25.14 71.91
N GLY H 76 -18.63 24.76 71.54
CA GLY H 76 -17.85 25.56 70.58
C GLY H 76 -18.48 25.47 69.18
N GLY H 77 -19.07 26.59 68.73
CA GLY H 77 -19.85 26.68 67.47
C GLY H 77 -19.36 25.91 66.24
N ALA H 78 -18.07 25.98 65.90
CA ALA H 78 -17.67 25.22 64.73
C ALA H 78 -17.86 23.73 64.93
N SER H 79 -17.79 23.24 66.16
CA SER H 79 -17.97 21.82 66.34
C SER H 79 -19.44 21.36 66.22
N CYS H 80 -20.38 22.31 66.11
CA CYS H 80 -21.79 21.98 65.98
C CYS H 80 -22.28 22.22 64.56
N CYS H 81 -21.39 22.66 63.66
CA CYS H 81 -21.78 22.91 62.28
C CYS H 81 -21.46 21.70 61.45
N LEU H 82 -22.51 21.14 60.84
CA LEU H 82 -22.34 19.97 59.99
C LEU H 82 -21.31 20.23 58.91
N TYR H 83 -21.45 21.37 58.25
CA TYR H 83 -20.62 21.72 57.14
C TYR H 83 -19.16 21.97 57.61
N CYS H 84 -19.00 22.49 58.81
CA CYS H 84 -17.68 22.75 59.31
C CYS H 84 -17.01 21.45 59.74
N ARG H 85 -17.83 20.44 60.10
CA ARG H 85 -17.31 19.13 60.52
C ARG H 85 -16.97 18.26 59.33
N CYS H 86 -17.64 18.49 58.22
CA CYS H 86 -17.37 17.73 57.02
C CYS H 86 -16.35 18.43 56.16
N HIS H 87 -16.11 19.71 56.45
CA HIS H 87 -15.18 20.53 55.69
C HIS H 87 -15.68 20.71 54.28
N ILE H 88 -16.97 21.02 54.21
CA ILE H 88 -17.68 21.23 52.97
C ILE H 88 -18.27 22.64 52.90
N ASP H 89 -18.82 22.96 51.75
CA ASP H 89 -19.35 24.28 51.54
C ASP H 89 -20.54 24.58 52.40
N HIS H 90 -20.63 25.85 52.76
CA HIS H 90 -21.72 26.34 53.56
C HIS H 90 -22.84 26.72 52.64
N PRO H 91 -24.09 26.53 53.08
CA PRO H 91 -25.32 26.75 52.36
C PRO H 91 -25.66 28.25 52.25
N ASN H 92 -25.03 29.10 53.06
CA ASN H 92 -25.12 30.55 52.83
C ASN H 92 -24.55 30.83 51.44
N PRO H 93 -25.29 31.53 50.59
CA PRO H 93 -24.66 31.88 49.32
C PRO H 93 -23.50 32.82 49.65
N LYS H 94 -23.58 33.48 50.81
CA LYS H 94 -22.55 34.36 51.29
C LYS H 94 -21.33 33.49 51.38
N GLY H 95 -21.46 32.45 52.15
CA GLY H 95 -20.49 31.39 52.11
C GLY H 95 -19.84 31.23 53.45
N PHE H 96 -20.23 32.00 54.44
CA PHE H 96 -19.55 31.82 55.72
C PHE H 96 -20.43 31.12 56.75
N CYS H 97 -19.75 30.54 57.72
CA CYS H 97 -20.44 29.79 58.77
C CYS H 97 -20.93 30.79 59.81
N ASP H 98 -22.07 30.51 60.45
CA ASP H 98 -22.62 31.41 61.46
C ASP H 98 -22.23 31.03 62.85
N LEU H 99 -21.69 29.83 63.00
CA LEU H 99 -21.35 29.33 64.31
C LEU H 99 -19.85 29.39 64.62
N LYS H 100 -19.03 29.37 63.59
CA LYS H 100 -17.60 29.39 63.81
C LYS H 100 -17.19 30.70 64.41
N GLY H 101 -16.46 30.63 65.51
CA GLY H 101 -16.04 31.82 66.22
C GLY H 101 -16.99 32.21 67.36
N LYS H 102 -18.11 31.50 67.51
CA LYS H 102 -19.08 31.76 68.56
C LYS H 102 -19.33 30.46 69.33
N TYR H 103 -20.09 30.56 70.40
CA TYR H 103 -20.52 29.41 71.17
C TYR H 103 -22.01 29.16 70.89
N VAL H 104 -22.40 27.89 70.98
CA VAL H 104 -23.76 27.48 70.69
C VAL H 104 -24.35 26.86 71.88
N GLN H 105 -25.51 27.36 72.25
CA GLN H 105 -26.23 26.94 73.43
C GLN H 105 -27.28 25.86 73.10
N ILE H 106 -27.10 24.66 73.65
CA ILE H 106 -28.03 23.58 73.32
C ILE H 106 -28.64 22.89 74.50
N PRO H 107 -29.97 22.89 74.62
CA PRO H 107 -30.79 22.22 75.63
C PRO H 107 -30.26 20.84 75.93
N THR H 108 -29.98 20.59 77.21
CA THR H 108 -29.39 19.32 77.70
C THR H 108 -30.10 18.07 77.16
N THR H 109 -31.41 18.18 76.91
CA THR H 109 -32.24 17.10 76.39
C THR H 109 -31.90 16.73 74.95
N CYS H 110 -31.34 17.68 74.22
CA CYS H 110 -31.01 17.51 72.82
C CYS H 110 -29.51 17.47 72.57
N ALA H 111 -28.71 17.71 73.61
CA ALA H 111 -27.24 17.72 73.54
C ALA H 111 -26.60 16.34 73.25
N ASN H 112 -27.42 15.33 72.92
CA ASN H 112 -26.95 14.03 72.50
C ASN H 112 -26.55 14.08 71.03
N ASP H 113 -27.04 15.13 70.32
CA ASP H 113 -26.81 15.38 68.89
C ASP H 113 -26.84 16.88 68.57
N PRO H 114 -25.77 17.63 68.91
CA PRO H 114 -25.55 19.05 68.72
C PRO H 114 -25.63 19.47 67.29
N VAL H 115 -25.14 18.60 66.42
CA VAL H 115 -25.07 18.91 65.02
C VAL H 115 -26.44 18.90 64.46
N GLY H 116 -27.16 17.82 64.76
CA GLY H 116 -28.52 17.70 64.34
C GLY H 116 -29.31 18.86 64.89
N PHE H 117 -29.09 19.19 66.16
CA PHE H 117 -29.85 20.27 66.75
C PHE H 117 -29.71 21.58 65.96
N THR H 118 -28.48 21.94 65.56
CA THR H 118 -28.29 23.19 64.81
C THR H 118 -28.88 23.15 63.41
N LEU H 119 -28.98 21.95 62.82
CA LEU H 119 -29.62 21.78 61.51
C LEU H 119 -31.12 21.95 61.59
N ARG H 120 -31.70 21.19 62.52
CA ARG H 120 -33.14 21.10 62.74
C ARG H 120 -33.78 22.41 63.27
N ASN H 121 -33.05 23.17 64.06
CA ASN H 121 -33.61 24.39 64.64
C ASN H 121 -33.13 25.71 64.03
N THR H 122 -33.88 26.77 64.33
CA THR H 122 -33.55 28.12 63.87
C THR H 122 -33.63 29.14 65.04
N VAL H 123 -33.00 30.28 64.84
CA VAL H 123 -32.92 31.32 65.88
C VAL H 123 -33.82 32.49 65.62
N CYS H 124 -34.53 32.94 66.65
CA CYS H 124 -35.38 34.13 66.54
C CYS H 124 -34.54 35.41 66.40
N THR H 125 -34.79 36.21 65.35
CA THR H 125 -34.03 37.45 65.13
C THR H 125 -34.36 38.57 66.13
N VAL H 126 -35.41 38.36 66.93
CA VAL H 126 -35.86 39.33 67.93
C VAL H 126 -35.23 39.09 69.32
N CYS H 127 -35.20 37.83 69.78
CA CYS H 127 -34.69 37.57 71.13
C CYS H 127 -33.38 36.80 71.16
N GLY H 128 -32.92 36.30 70.01
CA GLY H 128 -31.65 35.61 69.93
C GLY H 128 -31.70 34.18 70.47
N MET H 129 -32.91 33.69 70.77
CA MET H 129 -33.07 32.36 71.31
C MET H 129 -33.69 31.41 70.32
N TRP H 130 -33.48 30.12 70.56
CA TRP H 130 -33.96 29.11 69.65
C TRP H 130 -35.45 29.11 69.64
N LYS H 131 -36.05 29.11 68.46
CA LYS H 131 -37.49 29.03 68.44
C LYS H 131 -37.85 27.66 69.01
N GLY H 132 -38.76 27.66 69.98
CA GLY H 132 -39.21 26.43 70.61
C GLY H 132 -38.49 26.16 71.92
N TYR H 133 -37.17 26.33 71.92
CA TYR H 133 -36.37 26.11 73.10
C TYR H 133 -36.02 27.41 73.80
N GLY H 134 -36.94 28.37 73.74
CA GLY H 134 -36.74 29.67 74.37
C GLY H 134 -37.11 30.82 73.47
N CYS H 135 -38.41 30.95 73.19
CA CYS H 135 -38.91 32.02 72.33
C CYS H 135 -40.04 32.78 73.00
N SER H 136 -39.70 33.91 73.62
CA SER H 136 -40.70 34.74 74.32
C SER H 136 -41.90 35.23 73.49
N CYS H 137 -41.84 35.11 72.16
CA CYS H 137 -42.93 35.59 71.32
C CYS H 137 -43.93 34.47 71.04
N ASP H 138 -45.16 34.85 70.69
CA ASP H 138 -46.21 33.88 70.33
C ASP H 138 -46.60 32.98 71.52
ZN ZN I . -28.56 22.05 25.12
ZN ZN J . -16.48 16.51 -5.04
ZN ZN K . 22.32 29.57 27.77
C1 PEG L . -26.55 22.80 32.55
O1 PEG L . -25.95 24.09 32.44
C2 PEG L . -27.72 22.85 33.52
O2 PEG L . -28.41 24.08 33.37
C3 PEG L . -29.74 23.91 32.90
C4 PEG L . -30.39 25.27 32.73
O4 PEG L . -29.45 26.20 32.21
C1 PEG M . -34.53 21.73 33.24
O1 PEG M . -35.00 21.28 34.51
C2 PEG M . -34.76 20.67 32.19
O2 PEG M . -36.03 20.05 32.41
C3 PEG M . -36.69 19.75 31.19
C4 PEG M . -37.89 20.66 31.04
O4 PEG M . -37.51 21.98 31.41
ZN ZN N . 28.10 13.97 -35.01
ZN ZN O . 49.57 37.52 -25.14
ZN ZN P . 37.52 38.73 -75.29
ZN ZN Q . -31.37 11.46 29.38
ZN ZN R . -3.80 -6.53 29.93
ZN ZN S . -36.61 -23.31 -7.04
C1 PEG T . -37.83 14.37 25.95
O1 PEG T . -38.31 14.83 27.22
C2 PEG T . -38.14 12.90 25.77
O2 PEG T . -38.06 12.22 27.02
C3 PEG T . -39.21 12.37 27.85
C4 PEG T . -38.85 13.04 29.16
O4 PEG T . -38.67 14.44 28.94
ZN ZN U . 16.56 -38.12 -7.92
ZN ZN V . -4.27 -61.90 -18.40
ZN ZN W . 35.61 -80.23 8.78
ZN ZN X . -60.21 21.14 11.03
ZN ZN Y . -74.97 30.90 26.40
ZN ZN Z . 27.57 3.24 -1.22
ZN ZN AA . 18.48 -17.97 -0.82
ZN ZN BA . -4.27 -16.04 -24.26
ZN ZN CA . 7.46 3.82 -29.48
ZN ZN DA . -20.10 25.53 60.07
ZN ZN EA . -38.47 35.88 70.09
#